data_2M39
#
_entry.id   2M39
#
_entity_poly.entity_id   1
_entity_poly.type   'polyribonucleotide'
_entity_poly.pdbx_seq_one_letter_code
;(C5L)(G48)(C5L)(G48)(A44)(A44)(T39)(T39)(C5L)(G48)(C5L)(DG)
;
_entity_poly.pdbx_strand_id   A,B
#
loop_
_chem_comp.id
_chem_comp.type
_chem_comp.name
_chem_comp.formula
A44 RNA linking '2'-O-METHYOXYETHYL-ADENOSINE 5'-MONOPHOSPHATE' 'C13 H20 N5 O8 P'
C5L RNA linking '2'-O-(2-methoxyethyl)-5-methylcytidine 5'-(dihydrogen phosphate)' 'C13 H22 N3 O9 P'
DG DNA linking 2'-DEOXYGUANOSINE-5'-MONOPHOSPHATE 'C10 H14 N5 O7 P'
G48 RNA linking 2'-O-METHYOXYETHYL-GUANOSINE-5'-MONOPHOSPHATE 'C13 H20 N5 O9 P'
T39 RNA linking '2'-O-METHOXYETHYLENE THYMIDINE 5'-MONOPHOSPHATE' 'C13 H21 N2 O10 P'
#
# COMPACT_ATOMS: atom_id res chain seq x y z
N1 C5L A 1 -9.76 -14.50 2.33
C2 C5L A 1 -10.87 -13.76 1.88
O2 C5L A 1 -11.67 -14.21 1.06
N3 C5L A 1 -11.10 -12.50 2.33
C4 C5L A 1 -10.21 -11.97 3.14
N4 C5L A 1 -10.55 -10.77 3.54
C5 C5L A 1 -8.99 -12.63 3.55
C6 C5L A 1 -8.80 -13.90 3.12
C7 C5L A 1 -7.95 -11.95 4.44
C1' C5L A 1 -9.66 -15.94 1.93
C2' C5L A 1 -8.84 -16.19 0.66
O2' C5L A 1 -9.45 -17.25 -0.08
C3' C5L A 1 -7.48 -16.62 1.23
O3' C5L A 1 -6.73 -17.45 0.35
C4' C5L A 1 -7.96 -17.39 2.47
O4' C5L A 1 -9.09 -16.71 2.98
C5' C5L A 1 -6.87 -17.61 3.54
O5' C5L A 1 -6.29 -16.38 3.99
CA' C5L A 1 -10.44 -16.80 -0.99
CB' C5L A 1 -11.05 -18.00 -1.73
OC' C5L A 1 -12.14 -17.63 -2.58
CD' C5L A 1 -11.78 -16.79 -3.68
H6 C5L A 1 -7.92 -14.45 3.40
H5' C5L A 1 -6.09 -18.25 3.11
H1' C5L A 1 -10.68 -16.30 1.74
H2' C5L A 1 -8.72 -15.28 0.07
H3' C5L A 1 -6.91 -15.74 1.55
H4' C5L A 1 -8.30 -18.37 2.13
H41 C5L A 1 -11.41 -10.38 3.21
H42 C5L A 1 -9.94 -10.26 4.17
H5'' C5L A 1 -7.32 -18.14 4.38
H71 C5L A 1 -7.11 -12.63 4.63
H72 C5L A 1 -8.40 -11.68 5.40
H73 C5L A 1 -7.58 -11.05 3.95
HCA1 C5L A 1 -9.99 -16.13 -1.71
HCA2 C5L A 1 -11.24 -16.28 -0.46
HCB1 C5L A 1 -11.41 -18.71 -0.99
HCB2 C5L A 1 -10.26 -18.48 -2.32
HCD1 C5L A 1 -11.45 -15.81 -3.33
HCD2 C5L A 1 -12.64 -16.65 -4.33
HCD3 C5L A 1 -10.98 -17.26 -4.26
HO5' C5L A 1 -5.62 -16.58 4.67
P G48 A 2 -5.89 -16.84 -0.87
OP1 G48 A 2 -5.34 -17.98 -1.64
O5' G48 A 2 -6.95 -16.08 -1.82
C5' G48 A 2 -6.85 -14.70 -2.10
C4' G48 A 2 -8.11 -14.17 -2.79
O4' G48 A 2 -9.12 -13.87 -1.84
C3' G48 A 2 -7.85 -12.88 -3.57
O3' G48 A 2 -7.31 -13.16 -4.86
C2' G48 A 2 -9.26 -12.26 -3.58
O2' G48 A 2 -10.09 -12.82 -4.60
C1' G48 A 2 -9.77 -12.67 -2.19
N9 G48 A 2 -9.54 -11.65 -1.14
C8 G48 A 2 -8.66 -11.66 -0.08
N7 G48 A 2 -8.73 -10.61 0.69
C5 G48 A 2 -9.76 -9.83 0.11
C6 G48 A 2 -10.38 -8.59 0.50
O6 G48 A 2 -10.18 -7.89 1.49
N1 G48 A 2 -11.36 -8.17 -0.39
C2 G48 A 2 -11.69 -8.85 -1.52
N2 G48 A 2 -12.59 -8.32 -2.30
N3 G48 A 2 -11.17 -10.00 -1.89
C4 G48 A 2 -10.21 -10.46 -1.04
CA' G48 A 2 -11.39 -12.25 -4.68
CB' G48 A 2 -12.04 -12.66 -6.00
OC' G48 A 2 -13.36 -12.14 -6.16
CD' G48 A 2 -13.43 -10.73 -6.31
OP2 G48 A 2 -4.93 -15.85 -0.31
H5' G48 A 2 -6.69 -14.13 -1.18
H5'' G48 A 2 -5.98 -14.53 -2.75
H4' G48 A 2 -8.48 -14.92 -3.50
H3' G48 A 2 -7.18 -12.24 -2.98
H2' G48 A 2 -9.20 -11.17 -3.68
H1' G48 A 2 -10.85 -12.80 -2.24
H8 G48 A 2 -7.98 -12.48 0.10
H1 G48 A 2 -11.83 -7.30 -0.17
H21 G48 A 2 -12.99 -7.40 -2.12
H22 G48 A 2 -12.87 -8.86 -3.11
HCA2 G48 A 2 -12.01 -12.60 -3.87
HCA1 G48 A 2 -11.32 -11.17 -4.62
HCB1 G48 A 2 -12.09 -13.74 -6.04
HCB2 G48 A 2 -11.41 -12.33 -6.83
HCD1 G48 A 2 -13.12 -10.23 -5.40
HCD2 G48 A 2 -14.45 -10.45 -6.54
HCD3 G48 A 2 -12.78 -10.41 -7.13
P C5L A 3 -6.43 -12.09 -5.65
N1 C5L A 3 -9.52 -7.75 -4.44
C2 C5L A 3 -10.02 -6.62 -3.77
O2 C5L A 3 -10.92 -5.92 -4.24
N3 C5L A 3 -9.52 -6.25 -2.58
C4 C5L A 3 -8.53 -6.94 -2.08
N4 C5L A 3 -8.15 -6.50 -0.92
C5 C5L A 3 -7.93 -8.08 -2.72
C6 C5L A 3 -8.47 -8.46 -3.90
C7 C5L A 3 -6.80 -8.89 -2.10
C1' C5L A 3 -10.18 -8.15 -5.71
C2' C5L A 3 -9.62 -7.48 -6.94
O2' C5L A 3 -10.65 -7.34 -7.93
C3' C5L A 3 -8.56 -8.49 -7.39
O3' C5L A 3 -8.17 -8.33 -8.75
C4' C5L A 3 -9.33 -9.79 -7.11
O4' C5L A 3 -10.09 -9.56 -5.93
C5' C5L A 3 -8.44 -11.03 -7.02
O5' C5L A 3 -7.44 -10.89 -6.02
CA' C5L A 3 -11.46 -6.18 -7.79
CB' C5L A 3 -12.47 -6.09 -8.93
OC' C5L A 3 -11.90 -5.98 -10.23
CD' C5L A 3 -11.15 -4.80 -10.46
OP1 C5L A 3 -5.98 -12.73 -6.91
OP2 C5L A 3 -5.41 -11.55 -4.72
H6 C5L A 3 -8.07 -9.32 -4.43
H5' C5L A 3 -7.97 -11.20 -7.98
H1' C5L A 3 -11.20 -7.82 -5.59
H2' C5L A 3 -9.17 -6.53 -6.69
H3' C5L A 3 -7.70 -8.44 -6.72
H4' C5L A 3 -10.03 -9.94 -7.94
H41 C5L A 3 -8.67 -5.76 -0.47
H42 C5L A 3 -7.35 -6.89 -0.48
H5'' C5L A 3 -9.06 -11.90 -6.79
H71 C5L A 3 -7.09 -9.23 -1.11
H72 C5L A 3 -5.91 -8.28 -2.02
H73 C5L A 3 -6.57 -9.77 -2.71
HCA1 C5L A 3 -10.83 -5.28 -7.79
HCA2 C5L A 3 -11.99 -6.22 -6.85
HCB1 C5L A 3 -13.12 -5.24 -8.76
HCB2 C5L A 3 -13.08 -6.99 -8.91
HCD1 C5L A 3 -11.75 -3.92 -10.20
HCD2 C5L A 3 -10.87 -4.73 -11.50
HCD3 C5L A 3 -10.23 -4.80 -9.86
P G48 A 4 -7.16 -7.16 -9.17
OP1 G48 A 4 -7.06 -7.18 -10.65
O5' G48 A 4 -7.93 -5.80 -8.75
C5' G48 A 4 -7.43 -4.93 -7.75
C4' G48 A 4 -8.48 -3.89 -7.32
O4' G48 A 4 -9.14 -4.19 -6.09
C3' G48 A 4 -7.82 -2.52 -7.16
O3' G48 A 4 -7.77 -1.88 -8.43
C2' G48 A 4 -8.72 -1.86 -6.11
O2' G48 A 4 -9.85 -1.20 -6.69
C1' G48 A 4 -9.24 -3.03 -5.27
N9 G48 A 4 -8.40 -3.09 -4.08
C8 G48 A 4 -7.44 -4.01 -3.86
N7 G48 A 4 -6.87 -3.93 -2.68
C5 G48 A 4 -7.54 -2.84 -2.08
C6 G48 A 4 -7.47 -2.28 -0.75
O6 G48 A 4 -6.74 -2.62 0.16
N1 G48 A 4 -8.39 -1.26 -0.54
C2 G48 A 4 -9.05 -0.66 -1.54
N2 G48 A 4 -9.64 0.49 -1.28
N3 G48 A 4 -9.17 -1.14 -2.78
C4 G48 A 4 -8.41 -2.27 -2.97
CA' G48 A 4 -10.49 -0.26 -5.85
CB' G48 A 4 -11.88 0.05 -6.40
OC' G48 A 4 -11.80 0.70 -7.66
CD' G48 A 4 -13.09 0.88 -8.21
OP2 G48 A 4 -5.93 -7.29 -8.37
H5' G48 A 4 -7.11 -5.50 -6.87
H5'' G48 A 4 -6.55 -4.42 -8.16
H4' G48 A 4 -9.23 -3.78 -8.10
H3' G48 A 4 -6.82 -2.66 -6.74
H2' G48 A 4 -8.07 -1.28 -5.48
H1' G48 A 4 -10.24 -2.87 -4.85
H8 G48 A 4 -7.24 -4.70 -4.66
H1 G48 A 4 -8.58 -0.91 0.40
H21 G48 A 4 -9.53 0.92 -0.36
H22 G48 A 4 -10.19 0.92 -2.00
HCA2 G48 A 4 -10.61 -0.66 -4.85
HCA1 G48 A 4 -9.90 0.66 -5.80
HCB1 G48 A 4 -12.38 0.71 -5.69
HCB2 G48 A 4 -12.44 -0.88 -6.48
HCD1 G48 A 4 -13.58 -0.09 -8.34
HCD2 G48 A 4 -13.01 1.37 -9.17
HCD3 G48 A 4 -13.70 1.50 -7.54
P A44 A 5 -6.69 -0.77 -8.81
OP2 A44 A 5 -5.36 -1.25 -8.36
OP1 A44 A 5 -6.87 -0.45 -10.24
O5' A44 A 5 -7.12 0.52 -7.97
C5' A44 A 5 -6.25 1.12 -7.01
C4' A44 A 5 -7.08 1.98 -6.05
O4' A44 A 5 -7.67 1.16 -5.04
C3' A44 A 5 -6.27 3.04 -5.31
O3' A44 A 5 -6.06 4.21 -6.10
C2' A44 A 5 -7.18 3.26 -4.09
O2' A44 A 5 -8.37 3.98 -4.43
C1' A44 A 5 -7.57 1.82 -3.79
N9 A44 A 5 -6.60 1.11 -2.93
C8 A44 A 5 -5.79 0.05 -3.25
N7 A44 A 5 -5.05 -0.37 -2.27
C5 A44 A 5 -5.43 0.47 -1.21
C6 A44 A 5 -5.10 0.56 0.16
N6 A44 A 5 -4.25 -0.21 0.78
N1 A44 A 5 -5.65 1.46 0.96
C2 A44 A 5 -6.54 2.28 0.44
N3 A44 A 5 -6.94 2.34 -0.83
C4 A44 A 5 -6.35 1.39 -1.60
CA' A44 A 5 -9.13 4.41 -3.31
CD' A44 A 5 -10.42 6.94 -2.25
OC' A44 A 5 -11.10 5.85 -2.84
CB' A44 A 5 -10.35 5.18 -3.85
H5' A44 A 5 -5.71 0.37 -6.43
H5'' A44 A 5 -5.53 1.75 -7.53
H4' A44 A 5 -7.87 2.48 -6.61
H3' A44 A 5 -5.32 2.60 -4.99
H2' A44 A 5 -6.63 3.73 -3.27
H1' A44 A 5 -8.51 1.81 -3.27
H8 A44 A 5 -5.78 -0.39 -4.25
H61 A44 A 5 -4.10 -0.09 1.76
H62 A44 A 5 -3.76 -0.92 0.30
H2 A44 A 5 -6.98 2.96 1.15
HCA2 A44 A 5 -9.48 3.56 -2.72
HCA1 A44 A 5 -8.54 5.06 -2.69
HCD1 A44 A 5 -10.03 7.60 -3.02
HCD2 A44 A 5 -9.62 6.59 -1.60
HCD3 A44 A 5 -11.13 7.51 -1.64
HCB1 A44 A 5 -11.00 4.47 -4.36
HCB2 A44 A 5 -10.01 5.90 -4.59
P A44 A 6 -4.85 5.21 -5.78
OP2 A44 A 6 -3.60 4.40 -5.75
OP1 A44 A 6 -4.95 6.35 -6.72
O5' A44 A 6 -5.12 5.73 -4.29
C5' A44 A 6 -6.24 6.55 -3.99
C4' A44 A 6 -6.32 6.83 -2.48
O4' A44 A 6 -6.27 5.66 -1.67
C3' A44 A 6 -5.21 7.78 -2.06
O3' A44 A 6 -5.73 9.09 -2.21
C2' A44 A 6 -4.91 7.33 -0.62
O2' A44 A 6 -5.63 8.12 0.33
C1' A44 A 6 -5.38 5.87 -0.58
N9 A44 A 6 -4.36 4.80 -0.56
C8 A44 A 6 -3.90 4.03 -1.60
N7 A44 A 6 -3.14 3.03 -1.23
C5 A44 A 6 -3.02 3.21 0.16
C6 A44 A 6 -2.37 2.52 1.23
N6 A44 A 6 -1.66 1.42 1.16
N1 A44 A 6 -2.44 2.99 2.47
C2 A44 A 6 -3.13 4.09 2.69
N3 A44 A 6 -3.79 4.84 1.81
C4 A44 A 6 -3.70 4.33 0.55
CA' A44 A 6 -5.42 7.80 1.70
CD' A44 A 6 -7.79 10.20 3.20
OC' A44 A 6 -7.31 9.06 2.51
CB' A44 A 6 -5.89 8.97 2.56
H5' A44 A 6 -6.16 7.50 -4.52
H5'' A44 A 6 -7.16 6.07 -4.32
H4' A44 A 6 -7.27 7.33 -2.27
H3' A44 A 6 -4.32 7.61 -2.68
H2' A44 A 6 -3.85 7.39 -0.41
H1' A44 A 6 -5.90 5.77 0.36
H8 A44 A 6 -4.16 4.26 -2.61
H61 A44 A 6 -1.22 1.03 1.98
H62 A44 A 6 -1.56 0.97 0.27
H2 A44 A 6 -3.17 4.45 3.70
HCA2 A44 A 6 -5.99 6.92 1.99
HCA1 A44 A 6 -4.37 7.62 1.91
HCD1 A44 A 6 -8.87 10.22 3.15
HCD2 A44 A 6 -7.38 11.11 2.75
HCD3 A44 A 6 -7.48 10.14 4.26
HCB1 A44 A 6 -5.43 9.89 2.19
HCB2 A44 A 6 -5.58 8.81 3.59
P T39 A 7 -4.81 10.38 -2.37
OP1 T39 A 7 -5.69 11.57 -2.41
OP2 T39 A 7 -3.88 10.14 -3.51
O5' T39 A 7 -3.98 10.42 -1.01
C5' T39 A 7 -2.63 10.02 -0.97
C4' T39 A 7 -2.14 9.89 0.48
O4' T39 A 7 -2.38 8.61 1.10
C3' T39 A 7 -0.65 10.17 0.52
O3' T39 A 7 -0.44 11.57 0.72
C2' T39 A 7 -0.20 9.26 1.65
O2' T39 A 7 -0.22 9.84 2.98
C1' T39 A 7 -1.17 8.07 1.62
N1 T39 A 7 -0.77 6.83 0.86
C2 T39 A 7 0.06 5.95 1.55
O2 T39 A 7 0.44 6.12 2.70
N3 T39 A 7 0.47 4.82 0.88
C4 T39 A 7 0.05 4.42 -0.33
O4 T39 A 7 0.39 3.30 -0.69
C5 T39 A 7 -0.75 5.42 -1.05
C7 T39 A 7 -1.11 5.25 -2.50
C6 T39 A 7 -1.19 6.53 -0.42
CA' T39 A 7 -1.42 10.37 3.51
CD' T39 A 7 -3.03 12.27 5.19
CB' T39 A 7 -1.16 10.82 4.95
OC' T39 A 7 -2.34 11.13 5.68
H5' T39 A 7 -2.50 9.06 -1.49
H5'' T39 A 7 -2.03 10.77 -1.48
H4' T39 A 7 -2.65 10.65 1.07
H3' T39 A 7 -0.18 9.83 -0.40
H7 T39 A 7 0.79 8.90 1.42
H1' T39 A 7 -1.18 7.75 2.67
H3 T39 A 7 1.13 4.23 1.34
H71 T39 A 7 -1.29 4.19 -2.73
H72 T39 A 7 -0.23 5.58 -3.06
H73 T39 A 7 -2.01 5.83 -2.74
H6 T39 A 7 -1.86 7.17 -0.98
HCA2 T39 A 7 -1.75 11.24 2.93
HCA1 T39 A 7 -2.22 9.62 3.52
HCD1 T39 A 7 -2.37 13.14 5.17
HCD2 T39 A 7 -3.87 12.49 5.85
HCD3 T39 A 7 -3.42 12.09 4.19
HCB1 T39 A 7 -0.48 11.68 4.94
HCB2 T39 A 7 -0.65 10.00 5.47
P T39 A 8 1.00 12.26 0.58
OP1 T39 A 8 0.79 13.73 0.61
OP2 T39 A 8 1.69 11.65 -0.59
O5' T39 A 8 1.77 11.84 1.94
C5' T39 A 8 2.98 11.11 1.94
C4' T39 A 8 3.13 10.29 3.24
O4' T39 A 8 2.37 9.10 3.12
C3' T39 A 8 4.57 9.82 3.52
O3' T39 A 8 5.29 10.69 4.37
C2' T39 A 8 4.35 8.45 4.17
O2' T39 A 8 4.30 8.37 5.61
C1' T39 A 8 3.07 7.95 3.52
N1 T39 A 8 3.34 6.96 2.46
C2 T39 A 8 3.89 5.70 2.77
O2 T39 A 8 4.41 5.42 3.85
N3 T39 A 8 3.86 4.76 1.79
C4 T39 A 8 3.45 4.97 0.51
O4 T39 A 8 3.49 4.04 -0.27
C5 T39 A 8 3.00 6.32 0.24
C7 T39 A 8 2.50 6.70 -1.09
C6 T39 A 8 3.02 7.29 1.19
CA' T39 A 8 3.27 9.11 6.27
CD' T39 A 8 1.05 9.21 8.33
CB' T39 A 8 3.35 8.81 7.78
OC' T39 A 8 2.42 9.56 8.56
H5' T39 A 8 3.04 10.44 1.09
H5'' T39 A 8 3.80 11.83 1.86
H4' T39 A 8 2.79 10.87 4.08
H3' T39 A 8 5.06 9.65 2.55
H7 T39 A 8 5.15 7.80 3.82
H1' T39 A 8 2.40 7.40 4.17
H3 T39 A 8 4.15 3.81 2.01
H71 T39 A 8 1.98 7.65 -1.02
H72 T39 A 8 1.81 5.90 -1.39
H73 T39 A 8 3.38 6.78 -1.73
H6 T39 A 8 2.79 8.31 0.94
HCA2 T39 A 8 3.42 10.18 6.13
HCA1 T39 A 8 2.29 8.82 5.90
HCD1 T39 A 8 0.91 8.14 8.49
HCD2 T39 A 8 0.74 9.47 7.32
HCD3 T39 A 8 0.43 9.76 9.03
HCB1 T39 A 8 4.36 9.05 8.11
HCB2 T39 A 8 3.19 7.74 7.94
P C5L A 9 6.15 11.92 3.82
N1 C5L A 9 7.54 6.26 2.94
C2 C5L A 9 7.99 4.94 2.72
O2 C5L A 9 8.51 4.25 3.60
N3 C5L A 9 7.88 4.37 1.51
C4 C5L A 9 7.33 5.06 0.54
N4 C5L A 9 7.31 4.45 -0.60
C5 C5L A 9 6.77 6.37 0.73
C6 C5L A 9 6.83 6.91 1.94
C7 C5L A 9 5.94 7.13 -0.26
C1' C5L A 9 7.80 6.96 4.23
C2' C5L A 9 9.31 7.03 4.53
O2' C5L A 9 9.55 7.00 5.95
C3' C5L A 9 9.63 8.39 3.90
O3' C5L A 9 10.85 8.98 4.28
C4' C5L A 9 8.45 9.20 4.40
O4' C5L A 9 7.35 8.32 4.21
C5' C5L A 9 8.38 10.52 3.60
O5' C5L A 9 7.64 11.53 4.27
CA' C5L A 9 9.52 5.69 6.49
CB' C5L A 9 10.01 5.72 7.94
OC' C5L A 9 11.40 5.97 7.99
CD' C5L A 9 11.89 6.00 9.32
OP1 C5L A 9 5.75 13.12 4.59
OP2 C5L A 9 6.12 11.97 2.35
H6 C5L A 9 6.31 7.85 2.06
H5' C5L A 9 7.98 10.32 2.61
H1' C5L A 9 7.25 6.40 4.99
H2' C5L A 9 9.89 6.26 4.03
H3' C5L A 9 9.52 8.31 2.82
H4' C5L A 9 8.60 9.42 5.46
H41 C5L A 9 7.56 3.47 -0.64
H42 C5L A 9 7.05 4.94 -1.42
H5'' C5L A 9 9.39 10.90 3.47
H71 C5L A 9 6.57 7.72 -0.93
H72 C5L A 9 5.26 7.78 0.32
H73 C5L A 9 5.37 6.42 -0.84
HCA1 C5L A 9 10.17 5.02 5.92
HCA2 C5L A 9 8.51 5.29 6.46
HCB1 C5L A 9 9.80 4.74 8.39
HCB2 C5L A 9 9.45 6.48 8.49
HCD1 C5L A 9 12.96 6.19 9.31
HCD2 C5L A 9 11.72 5.03 9.81
HCD3 C5L A 9 11.39 6.78 9.89
P G48 A 10 12.15 8.82 3.36
OP1 G48 A 10 13.28 9.51 4.04
O5' G48 A 10 12.38 7.24 3.42
C5' G48 A 10 12.72 6.60 4.64
C4' G48 A 10 12.90 5.10 4.40
O4' G48 A 10 11.73 4.44 3.90
C3' G48 A 10 14.03 4.85 3.41
O3' G48 A 10 15.32 5.03 4.03
C2' G48 A 10 13.68 3.42 3.00
O2' G48 A 10 14.12 2.48 3.99
C1' G48 A 10 12.16 3.51 2.91
N9 G48 A 10 11.64 3.82 1.58
C8 G48 A 10 11.01 4.91 1.07
N7 G48 A 10 10.62 4.73 -0.18
C5 G48 A 10 10.99 3.40 -0.47
C6 G48 A 10 10.70 2.50 -1.55
O6 G48 A 10 10.06 2.72 -2.57
N1 G48 A 10 11.22 1.22 -1.37
C2 G48 A 10 12.04 0.88 -0.36
N2 G48 A 10 12.62 -0.28 -0.39
N3 G48 A 10 12.30 1.66 0.68
C4 G48 A 10 11.73 2.90 0.58
CA' G48 A 10 13.74 1.13 3.79
CB' G48 A 10 14.46 0.22 4.79
OC' G48 A 10 15.78 -0.16 4.41
CD' G48 A 10 15.80 -1.13 3.36
OP2 G48 A 10 11.79 9.20 1.98
H5' G48 A 10 13.66 7.01 5.02
H5'' G48 A 10 11.95 6.76 5.38
H4' G48 A 10 13.18 4.63 5.36
H3' G48 A 10 13.92 5.51 2.55
H2' G48 A 10 14.08 3.23 2.02
H1' G48 A 10 11.72 2.52 2.97
H8 G48 A 10 10.86 5.82 1.64
H1 G48 A 10 11.00 0.47 -2.02
H21 G48 A 10 12.54 -0.88 -1.22
H22 G48 A 10 13.15 -0.57 0.41
HCA2 G48 A 10 12.67 1.02 3.97
HCA1 G48 A 10 13.95 0.81 2.76
HCB1 G48 A 10 13.86 -0.67 4.96
HCB2 G48 A 10 14.51 0.75 5.75
HCD1 G48 A 10 15.37 -0.73 2.44
HCD2 G48 A 10 15.26 -2.03 3.66
HCD3 G48 A 10 16.85 -1.41 3.16
P C5L A 11 16.61 5.52 3.18
N1 C5L A 11 15.03 2.28 -0.82
C2 C5L A 11 14.62 1.76 -2.06
O2 C5L A 11 14.91 0.62 -2.41
N3 C5L A 11 13.87 2.50 -2.91
C4 C5L A 11 13.63 3.75 -2.60
N4 C5L A 11 12.85 4.35 -3.46
C5 C5L A 11 14.15 4.39 -1.41
C6 C5L A 11 14.85 3.62 -0.55
C7 C5L A 11 13.86 5.84 -1.05
C1' C5L A 11 15.65 1.37 0.19
C2' C5L A 11 17.05 0.91 -0.24
O2' C5L A 11 17.17 -0.47 0.09
C3' C5L A 11 17.98 1.81 0.62
O3' C5L A 11 19.26 1.27 0.89
C4' C5L A 11 17.14 1.87 1.90
O4' C5L A 11 15.80 1.94 1.46
C5' C5L A 11 17.42 3.05 2.84
O5' C5L A 11 16.98 4.27 2.26
CA' C5L A 11 17.55 -1.27 -1.03
CB' C5L A 11 17.68 -2.74 -0.62
OC' C5L A 11 18.95 -3.09 -0.07
CD' C5L A 11 19.23 -2.49 1.20
OP1 C5L A 11 17.70 5.74 4.15
OP2 C5L A 11 16.20 6.63 2.29
H6 C5L A 11 15.26 4.03 0.35
H5' C5L A 11 18.49 3.08 3.07
H1' C5L A 11 14.93 0.55 0.36
H2' C5L A 11 17.23 1.12 -1.29
H3' C5L A 11 18.03 2.80 0.19
H4' C5L A 11 17.30 0.94 2.43
H41 C5L A 11 12.45 3.83 -4.23
H42 C5L A 11 12.66 5.32 -3.34
H5'' C5L A 11 16.88 2.86 3.76
H71 C5L A 11 14.39 6.50 -1.74
H72 C5L A 11 14.17 6.05 -0.03
H73 C5L A 11 12.79 6.04 -1.13
HCA1 C5L A 11 18.50 -0.93 -1.45
HCA2 C5L A 11 16.78 -1.19 -1.79
HCB1 C5L A 11 17.54 -3.34 -1.52
HCB2 C5L A 11 16.88 -3.00 0.07
HCD1 C5L A 11 19.33 -1.41 1.10
HCD2 C5L A 11 20.15 -2.90 1.60
HCD3 C5L A 11 18.42 -2.71 1.90
N1 C5L B 1 10.65 3.53 -11.60
C2 C5L B 1 11.80 3.41 -10.82
O2 C5L B 1 12.75 2.69 -11.15
N3 C5L B 1 11.92 4.08 -9.65
C4 C5L B 1 10.90 4.80 -9.24
N4 C5L B 1 11.13 5.42 -8.11
C5 C5L B 1 9.66 4.92 -9.96
C6 C5L B 1 9.58 4.26 -11.14
C7 C5L B 1 8.48 5.74 -9.45
C1' C5L B 1 10.63 2.84 -12.93
C2' C5L B 1 10.15 1.37 -12.80
O2' C5L B 1 10.76 0.52 -13.77
C3' C5L B 1 8.64 1.54 -13.07
O3' C5L B 1 7.96 0.34 -13.41
C4' C5L B 1 8.71 2.56 -14.21
O4' C5L B 1 9.75 3.48 -13.85
C5' C5L B 1 7.39 3.26 -14.54
O5' C5L B 1 6.81 3.92 -13.41
CA' C5L B 1 12.16 0.34 -13.60
CB' C5L B 1 12.60 -0.90 -14.40
OC' C5L B 1 13.98 -1.22 -14.22
CD' C5L B 1 14.31 -1.68 -12.91
H6 C5L B 1 8.67 4.32 -11.74
H5' C5L B 1 6.69 2.52 -14.91
H1' C5L B 1 11.64 2.84 -13.33
H2' C5L B 1 10.31 0.99 -11.80
H3' C5L B 1 8.17 2.02 -12.20
H4' C5L B 1 9.04 2.03 -15.11
H41 C5L B 1 12.04 5.29 -7.67
H42 C5L B 1 10.41 5.99 -7.70
H5'' C5L B 1 7.57 3.99 -15.34
H71 C5L B 1 7.64 5.70 -10.15
H72 C5L B 1 8.79 6.78 -9.32
H73 C5L B 1 8.15 5.35 -8.48
HCA1 C5L B 1 12.41 0.21 -12.55
HCA2 C5L B 1 12.71 1.20 -13.98
HCB1 C5L B 1 12.42 -0.71 -15.46
HCB2 C5L B 1 11.99 -1.75 -14.10
HCD1 C5L B 1 14.20 -0.89 -12.17
HCD2 C5L B 1 15.36 -2.00 -12.91
HCD3 C5L B 1 13.69 -2.52 -12.64
HO5' C5L B 1 5.97 4.34 -13.68
P G48 B 2 7.32 -0.60 -12.29
OP1 G48 B 2 6.64 -1.73 -12.98
O5' G48 B 2 8.58 -1.19 -11.48
C5' G48 B 2 9.45 -2.14 -12.05
C4' G48 B 2 10.68 -2.39 -11.18
O4' G48 B 2 11.34 -1.16 -10.91
C3' G48 B 2 10.39 -3.03 -9.82
O3' G48 B 2 10.21 -4.44 -9.95
C2' G48 B 2 11.65 -2.61 -9.05
O2' G48 B 2 12.76 -3.47 -9.36
C1' G48 B 2 11.89 -1.20 -9.60
N9 G48 B 2 11.33 -0.13 -8.76
C8 G48 B 2 10.24 0.68 -8.96
N7 G48 B 2 10.11 1.64 -8.08
C5 G48 B 2 11.17 1.42 -7.19
C6 G48 B 2 11.60 2.13 -6.01
O6 G48 B 2 11.18 3.18 -5.53
N1 G48 B 2 12.65 1.52 -5.35
C2 G48 B 2 13.24 0.38 -5.78
N2 G48 B 2 14.19 -0.14 -5.04
N3 G48 B 2 12.92 -0.28 -6.89
C4 G48 B 2 11.86 0.29 -7.55
CA' G48 B 2 13.96 -3.17 -8.66
CB' G48 B 2 14.94 -4.34 -8.79
OC' G48 B 2 16.17 -4.12 -8.09
CD' G48 B 2 16.04 -4.12 -6.68
OP2 G48 B 2 6.54 0.25 -11.36
H5' G48 B 2 8.93 -3.09 -12.19
H5'' G48 B 2 9.78 -1.79 -13.03
H4' G48 B 2 11.37 -3.04 -11.71
H3' G48 B 2 9.51 -2.56 -9.38
H2' G48 B 2 11.46 -2.61 -7.98
H1' G48 B 2 12.96 -1.01 -9.67
H8 G48 B 2 9.55 0.52 -9.79
H1 G48 B 2 12.98 1.96 -4.50
H21 G48 B 2 14.43 0.26 -4.15
H22 G48 B 2 14.66 -0.96 -5.39
HCA2 G48 B 2 14.44 -2.28 -9.08
HCA1 G48 B 2 13.74 -2.97 -7.61
HCB1 G48 B 2 15.15 -4.47 -9.85
HCB2 G48 B 2 14.47 -5.24 -8.42
HCD1 G48 B 2 17.04 -4.05 -6.24
HCD2 G48 B 2 15.57 -5.03 -6.34
HCD3 G48 B 2 15.46 -3.25 -6.34
P C5L B 3 9.39 -5.30 -8.86
N1 C5L B 3 11.53 -2.78 -4.54
C2 C5L B 3 11.73 -1.85 -3.51
O2 C5L B 3 12.60 -2.00 -2.65
N3 C5L B 3 10.97 -0.75 -3.42
C4 C5L B 3 9.99 -0.59 -4.29
N4 C5L B 3 9.34 0.51 -4.12
C5 C5L B 3 9.66 -1.55 -5.31
C6 C5L B 3 10.48 -2.62 -5.41
C7 C5L B 3 8.51 -1.35 -6.29
C1' C5L B 3 12.49 -3.90 -4.65
C2' C5L B 3 12.13 -5.12 -3.82
O2' C5L B 3 13.32 -5.76 -3.37
C3' C5L B 3 11.38 -5.99 -4.84
O3' C5L B 3 11.36 -7.36 -4.46
C4' C5L B 3 12.22 -5.70 -6.09
O4' C5L B 3 12.64 -4.35 -5.99
C5' C5L B 3 11.49 -6.00 -7.41
O5' C5L B 3 10.29 -5.27 -7.53
CA' C5L B 3 13.86 -5.21 -2.18
CB' C5L B 3 15.11 -6.01 -1.77
OC' C5L B 3 15.82 -5.41 -0.70
CD' C5L B 3 15.12 -5.36 0.54
OP1 C5L B 3 9.33 -6.70 -9.36
OP2 C5L B 3 8.12 -4.59 -8.58
H6 C5L B 3 10.30 -3.37 -6.18
H5' C5L B 3 11.27 -7.07 -7.46
H1' C5L B 3 13.43 -3.52 -4.26
H2' C5L B 3 11.48 -4.84 -2.99
H3' C5L B 3 10.37 -5.60 -4.98
H4' C5L B 3 13.10 -6.34 -6.04
H41 C5L B 3 9.69 1.20 -3.45
H42 C5L B 3 8.52 0.70 -4.64
H5'' C5L B 3 12.16 -5.75 -8.24
H71 C5L B 3 7.57 -1.36 -5.75
H72 C5L B 3 8.50 -2.14 -7.04
H73 C5L B 3 8.62 -0.38 -6.79
HCA1 C5L B 3 13.12 -5.26 -1.38
HCA2 C5L B 3 14.15 -4.16 -2.34
HCB1 C5L B 3 15.77 -6.07 -2.63
HCB2 C5L B 3 14.80 -7.02 -1.50
HCD1 C5L B 3 15.79 -4.99 1.32
HCD2 C5L B 3 14.78 -6.36 0.82
HCD3 C5L B 3 14.26 -4.70 0.47
P G48 B 4 10.36 -7.90 -3.33
OP1 G48 B 4 10.71 -9.31 -3.07
O5' G48 B 4 10.75 -7.04 -2.01
C5' G48 B 4 9.83 -6.13 -1.43
C4' G48 B 4 10.47 -5.26 -0.33
O4' G48 B 4 10.97 -4.00 -0.79
C3' G48 B 4 9.42 -4.94 0.71
O3' G48 B 4 9.17 -6.04 1.58
C2' G48 B 4 10.02 -3.69 1.36
O2' G48 B 4 10.96 -4.03 2.39
C1' G48 B 4 10.66 -2.98 0.17
N9 G48 B 4 9.63 -2.04 -0.28
C8 G48 B 4 8.84 -2.20 -1.35
N7 G48 B 4 8.07 -1.17 -1.60
C5 G48 B 4 8.39 -0.28 -0.57
C6 G48 B 4 7.97 1.07 -0.30
O6 G48 B 4 7.16 1.73 -0.94
N1 G48 B 4 8.60 1.64 0.81
C2 G48 B 4 9.30 0.92 1.70
N2 G48 B 4 9.56 1.51 2.84
N3 G48 B 4 9.74 -0.31 1.48
C4 G48 B 4 9.29 -0.85 0.30
CA' G48 B 4 11.68 -2.94 2.96
CB' G48 B 4 12.35 -3.37 4.27
OC' G48 B 4 13.57 -4.09 4.11
CD' G48 B 4 13.41 -5.40 3.59
OP2 G48 B 4 8.98 -7.56 -3.74
H5' G48 B 4 9.41 -5.46 -2.19
H5'' G48 B 4 9.01 -6.71 -1.00
H4' G48 B 4 11.27 -5.82 0.16
H3' G48 B 4 8.49 -4.66 0.19
H2' G48 B 4 9.18 -3.10 1.68
H1' G48 B 4 11.49 -2.30 0.40
H8 G48 B 4 8.92 -3.12 -1.89
H1 G48 B 4 8.53 2.65 0.99
H21 G48 B 4 9.18 2.44 3.05
H22 G48 B 4 10.13 1.01 3.51
HCA2 G48 B 4 12.43 -2.58 2.27
HCA1 G48 B 4 10.99 -2.12 3.18
HCB1 G48 B 4 11.64 -3.95 4.87
HCB2 G48 B 4 12.57 -2.46 4.83
HCD1 G48 B 4 13.05 -5.37 2.56
HCD2 G48 B 4 12.71 -5.97 4.21
HCD3 G48 B 4 14.37 -5.91 3.60
P A44 B 5 7.75 -6.24 2.29
OP2 A44 B 5 6.70 -6.07 1.27
OP1 A44 B 5 7.79 -7.51 3.06
O5' A44 B 5 7.65 -5.02 3.33
C5' A44 B 5 8.49 -4.95 4.46
C4' A44 B 5 8.47 -3.54 5.07
O4' A44 B 5 8.75 -2.56 4.09
C3' A44 B 5 7.13 -3.15 5.69
O3' A44 B 5 6.88 -3.75 6.95
C2' A44 B 5 7.33 -1.62 5.74
O2' A44 B 5 8.23 -1.21 6.79
C1' A44 B 5 7.99 -1.40 4.39
N9 A44 B 5 7.00 -1.09 3.34
C8 A44 B 5 6.50 -1.89 2.33
N7 A44 B 5 5.68 -1.25 1.52
C5 A44 B 5 5.66 0.06 2.05
C6 A44 B 5 5.06 1.28 1.68
N6 A44 B 5 4.30 1.51 0.64
N1 A44 B 5 5.24 2.38 2.41
C2 A44 B 5 5.99 2.31 3.48
N3 A44 B 5 6.61 1.25 3.97
C4 A44 B 5 6.41 0.14 3.19
CA' A44 B 5 8.42 0.19 6.88
CD' A44 B 5 7.81 2.56 8.69
OC' A44 B 5 9.09 1.95 8.49
CB' A44 B 5 9.04 0.55 8.24
H5' A44 B 5 8.18 -5.68 5.21
H5'' A44 B 5 9.51 -5.17 4.16
H4' A44 B 5 9.23 -3.50 5.85
H3' A44 B 5 6.34 -3.38 4.98
H2' A44 B 5 6.38 -1.10 5.83
H1' A44 B 5 8.63 -0.53 4.43
H8 A44 B 5 6.75 -2.93 2.23
H61 A44 B 5 3.99 2.44 0.43
H62 A44 B 5 4.04 0.76 0.05
H2 A44 B 5 6.10 3.25 4.01
HCA2 A44 B 5 9.10 0.54 6.10
HCA1 A44 B 5 7.47 0.71 6.76
HCD1 A44 B 5 7.95 3.60 8.99
HCD2 A44 B 5 7.27 2.04 9.48
HCD3 A44 B 5 7.22 2.54 7.78
HCB1 A44 B 5 10.05 0.15 8.27
HCB2 A44 B 5 8.46 0.06 9.03
P A44 B 6 5.40 -3.84 7.52
OP2 A44 B 6 4.53 -4.47 6.49
OP1 A44 B 6 5.46 -4.47 8.87
O5' A44 B 6 4.95 -2.31 7.68
C5' A44 B 6 5.54 -1.47 8.67
C4' A44 B 6 5.01 -0.04 8.59
O4' A44 B 6 5.18 0.62 7.33
C3' A44 B 6 3.52 0.01 8.87
O3' A44 B 6 3.26 -0.23 10.26
C2' A44 B 6 3.21 1.42 8.37
O2' A44 B 6 3.74 2.42 9.25
C1' A44 B 6 4.06 1.47 7.10
N9 A44 B 6 3.40 1.09 5.83
C8 A44 B 6 3.37 -0.13 5.21
N7 A44 B 6 2.85 -0.10 4.00
C5 A44 B 6 2.43 1.24 3.85
C6 A44 B 6 1.78 2.01 2.84
N6 A44 B 6 1.39 1.61 1.65
N1 A44 B 6 1.51 3.29 3.04
C2 A44 B 6 1.86 3.82 4.21
N3 A44 B 6 2.43 3.24 5.24
C4 A44 B 6 2.71 1.93 5.00
CA' A44 B 6 3.30 3.75 9.01
CD' A44 B 6 4.99 5.53 11.79
OC' A44 B 6 4.09 4.66 11.12
CB' A44 B 6 4.24 4.74 9.71
H5' A44 B 6 5.33 -1.87 9.65
H5'' A44 B 6 6.63 -1.46 8.55
H4' A44 B 6 5.52 0.55 9.36
H3' A44 B 6 3.02 -0.73 8.25
H2' A44 B 6 2.16 1.56 8.17
H1' A44 B 6 4.35 2.50 6.97
H8 A44 B 6 3.75 -1.00 5.70
H61 A44 B 6 0.92 2.25 1.02
H62 A44 B 6 1.57 0.67 1.37
H2 A44 B 6 1.64 4.87 4.32
HCA2 A44 B 6 3.31 3.98 7.93
HCA1 A44 B 6 2.31 3.90 9.39
HCD1 A44 B 6 6.02 5.25 11.55
HCD2 A44 B 6 4.84 5.44 12.87
HCD3 A44 B 6 4.81 6.56 11.49
HCB1 A44 B 6 4.00 5.75 9.37
HCB2 A44 B 6 5.27 4.51 9.43
P T39 B 7 1.87 -0.85 10.71
OP1 T39 B 7 1.83 -0.88 12.20
OP2 T39 B 7 1.64 -2.11 9.96
O5' T39 B 7 0.84 0.24 10.18
C5' T39 B 7 0.78 1.53 10.77
C4' T39 B 7 -0.19 2.44 10.02
O4' T39 B 7 0.24 2.88 8.71
C3' T39 B 7 -1.56 1.78 9.83
O3' T39 B 7 -2.35 1.69 11.01
C2' T39 B 7 -2.08 2.78 8.82
O2' T39 B 7 -2.37 4.02 9.52
C1' T39 B 7 -0.90 2.91 7.85
N1 T39 B 7 -0.80 1.90 6.76
C2 T39 B 7 -1.52 2.21 5.60
O2 T39 B 7 -2.20 3.22 5.47
N3 T39 B 7 -1.45 1.33 4.56
C4 T39 B 7 -0.69 0.22 4.50
O4 T39 B 7 -0.63 -0.35 3.42
C5 T39 B 7 -0.07 -0.14 5.78
C7 T39 B 7 0.59 -1.48 5.99
C6 T39 B 7 -0.07 0.72 6.83
CA' T39 B 7 -2.24 5.28 8.85
CD' T39 B 7 -4.73 7.11 8.76
CB' T39 B 7 -2.68 6.42 9.79
OC' T39 B 7 -4.09 6.58 9.91
H5' T39 B 7 0.44 1.43 11.80
H5'' T39 B 7 1.78 1.99 10.78
H4' T39 B 7 -0.32 3.33 10.65
H3' T39 B 7 -1.45 0.81 9.36
H7 T39 B 7 -2.93 2.36 8.30
H1' T39 B 7 -1.12 3.85 7.32
H3 T39 B 7 -2.01 1.53 3.76
H71 T39 B 7 1.31 -1.43 6.81
H72 T39 B 7 1.11 -1.79 5.08
H73 T39 B 7 -0.23 -2.17 6.20
H6 T39 B 7 0.51 0.44 7.70
HCA2 T39 B 7 -1.20 5.45 8.62
HCA1 T39 B 7 -2.82 5.29 7.92
HCD1 T39 B 7 -4.30 8.08 8.51
HCD2 T39 B 7 -5.79 7.24 8.96
HCD3 T39 B 7 -4.62 6.44 7.90
HCB1 T39 B 7 -2.25 7.35 9.42
HCB2 T39 B 7 -2.26 6.23 10.77
P T39 B 8 -3.70 0.82 11.03
OP1 T39 B 8 -4.28 0.89 12.39
OP2 T39 B 8 -3.41 -0.51 10.44
O5' T39 B 8 -4.70 1.59 10.02
C5' T39 B 8 -5.20 2.89 10.33
C4' T39 B 8 -5.67 3.65 9.08
O4' T39 B 8 -4.72 3.66 8.03
C3' T39 B 8 -6.92 3.12 8.44
O3' T39 B 8 -8.08 3.36 9.23
C2' T39 B 8 -6.83 3.86 7.09
O2' T39 B 8 -7.19 5.24 7.19
C1' T39 B 8 -5.34 3.67 6.75
N1 T39 B 8 -5.09 2.49 5.90
C2 T39 B 8 -5.31 2.56 4.51
O2 T39 B 8 -5.88 3.50 3.97
N3 T39 B 8 -4.85 1.52 3.74
C4 T39 B 8 -4.26 0.42 4.25
O4 T39 B 8 -3.85 -0.44 3.48
C5 T39 B 8 -4.16 0.37 5.69
C7 T39 B 8 -3.50 -0.81 6.32
C6 T39 B 8 -4.63 1.34 6.47
CA' T39 B 8 -7.03 6.00 5.99
CD' T39 B 8 -9.59 7.26 4.78
CB' T39 B 8 -7.65 7.40 6.17
OC' T39 B 8 -9.07 7.41 6.10
H5' T39 B 8 -6.02 2.81 11.04
H5'' T39 B 8 -4.41 3.47 10.81
H4' T39 B 8 -5.88 4.67 9.38
H3' T39 B 8 -6.80 2.04 8.27
H7 T39 B 8 -7.41 3.34 6.37
H1' T39 B 8 -4.85 4.43 6.17
H3 T39 B 8 -4.95 1.54 2.73
H71 T39 B 8 -4.19 -1.64 6.14
H72 T39 B 8 -3.36 -0.62 7.38
H73 T39 B 8 -2.55 -0.92 5.80
H6 T39 B 8 -4.65 1.24 7.55
HCA2 T39 B 8 -5.98 6.13 5.78
HCA1 T39 B 8 -7.48 5.49 5.15
HCD1 T39 B 8 -10.67 7.28 4.82
HCD2 T39 B 8 -9.27 6.31 4.34
HCD3 T39 B 8 -9.25 8.07 4.14
HCB1 T39 B 8 -7.23 8.06 5.41
HCB2 T39 B 8 -7.34 7.79 7.14
P C5L B 9 -9.34 2.38 9.16
N1 C5L B 9 -8.77 1.82 3.62
C2 C5L B 9 -8.87 1.25 2.33
O2 C5L B 9 -9.40 1.82 1.37
N3 C5L B 9 -8.40 0.01 2.08
C4 C5L B 9 -7.86 -0.65 3.07
N4 C5L B 9 -7.44 -1.83 2.72
C5 C5L B 9 -7.73 -0.13 4.40
C6 C5L B 9 -8.12 1.13 4.61
C7 C5L B 9 -7.01 -0.81 5.52
C1' C5L B 9 -9.37 3.17 3.82
C2' C5L B 9 -10.90 3.18 3.62
O2' C5L B 9 -11.30 4.45 3.10
C3' C5L B 9 -11.38 2.97 5.06
O3' C5L B 9 -12.74 3.28 5.31
C4' C5L B 9 -10.43 3.95 5.74
O4' C5L B 9 -9.18 3.68 5.13
C5' C5L B 9 -10.37 3.84 7.26
O5' C5L B 9 -9.87 2.58 7.67
CA' C5L B 9 -11.05 4.61 1.69
CB' C5L B 9 -11.52 6.00 1.27
OC' C5L B 9 -10.59 6.99 1.71
CD' C5L B 9 -11.02 8.31 1.43
OP1 C5L B 9 -10.37 2.90 10.10
OP2 C5L B 9 -8.88 0.98 9.31
H6 C5L B 9 -7.88 1.51 5.60
H5' C5L B 9 -11.36 3.99 7.68
H1' C5L B 9 -8.84 3.83 3.14
H2' C5L B 9 -11.24 2.36 2.98
H3' C5L B 9 -11.13 1.96 5.39
H4' C5L B 9 -10.76 4.95 5.49
H41 C5L B 9 -7.37 -2.05 1.75
H42 C5L B 9 -7.19 -2.49 3.40
H5'' C5L B 9 -9.72 4.64 7.62
H71 C5L B 9 -7.66 -1.53 6.01
H72 C5L B 9 -6.69 -0.03 6.24
H73 C5L B 9 -6.14 -1.32 5.12
HCA1 C5L B 9 -11.62 3.87 1.14
HCA2 C5L B 9 -10.00 4.50 1.46
HCB1 C5L B 9 -12.51 6.19 1.70
HCB2 C5L B 9 -11.59 6.04 0.19
HCD1 C5L B 9 -10.25 9.01 1.76
HCD2 C5L B 9 -11.94 8.53 1.95
HCD3 C5L B 9 -11.16 8.44 0.35
P G48 B 10 -13.85 2.13 5.23
OP1 G48 B 10 -15.17 2.77 5.44
O5' G48 B 10 -13.75 1.66 3.71
C5' G48 B 10 -14.10 2.52 2.65
C4' G48 B 10 -13.87 1.88 1.29
O4' G48 B 10 -12.51 1.48 1.04
C3' G48 B 10 -14.73 0.62 1.12
O3' G48 B 10 -16.11 0.94 0.97
C2' G48 B 10 -14.03 0.06 -0.11
O2' G48 B 10 -14.40 0.79 -1.29
C1' G48 B 10 -12.55 0.30 0.24
N9 G48 B 10 -11.89 -0.85 0.84
C8 G48 B 10 -11.40 -1.06 2.10
N7 G48 B 10 -10.77 -2.21 2.21
C5 G48 B 10 -10.82 -2.75 0.91
C6 G48 B 10 -10.18 -3.88 0.27
O6 G48 B 10 -9.44 -4.72 0.79
N1 G48 B 10 -10.45 -4.00 -1.09
C2 G48 B 10 -11.33 -3.21 -1.73
N2 G48 B 10 -11.64 -3.50 -2.96
N3 G48 B 10 -11.92 -2.15 -1.20
C4 G48 B 10 -11.61 -1.96 0.12
CA' G48 B 10 -13.79 0.39 -2.52
CB' G48 B 10 -14.40 1.21 -3.67
OC' G48 B 10 -13.71 2.43 -3.92
CD' G48 B 10 -13.80 3.38 -2.87
OP2 G48 B 10 -13.44 1.01 6.10
H5' G48 B 10 -15.16 2.79 2.73
H5'' G48 B 10 -13.52 3.46 2.70
H4' G48 B 10 -14.17 2.58 0.52
H3' G48 B 10 -14.56 -0.04 1.97
H2' G48 B 10 -14.20 -1.01 -0.20
H1' G48 B 10 -11.95 0.31 -0.66
H8 G48 B 10 -11.53 -0.33 2.90
H1 G48 B 10 -9.99 -4.70 -1.65
H21 G48 B 10 -11.32 -4.38 -3.38
H22 G48 B 10 -12.21 -2.86 -3.47
HCA2 G48 B 10 -12.71 0.55 -2.50
HCA1 G48 B 10 -13.97 -0.66 -2.70
HCB1 G48 B 10 -15.45 1.39 -3.47
HCB2 G48 B 10 -14.33 0.59 -4.58
HCD1 G48 B 10 -14.83 3.55 -2.60
HCD2 G48 B 10 -13.36 4.32 -3.20
HCD3 G48 B 10 -13.24 3.04 -2.00
P C5L B 11 -17.27 -0.06 1.44
N1 C5L B 11 -14.43 -4.04 -0.78
C2 C5L B 11 -13.70 -5.21 -1.03
O2 C5L B 11 -13.66 -5.75 -2.13
N3 C5L B 11 -12.98 -5.81 -0.04
C4 C5L B 11 -13.06 -5.31 1.17
N4 C5L B 11 -12.32 -5.95 2.02
C5 C5L B 11 -13.90 -4.18 1.50
C6 C5L B 11 -14.56 -3.58 0.50
C7 C5L B 11 -13.98 -3.60 2.91
C1' C5L B 11 -15.04 -3.34 -1.94
C2' C5L B 11 -16.24 -4.13 -2.50
O2' C5L B 11 -16.28 -4.04 -3.93
C3' C5L B 11 -17.43 -3.42 -1.83
O3' C5L B 11 -18.68 -3.63 -2.47
C4' C5L B 11 -16.95 -1.99 -1.94
O4' C5L B 11 -15.57 -2.06 -1.63
C5' C5L B 11 -17.61 -0.98 -1.01
O5' C5L B 11 -17.26 -1.24 0.34
CA' C5L B 11 -15.36 -4.93 -4.56
CB' C5L B 11 -15.63 -4.96 -6.07
OC' C5L B 11 -14.78 -5.86 -6.76
CD' C5L B 11 -15.01 -7.24 -6.46
OP1 C5L B 11 -18.56 0.66 1.32
OP2 C5L B 11 -16.90 -0.65 2.74
H6 C5L B 11 -15.20 -2.74 0.69
H5' C5L B 11 -18.69 -1.00 -1.14
H1' C5L B 11 -14.23 -3.11 -2.65
H2' C5L B 11 -16.21 -5.17 -2.17
H3' C5L B 11 -17.47 -3.70 -0.78
H4' C5L B 11 -17.07 -1.66 -2.97
H41 C5L B 11 -11.71 -6.70 1.71
H42 C5L B 11 -12.35 -5.70 2.99
H5'' C5L B 11 -17.26 0.02 -1.29
H71 C5L B 11 -14.54 -4.26 3.56
H72 C5L B 11 -14.46 -2.61 2.87
H73 C5L B 11 -12.97 -3.45 3.30
HCA1 C5L B 11 -15.50 -5.93 -4.16
HCA2 C5L B 11 -14.34 -4.60 -4.39
HCB1 C5L B 11 -15.46 -3.95 -6.46
HCB2 C5L B 11 -16.67 -5.22 -6.24
HCD1 C5L B 11 -16.05 -7.50 -6.61
HCD2 C5L B 11 -14.72 -7.46 -5.43
HCD3 C5L B 11 -14.40 -7.85 -7.12
N1 C5L A 1 -9.04 -14.35 1.59
C2 C5L A 1 -10.20 -13.70 1.14
O2 C5L A 1 -10.91 -14.19 0.27
N3 C5L A 1 -10.58 -12.51 1.65
C4 C5L A 1 -9.78 -11.94 2.53
N4 C5L A 1 -10.27 -10.81 2.99
C5 C5L A 1 -8.52 -12.48 2.96
C6 C5L A 1 -8.18 -13.70 2.47
C7 C5L A 1 -7.59 -11.75 3.92
C1' C5L A 1 -8.77 -15.74 1.13
C2' C5L A 1 -7.86 -15.82 -0.10
O2' C5L A 1 -8.28 -16.93 -0.92
C3' C5L A 1 -6.48 -16.08 0.50
O3' C5L A 1 -5.56 -16.71 -0.39
C4' C5L A 1 -6.89 -16.99 1.66
O4' C5L A 1 -8.13 -16.49 2.16
C5' C5L A 1 -5.82 -17.12 2.77
O5' C5L A 1 -5.42 -15.86 3.31
CA' C5L A 1 -9.29 -16.59 -1.87
CB' C5L A 1 -9.70 -17.83 -2.65
OC' C5L A 1 -10.79 -17.59 -3.55
CD' C5L A 1 -10.47 -16.71 -4.61
H6 C5L A 1 -7.24 -14.17 2.75
H5' C5L A 1 -4.95 -17.62 2.34
H1' C5L A 1 -9.71 -16.21 0.88
H2' C5L A 1 -7.86 -14.88 -0.66
H3' C5L A 1 -6.06 -15.14 0.89
H4' C5L A 1 -7.06 -17.98 1.25
H41 C5L A 1 -11.17 -10.50 2.67
H42 C5L A 1 -9.73 -10.28 3.66
H5'' C5L A 1 -6.22 -17.76 3.56
H71 C5L A 1 -7.30 -10.79 3.51
H72 C5L A 1 -6.69 -12.35 4.11
H73 C5L A 1 -8.11 -11.59 4.87
HCA1 C5L A 1 -8.88 -15.86 -2.56
HCA2 C5L A 1 -10.15 -16.16 -1.36
HCB1 C5L A 1 -10.02 -18.59 -1.93
HCB2 C5L A 1 -8.84 -18.22 -3.20
HCD1 C5L A 1 -9.59 -17.07 -5.16
HCD2 C5L A 1 -10.27 -15.70 -4.25
HCD3 C5L A 1 -11.32 -16.66 -5.30
HO5' C5L A 1 -4.75 -16.01 4.01
P G48 A 2 -4.77 -15.91 -1.53
OP1 G48 A 2 -3.99 -16.90 -2.31
O5' G48 A 2 -5.90 -15.28 -2.50
C5' G48 A 2 -6.02 -13.88 -2.72
C4' G48 A 2 -7.33 -13.56 -3.44
O4' G48 A 2 -8.42 -13.49 -2.52
C3' G48 A 2 -7.29 -12.22 -4.17
O3' G48 A 2 -6.69 -12.36 -5.46
C2' G48 A 2 -8.79 -11.88 -4.21
O2' G48 A 2 -9.42 -12.66 -5.26
C1' G48 A 2 -9.20 -12.34 -2.81
N9 G48 A 2 -9.04 -11.35 -1.72
C8 G48 A 2 -8.15 -11.35 -0.67
N7 G48 A 2 -8.32 -10.37 0.17
C5 G48 A 2 -9.41 -9.66 -0.35
C6 G48 A 2 -10.15 -8.52 0.14
O6 G48 A 2 -10.02 -7.90 1.19
N1 G48 A 2 -11.14 -8.10 -0.72
C2 G48 A 2 -11.41 -8.70 -1.91
N2 G48 A 2 -12.33 -8.19 -2.67
N3 G48 A 2 -10.79 -9.79 -2.37
C4 G48 A 2 -9.80 -10.23 -1.55
CA' G48 A 2 -10.84 -12.76 -5.30
CB' G48 A 2 -11.56 -11.43 -5.52
OC' G48 A 2 -12.97 -11.64 -5.45
CD' G48 A 2 -13.70 -10.43 -5.66
OP2 G48 A 2 -4.03 -14.80 -0.86
H5' G48 A 2 -5.99 -13.35 -1.77
H5'' G48 A 2 -5.18 -13.55 -3.33
H4' G48 A 2 -7.53 -14.33 -4.18
H3' G48 A 2 -6.75 -11.49 -3.57
H2' G48 A 2 -8.95 -10.80 -4.36
H1' G48 A 2 -10.27 -12.59 -2.81
H8 G48 A 2 -7.38 -12.10 -0.56
H1 G48 A 2 -11.70 -7.30 -0.44
H21 G48 A 2 -12.80 -7.31 -2.41
H22 G48 A 2 -12.56 -8.66 -3.51
HCA2 G48 A 2 -11.10 -13.42 -6.14
HCA1 G48 A 2 -11.23 -13.24 -4.40
HCB1 G48 A 2 -11.29 -11.04 -6.50
HCB2 G48 A 2 -11.27 -10.72 -4.75
HCD1 G48 A 2 -14.77 -10.66 -5.63
HCD2 G48 A 2 -13.46 -10.00 -6.63
HCD3 G48 A 2 -13.48 -9.72 -4.86
P C5L A 3 -5.94 -11.16 -6.19
N1 C5L A 3 -9.33 -7.26 -4.57
C2 C5L A 3 -9.87 -6.21 -3.83
O2 C5L A 3 -10.80 -5.52 -4.24
N3 C5L A 3 -9.39 -5.89 -2.62
C4 C5L A 3 -8.35 -6.58 -2.17
N4 C5L A 3 -7.99 -6.20 -0.98
C5 C5L A 3 -7.69 -7.62 -2.91
C6 C5L A 3 -8.23 -7.94 -4.11
C7 C5L A 3 -6.51 -8.41 -2.38
C1' C5L A 3 -10.00 -7.61 -5.85
C2' C5L A 3 -9.52 -6.79 -7.04
O2' C5L A 3 -10.61 -6.61 -7.95
C3' C5L A 3 -8.44 -7.70 -7.63
O3' C5L A 3 -8.16 -7.41 -8.99
C4' C5L A 3 -9.09 -9.07 -7.41
O4' C5L A 3 -9.80 -8.99 -6.18
C5' C5L A 3 -8.10 -10.24 -7.43
O5' C5L A 3 -7.07 -10.06 -6.46
CA' C5L A 3 -11.42 -5.48 -7.65
CB' C5L A 3 -12.46 -5.29 -8.76
OC' C5L A 3 -13.32 -4.17 -8.53
CD' C5L A 3 -12.67 -2.91 -8.57
OP1 C5L A 3 -5.45 -11.66 -7.50
OP2 C5L A 3 -4.96 -10.59 -5.24
H6 C5L A 3 -7.80 -8.72 -4.70
H5' C5L A 3 -7.65 -10.30 -8.42
H1' C5L A 3 -11.04 -7.37 -5.69
H2' C5L A 3 -9.10 -5.85 -6.71
H3' C5L A 3 -7.53 -7.62 -7.02
H4' C5L A 3 -9.81 -9.22 -8.22
H41 C5L A 3 -8.56 -5.52 -0.47
H42 C5L A 3 -7.16 -6.56 -0.57
H5'' C5L A 3 -8.63 -11.17 -7.23
H71 C5L A 3 -6.31 -9.28 -3.00
H72 C5L A 3 -6.72 -8.77 -1.36
H73 C5L A 3 -5.62 -7.77 -2.33
HCA1 C5L A 3 -10.79 -4.60 -7.62
HCA2 C5L A 3 -11.92 -5.61 -6.70
HCB1 C5L A 3 -13.08 -6.19 -8.81
HCB2 C5L A 3 -11.95 -5.17 -9.72
HCD1 C5L A 3 -11.99 -2.79 -7.72
HCD2 C5L A 3 -13.41 -2.11 -8.51
HCD3 C5L A 3 -12.10 -2.79 -9.49
P G48 A 4 -7.27 -6.14 -9.40
OP1 G48 A 4 -7.30 -6.02 -10.88
O5' G48 A 4 -8.08 -4.86 -8.79
C5' G48 A 4 -7.52 -4.05 -7.77
C4' G48 A 4 -8.55 -3.08 -7.18
O4' G48 A 4 -9.22 -3.56 -6.00
C3' G48 A 4 -7.87 -1.80 -6.76
O3' G48 A 4 -7.56 -0.97 -7.88
C2' G48 A 4 -8.90 -1.24 -5.78
O2' G48 A 4 -9.96 -0.54 -6.45
C1' G48 A 4 -9.39 -2.49 -5.06
N9 G48 A 4 -8.53 -2.61 -3.89
C8 G48 A 4 -7.51 -3.48 -3.75
N7 G48 A 4 -6.94 -3.46 -2.57
C5 G48 A 4 -7.68 -2.49 -1.88
C6 G48 A 4 -7.65 -2.04 -0.52
O6 G48 A 4 -6.87 -2.42 0.35
N1 G48 A 4 -8.61 -1.08 -0.20
C2 G48 A 4 -9.33 -0.44 -1.15
N2 G48 A 4 -9.99 0.62 -0.75
N3 G48 A 4 -9.42 -0.82 -2.42
C4 G48 A 4 -8.59 -1.89 -2.72
CA' G48 A 4 -11.05 -0.10 -5.64
CB' G48 A 4 -12.02 0.73 -6.49
OC' G48 A 4 -11.61 2.09 -6.68
CD' G48 A 4 -11.81 2.92 -5.54
OP2 G48 A 4 -5.95 -6.25 -8.71
H5' G48 A 4 -7.11 -4.66 -6.96
H5'' G48 A 4 -6.70 -3.49 -8.21
H4' G48 A 4 -9.30 -2.83 -7.94
H3' G48 A 4 -6.96 -2.06 -6.21
H2' G48 A 4 -8.34 -0.66 -5.06
H1' G48 A 4 -10.38 -2.45 -4.60
H8 G48 A 4 -7.28 -4.07 -4.61
H1 G48 A 4 -8.80 -0.82 0.76
H21 G48 A 4 -9.90 0.97 0.20
H22 G48 A 4 -10.57 1.09 -1.43
HCA2 G48 A 4 -11.60 -0.96 -5.26
HCA1 G48 A 4 -10.69 0.48 -4.79
HCB1 G48 A 4 -13.00 0.73 -6.01
HCB2 G48 A 4 -12.12 0.25 -7.45
HCD1 G48 A 4 -12.86 2.97 -5.31
HCD2 G48 A 4 -11.46 3.93 -5.77
HCD3 G48 A 4 -11.26 2.55 -4.68
P A44 A 5 -6.31 0.04 -7.85
OP2 A44 A 5 -5.14 -0.69 -7.32
OP1 A44 A 5 -6.21 0.69 -9.17
O5' A44 A 5 -6.74 1.14 -6.76
C5' A44 A 5 -7.83 2.02 -7.00
C4' A44 A 5 -8.27 2.70 -5.72
O4' A44 A 5 -8.56 1.77 -4.70
C3' A44 A 5 -7.25 3.67 -5.12
O3' A44 A 5 -7.16 4.88 -5.85
C2' A44 A 5 -7.83 3.80 -3.70
O2' A44 A 5 -9.01 4.62 -3.65
C1' A44 A 5 -8.20 2.34 -3.45
N9 A44 A 5 -7.10 1.59 -2.79
C8 A44 A 5 -6.20 0.70 -3.33
N7 A44 A 5 -5.40 0.15 -2.44
C5 A44 A 5 -5.81 0.77 -1.24
C6 A44 A 5 -5.46 0.64 0.13
N6 A44 A 5 -4.56 -0.16 0.63
N1 A44 A 5 -6.05 1.38 1.06
C2 A44 A 5 -6.99 2.23 0.70
N3 A44 A 5 -7.43 2.46 -0.53
C4 A44 A 5 -6.80 1.69 -1.46
CA' A44 A 5 -9.60 4.74 -2.36
CD' A44 A 5 -9.82 7.39 -0.76
OC' A44 A 5 -10.17 7.15 -2.13
CB' A44 A 5 -10.67 5.84 -2.37
H5' A44 A 5 -7.54 2.76 -7.74
H5'' A44 A 5 -8.67 1.45 -7.40
H4' A44 A 5 -9.18 3.28 -5.94
H3' A44 A 5 -6.28 3.16 -5.08
H2' A44 A 5 -7.07 4.16 -3.00
H1' A44 A 5 -9.02 2.27 -2.76
H8 A44 A 5 -6.17 0.46 -4.39
H61 A44 A 5 -4.43 -0.21 1.63
H62 A44 A 5 -4.00 -0.73 0.04
H2 A44 A 5 -7.44 2.78 1.51
HCA2 A44 A 5 -10.11 3.81 -2.09
HCA1 A44 A 5 -8.85 4.95 -1.59
HCD1 A44 A 5 -9.03 6.72 -0.43
HCD2 A44 A 5 -10.69 7.27 -0.13
HCD3 A44 A 5 -9.46 8.42 -0.67
HCB1 A44 A 5 -11.42 5.61 -1.60
HCB2 A44 A 5 -11.18 5.83 -3.33
P A44 A 6 -5.86 5.79 -5.74
OP2 A44 A 6 -4.67 4.95 -6.05
OP1 A44 A 6 -6.08 7.02 -6.54
O5' A44 A 6 -5.81 6.17 -4.18
C5' A44 A 6 -6.77 7.04 -3.62
C4' A44 A 6 -6.54 7.24 -2.12
O4' A44 A 6 -6.61 6.07 -1.33
C3' A44 A 6 -5.16 7.85 -1.86
O3' A44 A 6 -5.10 9.19 -2.27
C2' A44 A 6 -5.08 7.59 -0.35
O2' A44 A 6 -5.96 8.50 0.34
C1' A44 A 6 -5.67 6.19 -0.24
N9 A44 A 6 -4.73 5.04 -0.28
C8 A44 A 6 -4.30 4.32 -1.36
N7 A44 A 6 -3.57 3.28 -1.04
C5 A44 A 6 -3.45 3.37 0.35
C6 A44 A 6 -2.79 2.63 1.38
N6 A44 A 6 -2.04 1.55 1.24
N1 A44 A 6 -2.88 2.99 2.64
C2 A44 A 6 -3.59 4.08 2.93
N3 A44 A 6 -4.23 4.89 2.09
C4 A44 A 6 -4.13 4.48 0.81
CA' A44 A 6 -5.85 8.52 1.76
CD' A44 A 6 -9.40 8.99 2.71
OC' A44 A 6 -8.22 8.39 2.22
CB' A44 A 6 -7.08 9.24 2.31
H5' A44 A 6 -6.71 8.01 -4.11
H5'' A44 A 6 -7.77 6.67 -3.78
H4' A44 A 6 -7.28 7.95 -1.76
H3' A44 A 6 -4.40 7.23 -2.37
H2' A44 A 6 -4.06 7.63 0.02
H1' A44 A 6 -6.15 6.12 0.71
H8 A44 A 6 -4.57 4.61 -2.37
H61 A44 A 6 -1.61 1.10 2.05
H62 A44 A 6 -1.91 1.16 0.32
H2 A44 A 6 -3.67 4.32 3.97
HCA2 A44 A 6 -5.79 7.52 2.19
HCA1 A44 A 6 -4.96 9.08 2.05
HCD1 A44 A 6 -10.23 8.30 2.62
HCD2 A44 A 6 -9.63 9.89 2.13
HCD3 A44 A 6 -9.27 9.25 3.76
HCB1 A44 A 6 -7.24 10.16 1.76
HCB2 A44 A 6 -6.90 9.48 3.37
P T39 A 7 -3.72 9.85 -2.70
OP1 T39 A 7 -3.95 11.30 -2.97
OP2 T39 A 7 -3.09 9.01 -3.74
O5' T39 A 7 -2.87 9.72 -1.35
C5' T39 A 7 -3.18 10.49 -0.21
C4' T39 A 7 -2.31 10.09 0.98
O4' T39 A 7 -2.60 8.81 1.55
C3' T39 A 7 -0.82 10.09 0.63
O3' T39 A 7 -0.21 11.38 0.49
C2' T39 A 7 -0.36 9.32 1.85
O2' T39 A 7 -0.41 10.20 3.00
C1' T39 A 7 -1.37 8.18 1.94
N1 T39 A 7 -1.06 6.97 1.13
C2 T39 A 7 -0.25 6.03 1.77
O2 T39 A 7 0.18 6.19 2.90
N3 T39 A 7 0.07 4.90 1.09
C4 T39 A 7 -0.37 4.54 -0.13
O4 T39 A 7 -0.09 3.40 -0.50
C5 T39 A 7 -1.13 5.60 -0.81
C7 T39 A 7 -1.52 5.48 -2.28
C6 T39 A 7 -1.51 6.73 -0.17
CA' T39 A 7 -0.51 9.65 4.31
CD' T39 A 7 -0.09 11.13 7.66
CB' T39 A 7 -0.26 10.74 5.35
OC' T39 A 7 -0.32 10.17 6.65
H5' T39 A 7 -3.01 11.54 -0.43
H5'' T39 A 7 -4.23 10.37 0.07
H4' T39 A 7 -2.46 10.84 1.77
H3' T39 A 7 -0.65 9.49 -0.27
H7 T39 A 7 0.62 8.92 1.68
H1' T39 A 7 -1.30 7.84 2.98
H3 T39 A 7 0.71 4.26 1.53
H71 T39 A 7 -2.38 6.12 -2.49
H72 T39 A 7 -1.76 4.45 -2.52
H73 T39 A 7 -0.64 5.77 -2.85
H6 T39 A 7 -2.15 7.41 -0.69
HCA2 T39 A 7 -1.52 9.25 4.47
HCA1 T39 A 7 0.21 8.84 4.45
HCD1 T39 A 7 -0.84 11.91 7.62
HCD2 T39 A 7 0.91 11.57 7.54
HCD3 T39 A 7 -0.14 10.64 8.64
HCB1 T39 A 7 -1.03 11.51 5.25
HCB2 T39 A 7 0.72 11.17 5.18
P T39 A 8 1.27 11.55 -0.11
OP1 T39 A 8 1.55 13.00 -0.17
OP2 T39 A 8 1.35 10.76 -1.36
O5' T39 A 8 2.26 10.88 0.97
C5' T39 A 8 2.45 11.46 2.26
C4' T39 A 8 2.98 10.44 3.27
O4' T39 A 8 2.25 9.24 3.17
C3' T39 A 8 4.44 9.98 3.19
O3' T39 A 8 5.34 10.91 3.77
C2' T39 A 8 4.34 8.68 4.00
O2' T39 A 8 4.41 8.91 5.40
C1' T39 A 8 2.99 8.12 3.58
N1 T39 A 8 3.13 7.06 2.55
C2 T39 A 8 3.64 5.81 2.94
O2 T39 A 8 4.16 5.56 4.02
N3 T39 A 8 3.56 4.80 2.02
C4 T39 A 8 3.09 4.92 0.76
O4 T39 A 8 3.05 3.93 0.06
C5 T39 A 8 2.66 6.27 0.41
C7 T39 A 8 2.12 6.58 -0.95
C6 T39 A 8 2.74 7.30 1.27
CA' T39 A 8 4.59 7.73 6.18
CD' T39 A 8 6.86 9.46 7.23
CB' T39 A 8 4.94 8.10 7.64
OC' T39 A 8 6.33 8.31 7.86
H5' T39 A 8 3.13 12.31 2.19
H5'' T39 A 8 1.50 11.83 2.63
H4' T39 A 8 2.84 10.85 4.28
H3' T39 A 8 4.70 9.75 2.15
H7 T39 A 8 5.12 8.00 3.66
H1' T39 A 8 2.39 7.64 4.33
H3 T39 A 8 3.86 3.87 2.30
H71 T39 A 8 2.99 6.75 -1.59
H72 T39 A 8 1.49 7.46 -0.90
H73 T39 A 8 1.53 5.71 -1.26
H6 T39 A 8 2.49 8.30 0.97
HCA2 T39 A 8 3.66 7.17 6.18
HCA1 T39 A 8 5.39 7.12 5.78
HCD1 T39 A 8 6.81 9.38 6.15
HCD2 T39 A 8 7.90 9.59 7.51
HCD3 T39 A 8 6.31 10.35 7.54
HCB1 T39 A 8 4.63 7.26 8.27
HCB2 T39 A 8 4.36 8.97 7.95
P C5L A 9 6.00 12.11 2.94
N1 C5L A 9 7.42 6.46 2.78
C2 C5L A 9 7.86 5.11 2.70
O2 C5L A 9 8.47 4.53 3.59
N3 C5L A 9 7.63 4.37 1.58
C4 C5L A 9 6.97 4.94 0.60
N4 C5L A 9 6.80 4.18 -0.44
C5 C5L A 9 6.44 6.27 0.66
C6 C5L A 9 6.64 6.97 1.77
C7 C5L A 9 5.53 6.90 -0.35
C1' C5L A 9 7.81 7.32 3.93
C2' C5L A 9 9.34 7.47 4.05
O2' C5L A 9 9.72 7.76 5.40
C3' C5L A 9 9.57 8.68 3.13
O3' C5L A 9 10.81 9.35 3.29
C4' C5L A 9 8.43 9.56 3.56
O4' C5L A 9 7.35 8.67 3.75
C5' C5L A 9 8.18 10.66 2.51
O5' C5L A 9 7.57 11.81 3.07
CA' C5L A 9 9.74 6.62 6.24
CB' C5L A 9 10.34 7.01 7.60
OC' C5L A 9 11.74 7.21 7.48
CD' C5L A 9 12.34 7.57 8.72
OP1 C5L A 9 5.72 13.38 3.65
OP2 C5L A 9 5.65 12.00 1.50
H6 C5L A 9 6.13 7.93 1.81
H5' C5L A 9 7.58 10.26 1.68
H1' C5L A 9 7.34 6.91 4.81
H2' C5L A 9 9.88 6.61 3.67
H3' C5L A 9 9.40 8.37 2.09
H4' C5L A 9 8.70 10.04 4.51
H41 C5L A 9 7.05 3.21 -0.40
H42 C5L A 9 6.43 4.58 -1.28
H5'' C5L A 9 9.14 10.98 2.10
H71 C5L A 9 4.90 7.61 0.19
H72 C5L A 9 4.94 6.12 -0.81
H73 C5L A 9 6.12 7.41 -1.12
HCA1 C5L A 9 10.35 5.82 5.80
HCA2 C5L A 9 8.73 6.25 6.39
HCB1 C5L A 9 10.14 6.21 8.31
HCB2 C5L A 9 9.86 7.92 7.95
HCD1 C5L A 9 11.90 8.51 9.09
HCD2 C5L A 9 13.41 7.70 8.58
HCD3 C5L A 9 12.18 6.78 9.46
P G48 A 10 12.02 9.11 2.27
OP1 G48 A 10 13.14 9.97 2.69
O5' G48 A 10 12.38 7.58 2.55
C5' G48 A 10 12.83 7.16 3.82
C4' G48 A 10 12.98 5.64 3.85
O4' G48 A 10 11.74 4.99 3.54
C3' G48 A 10 14.03 5.16 2.85
O3' G48 A 10 15.38 5.12 3.34
C2' G48 A 10 13.52 3.74 2.60
O2' G48 A 10 13.98 2.87 3.63
C1' G48 A 10 11.99 3.92 2.66
N9 G48 A 10 11.39 4.04 1.33
C8 G48 A 10 10.69 5.05 0.74
N7 G48 A 10 10.20 4.72 -0.43
C5 G48 A 10 10.62 3.39 -0.60
C6 G48 A 10 10.33 2.37 -1.59
O6 G48 A 10 9.63 2.47 -2.59
N1 G48 A 10 10.96 1.16 -1.34
C2 G48 A 10 11.86 0.97 -0.36
N2 G48 A 10 12.54 -0.14 -0.34
N3 G48 A 10 12.11 1.84 0.60
C4 G48 A 10 11.45 3.03 0.43
CA' G48 A 10 13.73 1.48 3.46
CB' G48 A 10 14.47 0.71 4.56
OC' G48 A 10 14.14 1.09 5.89
CD' G48 A 10 12.79 0.85 6.27
OP2 G48 A 10 11.50 9.23 0.89
H5' G48 A 10 13.81 7.62 4.04
H5'' G48 A 10 12.13 7.46 4.60
H4' G48 A 10 13.30 5.33 4.85
H3' G48 A 10 13.96 5.72 1.92
H2' G48 A 10 13.81 3.44 1.60
H1' G48 A 10 11.51 2.98 2.93
H8 G48 A 10 10.57 6.03 1.22
H1 G48 A 10 10.74 0.33 -1.90
H21 G48 A 10 12.48 -0.81 -1.11
H22 G48 A 10 13.14 -0.30 0.45
HCA2 G48 A 10 12.65 1.27 3.51
HCA1 G48 A 10 14.10 1.16 2.49
HCB1 G48 A 10 15.54 0.87 4.40
HCB2 G48 A 10 14.29 -0.36 4.41
HCD1 G48 A 10 12.66 1.14 7.32
HCD2 G48 A 10 12.55 -0.22 6.18
HCD3 G48 A 10 12.11 1.43 5.66
P C5L A 11 16.54 6.01 2.69
N1 C5L A 11 14.76 2.55 -1.09
C2 C5L A 11 14.35 1.81 -2.22
O2 C5L A 11 14.71 0.65 -2.44
N3 C5L A 11 13.53 2.36 -3.16
C4 C5L A 11 13.16 3.61 -3.00
N4 C5L A 11 12.33 4.02 -3.92
C5 C5L A 11 13.62 4.45 -1.92
C6 C5L A 11 14.43 3.86 -1.01
C7 C5L A 11 13.18 5.88 -1.68
C1' C5L A 11 15.54 1.93 0.03
C2' C5L A 11 16.85 1.31 -0.45
O2' C5L A 11 17.11 0.11 0.28
C3' C5L A 11 17.90 2.41 -0.25
O3' C5L A 11 19.19 1.85 -0.05
C4' C5L A 11 17.32 3.29 0.86
O4' C5L A 11 15.97 2.84 1.05
C5' C5L A 11 17.38 4.79 0.45
O5' C5L A 11 16.48 5.66 1.12
CA' C5L A 11 16.35 -1.01 -0.19
CB' C5L A 11 16.61 -2.22 0.69
OC' C5L A 11 16.03 -2.05 1.98
CD' C5L A 11 16.29 -3.14 2.84
OP1 C5L A 11 17.83 5.55 3.25
OP2 C5L A 11 16.17 7.43 2.85
H6 C5L A 11 14.82 4.40 -0.18
H5' C5L A 11 17.17 4.87 -0.62
H1' C5L A 11 14.87 1.22 0.52
H2' C5L A 11 16.77 1.16 -1.51
H3' C5L A 11 17.90 2.98 -1.17
H4' C5L A 11 17.87 3.14 1.78
H41 C5L A 11 11.97 3.37 -4.61
H42 C5L A 11 12.05 4.97 -3.93
H5'' C5L A 11 18.40 5.15 0.60
H71 C5L A 11 13.36 6.13 -0.63
H72 C5L A 11 12.12 5.98 -1.88
H73 C5L A 11 13.73 6.56 -2.34
HCA1 C5L A 11 16.66 -1.24 -1.21
HCA2 C5L A 11 15.29 -0.79 -0.18
HCB1 C5L A 11 17.69 -2.38 0.77
HCB2 C5L A 11 16.17 -3.10 0.21
HCD1 C5L A 11 15.93 -2.92 3.83
HCD2 C5L A 11 17.37 -3.33 2.90
HCD3 C5L A 11 15.80 -4.04 2.46
N1 C5L B 1 11.38 1.77 -12.38
C2 C5L B 1 12.39 1.91 -11.41
O2 C5L B 1 13.47 1.32 -11.49
N3 C5L B 1 12.22 2.71 -10.32
C4 C5L B 1 11.04 3.27 -10.16
N4 C5L B 1 10.99 4.06 -9.12
C5 C5L B 1 9.91 3.06 -11.04
C6 C5L B 1 10.14 2.30 -12.14
C7 C5L B 1 8.54 3.67 -10.79
C1' C5L B 1 11.71 1.04 -13.64
C2' C5L B 1 11.30 -0.45 -13.64
O2' C5L B 1 12.26 -1.20 -14.37
C3' C5L B 1 9.95 -0.41 -14.37
O3' C5L B 1 9.59 -1.63 -15.01
C4' C5L B 1 10.25 0.69 -15.40
O4' C5L B 1 11.05 1.67 -14.74
C5' C5L B 1 9.00 1.30 -16.05
O5' C5L B 1 8.09 1.85 -15.09
CA' C5L B 1 13.45 -1.52 -13.65
CB' C5L B 1 14.43 -2.32 -14.52
OC' C5L B 1 14.18 -3.73 -14.52
CD' C5L B 1 12.95 -4.12 -15.10
H6 C5L B 1 9.33 2.12 -12.85
H5' C5L B 1 8.50 0.54 -16.63
H1' C5L B 1 12.79 1.10 -13.81
H2' C5L B 1 11.17 -0.83 -12.63
H3' C5L B 1 9.18 -0.07 -13.69
H4' C5L B 1 10.85 0.24 -16.18
H41 C5L B 1 11.83 4.18 -8.56
H42 C5L B 1 10.12 4.52 -8.89
H5'' C5L B 1 9.32 2.10 -16.74
H71 C5L B 1 7.84 3.39 -11.58
H72 C5L B 1 8.63 4.76 -10.75
H73 C5L B 1 8.16 3.32 -9.83
HCA1 C5L B 1 13.21 -2.10 -12.75
HCA2 C5L B 1 13.95 -0.60 -13.34
HCB1 C5L B 1 15.43 -2.16 -14.12
HCB2 C5L B 1 14.41 -1.94 -15.54
HCD1 C5L B 1 12.11 -3.76 -14.50
HCD2 C5L B 1 12.90 -5.21 -15.17
HCD3 C5L B 1 12.85 -3.70 -16.12
HO5' C5L B 1 7.32 2.23 -15.57
P G48 B 2 8.87 -2.82 -14.21
OP1 G48 B 2 8.68 -3.93 -15.18
O5' G48 B 2 9.94 -3.32 -13.11
C5' G48 B 2 9.66 -3.28 -11.71
C4' G48 B 2 10.95 -3.52 -10.92
O4' G48 B 2 11.70 -2.31 -10.83
C3' G48 B 2 10.69 -3.96 -9.47
O3' G48 B 2 10.43 -5.37 -9.41
C2' G48 B 2 12.00 -3.52 -8.81
O2' G48 B 2 13.06 -4.43 -9.09
C1' G48 B 2 12.22 -2.17 -9.52
N9 G48 B 2 11.59 -1.01 -8.85
C8 G48 B 2 10.50 -0.28 -9.23
N7 G48 B 2 10.21 0.72 -8.43
C5 G48 B 2 11.21 0.65 -7.45
C6 G48 B 2 11.50 1.48 -6.31
O6 G48 B 2 10.93 2.50 -5.92
N1 G48 B 2 12.56 1.03 -5.55
C2 G48 B 2 13.27 -0.08 -5.83
N2 G48 B 2 14.22 -0.44 -5.02
N3 G48 B 2 13.08 -0.85 -6.91
C4 G48 B 2 12.03 -0.45 -7.67
CA' G48 B 2 14.31 -4.11 -8.51
CB' G48 B 2 15.28 -5.29 -8.70
OC' G48 B 2 16.49 -5.15 -7.95
CD' G48 B 2 17.33 -4.08 -8.37
OP2 G48 B 2 7.68 -2.26 -13.53
H5' G48 B 2 9.24 -2.32 -11.43
H5'' G48 B 2 8.94 -4.07 -11.49
H4' G48 B 2 11.55 -4.29 -11.40
H3' G48 B 2 9.86 -3.39 -9.07
H2' G48 B 2 11.88 -3.39 -7.73
H1' G48 B 2 13.29 -1.95 -9.56
H8 G48 B 2 9.91 -0.51 -10.12
H1 G48 B 2 12.80 1.57 -4.72
H21 G48 B 2 14.37 0.06 -4.14
H22 G48 B 2 14.81 -1.20 -5.29
HCA2 G48 B 2 14.75 -3.23 -8.99
HCA1 G48 B 2 14.21 -3.91 -7.44
HCB1 G48 B 2 15.51 -5.40 -9.76
HCB2 G48 B 2 14.77 -6.19 -8.36
HCD1 G48 B 2 18.26 -4.11 -7.81
HCD2 G48 B 2 16.84 -3.12 -8.19
HCD3 G48 B 2 17.54 -4.17 -9.44
P C5L B 3 9.57 -6.01 -8.23
N1 C5L B 3 11.65 -2.89 -4.38
C2 C5L B 3 11.75 -1.92 -3.37
O2 C5L B 3 12.62 -1.95 -2.50
N3 C5L B 3 10.87 -0.89 -3.32
C4 C5L B 3 9.91 -0.87 -4.22
N4 C5L B 3 9.14 0.17 -4.06
C5 C5L B 3 9.73 -1.85 -5.25
C6 C5L B 3 10.64 -2.86 -5.29
C7 C5L B 3 8.65 -1.76 -6.31
C1' C5L B 3 12.71 -3.93 -4.39
C2' C5L B 3 12.49 -4.99 -3.33
O2' C5L B 3 13.76 -5.57 -2.96
C3' C5L B 3 11.62 -5.99 -4.11
O3' C5L B 3 11.53 -7.26 -3.47
C4' C5L B 3 12.39 -5.98 -5.44
O4' C5L B 3 12.78 -4.63 -5.63
C5' C5L B 3 11.62 -6.53 -6.65
O5' C5L B 3 10.43 -5.80 -6.89
CA' C5L B 3 14.57 -4.75 -2.10
CB' C5L B 3 15.89 -5.47 -1.83
OC' C5L B 3 15.77 -6.60 -0.96
CD' C5L B 3 15.54 -6.27 0.40
OP1 C5L B 3 9.45 -7.47 -8.49
OP2 C5L B 3 8.33 -5.22 -8.09
H6 C5L B 3 10.56 -3.62 -6.03
H5' C5L B 3 11.38 -7.58 -6.47
H1' C5L B 3 13.63 -3.41 -4.17
H2' C5L B 3 11.95 -4.60 -2.47
H3' C5L B 3 10.63 -5.57 -4.27
H4' C5L B 3 13.29 -6.59 -5.30
H41 C5L B 3 9.39 0.88 -3.40
H42 C5L B 3 8.31 0.26 -4.61
H5'' C5L B 3 12.28 -6.47 -7.52
H71 C5L B 3 8.84 -2.48 -7.12
H72 C5L B 3 8.64 -0.77 -6.75
H73 C5L B 3 7.67 -1.96 -5.86
HCA1 C5L B 3 14.05 -4.52 -1.17
HCA2 C5L B 3 14.80 -3.81 -2.60
HCB1 C5L B 3 16.60 -4.77 -1.40
HCB2 C5L B 3 16.30 -5.81 -2.79
HCD1 C5L B 3 16.37 -5.67 0.78
HCD2 C5L B 3 15.48 -7.19 0.98
HCD3 C5L B 3 14.61 -5.73 0.52
P G48 B 4 10.40 -7.53 -2.36
OP1 G48 B 4 10.70 -8.81 -1.69
O5' G48 B 4 10.55 -6.33 -1.29
C5' G48 B 4 11.66 -6.26 -0.40
C4' G48 B 4 11.65 -4.98 0.46
O4' G48 B 4 11.46 -3.76 -0.25
C3' G48 B 4 10.53 -5.05 1.49
O3' G48 B 4 10.87 -5.97 2.51
C2' G48 B 4 10.39 -3.57 1.85
O2' G48 B 4 11.01 -3.11 3.07
C1' G48 B 4 10.92 -2.79 0.65
N9 G48 B 4 9.81 -2.01 0.11
C8 G48 B 4 9.07 -2.28 -1.00
N7 G48 B 4 8.17 -1.36 -1.26
C5 G48 B 4 8.38 -0.41 -0.25
C6 G48 B 4 7.83 0.90 -0.05
O6 G48 B 4 6.92 1.44 -0.68
N1 G48 B 4 8.41 1.61 1.01
C2 G48 B 4 9.21 1.02 1.92
N2 G48 B 4 9.47 1.72 3.00
N3 G48 B 4 9.75 -0.19 1.78
C4 G48 B 4 9.33 -0.83 0.64
CA' G48 B 4 12.40 -3.32 3.23
CB' G48 B 4 12.82 -2.71 4.58
OC' G48 B 4 12.30 -3.36 5.72
CD' G48 B 4 12.77 -4.69 5.91
OP2 G48 B 4 9.08 -7.36 -3.02
H5' G48 B 4 11.65 -7.14 0.26
H5'' G48 B 4 12.58 -6.31 -0.96
H4' G48 B 4 12.58 -4.93 1.00
H3' G48 B 4 9.62 -5.37 0.97
H2' G48 B 4 9.31 -3.38 1.90
H1' G48 B 4 11.61 -1.99 0.88
H8 G48 B 4 9.26 -3.18 -1.56
H1 G48 B 4 8.27 2.60 1.14
H21 G48 B 4 9.05 2.65 3.15
H22 G48 B 4 10.08 1.31 3.68
HCA2 G48 B 4 12.65 -4.37 3.20
HCA1 G48 B 4 12.94 -2.80 2.44
HCB1 G48 B 4 12.48 -1.68 4.59
HCB2 G48 B 4 13.91 -2.69 4.63
HCD1 G48 B 4 12.42 -5.35 5.11
HCD2 G48 B 4 12.39 -5.08 6.86
HCD3 G48 B 4 13.87 -4.71 5.94
P A44 B 5 9.80 -6.53 3.56
OP2 A44 B 5 8.53 -6.76 2.85
OP1 A44 B 5 10.43 -7.67 4.28
O5' A44 B 5 9.64 -5.32 4.60
C5' A44 B 5 8.39 -4.68 4.84
C4' A44 B 5 8.62 -3.30 5.44
O4' A44 B 5 8.74 -2.29 4.44
C3' A44 B 5 7.46 -2.90 6.35
O3' A44 B 5 7.70 -3.43 7.65
C2' A44 B 5 7.51 -1.36 6.25
O2' A44 B 5 8.47 -0.81 7.14
C1' A44 B 5 8.01 -1.15 4.82
N9 A44 B 5 7.01 -0.85 3.79
C8 A44 B 5 6.54 -1.68 2.80
N7 A44 B 5 5.67 -1.12 1.98
C5 A44 B 5 5.59 0.19 2.49
C6 A44 B 5 4.93 1.38 2.08
N6 A44 B 5 4.15 1.52 1.04
N1 A44 B 5 5.07 2.51 2.75
C2 A44 B 5 5.87 2.52 3.81
N3 A44 B 5 6.53 1.49 4.33
C4 A44 B 5 6.35 0.34 3.61
CA' A44 B 5 8.27 0.58 7.38
CD' A44 B 5 9.00 3.44 7.80
OC' A44 B 5 9.08 2.43 8.79
CB' A44 B 5 9.38 1.13 8.27
H5' A44 B 5 7.84 -4.56 3.90
H5'' A44 B 5 7.80 -5.30 5.51
H4' A44 B 5 9.54 -3.30 6.04
H3' A44 B 5 6.53 -3.27 5.93
H2' A44 B 5 6.51 -0.94 6.40
H1' A44 B 5 8.65 -0.28 4.84
H8 A44 B 5 6.89 -2.71 2.70
H61 A44 B 5 3.79 2.44 0.81
H62 A44 B 5 3.92 0.74 0.48
H2 A44 B 5 5.95 3.48 4.30
HCA2 A44 B 5 8.27 1.13 6.44
HCA1 A44 B 5 7.33 0.73 7.89
HCD1 A44 B 5 9.93 3.51 7.25
HCD2 A44 B 5 8.81 4.40 8.30
HCD3 A44 B 5 8.17 3.25 7.12
HCB1 A44 B 5 10.33 1.15 7.72
HCB2 A44 B 5 9.52 0.45 9.12
P A44 B 6 6.54 -3.50 8.74
OP2 A44 B 6 5.41 -4.26 8.17
OP1 A44 B 6 7.15 -3.96 10.02
O5' A44 B 6 6.12 -1.96 8.93
C5' A44 B 6 4.84 -1.51 8.56
C4' A44 B 6 4.73 0.03 8.67
O4' A44 B 6 4.93 0.70 7.42
C3' A44 B 6 3.36 0.38 9.21
O3' A44 B 6 3.53 0.55 10.62
C2' A44 B 6 2.97 1.65 8.44
O2' A44 B 6 3.34 2.83 9.19
C1' A44 B 6 3.84 1.58 7.19
N9 A44 B 6 3.19 1.20 5.90
C8 A44 B 6 3.22 -0.01 5.26
N7 A44 B 6 2.68 0.00 4.07
C5 A44 B 6 2.18 1.31 3.96
C6 A44 B 6 1.48 2.07 2.96
N6 A44 B 6 1.09 1.67 1.77
N1 A44 B 6 1.16 3.33 3.20
C2 A44 B 6 1.50 3.87 4.35
N3 A44 B 6 2.12 3.30 5.38
C4 A44 B 6 2.45 2.01 5.10
CA' A44 B 6 2.79 4.05 8.70
CD' A44 B 6 1.38 5.15 11.14
OC' A44 B 6 2.79 5.10 10.97
CB' A44 B 6 3.22 5.21 9.62
H5' A44 B 6 4.59 -1.82 7.54
H5'' A44 B 6 4.12 -1.97 9.24
H4' A44 B 6 5.48 0.38 9.37
H3' A44 B 6 2.65 -0.41 8.95
H2' A44 B 6 1.93 1.63 8.18
H1' A44 B 6 4.19 2.58 7.00
H8 A44 B 6 3.69 -0.86 5.74
H61 A44 B 6 0.59 2.31 1.15
H62 A44 B 6 1.28 0.74 1.47
H2 A44 B 6 1.26 4.91 4.50
HCA2 A44 B 6 3.17 4.26 7.70
HCA1 A44 B 6 1.71 4.00 8.65
HCD1 A44 B 6 0.90 4.28 10.69
HCD2 A44 B 6 0.98 6.07 10.69
HCD3 A44 B 6 1.15 5.15 12.20
HCB1 A44 B 6 2.84 6.15 9.19
HCB2 A44 B 6 4.31 5.26 9.61
P T39 B 7 2.44 0.11 11.68
OP1 T39 B 7 2.98 0.44 13.04
OP2 T39 B 7 2.04 -1.28 11.39
O5' T39 B 7 1.23 1.11 11.38
C5' T39 B 7 0.12 0.67 10.63
C4' T39 B 7 -0.70 1.87 10.15
O4' T39 B 7 -0.16 2.53 8.98
C3' T39 B 7 -2.10 1.39 9.78
O3' T39 B 7 -2.97 1.23 10.89
C2' T39 B 7 -2.45 2.55 8.85
O2' T39 B 7 -2.74 3.72 9.64
C1' T39 B 7 -1.19 2.72 8.02
N1 T39 B 7 -1.04 1.81 6.85
C2 T39 B 7 -1.76 2.17 5.71
O2 T39 B 7 -2.43 3.20 5.64
N3 T39 B 7 -1.70 1.34 4.64
C4 T39 B 7 -0.93 0.24 4.52
O4 T39 B 7 -0.90 -0.29 3.41
C5 T39 B 7 -0.25 -0.15 5.75
C7 T39 B 7 0.48 -1.46 5.90
C6 T39 B 7 -0.26 0.66 6.84
CA' T39 B 7 -2.87 4.98 8.96
CD' T39 B 7 -1.30 6.51 6.80
CB' T39 B 7 -1.57 5.82 9.08
OC' T39 B 7 -1.50 6.89 8.16
H5' T39 B 7 0.43 0.08 9.78
H5'' T39 B 7 -0.50 0.05 11.28
H4' T39 B 7 -0.80 2.58 10.96
H3' T39 B 7 -2.02 0.47 9.20
H7 T39 B 7 -3.25 2.25 8.21
H1' T39 B 7 -1.31 3.70 7.58
H3 T39 B 7 -2.30 1.55 3.86
H71 T39 B 7 -0.29 -2.19 6.15
H72 T39 B 7 1.24 -1.37 6.69
H73 T39 B 7 0.95 -1.74 4.97
H6 T39 B 7 0.35 0.38 7.68
HCA2 T39 B 7 -3.12 4.82 7.92
HCA1 T39 B 7 -3.68 5.55 9.43
HCD1 T39 B 7 -0.39 5.91 6.72
HCD2 T39 B 7 -1.18 7.41 6.19
HCD3 T39 B 7 -2.15 5.95 6.41
HCB1 T39 B 7 -0.69 5.18 8.95
HCB2 T39 B 7 -1.52 6.22 10.10
P T39 B 8 -4.35 0.43 10.79
OP1 T39 B 8 -4.95 0.38 12.15
OP2 T39 B 8 -4.09 -0.85 10.09
O5' T39 B 8 -5.32 1.32 9.85
C5' T39 B 8 -5.75 2.62 10.24
C4' T39 B 8 -6.16 3.47 9.03
O4' T39 B 8 -5.14 3.36 8.06
C3' T39 B 8 -7.43 3.13 8.26
O3' T39 B 8 -8.63 3.72 8.78
C2' T39 B 8 -7.08 3.72 6.88
O2' T39 B 8 -7.31 5.13 6.82
C1' T39 B 8 -5.60 3.43 6.74
N1 T39 B 8 -5.34 2.25 5.88
C2 T39 B 8 -5.64 2.30 4.50
O2 T39 B 8 -6.32 3.16 3.98
N3 T39 B 8 -5.14 1.30 3.73
C4 T39 B 8 -4.47 0.22 4.18
O4 T39 B 8 -4.08 -0.61 3.37
C5 T39 B 8 -4.31 0.17 5.63
C7 T39 B 8 -3.60 -0.96 6.27
C6 T39 B 8 -4.80 1.14 6.43
CA' T39 B 8 -7.24 5.69 5.52
CD' T39 B 8 -5.03 7.75 5.62
CB' T39 B 8 -7.37 7.21 5.60
OC' T39 B 8 -6.28 7.86 6.27
H5' T39 B 8 -6.56 2.54 10.96
H5'' T39 B 8 -4.93 3.13 10.75
H4' T39 B 8 -6.24 4.51 9.35
H3' T39 B 8 -7.51 2.04 8.16
H7 T39 B 8 -7.61 3.15 6.12
H1' T39 B 8 -4.99 4.19 6.27
H3 T39 B 8 -5.25 1.38 2.72
H71 T39 B 8 -3.37 -0.69 7.30
H72 T39 B 8 -2.69 -1.11 5.70
H73 T39 B 8 -4.30 -1.80 6.24
H6 T39 B 8 -4.75 1.03 7.50
HCA2 T39 B 8 -6.30 5.43 5.04
HCA1 T39 B 8 -8.06 5.30 4.92
HCD1 T39 B 8 -4.29 8.36 6.14
HCD2 T39 B 8 -5.09 8.09 4.59
HCD3 T39 B 8 -4.67 6.71 5.63
HCB1 T39 B 8 -8.30 7.45 6.13
HCB2 T39 B 8 -7.46 7.60 4.59
P C5L B 9 -9.63 2.92 9.73
N1 C5L B 9 -9.24 1.48 4.27
C2 C5L B 9 -9.32 1.08 2.93
O2 C5L B 9 -9.87 1.74 2.05
N3 C5L B 9 -8.75 -0.07 2.52
C4 C5L B 9 -8.12 -0.80 3.42
N4 C5L B 9 -7.64 -1.91 2.95
C5 C5L B 9 -7.96 -0.41 4.79
C6 C5L B 9 -8.48 0.76 5.16
C7 C5L B 9 -7.10 -1.07 5.82
C1' C5L B 9 -9.98 2.68 4.76
C2' C5L B 9 -11.50 2.60 4.54
O2' C5L B 9 -12.07 3.91 4.48
C3' C5L B 9 -11.89 1.80 5.79
O3' C5L B 9 -13.25 1.87 6.16
C4' C5L B 9 -11.02 2.40 6.86
O4' C5L B 9 -9.84 2.83 6.17
C5' C5L B 9 -10.80 1.31 7.94
O5' C5L B 9 -9.80 1.53 8.93
CA' C5L B 9 -11.93 4.50 3.19
CB' C5L B 9 -12.59 5.87 3.19
OC' C5L B 9 -12.48 6.45 1.89
CD' C5L B 9 -13.11 7.72 1.80
OP1 C5L B 9 -10.93 3.63 9.76
OP2 C5L B 9 -8.95 2.62 11.01
H6 C5L B 9 -8.24 1.07 6.17
H5' C5L B 9 -10.56 0.36 7.45
H1' C5L B 9 -9.53 3.53 4.26
H2' C5L B 9 -11.76 2.02 3.64
H3' C5L B 9 -11.55 0.77 5.63
H4' C5L B 9 -11.51 3.27 7.29
H41 C5L B 9 -7.65 -2.07 1.96
H42 C5L B 9 -7.29 -2.59 3.56
H5'' C5L B 9 -11.76 1.17 8.45
H71 C5L B 9 -6.26 -1.52 5.33
H72 C5L B 9 -7.67 -1.83 6.35
H73 C5L B 9 -6.78 -0.27 6.51
HCA1 C5L B 9 -12.40 3.87 2.44
HCA2 C5L B 9 -10.88 4.62 2.94
HCB1 C5L B 9 -12.11 6.51 3.92
HCB2 C5L B 9 -13.65 5.75 3.44
HCD1 C5L B 9 -12.98 8.13 0.80
HCD2 C5L B 9 -12.67 8.40 2.53
HCD3 C5L B 9 -14.18 7.63 2.01
P G48 B 10 -14.23 0.65 5.88
OP1 G48 B 10 -15.60 1.03 6.30
O5' G48 B 10 -14.17 0.57 4.29
C5' G48 B 10 -14.65 1.63 3.49
C4' G48 B 10 -14.39 1.35 2.01
O4' G48 B 10 -13.00 1.19 1.70
C3' G48 B 10 -15.11 0.08 1.56
O3' G48 B 10 -16.51 0.32 1.39
C2' G48 B 10 -14.31 -0.20 0.29
O2' G48 B 10 -14.70 0.70 -0.76
C1' G48 B 10 -12.89 0.13 0.76
N9 G48 B 10 -12.16 -1.03 1.25
C8 G48 B 10 -11.70 -1.35 2.50
N7 G48 B 10 -10.99 -2.46 2.52
C5 G48 B 10 -10.97 -2.86 1.17
C6 G48 B 10 -10.23 -3.87 0.44
O6 G48 B 10 -9.44 -4.70 0.88
N1 G48 B 10 -10.49 -3.88 -0.93
C2 G48 B 10 -11.41 -3.09 -1.52
N2 G48 B 10 -11.69 -3.28 -2.77
N3 G48 B 10 -12.06 -2.11 -0.91
C4 G48 B 10 -11.79 -2.05 0.43
CA' G48 B 10 -14.05 0.52 -2.02
CB' G48 B 10 -14.46 1.64 -2.99
OC' G48 B 10 -13.70 2.83 -2.83
CD' G48 B 10 -13.90 3.50 -1.58
OP2 G48 B 10 -13.61 -0.58 6.44
H5' G48 B 10 -15.72 1.75 3.64
H5'' G48 B 10 -14.16 2.56 3.76
H4' G48 B 10 -14.77 2.18 1.42
H3' G48 B 10 -14.93 -0.72 2.29
H2' G48 B 10 -14.37 -1.23 0.03
H1' G48 B 10 -12.25 0.31 -0.10
H8 G48 B 10 -11.91 -0.72 3.36
H1 G48 B 10 -9.97 -4.49 -1.56
H21 G48 B 10 -11.31 -4.10 -3.27
H22 G48 B 10 -12.28 -2.62 -3.23
HCA2 G48 B 10 -12.97 0.52 -1.93
HCA1 G48 B 10 -14.35 -0.44 -2.45
HCB1 G48 B 10 -15.53 1.83 -2.88
HCB2 G48 B 10 -14.30 1.28 -4.00
HCD1 G48 B 10 -14.97 3.64 -1.40
HCD2 G48 B 10 -13.43 4.48 -1.62
HCD3 G48 B 10 -13.46 2.93 -0.77
P C5L B 11 -17.62 -0.81 1.73
N1 C5L B 11 -14.47 -4.16 -0.83
C2 C5L B 11 -13.67 -5.27 -1.16
O2 C5L B 11 -13.57 -5.68 -2.31
N3 C5L B 11 -12.95 -5.91 -0.22
C4 C5L B 11 -13.10 -5.55 1.03
N4 C5L B 11 -12.33 -6.21 1.85
C5 C5L B 11 -14.01 -4.51 1.46
C6 C5L B 11 -14.67 -3.84 0.49
C7 C5L B 11 -14.17 -4.08 2.91
C1' C5L B 11 -15.08 -3.35 -1.93
C2' C5L B 11 -16.14 -4.17 -2.69
O2' C5L B 11 -15.92 -4.14 -4.11
C3' C5L B 11 -17.47 -3.62 -2.13
O3' C5L B 11 -18.58 -3.76 -3.02
C4' C5L B 11 -17.11 -2.16 -1.88
O4' C5L B 11 -15.75 -2.17 -1.49
C5' C5L B 11 -17.92 -1.42 -0.82
O5' C5L B 11 -17.55 -1.83 0.49
CA' C5L B 11 -16.05 -2.91 -4.81
CB' C5L B 11 -15.74 -3.14 -6.30
OC' C5L B 11 -16.64 -4.05 -6.94
CD' C5L B 11 -18.00 -3.60 -7.01
OP1 C5L B 11 -18.95 -0.15 1.70
OP2 C5L B 11 -17.22 -1.54 2.95
H6 C5L B 11 -15.36 -3.06 0.74
H5' C5L B 11 -18.98 -1.57 -0.99
H1' C5L B 11 -14.25 -2.98 -2.54
H2' C5L B 11 -16.08 -5.21 -2.38
H3' C5L B 11 -17.67 -4.09 -1.18
H4' C5L B 11 -17.20 -1.61 -2.81
H41 C5L B 11 -11.66 -6.87 1.49
H42 C5L B 11 -12.41 -6.06 2.83
H5'' C5L B 11 -17.70 -0.35 -0.94
H71 C5L B 11 -14.73 -3.14 2.96
H72 C5L B 11 -13.19 -3.91 3.35
H73 C5L B 11 -14.68 -4.86 3.46
HCA1 C5L B 11 -15.34 -2.17 -4.42
HCA2 C5L B 11 -17.06 -2.51 -4.72
HCB1 C5L B 11 -14.74 -3.55 -6.38
HCB2 C5L B 11 -15.76 -2.18 -6.82
HCD1 C5L B 11 -18.04 -2.61 -7.46
HCD2 C5L B 11 -18.43 -3.57 -6.02
HCD3 C5L B 11 -18.57 -4.29 -7.62
N1 C5L A 1 -9.13 -13.79 2.71
C2 C5L A 1 -10.36 -13.21 2.35
O2 C5L A 1 -11.19 -13.82 1.68
N3 C5L A 1 -10.68 -11.95 2.72
C4 C5L A 1 -9.80 -11.27 3.41
N4 C5L A 1 -10.22 -10.07 3.73
C5 C5L A 1 -8.50 -11.78 3.78
C6 C5L A 1 -8.20 -13.05 3.41
C7 C5L A 1 -7.47 -10.94 4.56
C1' C5L A 1 -8.88 -15.22 2.34
C2' C5L A 1 -8.03 -15.35 1.05
O2' C5L A 1 -8.66 -16.22 0.11
C3' C5L A 1 -6.71 -15.95 1.58
O3' C5L A 1 -6.03 -16.82 0.68
C4' C5L A 1 -7.22 -16.74 2.79
O4' C5L A 1 -8.19 -15.88 3.38
C5' C5L A 1 -6.09 -17.09 3.77
O5' C5L A 1 -6.55 -17.98 4.80
CA' C5L A 1 -9.91 -15.74 -0.38
CB' C5L A 1 -10.29 -16.47 -1.66
OC' C5L A 1 -10.73 -17.80 -1.35
CD' C5L A 1 -11.13 -18.48 -2.51
H6 C5L A 1 -7.25 -13.49 3.66
H5' C5L A 1 -5.71 -16.18 4.22
H1' C5L A 1 -9.82 -15.73 2.16
H2' C5L A 1 -7.83 -14.37 0.60
H3' C5L A 1 -6.07 -15.14 1.94
H4' C5L A 1 -7.69 -17.65 2.43
H41 C5L A 1 -11.15 -9.81 3.42
H42 C5L A 1 -9.63 -9.46 4.26
H5'' C5L A 1 -5.28 -17.57 3.22
H71 C5L A 1 -6.56 -11.51 4.73
H72 C5L A 1 -7.89 -10.65 5.51
H73 C5L A 1 -7.23 -10.04 3.98
HCA1 C5L A 1 -9.87 -14.68 -0.59
HCA2 C5L A 1 -10.70 -15.92 0.36
HCB1 C5L A 1 -9.42 -16.50 -2.33
HCB2 C5L A 1 -11.10 -15.93 -2.14
HCD1 C5L A 1 -11.46 -19.49 -2.24
HCD2 C5L A 1 -10.28 -18.56 -3.20
HCD3 C5L A 1 -11.94 -17.95 -2.99
HO5' C5L A 1 -5.82 -18.18 5.40
P G48 A 2 -5.03 -16.27 -0.45
OP1 G48 A 2 -4.40 -17.46 -1.08
O5' G48 A 2 -5.97 -15.59 -1.57
C5' G48 A 2 -5.85 -14.22 -1.92
C4' G48 A 2 -7.07 -13.77 -2.72
O4' G48 A 2 -8.17 -13.57 -1.83
C3' G48 A 2 -6.87 -12.45 -3.47
O3' G48 A 2 -6.21 -12.67 -4.70
C2' G48 A 2 -8.31 -11.96 -3.58
O2' G48 A 2 -9.00 -12.58 -4.68
C1' G48 A 2 -8.91 -12.43 -2.25
N9 G48 A 2 -8.87 -11.40 -1.18
C8 G48 A 2 -8.05 -11.32 -0.07
N7 G48 A 2 -8.31 -10.30 0.70
C5 G48 A 2 -9.37 -9.65 0.07
C6 G48 A 2 -10.13 -8.48 0.42
O6 G48 A 2 -10.05 -7.76 1.42
N1 G48 A 2 -11.09 -8.14 -0.51
C2 G48 A 2 -11.31 -8.83 -1.65
N2 G48 A 2 -12.21 -8.39 -2.48
N3 G48 A 2 -10.66 -9.94 -2.00
C4 G48 A 2 -9.69 -10.30 -1.11
CA' G48 A 2 -10.34 -12.13 -4.87
CB' G48 A 2 -10.82 -12.53 -6.27
OC' G48 A 2 -12.13 -12.08 -6.56
CD' G48 A 2 -12.26 -10.67 -6.69
OP2 G48 A 2 -4.16 -15.24 0.17
H5' G48 A 2 -5.76 -13.59 -1.03
H5'' G48 A 2 -4.95 -14.09 -2.53
H4' G48 A 2 -7.34 -14.53 -3.46
H3' G48 A 2 -6.30 -11.77 -2.82
H2' G48 A 2 -8.35 -10.87 -3.68
H1' G48 A 2 -9.96 -12.71 -2.37
H8 G48 A 2 -7.27 -12.03 0.12
H1 G48 A 2 -11.66 -7.32 -0.31
H21 G48 A 2 -12.68 -7.51 -2.31
H22 G48 A 2 -12.42 -8.95 -3.29
HCA2 G48 A 2 -11.00 -12.60 -4.14
HCA1 G48 A 2 -10.39 -11.05 -4.74
HCB1 G48 A 2 -10.79 -13.61 -6.34
HCB2 G48 A 2 -10.12 -12.13 -7.01
HCD1 G48 A 2 -13.27 -10.43 -7.02
HCD2 G48 A 2 -11.55 -10.29 -7.43
HCD3 G48 A 2 -12.09 -10.17 -5.73
P C5L A 3 -5.30 -11.53 -5.40
N1 C5L A 3 -8.91 -7.63 -4.35
C2 C5L A 3 -9.56 -6.56 -3.72
O2 C5L A 3 -10.49 -5.97 -4.26
N3 C5L A 3 -9.18 -6.14 -2.51
C4 C5L A 3 -8.15 -6.73 -1.95
N4 C5L A 3 -7.88 -6.24 -0.77
C5 C5L A 3 -7.41 -7.81 -2.54
C6 C5L A 3 -7.82 -8.23 -3.76
C7 C5L A 3 -6.25 -8.51 -1.85
C1' C5L A 3 -9.44 -8.08 -5.65
C2' C5L A 3 -8.90 -7.23 -6.81
O2' C5L A 3 -9.86 -7.19 -7.88
C3' C5L A 3 -7.64 -8.02 -7.18
O3' C5L A 3 -7.10 -7.64 -8.43
C4' C5L A 3 -8.22 -9.44 -7.10
O4' C5L A 3 -9.10 -9.43 -5.97
C5' C5L A 3 -7.19 -10.58 -6.98
O5' C5L A 3 -6.34 -10.40 -5.87
CA' C5L A 3 -11.04 -6.43 -7.62
CB' C5L A 3 -11.85 -6.29 -8.92
OC' C5L A 3 -11.39 -5.23 -9.75
CD' C5L A 3 -11.81 -3.93 -9.32
OP1 C5L A 3 -4.67 -12.13 -6.60
OP2 C5L A 3 -4.43 -10.95 -4.36
H6 C5L A 3 -7.31 -9.03 -4.25
H5' C5L A 3 -6.60 -10.60 -7.90
H1' C5L A 3 -10.51 -7.94 -5.61
H2' C5L A 3 -8.64 -6.24 -6.46
H3' C5L A 3 -6.89 -7.90 -6.39
H4' C5L A 3 -8.82 -9.61 -7.99
H41 C5L A 3 -8.50 -5.56 -0.36
H42 C5L A 3 -7.06 -6.53 -0.29
H5'' C5L A 3 -7.72 -11.52 -6.89
H71 C5L A 3 -6.55 -8.84 -0.86
H72 C5L A 3 -5.41 -7.82 -1.73
H73 C5L A 3 -5.92 -9.38 -2.42
HCA1 C5L A 3 -10.79 -5.45 -7.22
HCA2 C5L A 3 -11.66 -6.96 -6.90
HCB1 C5L A 3 -12.90 -6.12 -8.66
HCB2 C5L A 3 -11.79 -7.23 -9.47
HCD1 C5L A 3 -11.32 -3.17 -9.92
HCD2 C5L A 3 -11.58 -3.76 -8.27
HCD3 C5L A 3 -12.89 -3.83 -9.46
P G48 A 4 -6.08 -6.41 -8.53
OP1 G48 A 4 -5.89 -6.10 -9.98
O5' G48 A 4 -6.83 -5.16 -7.84
C5' G48 A 4 -7.93 -4.52 -8.46
C4' G48 A 4 -8.59 -3.48 -7.54
O4' G48 A 4 -8.95 -3.94 -6.23
C3' G48 A 4 -7.72 -2.26 -7.33
O3' G48 A 4 -7.66 -1.51 -8.54
C2' G48 A 4 -8.50 -1.61 -6.16
O2' G48 A 4 -9.55 -0.79 -6.67
C1' G48 A 4 -9.02 -2.81 -5.36
N9 G48 A 4 -8.18 -2.91 -4.17
C8 G48 A 4 -7.19 -3.78 -3.94
N7 G48 A 4 -6.68 -3.72 -2.73
C5 G48 A 4 -7.42 -2.68 -2.14
C6 G48 A 4 -7.44 -2.13 -0.80
O6 G48 A 4 -6.74 -2.45 0.15
N1 G48 A 4 -8.40 -1.14 -0.61
C2 G48 A 4 -9.03 -0.53 -1.64
N2 G48 A 4 -9.63 0.60 -1.38
N3 G48 A 4 -9.06 -1.00 -2.88
C4 G48 A 4 -8.27 -2.11 -3.05
CA' G48 A 4 -10.37 -0.15 -5.70
CB' G48 A 4 -11.40 0.74 -6.41
OC' G48 A 4 -12.25 0.03 -7.32
CD' G48 A 4 -12.98 -1.04 -6.75
OP2 G48 A 4 -4.89 -6.74 -7.71
H5' G48 A 4 -7.61 -4.03 -9.37
H5'' G48 A 4 -8.68 -5.26 -8.73
H4' G48 A 4 -9.51 -3.14 -8.03
H3' G48 A 4 -6.74 -2.58 -7.00
H2' G48 A 4 -7.76 -1.09 -5.54
H1' G48 A 4 -10.01 -2.72 -4.92
H8 G48 A 4 -6.91 -4.45 -4.74
H1 G48 A 4 -8.66 -0.81 0.32
H21 G48 A 4 -9.57 1.02 -0.45
H22 G48 A 4 -10.16 1.03 -2.12
HCA2 G48 A 4 -10.90 -0.88 -5.08
HCA1 G48 A 4 -9.77 0.48 -5.05
HCB1 G48 A 4 -10.87 1.51 -6.96
HCB2 G48 A 4 -12.00 1.23 -5.65
HCD1 G48 A 4 -13.44 -0.74 -5.80
HCD2 G48 A 4 -12.32 -1.89 -6.57
HCD3 G48 A 4 -13.76 -1.35 -7.44
P A44 A 5 -6.53 -0.42 -8.86
OP2 A44 A 5 -5.24 -0.92 -8.33
OP1 A44 A 5 -6.63 -0.09 -10.30
O5' A44 A 5 -6.97 0.89 -8.04
C5' A44 A 5 -6.16 1.49 -7.04
C4' A44 A 5 -7.03 2.30 -6.07
O4' A44 A 5 -7.59 1.42 -5.10
C3' A44 A 5 -6.27 3.36 -5.31
O3' A44 A 5 -6.09 4.56 -6.04
C2' A44 A 5 -7.16 3.51 -4.06
O2' A44 A 5 -8.38 4.19 -4.33
C1' A44 A 5 -7.52 2.05 -3.82
N9 A44 A 5 -6.55 1.33 -2.97
C8 A44 A 5 -5.70 0.30 -3.31
N7 A44 A 5 -4.98 -0.15 -2.32
C5 A44 A 5 -5.41 0.64 -1.24
C6 A44 A 5 -5.13 0.69 0.14
N6 A44 A 5 -4.29 -0.08 0.76
N1 A44 A 5 -5.71 1.55 0.96
C2 A44 A 5 -6.62 2.36 0.44
N3 A44 A 5 -6.99 2.46 -0.83
C4 A44 A 5 -6.34 1.56 -1.63
CA' A44 A 5 -9.14 4.52 -3.17
CD' A44 A 5 -11.70 4.43 -1.63
OC' A44 A 5 -11.30 5.50 -2.47
CB' A44 A 5 -10.49 5.10 -3.58
H5' A44 A 5 -5.61 0.73 -6.47
H5'' A44 A 5 -5.44 2.15 -7.52
H4' A44 A 5 -7.83 2.79 -6.63
H3' A44 A 5 -5.29 2.95 -5.00
H2' A44 A 5 -6.62 3.94 -3.23
H1' A44 A 5 -8.46 1.99 -3.32
H8 A44 A 5 -5.64 -0.10 -4.32
H61 A44 A 5 -4.17 0.01 1.76
H62 A44 A 5 -3.76 -0.75 0.27
H2 A44 A 5 -7.09 3.01 1.17
HCA2 A44 A 5 -9.30 3.63 -2.55
HCA1 A44 A 5 -8.61 5.26 -2.57
HCD1 A44 A 5 -12.13 3.62 -2.21
HCD2 A44 A 5 -12.45 4.79 -0.92
HCD3 A44 A 5 -10.84 4.06 -1.06
HCB1 A44 A 5 -11.03 4.36 -4.18
HCB2 A44 A 5 -10.31 5.97 -4.22
P A44 A 6 -4.90 5.58 -5.70
OP2 A44 A 6 -3.63 4.82 -5.72
OP1 A44 A 6 -5.04 6.76 -6.58
O5' A44 A 6 -5.19 6.03 -4.18
C5' A44 A 6 -6.33 6.80 -3.84
C4' A44 A 6 -6.43 7.00 -2.32
O4' A44 A 6 -6.35 5.79 -1.57
C3' A44 A 6 -5.34 7.95 -1.85
O3' A44 A 6 -5.85 9.27 -1.98
C2' A44 A 6 -5.11 7.47 -0.41
O2' A44 A 6 -6.04 8.11 0.47
C1' A44 A 6 -5.50 5.99 -0.45
N9 A44 A 6 -4.45 4.94 -0.45
C8 A44 A 6 -3.95 4.22 -1.49
N7 A44 A 6 -3.17 3.22 -1.14
C5 A44 A 6 -3.10 3.35 0.26
C6 A44 A 6 -2.47 2.64 1.32
N6 A44 A 6 -1.74 1.55 1.21
N1 A44 A 6 -2.57 3.05 2.57
C2 A44 A 6 -3.29 4.16 2.81
N3 A44 A 6 -3.92 4.93 1.94
C4 A44 A 6 -3.81 4.46 0.67
CA' A44 A 6 -5.71 8.08 1.85
CD' A44 A 6 -7.28 10.67 1.57
OC' A44 A 6 -6.98 10.01 2.80
CB' A44 A 6 -6.88 8.59 2.70
H5' A44 A 6 -6.28 7.78 -4.32
H5'' A44 A 6 -7.23 6.31 -4.20
H4' A44 A 6 -7.39 7.46 -2.10
H3' A44 A 6 -4.43 7.80 -2.44
H2' A44 A 6 -4.07 7.60 -0.13
H1' A44 A 6 -6.04 5.81 0.48
H8 A44 A 6 -4.18 4.49 -2.50
H61 A44 A 6 -1.32 1.14 2.04
H62 A44 A 6 -1.61 1.14 0.32
H2 A44 A 6 -3.35 4.47 3.83
HCA2 A44 A 6 -5.49 7.06 2.16
HCA1 A44 A 6 -4.85 8.70 2.06
HCD1 A44 A 6 -8.17 10.23 1.11
HCD2 A44 A 6 -6.44 10.59 0.89
HCD3 A44 A 6 -7.47 11.72 1.77
HCB1 A44 A 6 -6.75 8.20 3.71
HCB2 A44 A 6 -7.82 8.17 2.31
P T39 A 7 -4.92 10.56 -1.99
OP1 T39 A 7 -5.80 11.76 -1.96
OP2 T39 A 7 -3.94 10.42 -3.09
O5' T39 A 7 -4.16 10.48 -0.57
C5' T39 A 7 -2.79 10.16 -0.51
C4' T39 A 7 -2.32 9.94 0.93
O4' T39 A 7 -2.55 8.63 1.47
C3' T39 A 7 -0.83 10.25 0.99
O3' T39 A 7 -0.63 11.63 1.24
C2' T39 A 7 -0.38 9.27 2.07
O2' T39 A 7 -0.38 9.75 3.42
C1' T39 A 7 -1.33 8.08 1.97
N1 T39 A 7 -0.91 6.91 1.17
C2 T39 A 7 -0.06 6.00 1.80
O2 T39 A 7 0.32 6.13 2.95
N3 T39 A 7 0.36 4.92 1.08
C4 T39 A 7 -0.05 4.58 -0.16
O4 T39 A 7 0.31 3.47 -0.56
C5 T39 A 7 -0.85 5.60 -0.82
C7 T39 A 7 -1.20 5.53 -2.29
C6 T39 A 7 -1.31 6.68 -0.15
CA' T39 A 7 -1.57 10.30 3.99
CD' T39 A 7 -0.18 11.94 7.03
CB' T39 A 7 -1.34 10.59 5.48
OC' T39 A 7 -0.45 11.69 5.65
H5' T39 A 7 -2.58 9.27 -1.11
H5'' T39 A 7 -2.24 10.99 -0.94
H4' T39 A 7 -2.84 10.67 1.56
H3' T39 A 7 -0.37 9.95 0.04
H7 T39 A 7 0.62 8.93 1.80
H1' T39 A 7 -1.37 7.70 3.00
H3 T39 A 7 1.03 4.31 1.51
H71 T39 A 7 -1.38 4.50 -2.59
H72 T39 A 7 -0.34 5.91 -2.83
H73 T39 A 7 -2.11 6.13 -2.49
H6 T39 A 7 -2.00 7.34 -0.66
HCA2 T39 A 7 -1.84 11.24 3.50
HCA1 T39 A 7 -2.40 9.59 3.91
HCD1 T39 A 7 -1.11 12.17 7.56
HCD2 T39 A 7 0.49 12.79 7.11
HCD3 T39 A 7 0.30 11.07 7.49
HCB1 T39 A 7 -0.92 9.69 5.94
HCB2 T39 A 7 -2.30 10.81 5.94
P T39 A 8 0.80 12.35 1.12
OP1 T39 A 8 0.56 13.80 1.22
OP2 T39 A 8 1.47 11.81 -0.09
O5' T39 A 8 1.60 11.89 2.44
C5' T39 A 8 2.82 11.18 2.38
C4' T39 A 8 2.99 10.27 3.61
O4' T39 A 8 2.25 9.09 3.41
C3' T39 A 8 4.42 9.80 3.85
O3' T39 A 8 5.13 10.67 4.74
C2' T39 A 8 4.21 8.42 4.49
O2' T39 A 8 4.06 8.53 5.92
C1' T39 A 8 2.94 7.93 3.81
N1 T39 A 8 3.25 6.98 2.72
C2 T39 A 8 3.84 5.73 2.97
O2 T39 A 8 4.39 5.41 4.02
N3 T39 A 8 3.77 4.81 1.97
C4 T39 A 8 3.34 5.05 0.71
O4 T39 A 8 3.35 4.14 -0.10
C5 T39 A 8 2.89 6.42 0.49
C7 T39 A 8 2.37 6.86 -0.82
C6 T39 A 8 2.93 7.35 1.46
CA' T39 A 8 4.42 7.40 6.70
CD' T39 A 8 1.45 7.65 7.39
CB' T39 A 8 3.34 6.31 6.80
OC' T39 A 8 2.31 6.59 7.76
H5' T39 A 8 2.90 10.57 1.49
H5'' T39 A 8 3.62 11.92 2.35
H4' T39 A 8 2.64 10.79 4.51
H3' T39 A 8 4.94 9.67 2.90
H7 T39 A 8 5.03 7.78 4.16
H1' T39 A 8 2.25 7.38 4.43
H3 T39 A 8 4.07 3.86 2.16
H71 T39 A 8 1.73 7.73 -0.67
H72 T39 A 8 1.77 6.02 -1.21
H73 T39 A 8 3.25 7.12 -1.41
H6 T39 A 8 2.70 8.38 1.25
HCA2 T39 A 8 5.32 6.95 6.29
HCA1 T39 A 8 4.66 7.73 7.71
HCD1 T39 A 8 1.98 8.60 7.37
HCD2 T39 A 8 0.64 7.73 8.12
HCD3 T39 A 8 1.00 7.47 6.41
HCB1 T39 A 8 3.85 5.39 7.13
HCB2 T39 A 8 2.90 6.10 5.84
P C5L A 9 5.97 11.93 4.23
N1 C5L A 9 7.44 6.30 3.09
C2 C5L A 9 7.87 4.98 2.84
O2 C5L A 9 8.43 4.28 3.68
N3 C5L A 9 7.67 4.40 1.64
C4 C5L A 9 7.07 5.10 0.71
N4 C5L A 9 6.92 4.46 -0.41
C5 C5L A 9 6.63 6.45 0.90
C6 C5L A 9 6.77 6.99 2.11
C7 C5L A 9 5.78 7.26 -0.03
C1' C5L A 9 7.67 6.95 4.40
C2' C5L A 9 9.14 7.01 4.85
O2' C5L A 9 9.12 6.69 6.24
C3' C5L A 9 9.47 8.46 4.49
O3' C5L A 9 10.54 9.05 5.21
C4' C5L A 9 8.20 9.20 4.86
O4' C5L A 9 7.19 8.30 4.44
C5' C5L A 9 8.22 10.55 4.15
O5' C5L A 9 7.43 11.56 4.77
CA' C5L A 9 10.38 6.25 6.74
CB' C5L A 9 10.17 5.58 8.10
OC' C5L A 9 9.80 4.19 8.02
CD' C5L A 9 8.60 3.93 7.32
OP1 C5L A 9 5.51 13.12 4.97
OP2 C5L A 9 6.02 11.97 2.75
H6 C5L A 9 6.33 7.98 2.24
H5' C5L A 9 7.95 10.42 3.09
H1' C5L A 9 7.10 6.33 5.09
H2' C5L A 9 9.76 6.31 4.28
H3' C5L A 9 9.53 8.53 3.39
H4' C5L A 9 8.17 9.32 5.94
H41 C5L A 9 7.15 3.49 -0.46
H42 C5L A 9 6.57 4.94 -1.21
H5'' C5L A 9 9.25 10.94 4.16
H71 C5L A 9 5.12 7.87 0.61
H72 C5L A 9 5.20 6.58 -0.64
H73 C5L A 9 6.41 7.89 -0.66
HCA1 C5L A 9 11.04 7.10 6.87
HCA2 C5L A 9 10.84 5.53 6.06
HCB1 C5L A 9 9.40 6.13 8.66
HCB2 C5L A 9 11.10 5.65 8.66
HCD1 C5L A 9 7.77 4.53 7.73
HCD2 C5L A 9 8.34 2.88 7.41
HCD3 C5L A 9 8.71 4.16 6.27
P G48 A 10 11.98 9.29 4.59
OP1 G48 A 10 12.78 10.04 5.57
O5' G48 A 10 12.53 7.79 4.54
C5' G48 A 10 12.46 7.03 3.36
C4' G48 A 10 12.74 5.56 3.68
O4' G48 A 10 11.56 4.74 3.55
C3' G48 A 10 13.82 5.02 2.75
O3' G48 A 10 15.13 5.23 3.29
C2' G48 A 10 13.39 3.56 2.64
O2' G48 A 10 13.83 2.75 3.75
C1' G48 A 10 11.88 3.68 2.66
N9 G48 A 10 11.30 3.86 1.33
C8 G48 A 10 10.61 4.90 0.81
N7 G48 A 10 10.20 4.69 -0.41
C5 G48 A 10 10.60 3.37 -0.67
C6 G48 A 10 10.32 2.45 -1.74
O6 G48 A 10 9.67 2.66 -2.76
N1 G48 A 10 10.86 1.18 -1.54
C2 G48 A 10 11.71 0.89 -0.54
N2 G48 A 10 12.32 -0.27 -0.58
N3 G48 A 10 11.97 1.68 0.48
C4 G48 A 10 11.37 2.90 0.36
CA' G48 A 10 13.62 1.35 3.56
CB' G48 A 10 14.00 0.55 4.82
OC' G48 A 10 15.38 0.21 4.90
CD' G48 A 10 16.25 1.32 5.12
OP2 G48 A 10 11.82 9.81 3.20
H5' G48 A 10 11.47 7.12 2.90
H5'' G48 A 10 13.20 7.41 2.66
H4' G48 A 10 13.10 5.47 4.71
H3' G48 A 10 13.71 5.48 1.77
H2' G48 A 10 13.69 3.19 1.67
H1' G48 A 10 11.43 2.72 2.88
H8 G48 A 10 10.44 5.80 1.39
H1 G48 A 10 10.64 0.41 -2.17
H21 G48 A 10 12.23 -0.88 -1.40
H22 G48 A 10 12.88 -0.53 0.21
HCA2 G48 A 10 12.56 1.14 3.37
HCA1 G48 A 10 14.19 0.97 2.72
HCB1 G48 A 10 13.44 -0.38 4.81
HCB2 G48 A 10 13.70 1.11 5.71
HCD1 G48 A 10 16.20 2.00 4.27
HCD2 G48 A 10 17.28 0.96 5.21
HCD3 G48 A 10 15.97 1.84 6.03
P C5L A 11 16.30 5.92 2.44
N1 C5L A 11 14.68 2.33 -1.05
C2 C5L A 11 14.25 1.73 -2.24
O2 C5L A 11 14.55 0.57 -2.53
N3 C5L A 11 13.47 2.39 -3.13
C4 C5L A 11 13.21 3.65 -2.90
N4 C5L A 11 12.43 4.19 -3.80
C5 C5L A 11 13.72 4.37 -1.76
C6 C5L A 11 14.45 3.66 -0.87
C7 C5L A 11 13.41 5.82 -1.46
C1' C5L A 11 15.37 1.54 0.01
C2' C5L A 11 16.73 1.03 -0.50
O2' C5L A 11 16.96 -0.28 0.03
C3' C5L A 11 17.70 2.08 0.06
O3' C5L A 11 19.05 1.64 0.18
C4' C5L A 11 17.08 2.29 1.43
O4' C5L A 11 15.68 2.26 1.20
C5' C5L A 11 17.47 3.60 2.13
O5' C5L A 11 16.85 4.73 1.52
CA' C5L A 11 16.23 -1.31 -0.62
CB' C5L A 11 16.42 -2.65 0.10
OC' C5L A 11 15.56 -2.81 1.23
CD' C5L A 11 15.84 -1.95 2.32
OP1 C5L A 11 17.37 6.33 3.36
OP2 C5L A 11 15.70 6.94 1.54
H6 C5L A 11 14.87 4.13 0.00
H5' C5L A 11 18.55 3.72 2.10
H1' C5L A 11 14.66 0.77 0.34
H2' C5L A 11 16.78 1.07 -1.58
H3' C5L A 11 17.63 3.00 -0.51
H4' C5L A 11 17.35 1.45 2.07
H41 C5L A 11 12.03 3.63 -4.53
H42 C5L A 11 12.23 5.17 -3.74
H5'' C5L A 11 17.16 3.52 3.17
H71 C5L A 11 12.34 6.00 -1.59
H72 C5L A 11 13.97 6.47 -2.13
H73 C5L A 11 13.66 6.04 -0.41
HCA1 C5L A 11 16.61 -1.40 -1.65
HCA2 C5L A 11 15.17 -1.09 -0.66
HCB1 C5L A 11 17.47 -2.76 0.39
HCB2 C5L A 11 16.18 -3.43 -0.62
HCD1 C5L A 11 16.90 -2.01 2.60
HCD2 C5L A 11 15.23 -2.24 3.18
HCD3 C5L A 11 15.59 -0.92 2.07
N1 C5L B 1 10.96 3.10 -11.91
C2 C5L B 1 12.05 2.95 -11.03
O2 C5L B 1 13.00 2.21 -11.30
N3 C5L B 1 12.10 3.60 -9.85
C4 C5L B 1 11.06 4.35 -9.52
N4 C5L B 1 11.22 4.96 -8.37
C5 C5L B 1 9.88 4.49 -10.33
C6 C5L B 1 9.87 3.85 -11.52
C7 C5L B 1 8.68 5.34 -9.89
C1' C5L B 1 11.04 2.44 -13.24
C2' C5L B 1 10.56 0.97 -13.20
O2' C5L B 1 11.21 0.17 -14.20
C3' C5L B 1 9.07 1.17 -13.53
O3' C5L B 1 8.38 0.00 -13.94
C4' C5L B 1 9.20 2.22 -14.64
O4' C5L B 1 10.24 3.11 -14.21
C5' C5L B 1 7.88 2.95 -14.91
O5' C5L B 1 7.98 3.77 -16.07
CA' C5L B 1 12.61 -0.04 -14.02
CB' C5L B 1 13.11 -1.05 -15.07
OC' C5L B 1 12.94 -2.40 -14.68
CD' C5L B 1 13.88 -2.84 -13.72
H6 C5L B 1 9.01 3.93 -12.18
H5' C5L B 1 7.61 3.55 -14.05
H1' C5L B 1 12.09 2.46 -13.55
H2' C5L B 1 10.69 0.55 -12.21
H3' C5L B 1 8.57 1.63 -12.67
H4' C5L B 1 9.53 1.71 -15.55
H41 C5L B 1 12.09 4.82 -7.88
H42 C5L B 1 10.48 5.55 -8.01
H5'' C5L B 1 7.10 2.20 -15.07
H71 C5L B 1 9.00 6.37 -9.73
H72 C5L B 1 8.28 4.95 -8.96
H73 C5L B 1 7.89 5.32 -10.65
HCA1 C5L B 1 12.83 -0.38 -13.02
HCA2 C5L B 1 13.14 0.90 -14.20
HCB1 C5L B 1 14.16 -0.86 -15.26
HCB2 C5L B 1 12.57 -0.86 -16.00
HCD1 C5L B 1 14.90 -2.75 -14.11
HCD2 C5L B 1 13.70 -3.90 -13.48
HCD3 C5L B 1 13.81 -2.27 -12.80
HO5' C5L B 1 7.12 4.21 -16.23
P G48 B 2 7.67 -0.96 -12.87
OP1 G48 B 2 7.02 -2.07 -13.61
O5' G48 B 2 8.85 -1.55 -11.97
C5' G48 B 2 9.80 -2.45 -12.53
C4' G48 B 2 10.97 -2.69 -11.56
O4' G48 B 2 11.56 -1.47 -11.15
C3' G48 B 2 10.58 -3.50 -10.31
O3' G48 B 2 10.72 -4.88 -10.64
C2' G48 B 2 11.57 -2.94 -9.27
O2' G48 B 2 12.77 -3.70 -9.03
C1' G48 B 2 11.93 -1.54 -9.79
N9 G48 B 2 11.31 -0.43 -9.02
C8 G48 B 2 10.21 0.35 -9.32
N7 G48 B 2 10.00 1.32 -8.47
C5 G48 B 2 11.01 1.14 -7.50
C6 G48 B 2 11.34 1.87 -6.30
O6 G48 B 2 10.84 2.90 -5.85
N1 G48 B 2 12.37 1.31 -5.58
C2 G48 B 2 13.03 0.19 -5.96
N2 G48 B 2 13.95 -0.28 -5.17
N3 G48 B 2 12.79 -0.49 -7.08
C4 G48 B 2 11.76 0.03 -7.81
CA' G48 B 2 13.67 -3.95 -10.11
CB' G48 B 2 14.92 -4.67 -9.58
OC' G48 B 2 15.90 -3.79 -9.01
CD' G48 B 2 15.50 -3.13 -7.82
OP2 G48 B 2 6.82 -0.11 -12.00
H5' G48 B 2 9.32 -3.40 -12.76
H5'' G48 B 2 10.20 -2.03 -13.45
H4' G48 B 2 11.72 -3.27 -12.10
H3' G48 B 2 9.57 -3.24 -10.01
H2' G48 B 2 11.05 -2.85 -8.33
H1' G48 B 2 13.00 -1.37 -9.70
H8 G48 B 2 9.59 0.17 -10.19
H1 G48 B 2 12.65 1.78 -4.72
H21 G48 B 2 14.14 0.15 -4.28
H22 G48 B 2 14.48 -1.08 -5.49
HCA2 G48 B 2 13.19 -4.60 -10.83
HCA1 G48 B 2 13.98 -3.03 -10.60
HCB1 G48 B 2 15.38 -5.19 -10.41
HCB2 G48 B 2 14.62 -5.43 -8.85
HCD1 G48 B 2 16.35 -2.60 -7.40
HCD2 G48 B 2 15.13 -3.85 -7.10
HCD3 G48 B 2 14.72 -2.39 -8.04
P C5L B 3 10.04 -6.07 -9.80
N1 C5L B 3 11.15 -2.80 -4.75
C2 C5L B 3 11.36 -1.89 -3.72
O2 C5L B 3 12.23 -2.05 -2.86
N3 C5L B 3 10.58 -0.79 -3.61
C4 C5L B 3 9.63 -0.62 -4.49
N4 C5L B 3 8.95 0.47 -4.27
C5 C5L B 3 9.35 -1.51 -5.58
C6 C5L B 3 10.15 -2.60 -5.68
C7 C5L B 3 8.28 -1.27 -6.64
C1' C5L B 3 12.04 -3.99 -4.82
C2' C5L B 3 11.61 -5.07 -3.84
O2' C5L B 3 12.73 -5.91 -3.51
C3' C5L B 3 10.57 -5.80 -4.68
O3' C5L B 3 10.21 -7.07 -4.15
C4' C5L B 3 11.29 -5.85 -6.03
O4' C5L B 3 12.03 -4.61 -6.11
C5' C5L B 3 10.27 -6.02 -7.17
O5' C5L B 3 10.89 -6.19 -8.43
CA' C5L B 3 13.61 -5.35 -2.54
CB' C5L B 3 14.65 -6.41 -2.16
OC' C5L B 3 15.52 -6.00 -1.11
CD' C5L B 3 14.88 -5.91 0.16
OP1 C5L B 3 10.26 -7.32 -10.56
OP2 C5L B 3 8.65 -5.65 -9.49
H6 C5L B 3 10.00 -3.30 -6.47
H5' C5L B 3 9.61 -5.15 -7.19
H1' C5L B 3 13.03 -3.65 -4.54
H2' C5L B 3 11.15 -4.63 -2.95
H3' C5L B 3 9.69 -5.18 -4.77
H4' C5L B 3 11.99 -6.69 -6.04
H41 C5L B 3 9.27 1.11 -3.57
H42 C5L B 3 8.13 0.66 -4.80
H5'' C5L B 3 9.65 -6.89 -6.95
H71 C5L B 3 7.29 -1.45 -6.21
H72 C5L B 3 8.44 -1.92 -7.51
H73 C5L B 3 8.33 -0.24 -6.99
HCA1 C5L B 3 13.04 -5.06 -1.65
HCA2 C5L B 3 14.11 -4.46 -2.93
HCB1 C5L B 3 15.26 -6.61 -3.05
HCB2 C5L B 3 14.15 -7.33 -1.89
HCD1 C5L B 3 14.17 -5.09 0.18
HCD2 C5L B 3 15.64 -5.71 0.92
HCD3 C5L B 3 14.38 -6.84 0.40
P G48 B 4 8.99 -7.18 -3.11
OP1 G48 B 4 9.00 -8.56 -2.54
O5' G48 B 4 9.36 -6.13 -1.95
C5' G48 B 4 10.42 -6.38 -1.04
C4' G48 B 4 10.65 -5.19 -0.09
O4' G48 B 4 10.92 -3.92 -0.68
C3' G48 B 4 9.44 -4.95 0.80
O3' G48 B 4 9.18 -6.04 1.68
C2' G48 B 4 9.89 -3.64 1.44
O2' G48 B 4 10.84 -3.88 2.48
C1' G48 B 4 10.50 -2.91 0.24
N9 G48 B 4 9.44 -2.02 -0.24
C8 G48 B 4 8.64 -2.20 -1.31
N7 G48 B 4 7.86 -1.19 -1.57
C5 G48 B 4 8.16 -0.27 -0.54
C6 G48 B 4 7.74 1.07 -0.28
O6 G48 B 4 6.93 1.74 -0.93
N1 G48 B 4 8.33 1.65 0.84
C2 G48 B 4 9.08 0.95 1.72
N2 G48 B 4 9.36 1.53 2.85
N3 G48 B 4 9.53 -0.28 1.50
C4 G48 B 4 9.06 -0.84 0.33
CA' G48 B 4 11.54 -2.76 3.02
CB' G48 B 4 12.43 -3.24 4.18
OC' G48 B 4 11.73 -3.41 5.41
CD' G48 B 4 11.41 -2.20 6.07
OP2 G48 B 4 7.77 -6.71 -3.80
H5' G48 B 4 10.18 -7.26 -0.44
H5'' G48 B 4 11.34 -6.59 -1.58
H4' G48 B 4 11.49 -5.46 0.56
H3' G48 B 4 8.58 -4.77 0.15
H2' G48 B 4 8.99 -3.11 1.73
H1' G48 B 4 11.28 -2.17 0.46
H8 G48 B 4 8.74 -3.14 -1.85
H1 G48 B 4 8.23 2.65 1.04
H21 G48 B 4 8.99 2.47 3.08
H22 G48 B 4 9.95 1.04 3.49
HCA2 G48 B 4 12.20 -2.35 2.26
HCA1 G48 B 4 10.86 -1.98 3.34
HCB1 G48 B 4 13.24 -2.52 4.32
HCB2 G48 B 4 12.89 -4.18 3.90
HCD1 G48 B 4 10.77 -1.57 5.45
HCD2 G48 B 4 12.31 -1.65 6.33
HCD3 G48 B 4 10.87 -2.43 6.99
P A44 B 5 7.71 -6.28 2.30
OP2 A44 B 5 6.71 -6.09 1.22
OP1 A44 B 5 7.73 -7.54 3.06
O5' A44 B 5 7.54 -5.06 3.33
C5' A44 B 5 8.36 -4.97 4.48
C4' A44 B 5 8.29 -3.59 5.11
O4' A44 B 5 8.57 -2.56 4.16
C3' A44 B 5 6.94 -3.22 5.71
O3' A44 B 5 6.67 -3.90 6.93
C2' A44 B 5 7.16 -1.70 5.86
O2' A44 B 5 8.08 -1.39 6.92
C1' A44 B 5 7.82 -1.42 4.50
N9 A44 B 5 6.83 -1.08 3.45
C8 A44 B 5 6.32 -1.85 2.44
N7 A44 B 5 5.53 -1.21 1.62
C5 A44 B 5 5.51 0.10 2.17
C6 A44 B 5 4.94 1.34 1.81
N6 A44 B 5 4.20 1.58 0.75
N1 A44 B 5 5.12 2.43 2.55
C2 A44 B 5 5.87 2.34 3.63
N3 A44 B 5 6.47 1.25 4.11
C4 A44 B 5 6.25 0.16 3.31
CA' A44 B 5 8.36 0.00 7.12
CD' A44 B 5 7.74 1.43 9.80
OC' A44 B 5 8.42 0.21 9.59
CB' A44 B 5 9.19 0.18 8.39
H5' A44 B 5 8.06 -5.72 5.21
H5'' A44 B 5 9.40 -5.17 4.20
H4' A44 B 5 9.03 -3.55 5.91
H3' A44 B 5 6.16 -3.41 4.98
H2' A44 B 5 6.22 -1.17 5.96
H1' A44 B 5 8.46 -0.55 4.57
H8 A44 B 5 6.57 -2.90 2.33
H61 A44 B 5 3.90 2.53 0.56
H62 A44 B 5 3.94 0.84 0.14
H2 A44 B 5 5.99 3.27 4.17
HCA2 A44 B 5 8.95 0.38 6.28
HCA1 A44 B 5 7.44 0.58 7.17
HCD1 A44 B 5 8.45 2.25 9.89
HCD2 A44 B 5 7.16 1.37 10.73
HCD3 A44 B 5 7.04 1.65 8.99
HCB1 A44 B 5 9.77 1.11 8.31
HCB2 A44 B 5 9.92 -0.64 8.44
P A44 B 6 5.17 -4.02 7.47
OP2 A44 B 6 4.34 -4.59 6.39
OP1 A44 B 6 5.22 -4.70 8.79
O5' A44 B 6 4.73 -2.49 7.68
C5' A44 B 6 5.32 -1.70 8.69
C4' A44 B 6 4.78 -0.26 8.67
O4' A44 B 6 4.99 0.45 7.45
C3' A44 B 6 3.29 -0.23 8.92
O3' A44 B 6 3.00 -0.55 10.28
C2' A44 B 6 3.00 1.21 8.50
O2' A44 B 6 3.53 2.14 9.45
C1' A44 B 6 3.87 1.31 7.23
N9 A44 B 6 3.24 0.99 5.93
C8 A44 B 6 3.19 -0.20 5.26
N7 A44 B 6 2.69 -0.13 4.06
C5 A44 B 6 2.29 1.22 3.95
C6 A44 B 6 1.68 2.04 2.95
N6 A44 B 6 1.29 1.69 1.75
N1 A44 B 6 1.43 3.32 3.18
C2 A44 B 6 1.77 3.82 4.36
N3 A44 B 6 2.33 3.19 5.39
C4 A44 B 6 2.58 1.88 5.12
CA' A44 B 6 3.08 3.49 9.28
CD' A44 B 6 6.12 5.44 10.11
OC' A44 B 6 5.26 4.56 9.42
CB' A44 B 6 3.99 4.44 10.05
H5' A44 B 6 5.09 -2.13 9.67
H5'' A44 B 6 6.40 -1.68 8.59
H4' A44 B 6 5.26 0.29 9.49
H3' A44 B 6 2.79 -0.93 8.24
H2' A44 B 6 1.95 1.37 8.28
H1' A44 B 6 4.15 2.35 7.14
H8 A44 B 6 3.55 -1.09 5.74
H61 A44 B 6 0.84 2.36 1.12
H62 A44 B 6 1.43 0.75 1.44
H2 A44 B 6 1.58 4.86 4.51
HCA2 A44 B 6 3.07 3.77 8.22
HCA1 A44 B 6 2.09 3.59 9.67
HCD1 A44 B 6 7.08 5.50 9.60
HCD2 A44 B 6 6.29 5.09 11.13
HCD3 A44 B 6 5.68 6.45 10.14
HCB1 A44 B 6 4.11 4.06 11.07
HCB2 A44 B 6 3.52 5.42 10.08
P T39 B 7 1.58 -1.18 10.67
OP1 T39 B 7 1.52 -1.29 12.15
OP2 T39 B 7 1.36 -2.39 9.85
O5' T39 B 7 0.58 -0.04 10.18
C5' T39 B 7 0.53 1.22 10.84
C4' T39 B 7 -0.42 2.18 10.13
O4' T39 B 7 0.03 2.68 8.85
C3' T39 B 7 -1.78 1.55 9.88
O3' T39 B 7 -2.60 1.39 11.03
C2' T39 B 7 -2.28 2.60 8.90
O2' T39 B 7 -2.58 3.81 9.65
C1' T39 B 7 -1.08 2.77 7.97
N1 T39 B 7 -0.99 1.80 6.84
C2 T39 B 7 -1.70 2.16 5.68
O2 T39 B 7 -2.37 3.18 5.59
N3 T39 B 7 -1.63 1.32 4.62
C4 T39 B 7 -0.89 0.21 4.52
O4 T39 B 7 -0.82 -0.34 3.42
C5 T39 B 7 -0.27 -0.20 5.78
C7 T39 B 7 0.38 -1.55 5.95
C6 T39 B 7 -0.27 0.62 6.86
CA' T39 B 7 -2.48 5.08 9.02
CD' T39 B 7 -2.64 7.35 11.95
CB' T39 B 7 -3.03 6.17 9.96
OC' T39 B 7 -2.16 6.36 11.07
H5' T39 B 7 0.16 1.06 11.85
H5'' T39 B 7 1.52 1.66 10.90
H4' T39 B 7 -0.55 3.04 10.78
H3' T39 B 7 -1.67 0.59 9.36
H7 T39 B 7 -3.12 2.21 8.35
H1' T39 B 7 -1.29 3.74 7.48
H3 T39 B 7 -2.20 1.55 3.81
H71 T39 B 7 1.08 -1.54 6.78
H72 T39 B 7 0.89 -1.84 5.04
H73 T39 B 7 -0.46 -2.24 6.13
H6 T39 B 7 0.30 0.31 7.73
HCA2 T39 B 7 -1.44 5.32 8.81
HCA1 T39 B 7 -3.05 5.10 8.10
HCD1 T39 B 7 -1.94 7.46 12.78
HCD2 T39 B 7 -3.61 7.06 12.36
HCD3 T39 B 7 -2.74 8.31 11.45
HCB1 T39 B 7 -4.03 5.86 10.31
HCB2 T39 B 7 -3.12 7.10 9.40
P T39 B 8 -3.96 0.54 10.99
OP1 T39 B 8 -4.56 0.54 12.34
OP2 T39 B 8 -3.68 -0.76 10.33
O5' T39 B 8 -4.94 1.37 10.01
C5' T39 B 8 -5.38 2.68 10.37
C4' T39 B 8 -5.81 3.52 9.16
O4' T39 B 8 -4.90 3.50 8.08
C3' T39 B 8 -7.14 3.14 8.56
O3' T39 B 8 -8.12 3.62 9.47
C2' T39 B 8 -7.00 3.87 7.21
O2' T39 B 8 -7.23 5.28 7.35
C1' T39 B 8 -5.54 3.62 6.84
N1 T39 B 8 -5.30 2.46 5.94
C2 T39 B 8 -5.50 2.57 4.55
O2 T39 B 8 -6.06 3.53 4.02
N3 T39 B 8 -5.03 1.55 3.76
C4 T39 B 8 -4.45 0.43 4.25
O4 T39 B 8 -4.05 -0.42 3.47
C5 T39 B 8 -4.38 0.34 5.69
C7 T39 B 8 -3.73 -0.84 6.30
C6 T39 B 8 -4.85 1.30 6.49
CA' T39 B 8 -7.36 5.99 6.12
CD' T39 B 8 -5.42 7.75 7.63
CB' T39 B 8 -7.47 7.49 6.41
OC' T39 B 8 -6.20 8.16 6.51
H5' T39 B 8 -6.21 2.59 11.08
H5'' T39 B 8 -4.58 3.20 10.89
H4' T39 B 8 -5.89 4.56 9.50
H3' T39 B 8 -7.19 2.06 8.40
H7 T39 B 8 -7.65 3.39 6.50
H1' T39 B 8 -5.01 4.40 6.32
H3 T39 B 8 -5.10 1.60 2.75
H71 T39 B 8 -3.61 -0.68 7.37
H72 T39 B 8 -2.76 -0.95 5.79
H73 T39 B 8 -4.41 -1.67 6.10
H6 T39 B 8 -4.89 1.17 7.56
HCA2 T39 B 8 -6.50 5.81 5.46
HCA1 T39 B 8 -8.26 5.68 5.61
HCD1 T39 B 8 -5.10 6.72 7.52
HCD2 T39 B 8 -6.00 7.86 8.55
HCD3 T39 B 8 -4.53 8.39 7.69
HCB1 T39 B 8 -8.05 7.65 7.32
HCB2 T39 B 8 -8.01 7.96 5.58
P C5L B 9 -9.61 3.05 9.51
N1 C5L B 9 -8.91 1.88 3.55
C2 C5L B 9 -8.99 1.31 2.27
O2 C5L B 9 -9.47 1.90 1.31
N3 C5L B 9 -8.51 0.08 2.03
C4 C5L B 9 -8.02 -0.60 3.03
N4 C5L B 9 -7.63 -1.78 2.68
C5 C5L B 9 -7.91 -0.09 4.38
C6 C5L B 9 -8.29 1.19 4.57
C7 C5L B 9 -7.25 -0.76 5.55
C1' C5L B 9 -9.51 3.22 3.79
C2' C5L B 9 -11.02 3.28 3.49
O2' C5L B 9 -11.40 4.63 3.21
C3' C5L B 9 -11.56 2.75 4.81
O3' C5L B 9 -12.93 3.00 5.06
C4' C5L B 9 -10.70 3.50 5.79
O4' C5L B 9 -9.43 3.60 5.16
C5' C5L B 9 -10.62 2.74 7.11
O5' C5L B 9 -10.19 3.61 8.12
CA' C5L B 9 -11.11 5.02 1.87
CB' C5L B 9 -11.45 6.50 1.68
OC' C5L B 9 -10.49 7.31 2.34
CD' C5L B 9 -10.76 8.70 2.18
OP1 C5L B 9 -10.33 3.73 10.61
OP2 C5L B 9 -9.56 1.57 9.48
H6 C5L B 9 -8.04 1.58 5.56
H5' C5L B 9 -9.94 1.89 6.99
H1' C5L B 9 -8.93 3.92 3.20
H2' C5L B 9 -11.32 2.62 2.67
H3' C5L B 9 -11.31 1.69 4.90
H4' C5L B 9 -11.12 4.50 5.94
H41 C5L B 9 -7.56 -2.00 1.70
H42 C5L B 9 -7.41 -2.46 3.36
H5'' C5L B 9 -11.62 2.36 7.37
H71 C5L B 9 -6.37 -1.27 5.19
H72 C5L B 9 -7.94 -1.48 5.99
H73 C5L B 9 -6.98 0.02 6.28
HCA1 C5L B 9 -11.73 4.43 1.20
HCA2 C5L B 9 -10.06 4.86 1.63
HCB1 C5L B 9 -12.45 6.70 2.05
HCB2 C5L B 9 -11.42 6.72 0.61
HCD1 C5L B 9 -10.01 9.28 2.73
HCD2 C5L B 9 -11.75 8.95 2.57
HCD3 C5L B 9 -10.71 8.97 1.13
P G48 B 10 -14.00 1.83 4.89
OP1 G48 B 10 -15.35 2.40 5.13
O5' G48 B 10 -13.83 1.49 3.34
C5' G48 B 10 -14.18 2.45 2.35
C4' G48 B 10 -13.98 1.88 0.95
O4' G48 B 10 -12.62 1.57 0.63
C3' G48 B 10 -14.80 0.59 0.78
O3' G48 B 10 -16.19 0.84 0.66
C2' G48 B 10 -14.10 0.07 -0.48
O2' G48 B 10 -14.54 0.81 -1.62
C1' G48 B 10 -12.63 0.35 -0.12
N9 G48 B 10 -11.97 -0.75 0.56
C8 G48 B 10 -11.54 -0.90 1.85
N7 G48 B 10 -10.89 -2.02 2.04
C5 G48 B 10 -10.86 -2.62 0.76
C6 G48 B 10 -10.14 -3.74 0.20
O6 G48 B 10 -9.41 -4.53 0.79
N1 G48 B 10 -10.31 -3.90 -1.17
C2 G48 B 10 -11.20 -3.18 -1.89
N2 G48 B 10 -11.44 -3.53 -3.12
N3 G48 B 10 -11.85 -2.12 -1.43
C4 G48 B 10 -11.63 -1.88 -0.11
CA' G48 B 10 -13.94 0.51 -2.87
CB' G48 B 10 -14.63 1.38 -3.94
OC' G48 B 10 -15.97 0.98 -4.24
CD' G48 B 10 -16.05 -0.18 -5.07
OP2 G48 B 10 -13.55 0.66 5.69
H5' G48 B 10 -15.23 2.73 2.47
H5'' G48 B 10 -13.57 3.36 2.46
H4' G48 B 10 -14.35 2.60 0.23
H3' G48 B 10 -14.59 -0.09 1.61
H2' G48 B 10 -14.24 -0.99 -0.57
H1' G48 B 10 -12.00 0.32 -1.01
H8 G48 B 10 -11.72 -0.14 2.61
H1 G48 B 10 -9.77 -4.56 -1.70
H21 G48 B 10 -11.04 -4.39 -3.50
H22 G48 B 10 -12.02 -2.94 -3.67
HCA2 G48 B 10 -12.89 0.78 -2.85
HCA1 G48 B 10 -14.03 -0.54 -3.12
HCB1 G48 B 10 -14.03 1.37 -4.85
HCB2 G48 B 10 -14.64 2.42 -3.57
HCD1 G48 B 10 -15.62 0.04 -6.05
HCD2 G48 B 10 -17.10 -0.44 -5.20
HCD3 G48 B 10 -15.53 -1.02 -4.62
P C5L B 11 -17.30 -0.24 1.11
N1 C5L B 11 -14.30 -4.12 -1.08
C2 C5L B 11 -13.52 -5.28 -1.28
O2 C5L B 11 -13.43 -5.83 -2.38
N3 C5L B 11 -12.82 -5.83 -0.27
C4 C5L B 11 -12.97 -5.32 0.93
N4 C5L B 11 -12.23 -5.91 1.83
C5 C5L B 11 -13.84 -4.20 1.23
C6 C5L B 11 -14.49 -3.64 0.18
C7 C5L B 11 -13.97 -3.57 2.61
C1' C5L B 11 -14.90 -3.45 -2.27
C2' C5L B 11 -16.06 -4.32 -2.81
O2' C5L B 11 -16.15 -4.20 -4.23
C3' C5L B 11 -17.27 -3.68 -2.09
O3' C5L B 11 -18.52 -3.99 -2.67
C4' C5L B 11 -16.88 -2.23 -2.24
O4' C5L B 11 -15.48 -2.19 -2.01
C5' C5L B 11 -17.57 -1.22 -1.32
O5' C5L B 11 -17.19 -1.42 0.04
CA' C5L B 11 -15.17 -4.96 -4.93
CB' C5L B 11 -15.46 -4.92 -6.42
OC' C5L B 11 -15.18 -3.64 -6.95
CD' C5L B 11 -15.56 -3.54 -8.32
OP1 C5L B 11 -18.63 0.39 0.97
OP2 C5L B 11 -16.90 -0.78 2.43
H6 C5L B 11 -15.16 -2.81 0.33
H5' C5L B 11 -18.65 -1.31 -1.42
H1' C5L B 11 -14.09 -3.23 -2.98
H2' C5L B 11 -15.96 -5.36 -2.50
H3' C5L B 11 -17.25 -3.95 -1.03
H4' C5L B 11 -17.08 -1.94 -3.27
H41 C5L B 11 -11.59 -6.63 1.55
H42 C5L B 11 -12.31 -5.65 2.78
H5'' C5L B 11 -17.27 -0.22 -1.64
H71 C5L B 11 -14.45 -2.60 2.53
H72 C5L B 11 -12.99 -3.43 3.05
H73 C5L B 11 -14.56 -4.23 3.26
HCA1 C5L B 11 -15.20 -6.00 -4.60
HCA2 C5L B 11 -14.17 -4.57 -4.74
HCB1 C5L B 11 -16.51 -5.19 -6.59
HCB2 C5L B 11 -14.83 -5.67 -6.93
HCD1 C5L B 11 -15.05 -4.31 -8.91
HCD2 C5L B 11 -15.29 -2.56 -8.70
HCD3 C5L B 11 -16.63 -3.68 -8.42
N1 C5L A 1 -8.55 -14.14 1.99
C2 C5L A 1 -9.74 -13.53 1.52
O2 C5L A 1 -10.45 -14.07 0.67
N3 C5L A 1 -10.14 -12.32 1.97
C4 C5L A 1 -9.35 -11.69 2.81
N4 C5L A 1 -9.83 -10.55 3.22
C5 C5L A 1 -8.07 -12.19 3.25
C6 C5L A 1 -7.72 -13.43 2.81
C7 C5L A 1 -7.15 -11.41 4.18
C1' C5L A 1 -8.27 -15.54 1.58
C2' C5L A 1 -7.33 -15.66 0.36
O2' C5L A 1 -7.78 -16.78 -0.41
C3' C5L A 1 -5.97 -15.92 1.01
O3' C5L A 1 -5.06 -16.61 0.17
C4' C5L A 1 -6.42 -16.78 2.20
O4' C5L A 1 -7.65 -16.24 2.65
C5' C5L A 1 -5.38 -16.88 3.33
O5' C5L A 1 -4.99 -15.60 3.84
CA' C5L A 1 -8.70 -16.44 -1.43
CB' C5L A 1 -9.28 -17.71 -2.06
OC' C5L A 1 -10.09 -18.49 -1.19
CD' C5L A 1 -11.31 -17.86 -0.80
H6 C5L A 1 -6.77 -13.86 3.12
H5' C5L A 1 -4.50 -17.40 2.95
H1' C5L A 1 -9.21 -16.03 1.32
H2' C5L A 1 -7.31 -14.74 -0.22
H3' C5L A 1 -5.54 -14.98 1.37
H4' C5L A 1 -6.60 -17.79 1.82
H41 C5L A 1 -10.74 -10.27 2.87
H42 C5L A 1 -9.30 -9.98 3.86
H5'' C5L A 1 -5.81 -17.48 4.14
H71 C5L A 1 -7.66 -11.20 5.13
H72 C5L A 1 -6.87 -10.46 3.72
H73 C5L A 1 -6.23 -11.97 4.40
HCA1 C5L A 1 -8.19 -15.88 -2.20
HCA2 C5L A 1 -9.52 -15.82 -1.04
HCB1 C5L A 1 -8.44 -18.34 -2.40
HCB2 C5L A 1 -9.85 -17.44 -2.94
HCD1 C5L A 1 -11.11 -16.99 -0.18
HCD2 C5L A 1 -11.91 -18.56 -0.23
HCD3 C5L A 1 -11.88 -17.56 -1.69
HO5' C5L A 1 -4.33 -15.73 4.56
P G48 A 2 -4.22 -15.86 -0.98
OP1 G48 A 2 -3.46 -16.90 -1.72
O5' G48 A 2 -5.31 -15.24 -2.00
C5' G48 A 2 -5.40 -13.84 -2.25
C4' G48 A 2 -6.67 -13.51 -3.03
O4' G48 A 2 -7.80 -13.42 -2.16
C3' G48 A 2 -6.58 -12.17 -3.77
O3' G48 A 2 -5.89 -12.32 -5.01
C2' G48 A 2 -8.07 -11.81 -3.89
O2' G48 A 2 -8.68 -12.54 -4.95
C1' G48 A 2 -8.58 -12.28 -2.52
N9 G48 A 2 -8.52 -11.26 -1.45
C8 G48 A 2 -7.68 -11.19 -0.37
N7 G48 A 2 -7.92 -10.16 0.42
C5 G48 A 2 -9.00 -9.52 -0.19
C6 G48 A 2 -9.78 -8.37 0.21
O6 G48 A 2 -9.69 -7.66 1.22
N1 G48 A 2 -10.76 -8.02 -0.71
C2 G48 A 2 -10.98 -8.71 -1.85
N2 G48 A 2 -11.90 -8.27 -2.66
N3 G48 A 2 -10.32 -9.80 -2.23
C4 G48 A 2 -9.34 -10.16 -1.36
CA' G48 A 2 -10.07 -12.27 -5.16
CB' G48 A 2 -10.55 -13.02 -6.42
OC' G48 A 2 -10.23 -12.37 -7.65
CD' G48 A 2 -11.03 -11.23 -7.93
OP2 G48 A 2 -3.47 -14.75 -0.34
H5' G48 A 2 -5.39 -13.28 -1.32
H5'' G48 A 2 -4.53 -13.55 -2.84
H4' G48 A 2 -6.86 -14.28 -3.77
H3' G48 A 2 -6.08 -11.44 -3.12
H2' G48 A 2 -8.21 -10.73 -4.02
H1' G48 A 2 -9.62 -12.57 -2.59
H8 G48 A 2 -6.90 -11.91 -0.17
H1 G48 A 2 -11.33 -7.22 -0.49
H21 G48 A 2 -12.39 -7.39 -2.47
H22 G48 A 2 -12.11 -8.81 -3.48
HCA2 G48 A 2 -10.65 -12.64 -4.32
HCA1 G48 A 2 -10.25 -11.20 -5.26
HCB1 G48 A 2 -11.64 -13.13 -6.35
HCB2 G48 A 2 -10.11 -14.01 -6.42
HCD1 G48 A 2 -12.08 -11.52 -8.01
HCD2 G48 A 2 -10.71 -10.79 -8.87
HCD3 G48 A 2 -10.94 -10.47 -7.16
P C5L A 3 -5.07 -11.12 -5.66
N1 C5L A 3 -8.79 -7.38 -4.41
C2 C5L A 3 -9.40 -6.30 -3.79
O2 C5L A 3 -10.36 -5.70 -4.28
N3 C5L A 3 -8.95 -5.85 -2.59
C4 C5L A 3 -7.90 -6.44 -2.08
N4 C5L A 3 -7.58 -5.91 -0.93
C5 C5L A 3 -7.20 -7.53 -2.67
C6 C5L A 3 -7.68 -7.98 -3.85
C7 C5L A 3 -6.02 -8.24 -2.02
C1' C5L A 3 -9.38 -7.86 -5.69
C2' C5L A 3 -8.94 -7.00 -6.87
O2' C5L A 3 -9.94 -7.03 -7.90
C3' C5L A 3 -7.66 -7.72 -7.29
O3' C5L A 3 -7.20 -7.32 -8.57
C4' C5L A 3 -8.17 -9.17 -7.18
O4' C5L A 3 -9.00 -9.20 -6.02
C5' C5L A 3 -7.09 -10.25 -7.13
O5' C5L A 3 -6.17 -10.03 -6.07
CA' C5L A 3 -11.15 -6.33 -7.62
CB' C5L A 3 -12.04 -6.33 -8.87
OC' C5L A 3 -11.70 -5.31 -9.80
CD' C5L A 3 -12.16 -4.01 -9.43
OP1 C5L A 3 -4.44 -11.63 -6.91
OP2 C5L A 3 -4.20 -10.53 -4.62
H6 C5L A 3 -7.19 -8.80 -4.36
H5' C5L A 3 -6.55 -10.25 -8.08
H1' C5L A 3 -10.44 -7.75 -5.57
H2' C5L A 3 -8.73 -5.98 -6.55
H3' C5L A 3 -6.89 -7.57 -6.54
H4' C5L A 3 -8.81 -9.36 -8.05
H41 C5L A 3 -8.20 -5.23 -0.51
H42 C5L A 3 -6.74 -6.17 -0.49
H5'' C5L A 3 -7.58 -11.22 -7.01
H71 C5L A 3 -5.15 -7.58 -2.02
H72 C5L A 3 -5.80 -9.16 -2.55
H73 C5L A 3 -6.27 -8.49 -0.98
HCA1 C5L A 3 -10.95 -5.31 -7.28
HCA2 C5L A 3 -11.70 -6.85 -6.83
HCB1 C5L A 3 -13.09 -6.21 -8.57
HCB2 C5L A 3 -11.95 -7.30 -9.35
HCD1 C5L A 3 -11.79 -3.73 -8.45
HCD2 C5L A 3 -13.25 -3.99 -9.42
HCD3 C5L A 3 -11.81 -3.29 -10.16
P G48 A 4 -6.24 -6.04 -8.71
OP1 G48 A 4 -6.12 -5.73 -10.16
O5' G48 A 4 -7.02 -4.83 -7.99
C5' G48 A 4 -8.19 -4.27 -8.56
C4' G48 A 4 -8.85 -3.23 -7.64
O4' G48 A 4 -9.14 -3.67 -6.29
C3' G48 A 4 -7.99 -1.99 -7.49
O3' G48 A 4 -8.01 -1.26 -8.71
C2' G48 A 4 -8.74 -1.33 -6.32
O2' G48 A 4 -9.89 -0.66 -6.81
C1' G48 A 4 -9.16 -2.51 -5.45
N9 G48 A 4 -8.25 -2.60 -4.32
C8 G48 A 4 -7.21 -3.44 -4.17
N7 G48 A 4 -6.63 -3.38 -2.99
C5 G48 A 4 -7.38 -2.39 -2.32
C6 G48 A 4 -7.37 -1.89 -0.97
O6 G48 A 4 -6.63 -2.24 -0.05
N1 G48 A 4 -8.34 -0.93 -0.71
C2 G48 A 4 -9.04 -0.32 -1.69
N2 G48 A 4 -9.68 0.78 -1.36
N3 G48 A 4 -9.10 -0.75 -2.94
C4 G48 A 4 -8.28 -1.81 -3.19
CA' G48 A 4 -10.58 0.20 -5.90
CB' G48 A 4 -11.87 0.65 -6.58
OC' G48 A 4 -12.87 -0.36 -6.46
CD' G48 A 4 -14.08 -0.01 -7.11
OP2 G48 A 4 -5.00 -6.31 -7.93
H5' G48 A 4 -7.94 -3.79 -9.50
H5'' G48 A 4 -8.92 -5.04 -8.79
H4' G48 A 4 -9.79 -2.93 -8.10
H3' G48 A 4 -6.99 -2.27 -7.19
H2' G48 A 4 -8.02 -0.75 -5.76
H1' G48 A 4 -10.11 -2.39 -4.92
H8 G48 A 4 -6.95 -4.07 -5.01
H1 G48 A 4 -8.56 -0.65 0.25
H21 G48 A 4 -9.59 1.17 -0.42
H22 G48 A 4 -10.25 1.21 -2.07
HCA2 G48 A 4 -10.82 -0.31 -4.97
HCA1 G48 A 4 -9.97 1.07 -5.69
HCB1 G48 A 4 -11.67 0.87 -7.64
HCB2 G48 A 4 -12.21 1.57 -6.10
HCD1 G48 A 4 -14.81 -0.79 -6.96
HCD2 G48 A 4 -13.90 0.11 -8.19
HCD3 G48 A 4 -14.47 0.93 -6.71
P A44 A 5 -6.97 -0.09 -9.04
OP2 A44 A 5 -5.61 -0.56 -8.70
OP1 A44 A 5 -7.24 0.37 -10.42
O5' A44 A 5 -7.39 1.11 -8.04
C5' A44 A 5 -6.48 1.64 -7.09
C4' A44 A 5 -7.25 2.47 -6.06
O4' A44 A 5 -7.74 1.63 -5.02
C3' A44 A 5 -6.36 3.50 -5.36
O3' A44 A 5 -6.15 4.66 -6.16
C2' A44 A 5 -7.14 3.73 -4.06
O2' A44 A 5 -8.29 4.55 -4.24
C1' A44 A 5 -7.56 2.29 -3.78
N9 A44 A 5 -6.58 1.55 -2.96
C8 A44 A 5 -5.74 0.55 -3.33
N7 A44 A 5 -4.99 0.08 -2.36
C5 A44 A 5 -5.42 0.84 -1.26
C6 A44 A 5 -5.14 0.85 0.13
N6 A44 A 5 -4.31 0.05 0.73
N1 A44 A 5 -5.73 1.69 0.96
C2 A44 A 5 -6.63 2.52 0.47
N3 A44 A 5 -7.00 2.65 -0.80
C4 A44 A 5 -6.36 1.77 -1.62
CA' A44 A 5 -9.04 4.78 -3.05
CD' A44 A 5 -9.42 7.50 -1.61
OC' A44 A 5 -9.56 7.21 -3.00
CB' A44 A 5 -10.07 5.91 -3.27
H5' A44 A 5 -5.95 0.84 -6.58
H5'' A44 A 5 -5.76 2.27 -7.61
H4' A44 A 5 -8.07 3.01 -6.53
H3' A44 A 5 -5.40 3.02 -5.12
H2' A44 A 5 -6.49 4.12 -3.28
H1' A44 A 5 -8.48 2.29 -3.20
H8 A44 A 5 -5.68 0.17 -4.35
H61 A44 A 5 -4.18 0.12 1.72
H62 A44 A 5 -3.79 -0.62 0.22
H2 A44 A 5 -7.09 3.15 1.23
HCA2 A44 A 5 -9.61 3.88 -2.80
HCA1 A44 A 5 -8.39 5.02 -2.21
HCD1 A44 A 5 -8.70 6.82 -1.14
HCD2 A44 A 5 -10.38 7.41 -1.11
HCD3 A44 A 5 -9.05 8.51 -1.49
HCB1 A44 A 5 -10.94 5.72 -2.63
HCB2 A44 A 5 -10.41 5.86 -4.31
P A44 A 6 -4.86 5.58 -5.94
OP2 A44 A 6 -3.67 4.71 -6.03
OP1 A44 A 6 -4.97 6.74 -6.84
O5' A44 A 6 -5.02 6.07 -4.41
C5' A44 A 6 -6.05 6.97 -4.04
C4' A44 A 6 -6.01 7.29 -2.55
O4' A44 A 6 -6.17 6.16 -1.68
C3' A44 A 6 -4.68 7.91 -2.16
O3' A44 A 6 -4.58 9.25 -2.63
C2' A44 A 6 -4.77 7.75 -0.64
O2' A44 A 6 -5.72 8.71 -0.14
C1' A44 A 6 -5.33 6.33 -0.54
N9 A44 A 6 -4.37 5.19 -0.49
C8 A44 A 6 -3.88 4.45 -1.53
N7 A44 A 6 -3.15 3.41 -1.15
C5 A44 A 6 -3.12 3.53 0.24
C6 A44 A 6 -2.53 2.79 1.32
N6 A44 A 6 -1.81 1.70 1.22
N1 A44 A 6 -2.68 3.18 2.57
C2 A44 A 6 -3.37 4.29 2.80
N3 A44 A 6 -3.96 5.09 1.92
C4 A44 A 6 -3.81 4.65 0.64
CA' A44 A 6 -5.74 9.06 1.25
CD' A44 A 6 -7.83 6.37 2.68
OC' A44 A 6 -7.40 7.42 1.82
CB' A44 A 6 -6.15 7.95 2.21
H5' A44 A 6 -5.91 7.91 -4.59
H5'' A44 A 6 -7.03 6.58 -4.30
H4' A44 A 6 -6.79 8.01 -2.33
H3' A44 A 6 -3.86 7.30 -2.55
H2' A44 A 6 -3.79 7.84 -0.17
H1' A44 A 6 -5.87 6.27 0.39
H8 A44 A 6 -4.09 4.72 -2.54
H61 A44 A 6 -1.42 1.26 2.05
H62 A44 A 6 -1.66 1.29 0.32
H2 A44 A 6 -3.49 4.59 3.83
HCA2 A44 A 6 -4.77 9.45 1.55
HCA1 A44 A 6 -6.46 9.88 1.36
HCD1 A44 A 6 -7.07 5.58 2.70
HCD2 A44 A 6 -8.77 5.97 2.31
HCD3 A44 A 6 -7.99 6.76 3.68
HCB1 A44 A 6 -6.22 8.38 3.22
HCB2 A44 A 6 -5.39 7.19 2.22
P T39 A 7 -3.16 9.90 -2.94
OP1 T39 A 7 -3.36 11.33 -3.27
OP2 T39 A 7 -2.44 9.04 -3.90
O5' T39 A 7 -2.44 9.79 -1.51
C5' T39 A 7 -2.86 10.57 -0.42
C4' T39 A 7 -2.11 10.20 0.87
O4' T39 A 7 -2.41 8.91 1.45
C3' T39 A 7 -0.60 10.23 0.65
O3' T39 A 7 -0.03 11.54 0.53
C2' T39 A 7 -0.23 9.50 1.92
O2' T39 A 7 -0.43 10.40 3.04
C1' T39 A 7 -1.20 8.33 1.93
N1 T39 A 7 -0.81 7.13 1.13
C2 T39 A 7 -0.01 6.20 1.80
O2 T39 A 7 0.38 6.34 2.95
N3 T39 A 7 0.36 5.07 1.12
C4 T39 A 7 -0.03 4.73 -0.12
O4 T39 A 7 0.27 3.60 -0.50
C5 T39 A 7 -0.76 5.78 -0.83
C7 T39 A 7 -1.06 5.68 -2.30
C6 T39 A 7 -1.19 6.89 -0.19
CA' T39 A 7 -0.71 9.87 4.34
CD' T39 A 7 0.45 12.55 6.64
CB' T39 A 7 -0.79 11.00 5.37
OC' T39 A 7 0.50 11.51 5.67
H5' T39 A 7 -2.64 11.63 -0.64
H5'' T39 A 7 -3.93 10.48 -0.26
H4' T39 A 7 -2.36 10.96 1.61
H3' T39 A 7 -0.33 9.62 -0.22
H7 T39 A 7 0.78 9.13 1.82
H1' T39 A 7 -1.16 7.97 2.97
H3 T39 A 7 0.99 4.45 1.58
H71 T39 A 7 -1.30 4.65 -2.58
H72 T39 A 7 -0.12 5.98 -2.80
H73 T39 A 7 -1.88 6.34 -2.57
H6 T39 A 7 -1.82 7.57 -0.74
HCA2 T39 A 7 -1.69 9.39 4.34
HCA1 T39 A 7 0.04 9.15 4.65
HCD1 T39 A 7 1.46 12.91 6.83
HCD2 T39 A 7 0.02 12.18 7.57
HCD3 T39 A 7 -0.16 13.39 6.28
HCB1 T39 A 7 -1.24 10.60 6.28
HCB2 T39 A 7 -1.44 11.79 4.99
P T39 A 8 1.48 11.75 0.06
OP1 T39 A 8 1.76 13.20 0.04
OP2 T39 A 8 1.70 10.97 -1.17
O5' T39 A 8 2.38 11.08 1.23
C5' T39 A 8 2.40 11.64 2.54
C4' T39 A 8 2.86 10.61 3.58
O4' T39 A 8 2.18 9.36 3.50
C3' T39 A 8 4.33 10.25 3.51
O3' T39 A 8 5.11 11.34 3.95
C2' T39 A 8 4.29 8.99 4.39
O2' T39 A 8 4.19 9.29 5.80
C1' T39 A 8 3.01 8.30 3.90
N1 T39 A 8 3.27 7.28 2.87
C2 T39 A 8 3.73 6.00 3.26
O2 T39 A 8 4.15 5.73 4.37
N3 T39 A 8 3.71 5.02 2.30
C4 T39 A 8 3.34 5.21 1.01
O4 T39 A 8 3.32 4.26 0.24
C5 T39 A 8 2.98 6.58 0.67
C7 T39 A 8 2.56 6.93 -0.71
C6 T39 A 8 3.03 7.58 1.58
CA' T39 A 8 4.17 8.14 6.66
CD' T39 A 8 2.70 9.50 9.78
CB' T39 A 8 4.11 8.59 8.12
OC' T39 A 8 2.80 9.09 8.43
H5' T39 A 8 3.06 12.50 2.56
H5'' T39 A 8 1.40 11.98 2.81
H4' T39 A 8 2.69 11.04 4.57
H3' T39 A 8 4.57 9.97 2.48
H7 T39 A 8 5.12 8.36 4.13
H1' T39 A 8 2.46 7.71 4.61
H3 T39 A 8 3.99 4.07 2.54
H71 T39 A 8 3.47 6.96 -1.31
H72 T39 A 8 2.08 7.91 -0.70
H73 T39 A 8 1.85 6.15 -1.02
H6 T39 A 8 2.89 8.61 1.29
HCA2 T39 A 8 3.30 7.51 6.46
HCA1 T39 A 8 5.06 7.54 6.53
HCD1 T39 A 8 2.90 8.66 10.45
HCD2 T39 A 8 1.69 9.86 9.97
HCD3 T39 A 8 3.41 10.30 9.99
HCB1 T39 A 8 4.86 9.36 8.29
HCB2 T39 A 8 4.33 7.73 8.75
P C5L A 9 6.60 11.57 3.39
N1 C5L A 9 7.41 5.98 3.45
C2 C5L A 9 7.89 4.68 3.17
O2 C5L A 9 8.49 4.00 4.00
N3 C5L A 9 7.72 4.12 1.96
C4 C5L A 9 7.14 4.82 1.02
N4 C5L A 9 6.99 4.17 -0.08
C5 C5L A 9 6.70 6.18 1.22
C6 C5L A 9 6.78 6.70 2.45
C7 C5L A 9 5.98 7.02 0.20
C1' C5L A 9 7.60 6.50 4.83
C2' C5L A 9 9.08 6.72 5.25
O2' C5L A 9 9.30 6.34 6.60
C3' C5L A 9 9.20 8.24 5.09
O3' C5L A 9 10.21 8.88 5.86
C4' C5L A 9 7.86 8.63 5.66
O4' C5L A 9 6.97 7.73 5.06
C5' C5L A 9 7.48 10.09 5.36
O5' C5L A 9 7.36 10.29 3.95
CA' C5L A 9 9.36 4.95 6.84
CB' C5L A 9 9.77 4.70 8.30
OC' C5L A 9 11.19 4.74 8.43
CD' C5L A 9 11.60 4.47 9.76
OP1 C5L A 9 7.16 12.78 4.04
OP2 C5L A 9 6.57 11.48 1.91
H6 C5L A 9 6.32 7.68 2.58
H5' C5L A 9 8.25 10.75 5.77
H1' C5L A 9 7.09 5.77 5.43
H2' C5L A 9 9.77 6.20 4.58
H3' C5L A 9 9.22 8.50 4.03
H4' C5L A 9 7.86 8.48 6.73
H41 C5L A 9 7.20 3.18 -0.11
H42 C5L A 9 6.68 4.63 -0.90
H5'' C5L A 9 6.53 10.30 5.85
H71 C5L A 9 5.35 7.75 0.75
H72 C5L A 9 5.36 6.37 -0.40
H73 C5L A 9 6.70 7.54 -0.43
HCA1 C5L A 9 10.08 4.47 6.18
HCA2 C5L A 9 8.38 4.50 6.68
HCB1 C5L A 9 9.40 3.72 8.60
HCB2 C5L A 9 9.31 5.46 8.94
HCD1 C5L A 9 12.69 4.51 9.82
HCD2 C5L A 9 11.27 3.47 10.07
HCD3 C5L A 9 11.18 5.21 10.45
P G48 A 10 11.69 9.08 5.31
OP1 G48 A 10 12.49 9.71 6.40
O5' G48 A 10 12.20 7.57 5.13
C5' G48 A 10 12.35 7.00 3.85
C4' G48 A 10 12.70 5.53 3.98
O4' G48 A 10 11.59 4.65 3.79
C3' G48 A 10 13.77 5.17 2.94
O3' G48 A 10 15.07 5.53 3.39
C2' G48 A 10 13.50 3.68 2.82
O2' G48 A 10 14.06 2.96 3.93
C1' G48 A 10 11.98 3.64 2.87
N9 G48 A 10 11.34 3.78 1.57
C8 G48 A 10 10.59 4.81 1.08
N7 G48 A 10 10.15 4.57 -0.13
C5 G48 A 10 10.58 3.26 -0.40
C6 G48 A 10 10.26 2.32 -1.44
O6 G48 A 10 9.57 2.51 -2.44
N1 G48 A 10 10.81 1.06 -1.25
C2 G48 A 10 11.74 0.80 -0.31
N2 G48 A 10 12.38 -0.33 -0.40
N3 G48 A 10 12.04 1.62 0.69
C4 G48 A 10 11.40 2.83 0.60
CA' G48 A 10 13.93 1.55 3.90
CB' G48 A 10 14.45 0.97 5.24
OC' G48 A 10 13.47 0.95 6.27
CD' G48 A 10 13.04 2.24 6.71
OP2 G48 A 10 11.62 9.75 3.99
H5' G48 A 10 11.44 7.12 3.27
H5'' G48 A 10 13.15 7.54 3.34
H4' G48 A 10 13.13 5.34 4.96
H3' G48 A 10 13.52 5.67 1.99
H2' G48 A 10 13.82 3.33 1.85
H1' G48 A 10 11.65 2.62 3.08
H8 G48 A 10 10.40 5.70 1.67
H1 G48 A 10 10.54 0.27 -1.83
H21 G48 A 10 12.25 -0.95 -1.20
H22 G48 A 10 13.02 -0.58 0.34
HCA2 G48 A 10 12.90 1.23 3.76
HCA1 G48 A 10 14.54 1.14 3.09
HCB1 G48 A 10 15.33 1.53 5.55
HCB2 G48 A 10 14.76 -0.05 5.04
HCD1 G48 A 10 12.42 2.13 7.59
HCD2 G48 A 10 12.45 2.73 5.94
HCD3 G48 A 10 13.90 2.86 6.96
P C5L A 11 16.25 5.96 2.37
N1 C5L A 11 14.57 2.31 -1.10
C2 C5L A 11 14.12 1.72 -2.30
O2 C5L A 11 14.44 0.60 -2.64
N3 C5L A 11 13.29 2.38 -3.13
C4 C5L A 11 13.00 3.64 -2.85
N4 C5L A 11 12.16 4.17 -3.69
C5 C5L A 11 13.54 4.35 -1.72
C6 C5L A 11 14.33 3.64 -0.88
C7 C5L A 11 13.19 5.79 -1.38
C1' C5L A 11 15.28 1.48 -0.07
C2' C5L A 11 16.67 1.02 -0.54
O2' C5L A 11 16.87 -0.30 -0.05
C3' C5L A 11 17.61 2.03 0.15
O3' C5L A 11 18.94 1.56 0.35
C4' C5L A 11 16.89 2.20 1.47
O4' C5L A 11 15.51 2.16 1.14
C5' C5L A 11 17.17 3.49 2.24
O5' C5L A 11 16.61 4.62 1.58
CA' C5L A 11 16.39 -1.31 -0.93
CB' C5L A 11 16.36 -2.66 -0.22
OC' C5L A 11 15.17 -2.77 0.54
CD' C5L A 11 15.07 -4.00 1.23
OP1 C5L A 11 17.42 6.36 3.18
OP2 C5L A 11 15.68 6.92 1.40
H6 C5L A 11 14.78 4.11 -0.02
H5' C5L A 11 18.26 3.61 2.37
H1' C5L A 11 14.60 0.67 0.21
H2' C5L A 11 16.76 1.12 -1.62
H3' C5L A 11 17.60 2.98 -0.40
H4' C5L A 11 17.13 1.35 2.10
H41 C5L A 11 11.76 3.60 -4.43
H42 C5L A 11 11.91 5.13 -3.62
H5'' C5L A 11 16.72 3.40 3.23
H71 C5L A 11 13.50 6.02 -0.36
H72 C5L A 11 12.11 5.92 -1.43
H73 C5L A 11 13.67 6.47 -2.08
HCA1 C5L A 11 17.05 -1.37 -1.80
HCA2 C5L A 11 15.38 -1.10 -1.27
HCB1 C5L A 11 17.24 -2.75 0.43
HCB2 C5L A 11 16.39 -3.46 -0.96
HCD1 C5L A 11 14.12 -4.03 1.78
HCD2 C5L A 11 15.89 -4.12 1.94
HCD3 C5L A 11 15.09 -4.83 0.52
N1 C5L B 1 10.07 2.34 -12.42
C2 C5L B 1 11.20 2.40 -11.58
O2 C5L B 1 12.20 1.72 -11.80
N3 C5L B 1 11.23 3.20 -10.50
C4 C5L B 1 10.16 3.92 -10.23
N4 C5L B 1 10.32 4.66 -9.16
C5 C5L B 1 8.95 3.89 -11.03
C6 C5L B 1 8.96 3.09 -12.12
C7 C5L B 1 7.73 4.73 -10.68
C1' C5L B 1 10.14 1.44 -13.61
C2' C5L B 1 9.88 0.00 -13.20
O2' C5L B 1 10.69 -0.93 -13.94
C3' C5L B 1 8.40 -0.16 -13.53
O3' C5L B 1 8.02 -1.52 -13.60
C4' C5L B 1 8.37 0.62 -14.86
O4' C5L B 1 9.18 1.76 -14.61
C5' C5L B 1 6.95 0.99 -15.30
O5' C5L B 1 6.95 1.58 -16.60
CA' C5L B 1 12.02 -1.06 -13.44
CB' C5L B 1 12.75 -2.17 -14.20
OC' C5L B 1 12.23 -3.48 -13.99
CD' C5L B 1 12.36 -3.97 -12.66
H6 C5L B 1 8.09 3.04 -12.76
H5' C5L B 1 6.52 1.68 -14.57
H1' C5L B 1 11.14 1.50 -14.03
H2' C5L B 1 10.03 -0.12 -12.13
H3' C5L B 1 7.81 0.39 -12.80
H4' C5L B 1 8.83 -0.01 -15.63
H41 C5L B 1 11.21 4.60 -8.68
H42 C5L B 1 9.57 5.25 -8.86
H5'' C5L B 1 6.34 0.09 -15.33
H71 C5L B 1 8.00 5.79 -10.67
H72 C5L B 1 7.37 4.45 -9.69
H73 C5L B 1 6.93 4.57 -11.41
HCA1 C5L B 1 12.00 -1.28 -12.37
HCA2 C5L B 1 12.56 -0.13 -13.59
HCB1 C5L B 1 13.81 -2.16 -13.90
HCB2 C5L B 1 12.72 -1.94 -15.26
HCD1 C5L B 1 11.76 -3.39 -11.96
HCD2 C5L B 1 13.41 -3.93 -12.35
HCD3 C5L B 1 12.03 -5.01 -12.62
HO5' C5L B 1 6.03 1.82 -16.85
P G48 B 2 6.77 -2.05 -12.74
OP1 G48 B 2 6.72 -3.53 -12.87
O5' G48 B 2 7.14 -1.65 -11.23
C5' G48 B 2 7.69 -2.55 -10.29
C4' G48 B 2 9.16 -2.93 -10.51
O4' G48 B 2 10.07 -1.85 -10.63
C3' G48 B 2 9.66 -3.82 -9.37
O3' G48 B 2 9.76 -5.16 -9.86
C2' G48 B 2 10.93 -3.14 -8.83
O2' G48 B 2 12.12 -3.83 -9.23
C1' G48 B 2 10.90 -1.74 -9.49
N9 G48 B 2 10.45 -0.57 -8.69
C8 G48 B 2 9.44 0.31 -8.98
N7 G48 B 2 9.33 1.30 -8.13
C5 G48 B 2 10.37 1.05 -7.21
C6 G48 B 2 10.86 1.82 -6.10
O6 G48 B 2 10.47 2.91 -5.66
N1 G48 B 2 11.92 1.23 -5.44
C2 G48 B 2 12.45 0.03 -5.80
N2 G48 B 2 13.43 -0.45 -5.09
N3 G48 B 2 12.05 -0.69 -6.84
C4 G48 B 2 11.00 -0.13 -7.51
CA' G48 B 2 13.27 -3.44 -8.49
CB' G48 B 2 14.51 -4.20 -8.99
OC' G48 B 2 14.51 -5.60 -8.67
CD' G48 B 2 14.69 -5.88 -7.29
OP2 G48 B 2 5.58 -1.25 -13.15
H5' G48 B 2 7.60 -2.09 -9.30
H5'' G48 B 2 7.09 -3.47 -10.27
H4' G48 B 2 9.22 -3.49 -11.44
H3' G48 B 2 8.91 -3.79 -8.58
H2' G48 B 2 10.86 -3.06 -7.74
H1' G48 B 2 11.91 -1.49 -9.77
H8 G48 B 2 8.80 0.20 -9.85
H1 G48 B 2 12.32 1.72 -4.66
H21 G48 B 2 13.76 0.03 -4.25
H22 G48 B 2 13.84 -1.31 -5.40
HCA2 G48 B 2 13.46 -2.37 -8.63
HCA1 G48 B 2 13.13 -3.62 -7.43
HCB1 G48 B 2 15.40 -3.74 -8.58
HCB2 G48 B 2 14.56 -4.09 -10.08
HCD1 G48 B 2 13.84 -5.51 -6.72
HCD2 G48 B 2 15.60 -5.43 -6.93
HCD3 G48 B 2 14.75 -6.96 -7.15
P C5L B 3 9.30 -6.44 -9.03
N1 C5L B 3 10.85 -2.98 -4.38
C2 C5L B 3 11.14 -2.03 -3.39
O2 C5L B 3 12.09 -2.13 -2.63
N3 C5L B 3 10.36 -0.93 -3.24
C4 C5L B 3 9.31 -0.81 -4.02
N4 C5L B 3 8.65 0.27 -3.77
C5 C5L B 3 8.93 -1.76 -5.04
C6 C5L B 3 9.75 -2.83 -5.19
C7 C5L B 3 7.76 -1.55 -5.98
C1' C5L B 3 11.78 -4.13 -4.53
C2' C5L B 3 11.62 -5.19 -3.44
O2' C5L B 3 12.89 -5.85 -3.33
C3' C5L B 3 10.54 -6.07 -4.06
O3' C5L B 3 10.43 -7.34 -3.45
C4' C5L B 3 11.02 -6.09 -5.51
O4' C5L B 3 11.59 -4.80 -5.76
C5' C5L B 3 9.86 -6.40 -6.46
O5' C5L B 3 10.31 -6.49 -7.80
CA' C5L B 3 13.84 -5.17 -2.49
CB' C5L B 3 15.24 -5.40 -3.07
OC' C5L B 3 15.49 -4.60 -4.23
CD' C5L B 3 15.68 -3.21 -3.97
OP1 C5L B 3 9.54 -7.63 -9.87
OP2 C5L B 3 7.93 -6.18 -8.54
H6 C5L B 3 9.52 -3.57 -5.95
H5' C5L B 3 9.11 -5.63 -6.36
H1' C5L B 3 12.79 -3.72 -4.44
H2' C5L B 3 11.30 -4.75 -2.50
H3' C5L B 3 9.59 -5.53 -4.02
H4' C5L B 3 11.80 -6.86 -5.61
H41 C5L B 3 9.03 0.94 -3.13
H42 C5L B 3 7.77 0.43 -4.20
H5'' C5L B 3 9.41 -7.36 -6.16
H71 C5L B 3 6.82 -1.60 -5.41
H72 C5L B 3 7.74 -2.32 -6.76
H73 C5L B 3 7.83 -0.58 -6.46
HCA1 C5L B 3 13.80 -5.62 -1.50
HCA2 C5L B 3 13.63 -4.12 -2.41
HCB1 C5L B 3 15.35 -6.45 -3.33
HCB2 C5L B 3 15.99 -5.17 -2.30
HCD1 C5L B 3 15.86 -2.70 -4.90
HCD2 C5L B 3 16.54 -3.07 -3.32
HCD3 C5L B 3 14.80 -2.78 -3.49
P G48 B 4 9.42 -7.56 -2.22
OP1 G48 B 4 9.68 -8.90 -1.65
O5' G48 B 4 9.86 -6.44 -1.15
C5' G48 B 4 11.10 -6.51 -0.47
C4' G48 B 4 11.36 -5.27 0.39
O4' G48 B 4 11.24 -4.02 -0.28
C3' G48 B 4 10.38 -5.23 1.55
O3' G48 B 4 10.78 -6.20 2.52
C2' G48 B 4 10.52 -3.75 1.96
O2' G48 B 4 11.56 -3.63 2.94
C1' G48 B 4 10.85 -3.02 0.66
N9 G48 B 4 9.67 -2.25 0.26
C8 G48 B 4 8.79 -2.55 -0.72
N7 G48 B 4 7.94 -1.58 -0.97
C5 G48 B 4 8.29 -0.59 -0.03
C6 G48 B 4 7.85 0.77 0.19
O6 G48 B 4 7.00 1.40 -0.43
N1 G48 B 4 8.47 1.41 1.25
C2 G48 B 4 9.28 0.76 2.12
N2 G48 B 4 9.59 1.38 3.23
N3 G48 B 4 9.78 -0.45 1.92
C4 G48 B 4 9.26 -1.07 0.82
CA' G48 B 4 11.75 -2.34 3.51
CB' G48 B 4 12.81 -2.45 4.61
OC' G48 B 4 14.10 -2.58 4.05
CD' G48 B 4 15.09 -2.87 5.02
OP2 G48 B 4 8.05 -7.22 -2.70
H5' G48 B 4 11.10 -7.40 0.18
H5'' G48 B 4 11.91 -6.63 -1.18
H4' G48 B 4 12.36 -5.34 0.80
H3' G48 B 4 9.37 -5.42 1.19
H2' G48 B 4 9.53 -3.42 2.27
H1' G48 B 4 11.58 -2.23 0.75
H8 G48 B 4 8.87 -3.51 -1.21
H1 G48 B 4 8.35 2.41 1.41
H21 G48 B 4 9.19 2.29 3.45
H22 G48 B 4 10.24 0.92 3.85
HCA2 G48 B 4 12.10 -1.62 2.76
HCA1 G48 B 4 10.83 -1.99 3.95
HCB1 G48 B 4 12.56 -3.31 5.24
HCB2 G48 B 4 12.77 -1.55 5.23
HCD1 G48 B 4 14.89 -3.83 5.49
HCD2 G48 B 4 15.11 -2.10 5.79
HCD3 G48 B 4 16.06 -2.91 4.54
P A44 B 5 9.81 -6.72 3.68
OP2 A44 B 5 8.51 -7.08 3.06
OP1 A44 B 5 10.54 -7.75 4.45
O5' A44 B 5 9.62 -5.44 4.64
C5' A44 B 5 8.35 -4.87 4.90
C4' A44 B 5 8.53 -3.43 5.39
O4' A44 B 5 8.49 -2.54 4.30
C3' A44 B 5 7.42 -3.00 6.34
O3' A44 B 5 7.74 -3.49 7.64
C2' A44 B 5 7.46 -1.47 6.18
O2' A44 B 5 8.47 -0.91 7.01
C1' A44 B 5 7.90 -1.32 4.72
N9 A44 B 5 6.88 -0.92 3.72
C8 A44 B 5 6.41 -1.65 2.66
N7 A44 B 5 5.55 -0.99 1.91
C5 A44 B 5 5.50 0.26 2.52
C6 A44 B 5 4.90 1.51 2.22
N6 A44 B 5 4.17 1.76 1.16
N1 A44 B 5 5.03 2.58 3.00
C2 A44 B 5 5.79 2.45 4.07
N3 A44 B 5 6.44 1.37 4.49
C4 A44 B 5 6.24 0.30 3.67
CA' A44 B 5 8.47 0.51 7.09
CD' A44 B 5 8.87 0.04 10.02
OC' A44 B 5 9.30 1.20 9.33
CB' A44 B 5 9.65 0.98 7.96
H5' A44 B 5 7.73 -4.85 4.00
H5'' A44 B 5 7.85 -5.47 5.66
H4' A44 B 5 9.48 -3.34 5.92
H3' A44 B 5 6.46 -3.39 6.00
H2' A44 B 5 6.49 -1.02 6.36
H1' A44 B 5 8.61 -0.52 4.69
H8 A44 B 5 6.73 -2.66 2.46
H61 A44 B 5 3.83 2.70 1.00
H62 A44 B 5 3.97 1.05 0.51
H2 A44 B 5 5.89 3.37 4.65
HCA2 A44 B 5 8.61 0.94 6.10
HCA1 A44 B 5 7.53 0.89 7.50
HCD1 A44 B 5 9.62 -0.76 9.93
HCD2 A44 B 5 7.92 -0.32 9.61
HCD3 A44 B 5 8.73 0.27 11.07
HCB1 A44 B 5 10.01 1.92 7.55
HCB2 A44 B 5 10.46 0.26 7.90
P A44 B 6 6.66 -3.55 8.81
OP2 A44 B 6 5.54 -4.41 8.34
OP1 A44 B 6 7.37 -3.92 10.06
O5' A44 B 6 6.17 -2.04 8.95
C5' A44 B 6 4.90 -1.65 8.46
C4' A44 B 6 4.67 -0.14 8.63
O4' A44 B 6 4.94 0.64 7.47
C3' A44 B 6 3.19 0.06 8.94
O3' A44 B 6 2.94 -0.20 10.32
C2' A44 B 6 2.98 1.50 8.47
O2' A44 B 6 3.51 2.46 9.40
C1' A44 B 6 3.85 1.53 7.23
N9 A44 B 6 3.19 1.20 5.95
C8 A44 B 6 3.19 0.01 5.27
N7 A44 B 6 2.63 0.07 4.08
C5 A44 B 6 2.18 1.39 4.01
C6 A44 B 6 1.53 2.19 3.03
N6 A44 B 6 1.17 1.83 1.81
N1 A44 B 6 1.22 3.46 3.28
C2 A44 B 6 1.54 3.95 4.47
N3 A44 B 6 2.14 3.34 5.48
C4 A44 B 6 2.45 2.06 5.18
CA' A44 B 6 3.14 3.81 9.15
CD' A44 B 6 6.15 4.03 9.41
OC' A44 B 6 5.23 5.11 9.47
CB' A44 B 6 3.95 4.78 10.02
H5' A44 B 6 4.78 -1.92 7.42
H5'' A44 B 6 4.14 -2.19 9.04
H4' A44 B 6 5.25 0.24 9.47
H3' A44 B 6 2.61 -0.60 8.30
H2' A44 B 6 1.94 1.67 8.23
H1' A44 B 6 4.15 2.57 7.10
H8 A44 B 6 3.62 -0.86 5.73
H61 A44 B 6 0.69 2.48 1.20
H62 A44 B 6 1.37 0.90 1.50
H2 A44 B 6 1.29 4.98 4.66
HCA2 A44 B 6 3.26 4.09 8.10
HCA1 A44 B 6 2.09 3.94 9.41
HCD1 A44 B 6 7.13 4.39 9.11
HCD2 A44 B 6 5.82 3.28 8.67
HCD3 A44 B 6 6.24 3.54 10.39
HCB1 A44 B 6 4.07 4.35 11.02
HCB2 A44 B 6 3.38 5.70 10.11
P T39 B 7 1.55 -0.83 10.76
OP1 T39 B 7 1.51 -0.87 12.25
OP2 T39 B 7 1.32 -2.06 9.98
O5' T39 B 7 0.55 0.30 10.24
C5' T39 B 7 0.56 1.59 10.83
C4' T39 B 7 -0.38 2.54 10.08
O4' T39 B 7 0.02 2.91 8.76
C3' T39 B 7 -1.78 1.95 10.00
O3' T39 B 7 -2.38 2.04 11.29
C2' T39 B 7 -2.32 2.87 8.91
O2' T39 B 7 -2.60 4.16 9.51
C1' T39 B 7 -1.14 2.96 7.93
N1 T39 B 7 -1.05 1.97 6.83
C2 T39 B 7 -1.78 2.29 5.68
O2 T39 B 7 -2.51 3.29 5.59
N3 T39 B 7 -1.70 1.46 4.62
C4 T39 B 7 -0.94 0.34 4.53
O4 T39 B 7 -0.87 -0.20 3.43
C5 T39 B 7 -0.30 -0.03 5.79
C7 T39 B 7 0.39 -1.36 5.97
C6 T39 B 7 -0.30 0.81 6.86
CA' T39 B 7 -2.97 5.25 8.67
CD' T39 B 7 0.15 7.14 7.86
CB' T39 B 7 -1.93 6.38 8.70
OC' T39 B 7 -0.84 6.11 7.83
H5' T39 B 7 0.22 1.52 11.86
H5'' T39 B 7 1.56 2.02 10.83
H4' T39 B 7 -0.44 3.45 10.67
H3' T39 B 7 -1.78 0.92 9.61
H7 T39 B 7 -3.17 2.40 8.44
H1' T39 B 7 -1.33 3.91 7.41
H3 T39 B 7 -2.26 1.68 3.81
H71 T39 B 7 1.10 -1.31 6.79
H72 T39 B 7 0.90 -1.66 5.06
H73 T39 B 7 -0.41 -2.08 6.17
H6 T39 B 7 0.30 0.52 7.70
HCA2 T39 B 7 -3.15 4.94 7.65
HCA1 T39 B 7 -3.90 5.66 9.06
HCD1 T39 B 7 0.95 6.88 7.18
HCD2 T39 B 7 0.55 7.25 8.87
HCD3 T39 B 7 -0.29 8.09 7.54
HCB1 T39 B 7 -1.58 6.52 9.73
HCB2 T39 B 7 -2.42 7.30 8.38
P T39 B 8 -3.76 1.33 11.67
OP1 T39 B 8 -3.88 1.34 13.15
OP2 T39 B 8 -3.84 0.04 10.95
O5' T39 B 8 -4.86 2.36 11.10
C5' T39 B 8 -5.81 1.98 10.11
C4' T39 B 8 -6.14 3.16 9.18
O4' T39 B 8 -5.13 3.39 8.21
C3' T39 B 8 -7.39 2.86 8.39
O3' T39 B 8 -8.53 3.14 9.18
C2' T39 B 8 -7.15 3.75 7.16
O2' T39 B 8 -7.46 5.13 7.42
C1' T39 B 8 -5.65 3.56 6.90
N1 T39 B 8 -5.35 2.45 5.97
C2 T39 B 8 -5.55 2.59 4.58
O2 T39 B 8 -6.12 3.56 4.07
N3 T39 B 8 -5.07 1.60 3.76
C4 T39 B 8 -4.46 0.47 4.22
O4 T39 B 8 -4.06 -0.36 3.43
C5 T39 B 8 -4.35 0.37 5.66
C7 T39 B 8 -3.66 -0.78 6.27
C6 T39 B 8 -4.86 1.30 6.48
CA' T39 B 8 -7.42 5.96 6.27
CD' T39 B 8 -6.11 7.71 8.39
CB' T39 B 8 -7.74 7.42 6.66
OC' T39 B 8 -6.62 8.15 7.14
H5' T39 B 8 -5.46 1.15 9.51
H5'' T39 B 8 -6.72 1.66 10.63
H4' T39 B 8 -6.30 4.06 9.77
H3' T39 B 8 -7.36 1.82 8.07
H7 T39 B 8 -7.68 3.33 6.32
H1' T39 B 8 -5.13 4.37 6.42
H3 T39 B 8 -5.15 1.67 2.75
H71 T39 B 8 -4.40 -1.59 6.23
H72 T39 B 8 -3.36 -0.53 7.29
H73 T39 B 8 -2.79 -0.96 5.65
H6 T39 B 8 -4.87 1.13 7.54
HCA2 T39 B 8 -6.44 5.93 5.78
HCA1 T39 B 8 -8.18 5.63 5.57
HCD1 T39 B 8 -5.32 8.38 8.72
HCD2 T39 B 8 -5.70 6.71 8.30
HCD3 T39 B 8 -6.91 7.71 9.14
HCB1 T39 B 8 -8.55 7.43 7.40
HCB2 T39 B 8 -8.10 7.92 5.77
P C5L B 9 -9.81 2.18 9.15
N1 C5L B 9 -8.97 1.86 3.61
C2 C5L B 9 -9.00 1.37 2.29
O2 C5L B 9 -9.52 1.98 1.36
N3 C5L B 9 -8.47 0.18 1.97
C4 C5L B 9 -7.94 -0.53 2.94
N4 C5L B 9 -7.46 -1.67 2.54
C5 C5L B 9 -7.89 -0.10 4.31
C6 C5L B 9 -8.32 1.13 4.59
C7 C5L B 9 -7.19 -0.82 5.43
C1' C5L B 9 -9.63 3.17 3.88
C2' C5L B 9 -11.15 3.14 3.61
O2' C5L B 9 -11.61 4.39 3.11
C3' C5L B 9 -11.67 2.86 5.03
O3' C5L B 9 -13.06 3.09 5.25
C4' C5L B 9 -10.80 3.85 5.76
O4' C5L B 9 -9.52 3.61 5.21
C5' C5L B 9 -10.80 3.71 7.28
O5' C5L B 9 -10.34 2.42 7.67
CA' C5L B 9 -11.35 4.62 1.72
CB' C5L B 9 -11.91 5.97 1.31
OC' C5L B 9 -11.14 7.03 1.87
CD' C5L B 9 -11.66 8.31 1.55
OP1 C5L B 9 -10.81 2.69 10.11
OP2 C5L B 9 -9.35 0.77 9.26
H6 C5L B 9 -8.11 1.46 5.60
H5' C5L B 9 -11.82 3.86 7.66
H1' C5L B 9 -9.08 3.89 3.28
H2' C5L B 9 -11.44 2.32 2.94
H3' C5L B 9 -11.39 1.85 5.33
H4' C5L B 9 -11.12 4.87 5.51
H41 C5L B 9 -7.33 -1.82 1.55
H42 C5L B 9 -7.22 -2.37 3.19
H5'' C5L B 9 -10.15 4.48 7.70
H71 C5L B 9 -7.85 -1.57 5.86
H72 C5L B 9 -6.91 -0.07 6.18
H73 C5L B 9 -6.30 -1.30 5.04
HCA1 C5L B 9 -11.84 3.84 1.13
HCA2 C5L B 9 -10.28 4.59 1.51
HCB1 C5L B 9 -12.96 6.04 1.64
HCB2 C5L B 9 -11.89 6.04 0.22
HCD1 C5L B 9 -12.67 8.42 1.96
HCD2 C5L B 9 -11.71 8.44 0.46
HCD3 C5L B 9 -11.02 9.08 1.97
P G48 B 10 -14.10 1.88 5.15
OP1 G48 B 10 -15.46 2.44 5.41
O5' G48 B 10 -13.99 1.47 3.62
C5' G48 B 10 -14.38 2.37 2.60
C4' G48 B 10 -14.10 1.80 1.22
O4' G48 B 10 -12.71 1.53 0.97
C3' G48 B 10 -14.85 0.48 0.96
O3' G48 B 10 -16.24 0.67 0.79
C2' G48 B 10 -14.07 0.07 -0.30
O2' G48 B 10 -14.46 0.89 -1.41
C1' G48 B 10 -12.63 0.39 0.12
N9 G48 B 10 -11.94 -0.72 0.74
C8 G48 B 10 -11.51 -0.95 2.02
N7 G48 B 10 -10.81 -2.05 2.13
C5 G48 B 10 -10.73 -2.55 0.81
C6 G48 B 10 -9.97 -3.60 0.19
O6 G48 B 10 -9.20 -4.39 0.72
N1 G48 B 10 -10.16 -3.69 -1.18
C2 G48 B 10 -11.09 -2.98 -1.86
N2 G48 B 10 -11.33 -3.30 -3.09
N3 G48 B 10 -11.77 -1.98 -1.34
C4 G48 B 10 -11.54 -1.81 -0.01
CA' G48 B 10 -13.90 0.58 -2.67
CB' G48 B 10 -14.29 1.65 -3.71
OC' G48 B 10 -15.64 1.54 -4.19
CD' G48 B 10 -16.62 2.05 -3.30
OP2 G48 B 10 -13.62 0.76 5.99
H5' G48 B 10 -15.46 2.56 2.68
H5'' G48 B 10 -13.87 3.32 2.71
H4' G48 B 10 -14.44 2.53 0.48
H3' G48 B 10 -14.63 -0.22 1.77
H2' G48 B 10 -14.18 -0.99 -0.47
H1' G48 B 10 -11.99 0.48 -0.75
H8 G48 B 10 -11.75 -0.27 2.83
H1 G48 B 10 -9.59 -4.31 -1.76
H21 G48 B 10 -10.92 -4.15 -3.50
H22 G48 B 10 -11.94 -2.70 -3.62
HCA2 G48 B 10 -12.81 0.58 -2.61
HCA1 G48 B 10 -14.22 -0.39 -3.03
HCB1 G48 B 10 -13.63 1.53 -4.55
HCB2 G48 B 10 -14.11 2.64 -3.29
HCD1 G48 B 10 -16.44 3.10 -3.10
HCD2 G48 B 10 -16.62 1.50 -2.37
HCD3 G48 B 10 -17.61 1.95 -3.76
P C5L B 11 -17.31 -0.48 1.15
N1 C5L B 11 -14.11 -4.12 -1.13
C2 C5L B 11 -13.30 -5.23 -1.37
O2 C5L B 11 -13.20 -5.75 -2.49
N3 C5L B 11 -12.59 -5.81 -0.38
C4 C5L B 11 -12.76 -5.35 0.84
N4 C5L B 11 -12.00 -5.95 1.72
C5 C5L B 11 -13.68 -4.30 1.17
C6 C5L B 11 -14.35 -3.71 0.14
C7 C5L B 11 -13.85 -3.74 2.58
C1' C5L B 11 -14.70 -3.36 -2.29
C2' C5L B 11 -15.77 -4.21 -3.00
O2' C5L B 11 -15.70 -3.94 -4.41
C3' C5L B 11 -17.06 -3.69 -2.35
O3' C5L B 11 -18.24 -3.97 -3.10
C4' C5L B 11 -16.73 -2.21 -2.30
O4' C5L B 11 -15.37 -2.18 -1.93
C5' C5L B 11 -17.54 -1.35 -1.31
O5' C5L B 11 -17.15 -1.61 0.03
CA' C5L B 11 -14.65 -4.64 -5.07
CB' C5L B 11 -14.54 -4.24 -6.55
OC' C5L B 11 -15.50 -4.84 -7.41
CD' C5L B 11 -16.82 -4.30 -7.29
OP1 C5L B 11 -18.67 0.12 1.03
OP2 C5L B 11 -16.92 -1.08 2.45
H6 C5L B 11 -15.05 -2.92 0.32
H5' C5L B 11 -18.60 -1.54 -1.45
H1' C5L B 11 -13.86 -3.03 -2.92
H2' C5L B 11 -15.65 -5.27 -2.76
H3' C5L B 11 -17.13 -4.07 -1.33
H4' C5L B 11 -16.84 -1.80 -3.30
H41 C5L B 11 -11.31 -6.63 1.40
H42 C5L B 11 -12.09 -5.73 2.68
H5'' C5L B 11 -17.34 -0.31 -1.55
H71 C5L B 11 -14.37 -2.77 2.54
H72 C5L B 11 -12.88 -3.57 3.04
H73 C5L B 11 -14.42 -4.44 3.19
HCA1 C5L B 11 -14.81 -5.72 -5.00
HCA2 C5L B 11 -13.69 -4.40 -4.60
HCB1 C5L B 11 -13.54 -4.56 -6.89
HCB2 C5L B 11 -14.57 -3.16 -6.63
HCD1 C5L B 11 -17.46 -4.77 -8.03
HCD2 C5L B 11 -16.80 -3.23 -7.45
HCD3 C5L B 11 -17.23 -4.51 -6.29
N1 C5L A 1 -9.84 -14.18 2.30
C2 C5L A 1 -10.93 -13.46 1.80
O2 C5L A 1 -11.67 -13.92 0.93
N3 C5L A 1 -11.22 -12.22 2.25
C4 C5L A 1 -10.40 -11.67 3.13
N4 C5L A 1 -10.78 -10.48 3.51
C5 C5L A 1 -9.21 -12.32 3.63
C6 C5L A 1 -8.97 -13.58 3.19
C7 C5L A 1 -8.27 -11.64 4.62
C1' C5L A 1 -9.66 -15.59 1.85
C2' C5L A 1 -8.87 -15.68 0.54
O2' C5L A 1 -9.26 -16.82 -0.25
C3' C5L A 1 -7.44 -15.85 1.09
O3' C5L A 1 -6.49 -16.36 0.16
C4' C5L A 1 -7.73 -16.82 2.24
O4' C5L A 1 -8.95 -16.36 2.82
C5' C5L A 1 -6.58 -16.88 3.25
O5' C5L A 1 -6.78 -17.93 4.20
CA' C5L A 1 -10.59 -16.79 -0.76
CB' C5L A 1 -10.81 -17.96 -1.74
OC' C5L A 1 -10.39 -17.68 -3.07
CD' C5L A 1 -11.27 -16.81 -3.78
H6 C5L A 1 -8.10 -14.12 3.55
H5' C5L A 1 -6.50 -15.91 3.76
H1' C5L A 1 -10.66 -16.02 1.71
H2' C5L A 1 -8.95 -14.77 -0.04
H3' C5L A 1 -7.11 -14.90 1.51
H4' C5L A 1 -7.88 -17.81 1.81
H41 C5L A 1 -11.63 -10.11 3.12
H42 C5L A 1 -10.22 -9.98 4.18
H5'' C5L A 1 -5.64 -17.06 2.71
H71 C5L A 1 -8.81 -11.39 5.53
H72 C5L A 1 -7.86 -10.74 4.19
H73 C5L A 1 -7.44 -12.31 4.89
HCA1 C5L A 1 -10.82 -15.84 -1.23
HCA2 C5L A 1 -11.30 -16.93 0.06
HCB1 C5L A 1 -11.86 -18.22 -1.75
HCB2 C5L A 1 -10.26 -18.82 -1.37
HCD1 C5L A 1 -12.27 -17.25 -3.83
HCD2 C5L A 1 -10.90 -16.67 -4.80
HCD3 C5L A 1 -11.33 -15.83 -3.30
HO5' C5L A 1 -6.02 -17.93 4.83
P G48 A 2 -5.62 -15.37 -0.75
OP1 G48 A 2 -4.69 -16.19 -1.56
O5' G48 A 2 -6.69 -14.67 -1.73
C5' G48 A 2 -7.35 -15.41 -2.73
C4' G48 A 2 -8.49 -14.60 -3.36
O4' G48 A 2 -9.38 -14.14 -2.36
C3' G48 A 2 -8.04 -13.40 -4.19
O3' G48 A 2 -7.68 -13.87 -5.49
C2' G48 A 2 -9.31 -12.54 -4.14
O2' G48 A 2 -10.23 -12.93 -5.16
C1' G48 A 2 -9.89 -12.87 -2.75
N9 G48 A 2 -9.63 -11.87 -1.69
C8 G48 A 2 -8.73 -11.91 -0.65
N7 G48 A 2 -8.85 -10.91 0.19
C5 G48 A 2 -9.88 -10.14 -0.35
C6 G48 A 2 -10.51 -8.92 0.10
O6 G48 A 2 -10.31 -8.27 1.12
N1 G48 A 2 -11.46 -8.43 -0.78
C2 G48 A 2 -11.79 -9.04 -1.94
N2 G48 A 2 -12.68 -8.46 -2.71
N3 G48 A 2 -11.27 -10.19 -2.37
C4 G48 A 2 -10.31 -10.69 -1.54
CA' G48 A 2 -11.40 -12.12 -5.26
CB' G48 A 2 -12.11 -12.45 -6.58
OC' G48 A 2 -13.26 -11.63 -6.82
CD' G48 A 2 -12.93 -10.27 -7.11
OP2 G48 A 2 -5.05 -14.31 0.12
H5' G48 A 2 -6.65 -15.70 -3.52
H5'' G48 A 2 -7.77 -16.31 -2.29
H4' G48 A 2 -9.04 -15.26 -4.02
H3' G48 A 2 -7.21 -12.89 -3.69
H2' G48 A 2 -9.06 -11.48 -4.23
H1' G48 A 2 -10.97 -12.94 -2.82
H8 G48 A 2 -7.99 -12.69 -0.56
H1 G48 A 2 -11.94 -7.57 -0.53
H21 G48 A 2 -13.06 -7.55 -2.47
H22 G48 A 2 -12.97 -8.95 -3.53
HCA2 G48 A 2 -12.08 -12.32 -4.44
HCA1 G48 A 2 -11.12 -11.07 -5.25
HCB1 G48 A 2 -12.44 -13.49 -6.53
HCB2 G48 A 2 -11.40 -12.36 -7.40
HCD1 G48 A 2 -12.21 -10.21 -7.92
HCD2 G48 A 2 -12.52 -9.78 -6.23
HCD3 G48 A 2 -13.85 -9.75 -7.41
P C5L A 3 -6.76 -13.07 -6.52
N1 C5L A 3 -9.25 -7.99 -4.39
C2 C5L A 3 -9.78 -6.87 -3.74
O2 C5L A 3 -10.68 -6.19 -4.21
N3 C5L A 3 -9.30 -6.51 -2.52
C4 C5L A 3 -8.34 -7.22 -1.99
N4 C5L A 3 -7.96 -6.77 -0.83
C5 C5L A 3 -7.76 -8.38 -2.60
C6 C5L A 3 -8.25 -8.73 -3.81
C7 C5L A 3 -6.71 -9.26 -1.94
C1' C5L A 3 -9.81 -8.34 -5.73
C2' C5L A 3 -9.33 -7.40 -6.83
O2' C5L A 3 -10.28 -7.42 -7.91
C3' C5L A 3 -8.01 -8.09 -7.21
O3' C5L A 3 -7.47 -7.64 -8.43
C4' C5L A 3 -8.46 -9.55 -7.19
O4' C5L A 3 -9.43 -9.64 -6.15
C5' C5L A 3 -7.28 -10.50 -6.94
O5' C5L A 3 -7.65 -11.86 -7.10
CA' C5L A 3 -11.43 -6.61 -7.69
CB' C5L A 3 -12.40 -6.76 -8.87
OC' C5L A 3 -11.95 -6.18 -10.09
CD' C5L A 3 -11.94 -4.76 -10.08
OP1 C5L A 3 -6.47 -13.98 -7.65
OP2 C5L A 3 -5.61 -12.51 -5.76
H6 C5L A 3 -7.86 -9.60 -4.31
H5' C5L A 3 -6.88 -10.33 -5.94
H1' C5L A 3 -10.88 -8.23 -5.64
H2' C5L A 3 -9.14 -6.40 -6.45
H3' C5L A 3 -7.28 -7.93 -6.40
H4' C5L A 3 -8.91 -9.78 -8.15
H41 C5L A 3 -8.48 -6.01 -0.41
H42 C5L A 3 -7.17 -7.16 -0.38
H5'' C5L A 3 -6.48 -10.28 -7.65
H71 C5L A 3 -6.94 -9.38 -0.88
H72 C5L A 3 -5.72 -8.81 -2.03
H73 C5L A 3 -6.71 -10.25 -2.39
HCA1 C5L A 3 -11.16 -5.57 -7.55
HCA2 C5L A 3 -11.95 -6.93 -6.78
HCB1 C5L A 3 -13.36 -6.32 -8.59
HCB2 C5L A 3 -12.58 -7.83 -9.03
HCD1 C5L A 3 -11.66 -4.40 -11.07
HCD2 C5L A 3 -11.22 -4.38 -9.37
HCD3 C5L A 3 -12.93 -4.38 -9.85
P G48 A 4 -6.45 -6.39 -8.47
OP1 G48 A 4 -6.23 -6.04 -9.89
O5' G48 A 4 -7.22 -5.19 -7.75
C5' G48 A 4 -8.38 -4.60 -8.33
C4' G48 A 4 -9.06 -3.60 -7.39
O4' G48 A 4 -9.26 -4.08 -6.06
C3' G48 A 4 -8.26 -2.32 -7.29
O3' G48 A 4 -8.55 -1.50 -8.43
C2' G48 A 4 -8.69 -1.77 -5.93
O2' G48 A 4 -9.60 -0.66 -5.90
C1' G48 A 4 -9.21 -2.99 -5.14
N9 G48 A 4 -8.32 -3.20 -4.01
C8 G48 A 4 -7.39 -4.16 -3.82
N7 G48 A 4 -6.82 -4.10 -2.65
C5 G48 A 4 -7.43 -3.01 -2.02
C6 G48 A 4 -7.35 -2.45 -0.68
O6 G48 A 4 -6.63 -2.80 0.25
N1 G48 A 4 -8.21 -1.38 -0.46
C2 G48 A 4 -8.91 -0.78 -1.46
N2 G48 A 4 -9.49 0.35 -1.20
N3 G48 A 4 -9.02 -1.26 -2.68
C4 G48 A 4 -8.29 -2.40 -2.89
CA' G48 A 4 -10.89 -0.79 -6.50
CB' G48 A 4 -12.03 -0.78 -5.46
OC' G48 A 4 -12.33 -2.05 -4.89
CD' G48 A 4 -12.87 -3.01 -5.79
OP2 G48 A 4 -5.28 -6.75 -7.63
H5' G48 A 4 -8.09 -4.08 -9.25
H5'' G48 A 4 -9.09 -5.38 -8.61
H4' G48 A 4 -10.03 -3.36 -7.81
H3' G48 A 4 -7.20 -2.58 -7.25
H2' G48 A 4 -7.76 -1.49 -5.43
H1' G48 A 4 -10.16 -2.81 -4.63
H8 G48 A 4 -7.21 -4.87 -4.62
H1 G48 A 4 -8.35 -1.01 0.48
H21 G48 A 4 -9.37 0.81 -0.29
H22 G48 A 4 -10.06 0.75 -1.93
HCA2 G48 A 4 -11.02 0.10 -7.13
HCA1 G48 A 4 -10.95 -1.65 -7.14
HCB1 G48 A 4 -12.92 -0.39 -5.96
HCB2 G48 A 4 -11.76 -0.09 -4.67
HCD1 G48 A 4 -13.13 -3.90 -5.22
HCD2 G48 A 4 -12.15 -3.28 -6.55
HCD3 G48 A 4 -13.78 -2.61 -6.26
P A44 A 5 -7.55 -0.35 -8.93
OP2 A44 A 5 -6.15 -0.83 -8.78
OP1 A44 A 5 -8.01 0.08 -10.27
O5' A44 A 5 -7.80 0.88 -7.92
C5' A44 A 5 -6.78 1.42 -7.10
C4' A44 A 5 -7.43 2.22 -5.97
O4' A44 A 5 -7.85 1.35 -4.93
C3' A44 A 5 -6.50 3.22 -5.29
O3' A44 A 5 -6.31 4.40 -6.06
C2' A44 A 5 -7.27 3.43 -3.98
O2' A44 A 5 -8.44 4.23 -4.17
C1' A44 A 5 -7.65 1.98 -3.68
N9 A44 A 5 -6.64 1.25 -2.89
C8 A44 A 5 -5.82 0.22 -3.29
N7 A44 A 5 -5.06 -0.26 -2.32
C5 A44 A 5 -5.44 0.54 -1.22
C6 A44 A 5 -5.10 0.57 0.15
N6 A44 A 5 -4.25 -0.23 0.76
N1 A44 A 5 -5.61 1.45 0.99
C2 A44 A 5 -6.50 2.29 0.51
N3 A44 A 5 -6.93 2.41 -0.75
C4 A44 A 5 -6.35 1.49 -1.57
CA' A44 A 5 -9.21 4.49 -3.01
CD' A44 A 5 -9.76 7.38 -2.00
OC' A44 A 5 -9.89 6.85 -3.32
CB' A44 A 5 -10.32 5.50 -3.35
H5' A44 A 5 -6.15 0.64 -6.68
H5'' A44 A 5 -6.15 2.08 -7.71
H4' A44 A 5 -8.28 2.77 -6.36
H3' A44 A 5 -5.54 2.73 -5.09
H2' A44 A 5 -6.62 3.84 -3.20
H1' A44 A 5 -8.57 1.95 -3.10
H8 A44 A 5 -5.80 -0.15 -4.30
H61 A44 A 5 -4.12 -0.14 1.75
H62 A44 A 5 -3.76 -0.92 0.25
H2 A44 A 5 -6.90 2.97 1.25
HCA2 A44 A 5 -9.70 3.56 -2.67
HCA1 A44 A 5 -8.59 4.86 -2.20
HCD1 A44 A 5 -9.06 6.79 -1.41
HCD2 A44 A 5 -10.73 7.38 -1.50
HCD3 A44 A 5 -9.40 8.41 -2.05
HCB1 A44 A 5 -11.16 5.36 -2.67
HCB2 A44 A 5 -10.68 5.27 -4.36
P A44 A 6 -5.04 5.34 -5.80
OP2 A44 A 6 -3.82 4.51 -5.89
OP1 A44 A 6 -5.16 6.52 -6.69
O5' A44 A 6 -5.20 5.82 -4.28
C5' A44 A 6 -6.24 6.70 -3.88
C4' A44 A 6 -6.20 6.95 -2.38
O4' A44 A 6 -6.31 5.78 -1.56
C3' A44 A 6 -4.90 7.64 -1.97
O3' A44 A 6 -4.91 9.02 -2.33
C2' A44 A 6 -4.91 7.36 -0.46
O2' A44 A 6 -5.88 8.15 0.23
C1' A44 A 6 -5.43 5.92 -0.45
N9 A44 A 6 -4.41 4.85 -0.45
C8 A44 A 6 -3.92 4.12 -1.51
N7 A44 A 6 -3.16 3.11 -1.16
C5 A44 A 6 -3.05 3.26 0.23
C6 A44 A 6 -2.40 2.57 1.29
N6 A44 A 6 -1.68 1.46 1.22
N1 A44 A 6 -2.48 3.01 2.54
C2 A44 A 6 -3.18 4.10 2.78
N3 A44 A 6 -3.85 4.86 1.91
C4 A44 A 6 -3.74 4.37 0.64
CA' A44 A 6 -5.76 8.15 1.65
CD' A44 A 6 -8.68 7.38 1.45
OC' A44 A 6 -8.03 7.91 2.60
CB' A44 A 6 -6.97 8.82 2.32
H5' A44 A 6 -6.12 7.66 -4.40
H5'' A44 A 6 -7.21 6.30 -4.16
H4' A44 A 6 -7.02 7.63 -2.12
H3' A44 A 6 -4.06 7.13 -2.43
H2' A44 A 6 -3.92 7.43 -0.05
H1' A44 A 6 -5.95 5.79 0.49
H8 A44 A 6 -4.17 4.40 -2.52
H61 A44 A 6 -1.24 1.07 2.04
H62 A44 A 6 -1.56 1.02 0.32
H2 A44 A 6 -3.25 4.43 3.79
HCA2 A44 A 6 -5.65 7.14 2.05
HCA1 A44 A 6 -4.88 8.72 1.94
HCD1 A44 A 6 -9.53 6.77 1.77
HCD2 A44 A 6 -8.01 6.75 0.88
HCD3 A44 A 6 -9.06 8.19 0.81
HCB1 A44 A 6 -7.32 9.65 1.69
HCB2 A44 A 6 -6.64 9.24 3.26
P T39 A 7 -3.54 9.78 -2.63
OP1 T39 A 7 -3.85 11.21 -2.86
OP2 T39 A 7 -2.79 9.02 -3.66
O5' T39 A 7 -2.76 9.63 -1.24
C5' T39 A 7 -3.21 10.31 -0.08
C4' T39 A 7 -2.39 9.91 1.15
O4' T39 A 7 -2.55 8.55 1.56
C3' T39 A 7 -0.89 10.16 0.94
O3' T39 A 7 -0.64 11.55 1.07
C2' T39 A 7 -0.37 9.27 2.06
O2' T39 A 7 -0.50 9.99 3.31
C1' T39 A 7 -1.29 8.05 1.98
N1 T39 A 7 -0.86 6.90 1.13
C2 T39 A 7 0.04 6.02 1.75
O2 T39 A 7 0.47 6.19 2.89
N3 T39 A 7 0.45 4.93 1.05
C4 T39 A 7 0.02 4.56 -0.17
O4 T39 A 7 0.36 3.45 -0.56
C5 T39 A 7 -0.81 5.57 -0.85
C7 T39 A 7 -1.17 5.45 -2.31
C6 T39 A 7 -1.27 6.65 -0.17
CA' T39 A 7 -0.45 9.26 4.53
CD' T39 A 7 -1.32 11.87 7.04
CB' T39 A 7 -0.26 10.24 5.70
OC' T39 A 7 -1.46 10.96 5.96
H5' T39 A 7 -3.11 11.38 -0.24
H5'' T39 A 7 -4.26 10.10 0.11
H4' T39 A 7 -2.71 10.54 1.98
H3' T39 A 7 -0.57 9.76 -0.03
H7 T39 A 7 0.65 8.99 1.84
H1' T39 A 7 -1.26 7.63 2.99
H3 T39 A 7 1.14 4.34 1.48
H71 T39 A 7 -1.35 4.42 -2.58
H72 T39 A 7 -0.30 5.81 -2.88
H73 T39 A 7 -2.05 6.06 -2.53
H6 T39 A 7 -1.96 7.30 -0.70
HCA2 T39 A 7 -1.38 8.72 4.69
HCA1 T39 A 7 0.38 8.56 4.53
HCD1 T39 A 7 -2.27 12.39 7.19
HCD2 T39 A 7 -0.54 12.60 6.80
HCD3 T39 A 7 -1.05 11.34 7.95
HCB1 T39 A 7 0.55 10.93 5.47
HCB2 T39 A 7 0.02 9.66 6.59
P T39 A 8 0.77 12.23 0.70
OP1 T39 A 8 0.53 13.69 0.54
OP2 T39 A 8 1.37 11.47 -0.43
O5' T39 A 8 1.67 12.04 2.03
C5' T39 A 8 2.89 11.32 2.04
C4' T39 A 8 3.10 10.52 3.34
O4' T39 A 8 2.34 9.34 3.28
C3' T39 A 8 4.53 10.07 3.56
O3' T39 A 8 5.30 10.96 4.37
C2' T39 A 8 4.35 8.71 4.27
O2' T39 A 8 4.25 8.84 5.69
C1' T39 A 8 3.05 8.18 3.68
N1 T39 A 8 3.29 7.19 2.61
C2 T39 A 8 3.86 5.94 2.92
O2 T39 A 8 4.37 5.65 3.99
N3 T39 A 8 3.84 4.99 1.94
C4 T39 A 8 3.40 5.19 0.67
O4 T39 A 8 3.45 4.27 -0.13
C5 T39 A 8 2.92 6.55 0.41
C7 T39 A 8 2.38 6.91 -0.92
C6 T39 A 8 2.94 7.51 1.35
CA' T39 A 8 4.35 7.62 6.40
CD' T39 A 8 6.37 9.28 7.89
CB' T39 A 8 4.41 7.89 7.91
OC' T39 A 8 5.73 8.13 8.41
H5' T39 A 8 2.97 10.63 1.20
H5'' T39 A 8 3.69 12.05 1.93
H4' T39 A 8 2.79 11.12 4.20
H3' T39 A 8 5.00 9.88 2.59
H7 T39 A 8 5.15 8.05 3.95
H1' T39 A 8 2.40 7.64 4.35
H3 T39 A 8 4.16 4.05 2.14
H71 T39 A 8 1.78 6.05 -1.23
H72 T39 A 8 3.25 7.10 -1.53
H73 T39 A 8 1.74 7.79 -0.81
H6 T39 A 8 2.67 8.52 1.10
HCA2 T39 A 8 3.48 7.00 6.20
HCA1 T39 A 8 5.24 7.07 6.10
HCD1 T39 A 8 7.32 9.43 8.39
HCD2 T39 A 8 5.74 10.16 8.04
HCD3 T39 A 8 6.56 9.16 6.82
HCB1 T39 A 8 4.03 7.00 8.42
HCB2 T39 A 8 3.76 8.72 8.16
P C5L A 9 6.15 12.15 3.75
N1 C5L A 9 7.50 6.47 3.03
C2 C5L A 9 7.95 5.15 2.82
O2 C5L A 9 8.47 4.46 3.69
N3 C5L A 9 7.81 4.55 1.61
C4 C5L A 9 7.22 5.24 0.66
N4 C5L A 9 7.18 4.62 -0.48
C5 C5L A 9 6.68 6.56 0.83
C6 C5L A 9 6.77 7.11 2.05
C7 C5L A 9 5.84 7.31 -0.16
C1' C5L A 9 7.79 7.17 4.31
C2' C5L A 9 9.31 7.26 4.58
O2' C5L A 9 9.58 7.32 5.98
C3' C5L A 9 9.62 8.58 3.87
O3' C5L A 9 10.85 9.18 4.20
C4' C5L A 9 8.46 9.43 4.36
O4' C5L A 9 7.35 8.54 4.28
C5' C5L A 9 8.33 10.69 3.49
O5' C5L A 9 7.66 11.74 4.15
CA' C5L A 9 9.47 6.06 6.63
CB' C5L A 9 9.97 6.19 8.08
OC' C5L A 9 9.09 7.00 8.84
CD' C5L A 9 9.55 7.19 10.17
OP1 C5L A 9 5.81 13.39 4.49
OP2 C5L A 9 6.06 12.16 2.26
H6 C5L A 9 6.23 8.04 2.16
H5' C5L A 9 7.86 10.42 2.54
H1' C5L A 9 7.26 6.63 5.08
H2' C5L A 9 9.87 6.45 4.11
H3' C5L A 9 9.49 8.45 2.79
H4' C5L A 9 8.65 9.72 5.39
H41 C5L A 9 7.41 3.65 -0.52
H42 C5L A 9 6.91 5.10 -1.30
H5'' C5L A 9 9.34 11.05 3.26
H71 C5L A 9 5.16 7.95 0.44
H72 C5L A 9 5.27 6.58 -0.74
H73 C5L A 9 6.47 7.90 -0.81
HCA1 C5L A 9 10.10 5.33 6.12
HCA2 C5L A 9 8.44 5.71 6.64
HCB1 C5L A 9 10.97 6.63 8.07
HCB2 C5L A 9 10.03 5.20 8.52
HCD1 C5L A 9 9.65 6.23 10.68
HCD2 C5L A 9 8.84 7.81 10.72
HCD3 C5L A 9 10.52 7.69 10.18
P G48 A 10 12.13 8.98 3.25
OP1 G48 A 10 13.28 9.69 3.86
O5' G48 A 10 12.35 7.41 3.35
C5' G48 A 10 12.71 6.80 4.58
C4' G48 A 10 12.86 5.28 4.40
O4' G48 A 10 11.68 4.64 3.94
C3' G48 A 10 13.99 5.00 3.41
O3' G48 A 10 15.27 5.17 4.01
C2' G48 A 10 13.61 3.58 3.03
O2' G48 A 10 13.99 2.64 4.04
C1' G48 A 10 12.09 3.69 2.95
N9 G48 A 10 11.58 3.98 1.61
C8 G48 A 10 10.94 5.08 1.09
N7 G48 A 10 10.54 4.89 -0.14
C5 G48 A 10 10.91 3.57 -0.42
C6 G48 A 10 10.61 2.65 -1.50
O6 G48 A 10 9.97 2.87 -2.52
N1 G48 A 10 11.15 1.38 -1.32
C2 G48 A 10 11.97 1.05 -0.32
N2 G48 A 10 12.56 -0.11 -0.34
N3 G48 A 10 12.23 1.83 0.72
C4 G48 A 10 11.66 3.07 0.61
CA' G48 A 10 13.73 1.27 3.76
CB' G48 A 10 14.16 0.40 4.95
OC' G48 A 10 13.16 0.25 5.95
CD' G48 A 10 12.82 1.45 6.64
OP2 G48 A 10 11.74 9.32 1.86
H5' G48 A 10 13.66 7.21 4.94
H5'' G48 A 10 11.96 6.99 5.35
H4' G48 A 10 13.15 4.85 5.36
H3' G48 A 10 13.88 5.65 2.53
H2' G48 A 10 13.99 3.35 2.05
H1' G48 A 10 11.64 2.69 3.02
H8 G48 A 10 10.80 6.00 1.68
H1 G48 A 10 10.92 0.63 -1.97
H21 G48 A 10 12.49 -0.71 -1.17
H22 G48 A 10 13.09 -0.38 0.46
HCA2 G48 A 10 12.67 1.08 3.57
HCA1 G48 A 10 14.29 0.95 2.89
HCB1 G48 A 10 15.08 0.80 5.38
HCB2 G48 A 10 14.39 -0.60 4.56
HCD1 G48 A 10 12.32 2.14 5.97
HCD2 G48 A 10 13.73 1.92 7.03
HCD3 G48 A 10 12.15 1.22 7.47
P C5L A 11 16.54 5.72 3.19
N1 C5L A 11 14.96 2.43 -0.79
C2 C5L A 11 14.54 1.90 -2.01
O2 C5L A 11 14.81 0.75 -2.36
N3 C5L A 11 13.79 2.62 -2.87
C4 C5L A 11 13.56 3.89 -2.57
N4 C5L A 11 12.79 4.48 -3.45
C5 C5L A 11 14.08 4.54 -1.39
C6 C5L A 11 14.77 3.77 -0.53
C7 C5L A 11 13.79 6.00 -1.04
C1' C5L A 11 15.60 1.54 0.23
C2' C5L A 11 17.01 1.10 -0.23
O2' C5L A 11 17.27 -0.26 0.14
C3' C5L A 11 17.92 2.07 0.55
O3' C5L A 11 19.25 1.61 0.75
C4' C5L A 11 17.15 2.10 1.86
O4' C5L A 11 15.80 2.15 1.48
C5' C5L A 11 17.45 3.28 2.79
O5' C5L A 11 16.97 4.49 2.24
CA' C5L A 11 16.75 -1.22 -0.75
CB' C5L A 11 17.27 -2.59 -0.33
OC' C5L A 11 16.62 -3.04 0.86
CD' C5L A 11 17.20 -4.23 1.37
OP1 C5L A 11 17.64 5.96 4.16
OP2 C5L A 11 16.11 6.84 2.32
H6 C5L A 11 15.19 4.19 0.37
H5' C5L A 11 18.52 3.35 2.98
H1' C5L A 11 14.88 0.73 0.44
H2' C5L A 11 17.14 1.26 -1.30
H3' C5L A 11 17.90 3.06 0.08
H4' C5L A 11 17.34 1.17 2.39
H41 C5L A 11 12.40 3.96 -4.21
H42 C5L A 11 12.60 5.46 -3.35
H5'' C5L A 11 16.94 3.08 3.74
H71 C5L A 11 14.33 6.66 -1.72
H72 C5L A 11 14.09 6.20 -0.01
H73 C5L A 11 12.72 6.19 -1.12
HCA1 C5L A 11 17.09 -1.01 -1.76
HCA2 C5L A 11 15.66 -1.23 -0.74
HCB1 C5L A 11 18.35 -2.52 -0.17
HCB2 C5L A 11 17.09 -3.30 -1.13
HCD1 C5L A 11 18.22 -4.04 1.71
HCD2 C5L A 11 17.23 -5.02 0.61
HCD3 C5L A 11 16.62 -4.58 2.23
N1 C5L B 1 10.91 2.90 -12.29
C2 C5L B 1 12.05 2.88 -11.46
O2 C5L B 1 13.06 2.25 -11.75
N3 C5L B 1 12.07 3.58 -10.30
C4 C5L B 1 10.97 4.19 -9.92
N4 C5L B 1 11.11 4.88 -8.83
C5 C5L B 1 9.72 4.11 -10.65
C6 C5L B 1 9.74 3.44 -11.83
C7 C5L B 1 8.43 4.74 -10.14
C1' C5L B 1 11.04 2.31 -13.66
C2' C5L B 1 10.73 0.81 -13.79
O2' C5L B 1 11.54 0.20 -14.80
C3' C5L B 1 9.27 0.85 -14.24
O3' C5L B 1 8.83 -0.31 -14.94
C4' C5L B 1 9.30 2.07 -15.17
O4' C5L B 1 10.18 3.00 -14.55
C5' C5L B 1 7.91 2.65 -15.42
O5' C5L B 1 7.93 3.64 -16.43
CA' C5L B 1 12.95 0.08 -14.56
CB' C5L B 1 13.33 -0.83 -13.37
OC' C5L B 1 12.86 -2.18 -13.48
CD' C5L B 1 13.44 -2.92 -14.55
H6 C5L B 1 8.83 3.35 -12.42
H5' C5L B 1 7.53 3.09 -14.48
H1' C5L B 1 12.07 2.47 -13.97
H2' C5L B 1 10.83 0.29 -12.83
H3' C5L B 1 8.62 1.07 -13.39
H4' C5L B 1 9.73 1.75 -16.12
H41 C5L B 1 12.03 4.88 -8.39
H42 C5L B 1 10.34 5.39 -8.44
H5'' C5L B 1 7.23 1.85 -15.72
H71 C5L B 1 8.18 4.33 -9.16
H72 C5L B 1 7.60 4.57 -10.83
H73 C5L B 1 8.57 5.82 -10.02
HCA1 C5L B 1 13.40 1.06 -14.40
HCA2 C5L B 1 13.42 -0.33 -15.47
HCB1 C5L B 1 12.93 -0.39 -12.46
HCB2 C5L B 1 14.42 -0.83 -13.28
HCD1 C5L B 1 13.11 -3.95 -14.48
HCD2 C5L B 1 14.54 -2.89 -14.48
HCD3 C5L B 1 13.13 -2.52 -15.52
HO5' C5L B 1 7.02 4.00 -16.57
P G48 B 2 8.22 -1.58 -14.18
OP1 G48 B 2 8.02 -2.64 -15.20
O5' G48 B 2 9.39 -2.07 -13.18
C5' G48 B 2 9.19 -2.12 -11.78
C4' G48 B 2 10.53 -2.31 -11.05
O4' G48 B 2 11.18 -1.06 -10.84
C3' G48 B 2 10.35 -2.94 -9.67
O3' G48 B 2 10.21 -4.35 -9.79
C2' G48 B 2 11.63 -2.47 -8.96
O2' G48 B 2 12.75 -3.30 -9.27
C1' G48 B 2 11.82 -1.06 -9.58
N9 G48 B 2 11.31 0.04 -8.76
C8 G48 B 2 10.28 0.91 -9.02
N7 G48 B 2 10.09 1.81 -8.10
C5 G48 B 2 11.11 1.56 -7.17
C6 G48 B 2 11.53 2.26 -5.99
O6 G48 B 2 11.10 3.30 -5.49
N1 G48 B 2 12.58 1.65 -5.32
C2 G48 B 2 13.15 0.50 -5.74
N2 G48 B 2 14.10 -0.03 -4.99
N3 G48 B 2 12.85 -0.15 -6.85
C4 G48 B 2 11.81 0.43 -7.53
CA' G48 B 2 13.94 -2.95 -8.59
CB' G48 B 2 14.96 -4.09 -8.71
OC' G48 B 2 16.22 -3.78 -8.12
CD' G48 B 2 16.19 -3.64 -6.71
OP2 G48 B 2 7.06 -1.11 -13.39
H5' G48 B 2 8.73 -1.19 -11.41
H5'' G48 B 2 8.53 -2.95 -11.56
H4' G48 B 2 11.17 -2.97 -11.64
H3' G48 B 2 9.48 -2.48 -9.19
H2' G48 B 2 11.48 -2.41 -7.88
H1' G48 B 2 12.88 -0.88 -9.71
H8 G48 B 2 9.68 0.83 -9.92
H1 G48 B 2 12.91 2.08 -4.47
H21 G48 B 2 14.34 0.38 -4.10
H22 G48 B 2 14.56 -0.84 -5.35
HCA2 G48 B 2 14.38 -2.05 -9.03
HCA1 G48 B 2 13.74 -2.76 -7.54
HCB1 G48 B 2 15.12 -4.29 -9.78
HCB2 G48 B 2 14.55 -4.99 -8.26
HCD1 G48 B 2 15.76 -4.54 -6.24
HCD2 G48 B 2 15.60 -2.77 -6.42
HCD3 G48 B 2 17.20 -3.52 -6.33
P C5L B 3 9.39 -5.22 -8.73
N1 C5L B 3 11.48 -2.60 -4.50
C2 C5L B 3 11.66 -1.67 -3.47
O2 C5L B 3 12.52 -1.81 -2.60
N3 C5L B 3 10.88 -0.57 -3.38
C4 C5L B 3 9.91 -0.44 -4.25
N4 C5L B 3 9.26 0.67 -4.07
C5 C5L B 3 9.61 -1.39 -5.29
C6 C5L B 3 10.44 -2.46 -5.38
C7 C5L B 3 8.47 -1.21 -6.27
C1' C5L B 3 12.47 -3.69 -4.60
C2' C5L B 3 12.15 -4.91 -3.73
O2' C5L B 3 13.37 -5.49 -3.28
C3' C5L B 3 11.43 -5.82 -4.73
O3' C5L B 3 11.44 -7.18 -4.33
C4' C5L B 3 12.25 -5.54 -5.99
O4' C5L B 3 12.62 -4.16 -5.93
C5' C5L B 3 11.51 -5.87 -7.30
O5' C5L B 3 10.28 -5.18 -7.39
CA' C5L B 3 13.88 -4.91 -2.08
CB' C5L B 3 15.17 -5.61 -1.67
OC' C5L B 3 15.03 -6.98 -1.31
CD' C5L B 3 14.23 -7.20 -0.16
OP1 C5L B 3 9.34 -6.62 -9.22
OP2 C5L B 3 8.12 -4.52 -8.45
H6 C5L B 3 10.28 -3.20 -6.15
H5' C5L B 3 11.33 -6.95 -7.32
H1' C5L B 3 13.40 -3.28 -4.22
H2' C5L B 3 11.50 -4.63 -2.90
H3' C5L B 3 10.40 -5.47 -4.86
H4' C5L B 3 13.15 -6.14 -5.93
H41 C5L B 3 9.59 1.34 -3.40
H42 C5L B 3 8.43 0.85 -4.60
H5'' C5L B 3 12.15 -5.62 -8.14
H71 C5L B 3 8.58 -0.26 -6.80
H72 C5L B 3 7.51 -1.19 -5.74
H73 C5L B 3 8.45 -2.01 -7.00
HCA1 C5L B 3 13.15 -4.98 -1.28
HCA2 C5L B 3 14.10 -3.86 -2.25
HCB1 C5L B 3 15.59 -5.06 -0.82
HCB2 C5L B 3 15.88 -5.53 -2.49
HCD1 C5L B 3 13.19 -6.95 -0.35
HCD2 C5L B 3 14.60 -6.62 0.69
HCD3 C5L B 3 14.27 -8.26 0.12
P G48 B 4 10.47 -7.73 -3.18
OP1 G48 B 4 10.87 -9.14 -2.90
O5' G48 B 4 10.83 -6.85 -1.88
C5' G48 B 4 9.89 -5.96 -1.31
C4' G48 B 4 10.51 -5.06 -0.22
O4' G48 B 4 10.96 -3.79 -0.70
C3' G48 B 4 9.46 -4.75 0.82
O3' G48 B 4 9.24 -5.85 1.71
C2' G48 B 4 10.03 -3.48 1.45
O2' G48 B 4 11.01 -3.75 2.46
C1' G48 B 4 10.64 -2.77 0.26
N9 G48 B 4 9.60 -1.85 -0.20
C8 G48 B 4 8.81 -2.01 -1.27
N7 G48 B 4 8.02 -0.99 -1.52
C5 G48 B 4 8.34 -0.09 -0.48
C6 G48 B 4 7.91 1.24 -0.21
O6 G48 B 4 7.09 1.90 -0.85
N1 G48 B 4 8.52 1.82 0.90
C2 G48 B 4 9.24 1.12 1.79
N2 G48 B 4 9.49 1.71 2.93
N3 G48 B 4 9.70 -0.12 1.57
C4 G48 B 4 9.24 -0.65 0.39
CA' G48 B 4 11.61 -2.60 3.05
CB' G48 B 4 12.53 -3.03 4.19
OC' G48 B 4 13.75 -3.53 3.66
CD' G48 B 4 14.65 -3.89 4.68
OP2 G48 B 4 9.08 -7.46 -3.60
H5' G48 B 4 9.44 -5.32 -2.08
H5'' G48 B 4 9.09 -6.56 -0.86
H4' G48 B 4 11.33 -5.58 0.27
H3' G48 B 4 8.53 -4.49 0.31
H2' G48 B 4 9.17 -2.90 1.78
H1' G48 B 4 11.46 -2.09 0.49
H8 G48 B 4 8.91 -2.93 -1.80
H1 G48 B 4 8.46 2.83 1.08
H21 G48 B 4 9.12 2.64 3.14
H22 G48 B 4 10.06 1.22 3.59
HCA2 G48 B 4 12.21 -2.06 2.33
HCA1 G48 B 4 10.85 -1.93 3.45
HCB1 G48 B 4 12.03 -3.80 4.79
HCB2 G48 B 4 12.72 -2.16 4.83
HCD1 G48 B 4 14.89 -3.03 5.31
HCD2 G48 B 4 15.58 -4.26 4.23
HCD3 G48 B 4 14.22 -4.69 5.30
P A44 B 5 7.80 -6.10 2.38
OP2 A44 B 5 6.76 -5.96 1.34
OP1 A44 B 5 7.88 -7.37 3.15
O5' A44 B 5 7.64 -4.88 3.41
C5' A44 B 5 8.49 -4.79 4.54
C4' A44 B 5 8.43 -3.38 5.15
O4' A44 B 5 8.66 -2.40 4.16
C3' A44 B 5 7.08 -3.00 5.77
O3' A44 B 5 6.85 -3.66 7.01
C2' A44 B 5 7.27 -1.48 5.85
O2' A44 B 5 8.17 -1.09 6.91
C1' A44 B 5 7.92 -1.23 4.49
N9 A44 B 5 6.95 -0.90 3.44
C8 A44 B 5 6.45 -1.67 2.42
N7 A44 B 5 5.64 -1.03 1.61
C5 A44 B 5 5.61 0.27 2.17
C6 A44 B 5 5.03 1.50 1.80
N6 A44 B 5 4.29 1.74 0.76
N1 A44 B 5 5.20 2.59 2.54
C2 A44 B 5 5.95 2.51 3.62
N3 A44 B 5 6.56 1.44 4.10
C4 A44 B 5 6.36 0.34 3.31
CA' A44 B 5 8.45 0.30 7.00
CD' A44 B 5 7.70 2.09 9.41
OC' A44 B 5 8.34 0.83 9.43
CB' A44 B 5 9.20 0.62 8.31
H5' A44 B 5 8.21 -5.52 5.29
H5'' A44 B 5 9.52 -4.98 4.25
H4' A44 B 5 9.19 -3.30 5.92
H3' A44 B 5 6.29 -3.23 5.05
H2' A44 B 5 6.32 -0.96 5.94
H1' A44 B 5 8.59 -0.38 4.54
H8 A44 B 5 6.72 -2.72 2.30
H61 A44 B 5 3.98 2.68 0.56
H62 A44 B 5 4.03 1.01 0.15
H2 A44 B 5 6.07 3.45 4.16
HCA2 A44 B 5 9.11 0.60 6.18
HCA1 A44 B 5 7.54 0.89 6.94
HCD1 A44 B 5 7.08 2.20 10.30
HCD2 A44 B 5 7.04 2.20 8.54
HCD3 A44 B 5 8.43 2.91 9.41
HCB1 A44 B 5 9.82 1.50 8.15
HCB2 A44 B 5 9.88 -0.22 8.52
P A44 B 6 5.36 -3.80 7.57
OP2 A44 B 6 4.52 -4.40 6.52
OP1 A44 B 6 5.44 -4.45 8.91
O5' A44 B 6 4.89 -2.28 7.77
C5' A44 B 6 5.48 -1.46 8.77
C4' A44 B 6 4.93 -0.03 8.72
O4' A44 B 6 5.13 0.66 7.49
C3' A44 B 6 3.43 0.00 8.97
O3' A44 B 6 3.13 -0.28 10.33
C2' A44 B 6 3.14 1.42 8.51
O2' A44 B 6 3.65 2.37 9.47
C1' A44 B 6 4.01 1.51 7.25
N9 A44 B 6 3.38 1.16 5.96
C8 A44 B 6 3.35 -0.05 5.32
N7 A44 B 6 2.82 -0.01 4.11
C5 A44 B 6 2.42 1.33 3.99
C6 A44 B 6 1.78 2.12 2.98
N6 A44 B 6 1.38 1.73 1.78
N1 A44 B 6 1.53 3.40 3.19
C2 A44 B 6 1.87 3.92 4.36
N3 A44 B 6 2.44 3.33 5.40
C4 A44 B 6 2.70 2.02 5.13
CA' A44 B 6 3.28 3.73 9.26
CD' A44 B 6 6.30 5.43 10.56
OC' A44 B 6 5.46 4.64 9.72
CB' A44 B 6 4.12 4.60 10.19
H5' A44 B 6 5.26 -1.88 9.75
H5'' A44 B 6 6.56 -1.42 8.66
H4' A44 B 6 5.41 0.54 9.52
H3' A44 B 6 2.94 -0.72 8.30
H2' A44 B 6 2.09 1.58 8.29
H1' A44 B 6 4.29 2.55 7.14
H8 A44 B 6 3.72 -0.94 5.80
H61 A44 B 6 0.93 2.39 1.15
H62 A44 B 6 1.54 0.79 1.50
H2 A44 B 6 1.66 4.98 4.50
HCA2 A44 B 6 3.44 4.05 8.23
HCA1 A44 B 6 2.24 3.87 9.51
HCD1 A44 B 6 5.95 6.46 10.60
HCD2 A44 B 6 7.31 5.40 10.16
HCD3 A44 B 6 6.31 5.02 11.58
HCB1 A44 B 6 4.08 4.19 11.20
HCB2 A44 B 6 3.70 5.60 10.21
P T39 B 7 1.72 -0.91 10.73
OP1 T39 B 7 1.64 -0.98 12.21
OP2 T39 B 7 1.49 -2.14 9.93
O5' T39 B 7 0.71 0.22 10.21
C5' T39 B 7 0.64 1.48 10.84
C4' T39 B 7 -0.31 2.42 10.11
O4' T39 B 7 0.15 2.89 8.82
C3' T39 B 7 -1.68 1.80 9.89
O3' T39 B 7 -2.50 1.71 11.05
C2' T39 B 7 -2.17 2.81 8.87
O2' T39 B 7 -2.46 4.05 9.56
C1' T39 B 7 -0.97 2.94 7.93
N1 T39 B 7 -0.85 1.92 6.84
C2 T39 B 7 -1.55 2.24 5.67
O2 T39 B 7 -2.24 3.24 5.54
N3 T39 B 7 -1.48 1.37 4.63
C4 T39 B 7 -0.72 0.25 4.57
O4 T39 B 7 -0.64 -0.31 3.48
C5 T39 B 7 -0.10 -0.10 5.85
C7 T39 B 7 0.57 -1.44 6.05
C6 T39 B 7 -0.12 0.75 6.90
CA' T39 B 7 -2.40 5.30 8.88
CD' T39 B 7 -4.67 7.48 10.86
CB' T39 B 7 -2.83 6.44 9.80
OC' T39 B 7 -4.23 6.42 10.03
H5' T39 B 7 0.27 1.34 11.87
H5'' T39 B 7 1.63 1.94 10.91
H4' T39 B 7 -0.43 3.30 10.75
H3' T39 B 7 -1.58 0.82 9.41
H7 T39 B 7 -3.01 2.40 8.33
H1' T39 B 7 -1.17 3.88 7.39
H3 T39 B 7 -2.04 1.56 3.82
H71 T39 B 7 -0.24 -2.14 6.25
H72 T39 B 7 1.27 -1.39 6.89
H73 T39 B 7 1.10 -1.74 5.15
H6 T39 B 7 0.45 0.47 7.77
HCA2 T39 B 7 -1.37 5.51 8.58
HCA1 T39 B 7 -3.02 5.29 7.98
HCD1 T39 B 7 -4.43 8.45 10.40
HCD2 T39 B 7 -4.18 7.42 11.84
HCD3 T39 B 7 -5.75 7.42 11.00
HCB1 T39 B 7 -2.55 7.39 9.33
HCB2 T39 B 7 -2.30 6.35 10.75
P T39 B 8 -3.88 0.87 11.04
OP1 T39 B 8 -4.47 0.95 12.40
OP2 T39 B 8 -3.59 -0.47 10.47
O5' T39 B 8 -4.85 1.64 10.01
C5' T39 B 8 -5.33 2.94 10.31
C4' T39 B 8 -5.77 3.70 9.04
O4' T39 B 8 -4.81 3.64 8.00
C3' T39 B 8 -7.05 3.20 8.39
O3' T39 B 8 -8.20 3.56 9.14
C2' T39 B 8 -6.89 3.90 7.02
O2' T39 B 8 -7.18 5.30 7.09
C1' T39 B 8 -5.41 3.66 6.72
N1 T39 B 8 -5.15 2.48 5.89
C2 T39 B 8 -5.36 2.53 4.49
O2 T39 B 8 -5.96 3.45 3.93
N3 T39 B 8 -4.87 1.49 3.74
C4 T39 B 8 -4.27 0.40 4.26
O4 T39 B 8 -3.86 -0.47 3.50
C5 T39 B 8 -4.18 0.36 5.70
C7 T39 B 8 -3.51 -0.79 6.37
C6 T39 B 8 -4.67 1.35 6.48
CA' T39 B 8 -7.08 6.02 5.87
CD' T39 B 8 -6.46 9.49 7.01
CB' T39 B 8 -7.36 7.50 6.12
OC' T39 B 8 -6.24 8.10 6.76
H5' T39 B 8 -6.18 2.88 11.00
H5'' T39 B 8 -4.56 3.53 10.78
H4' T39 B 8 -5.94 4.74 9.31
H3' T39 B 8 -6.98 2.11 8.26
H7 T39 B 8 -7.47 3.36 6.29
H1' T39 B 8 -4.89 4.41 6.15
H3 T39 B 8 -4.95 1.51 2.73
H71 T39 B 8 -2.57 -0.93 5.83
H72 T39 B 8 -4.20 -1.63 6.26
H73 T39 B 8 -3.34 -0.55 7.42
H6 T39 B 8 -4.70 1.26 7.55
HCA2 T39 B 8 -6.10 5.92 5.41
HCA1 T39 B 8 -7.83 5.65 5.16
HCD1 T39 B 8 -5.57 9.91 7.50
HCD2 T39 B 8 -7.31 9.62 7.66
HCD3 T39 B 8 -6.62 10.01 6.07
HCB1 T39 B 8 -8.25 7.59 6.74
HCB2 T39 B 8 -7.55 7.98 5.17
P C5L B 9 -9.54 2.69 9.09
N1 C5L B 9 -8.75 1.73 3.60
C2 C5L B 9 -8.81 1.12 2.34
O2 C5L B 9 -9.31 1.66 1.36
N3 C5L B 9 -8.30 -0.11 2.12
C4 C5L B 9 -7.77 -0.74 3.13
N4 C5L B 9 -7.31 -1.91 2.80
C5 C5L B 9 -7.69 -0.19 4.46
C6 C5L B 9 -8.13 1.07 4.63
C7 C5L B 9 -7.01 -0.83 5.63
C1' C5L B 9 -9.37 3.08 3.74
C2' C5L B 9 -10.87 3.05 3.49
O2' C5L B 9 -11.34 4.19 2.75
C3' C5L B 9 -11.41 3.04 4.92
O3' C5L B 9 -12.79 3.36 4.99
C4' C5L B 9 -10.48 4.06 5.53
O4' C5L B 9 -9.21 3.68 5.01
C5' C5L B 9 -10.46 4.08 7.06
O5' C5L B 9 -10.01 2.83 7.57
CA' C5L B 9 -11.02 4.15 1.37
CB' C5L B 9 -11.73 5.27 0.60
OC' C5L B 9 -13.10 4.93 0.39
CD' C5L B 9 -13.78 5.92 -0.36
OP1 C5L B 9 -10.55 3.33 9.97
OP2 C5L B 9 -9.17 1.26 9.32
H6 C5L B 9 -7.93 1.47 5.62
H5' C5L B 9 -11.46 4.29 7.43
H1' C5L B 9 -8.83 3.71 3.05
H2' C5L B 9 -11.18 2.13 3.01
H3' C5L B 9 -11.19 2.07 5.38
H4' C5L B 9 -10.75 5.05 5.17
H41 C5L B 9 -7.29 -2.17 1.83
H42 C5L B 9 -6.98 -2.53 3.49
H5'' C5L B 9 -9.78 4.88 7.39
H71 C5L B 9 -7.68 -1.53 6.11
H72 C5L B 9 -6.72 -0.02 6.32
H73 C5L B 9 -6.13 -1.34 5.26
HCA1 C5L B 9 -11.32 3.19 0.93
HCA2 C5L B 9 -9.94 4.28 1.23
HCB1 C5L B 9 -11.24 5.40 -0.35
HCB2 C5L B 9 -11.66 6.20 1.17
HCD1 C5L B 9 -13.32 6.05 -1.34
HCD2 C5L B 9 -13.76 6.87 0.18
HCD3 C5L B 9 -14.82 5.62 -0.50
P G48 B 10 -13.86 2.21 5.27
OP1 G48 B 10 -15.15 2.65 4.69
O5' G48 B 10 -13.29 0.95 4.45
C5' G48 B 10 -14.00 0.33 3.39
C4' G48 B 10 -13.83 1.02 2.02
O4' G48 B 10 -12.49 1.05 1.49
C3' G48 B 10 -14.71 0.27 1.03
O3' G48 B 10 -15.90 0.98 0.68
C2' G48 B 10 -13.75 -0.10 -0.11
O2' G48 B 10 -13.86 0.62 -1.34
C1' G48 B 10 -12.36 0.07 0.47
N9 G48 B 10 -11.67 -1.13 0.96
C8 G48 B 10 -11.17 -1.37 2.21
N7 G48 B 10 -10.56 -2.52 2.30
C5 G48 B 10 -10.62 -3.04 1.00
C6 G48 B 10 -9.98 -4.16 0.36
O6 G48 B 10 -9.25 -5.00 0.88
N1 G48 B 10 -10.24 -4.25 -1.00
C2 G48 B 10 -11.13 -3.47 -1.63
N2 G48 B 10 -11.42 -3.79 -2.86
N3 G48 B 10 -11.70 -2.39 -1.11
C4 G48 B 10 -11.40 -2.22 0.21
CA' G48 B 10 -13.69 2.04 -1.30
CB' G48 B 10 -13.56 2.57 -2.72
OC' G48 B 10 -12.26 2.28 -3.23
CD' G48 B 10 -12.12 2.70 -4.58
OP2 G48 B 10 -13.80 1.88 6.71
H5' G48 B 10 -13.64 -0.70 3.30
H5'' G48 B 10 -15.06 0.28 3.65
H4' G48 B 10 -14.19 2.05 2.10
H3' G48 B 10 -15.00 -0.68 1.49
H2' G48 B 10 -13.83 -1.17 -0.27
H1' G48 B 10 -11.70 0.29 -0.36
H8 G48 B 10 -11.29 -0.63 3.00
H1 G48 B 10 -9.76 -4.93 -1.59
H21 G48 B 10 -11.10 -4.67 -3.26
H22 G48 B 10 -11.98 -3.16 -3.40
HCA2 G48 B 10 -14.55 2.50 -0.82
HCA1 G48 B 10 -12.79 2.32 -0.74
HCB1 G48 B 10 -13.71 3.66 -2.70
HCB2 G48 B 10 -14.33 2.12 -3.35
HCD1 G48 B 10 -12.81 2.15 -5.22
HCD2 G48 B 10 -11.10 2.51 -4.92
HCD3 G48 B 10 -12.33 3.77 -4.68
P C5L B 11 -17.36 0.33 0.83
N1 C5L B 11 -14.33 -4.11 -0.98
C2 C5L B 11 -13.73 -5.34 -1.29
O2 C5L B 11 -13.78 -5.85 -2.41
N3 C5L B 11 -13.04 -6.03 -0.34
C4 C5L B 11 -13.06 -5.59 0.89
N4 C5L B 11 -12.34 -6.29 1.71
C5 C5L B 11 -13.81 -4.43 1.30
C6 C5L B 11 -14.42 -3.72 0.33
C7 C5L B 11 -13.85 -3.92 2.74
C1' C5L B 11 -14.86 -3.23 -2.09
C2' C5L B 11 -16.02 -3.88 -2.88
O2' C5L B 11 -15.60 -3.94 -4.24
C3' C5L B 11 -17.22 -2.96 -2.56
O3' C5L B 11 -18.23 -2.87 -3.56
C4' C5L B 11 -16.50 -1.64 -2.38
O4' C5L B 11 -15.39 -2.02 -1.61
C5' C5L B 11 -17.26 -0.53 -1.66
O5' C5L B 11 -17.40 -0.83 -0.27
CA' C5L B 11 -16.37 -4.83 -5.04
CB' C5L B 11 -15.66 -5.17 -6.36
OC' C5L B 11 -14.47 -5.93 -6.19
CD' C5L B 11 -14.66 -7.22 -5.61
OP1 C5L B 11 -18.36 1.36 0.46
OP2 C5L B 11 -17.46 -0.30 2.17
H6 C5L B 11 -14.99 -2.83 0.58
H5' C5L B 11 -18.24 -0.39 -2.12
H1' C5L B 11 -13.99 -2.91 -2.69
H2' C5L B 11 -16.21 -4.88 -2.48
H3' C5L B 11 -17.65 -3.25 -1.61
H4' C5L B 11 -16.18 -1.28 -3.36
H41 C5L B 11 -11.77 -7.06 1.37
H42 C5L B 11 -12.34 -6.07 2.68
H5'' C5L B 11 -16.69 0.39 -1.77
H71 C5L B 11 -14.31 -2.93 2.77
H72 C5L B 11 -12.83 -3.84 3.13
H73 C5L B 11 -14.42 -4.61 3.36
HCA1 C5L B 11 -17.31 -4.35 -5.30
HCA2 C5L B 11 -16.59 -5.74 -4.51
HCB1 C5L B 11 -15.40 -4.24 -6.87
HCB2 C5L B 11 -16.35 -5.72 -7.00
HCD1 C5L B 11 -14.98 -7.13 -4.58
HCD2 C5L B 11 -13.72 -7.77 -5.63
HCD3 C5L B 11 -15.41 -7.79 -6.18
N1 C5L A 1 -9.20 -14.39 2.12
C2 C5L A 1 -10.34 -13.70 1.71
O2 C5L A 1 -11.14 -14.16 0.88
N3 C5L A 1 -10.63 -12.47 2.20
C4 C5L A 1 -9.80 -11.93 3.07
N4 C5L A 1 -10.18 -10.76 3.47
C5 C5L A 1 -8.59 -12.58 3.51
C6 C5L A 1 -8.33 -13.81 3.02
C7 C5L A 1 -7.63 -11.93 4.50
C1' C5L A 1 -8.97 -15.75 1.55
C2' C5L A 1 -8.18 -15.64 0.24
O2' C5L A 1 -8.91 -16.22 -0.87
C3' C5L A 1 -6.82 -16.27 0.58
O3' C5L A 1 -6.19 -16.81 -0.58
C4' C5L A 1 -7.21 -17.26 1.66
O4' C5L A 1 -8.22 -16.60 2.42
C5' C5L A 1 -6.01 -17.64 2.54
O5' C5L A 1 -6.36 -18.67 3.47
CA' C5L A 1 -9.25 -17.60 -0.87
CB' C5L A 1 -10.01 -17.96 -2.15
OC' C5L A 1 -11.39 -17.61 -2.15
CD' C5L A 1 -11.64 -16.21 -2.17
H6 C5L A 1 -7.43 -14.35 3.32
H5' C5L A 1 -5.65 -16.76 3.08
H1' C5L A 1 -9.94 -16.20 1.34
H2' C5L A 1 -8.01 -14.60 0.02
H3' C5L A 1 -6.19 -15.50 1.04
H4' C5L A 1 -7.62 -18.16 1.21
H41 C5L A 1 -11.06 -10.39 3.10
H42 C5L A 1 -9.62 -10.24 4.13
H5'' C5L A 1 -5.20 -18.01 1.90
H71 C5L A 1 -6.78 -12.58 4.71
H72 C5L A 1 -8.15 -11.71 5.44
H73 C5L A 1 -7.25 -10.98 4.09
HCA1 C5L A 1 -9.87 -17.85 0.00
HCA2 C5L A 1 -8.34 -18.19 -0.85
HCB1 C5L A 1 -9.94 -19.05 -2.27
HCB2 C5L A 1 -9.50 -17.51 -3.01
HCD1 C5L A 1 -11.11 -15.73 -3.00
HCD2 C5L A 1 -11.35 -15.76 -1.23
HCD3 C5L A 1 -12.72 -16.04 -2.32
HO5' C5L A 1 -7.08 -18.34 4.06
P G48 A 2 -5.08 -15.96 -1.35
OP1 G48 A 2 -5.03 -16.45 -2.76
O5' G48 A 2 -5.59 -14.43 -1.33
C5' G48 A 2 -5.85 -13.66 -2.50
C4' G48 A 2 -7.24 -13.89 -3.12
O4' G48 A 2 -8.31 -13.76 -2.20
C3' G48 A 2 -7.48 -12.91 -4.27
O3' G48 A 2 -7.36 -13.60 -5.51
C2' G48 A 2 -8.85 -12.26 -3.97
O2' G48 A 2 -9.89 -12.79 -4.81
C1' G48 A 2 -9.12 -12.65 -2.51
N9 G48 A 2 -8.93 -11.62 -1.46
C8 G48 A 2 -8.04 -11.60 -0.41
N7 G48 A 2 -8.18 -10.57 0.40
C5 G48 A 2 -9.26 -9.87 -0.16
C6 G48 A 2 -9.97 -8.69 0.30
O6 G48 A 2 -9.81 -8.01 1.31
N1 G48 A 2 -10.97 -8.29 -0.57
C2 G48 A 2 -11.27 -8.93 -1.73
N2 G48 A 2 -12.20 -8.44 -2.49
N3 G48 A 2 -10.66 -10.04 -2.15
C4 G48 A 2 -9.67 -10.47 -1.33
CA' G48 A 2 -11.11 -12.07 -4.73
CB' G48 A 2 -12.05 -12.54 -5.84
OC' G48 A 2 -13.32 -11.88 -5.82
CD' G48 A 2 -13.27 -10.50 -6.14
OP2 G48 A 2 -3.84 -16.03 -0.53
H5' G48 A 2 -5.78 -12.60 -2.23
H5'' G48 A 2 -5.08 -13.85 -3.26
H4' G48 A 2 -7.26 -14.91 -3.51
H3' G48 A 2 -6.72 -12.11 -4.22
H2' G48 A 2 -8.79 -11.18 -4.09
H1' G48 A 2 -10.16 -12.94 -2.42
H8 G48 A 2 -7.28 -12.35 -0.28
H1 G48 A 2 -11.50 -7.47 -0.31
H21 G48 A 2 -12.65 -7.57 -2.26
H22 G48 A 2 -12.46 -8.97 -3.31
HCA2 G48 A 2 -11.60 -12.24 -3.77
HCA1 G48 A 2 -10.92 -11.01 -4.84
HCB1 G48 A 2 -12.21 -13.61 -5.73
HCB2 G48 A 2 -11.57 -12.38 -6.82
HCD1 G48 A 2 -12.78 -10.36 -7.11
HCD2 G48 A 2 -12.73 -9.94 -5.38
HCD3 G48 A 2 -14.29 -10.11 -6.20
P C5L A 3 -6.90 -12.89 -6.86
N1 C5L A 3 -9.25 -7.68 -4.60
C2 C5L A 3 -9.78 -6.57 -3.91
O2 C5L A 3 -10.72 -5.92 -4.33
N3 C5L A 3 -9.24 -6.19 -2.73
C4 C5L A 3 -8.21 -6.85 -2.27
N4 C5L A 3 -7.81 -6.39 -1.13
C5 C5L A 3 -7.59 -7.96 -2.96
C6 C5L A 3 -8.16 -8.34 -4.11
C7 C5L A 3 -6.41 -8.72 -2.37
C1' C5L A 3 -9.94 -8.08 -5.85
C2' C5L A 3 -9.61 -7.25 -7.08
O2' C5L A 3 -10.69 -7.25 -8.02
C3' C5L A 3 -8.41 -8.03 -7.65
O3' C5L A 3 -8.18 -7.82 -9.03
C4' C5L A 3 -8.86 -9.47 -7.38
O4' C5L A 3 -9.65 -9.44 -6.19
C5' C5L A 3 -7.64 -10.38 -7.26
O5' C5L A 3 -8.00 -11.75 -7.17
CA' C5L A 3 -11.82 -6.48 -7.64
CB' C5L A 3 -12.84 -6.47 -8.80
OC' C5L A 3 -12.71 -5.33 -9.66
CD' C5L A 3 -11.45 -5.22 -10.29
OP1 C5L A 3 -6.99 -13.90 -7.95
OP2 C5L A 3 -5.59 -12.24 -6.60
H6 C5L A 3 -7.75 -9.18 -4.65
H5' C5L A 3 -7.06 -10.10 -6.39
H1' C5L A 3 -10.98 -7.92 -5.63
H2' C5L A 3 -9.33 -6.24 -6.82
H3' C5L A 3 -7.53 -7.81 -7.05
H4' C5L A 3 -9.49 -9.80 -8.21
H41 C5L A 3 -8.35 -5.68 -0.66
H42 C5L A 3 -6.97 -6.73 -0.73
H5'' C5L A 3 -7.01 -10.25 -8.14
H71 C5L A 3 -6.19 -9.62 -2.97
H72 C5L A 3 -6.63 -9.04 -1.36
H73 C5L A 3 -5.52 -8.08 -2.35
HCA1 C5L A 3 -11.54 -5.46 -7.38
HCA2 C5L A 3 -12.32 -6.93 -6.78
HCB1 C5L A 3 -13.84 -6.45 -8.37
HCB2 C5L A 3 -12.74 -7.39 -9.37
HCD1 C5L A 3 -11.49 -4.42 -11.03
HCD2 C5L A 3 -11.17 -6.15 -10.80
HCD3 C5L A 3 -10.68 -4.97 -9.56
P G48 A 4 -7.39 -6.53 -9.54
OP1 G48 A 4 -7.50 -6.49 -11.02
O5' G48 A 4 -8.23 -5.28 -8.94
C5' G48 A 4 -7.72 -4.48 -7.91
C4' G48 A 4 -8.76 -3.49 -7.39
O4' G48 A 4 -9.34 -3.86 -6.13
C3' G48 A 4 -8.11 -2.13 -7.23
O3' G48 A 4 -8.17 -1.45 -8.48
C2' G48 A 4 -8.92 -1.51 -6.08
O2' G48 A 4 -9.97 -0.67 -6.58
C1' G48 A 4 -9.41 -2.71 -5.28
N9 G48 A 4 -8.52 -2.83 -4.12
C8 G48 A 4 -7.54 -3.73 -3.95
N7 G48 A 4 -6.92 -3.66 -2.79
C5 G48 A 4 -7.60 -2.61 -2.14
C6 G48 A 4 -7.53 -2.08 -0.80
O6 G48 A 4 -6.77 -2.41 0.11
N1 G48 A 4 -8.44 -1.06 -0.54
C2 G48 A 4 -9.19 -0.48 -1.51
N2 G48 A 4 -9.82 0.63 -1.20
N3 G48 A 4 -9.31 -0.95 -2.75
C4 G48 A 4 -8.51 -2.04 -3.00
CA' G48 A 4 -10.75 0.02 -5.60
CB' G48 A 4 -11.45 1.21 -6.27
OC' G48 A 4 -12.48 0.85 -7.19
CD' G48 A 4 -13.71 0.48 -6.57
OP2 G48 A 4 -6.04 -6.55 -8.93
H5' G48 A 4 -7.36 -5.10 -7.07
H5'' G48 A 4 -6.85 -3.94 -8.30
H4' G48 A 4 -9.56 -3.39 -8.11
H3' G48 A 4 -7.08 -2.26 -6.89
H2' G48 A 4 -8.18 -1.00 -5.46
H1' G48 A 4 -10.38 -2.59 -4.79
H8 G48 A 4 -7.35 -4.41 -4.76
H1 G48 A 4 -8.58 -0.73 0.41
H21 G48 A 4 -9.71 1.05 -0.29
H22 G48 A 4 -10.42 1.02 -1.91
HCA2 G48 A 4 -11.48 -0.66 -5.15
HCA1 G48 A 4 -10.11 0.41 -4.81
HCB1 G48 A 4 -10.69 1.79 -6.80
HCB2 G48 A 4 -11.86 1.86 -5.49
HCD1 G48 A 4 -13.56 -0.30 -5.82
HCD2 G48 A 4 -14.39 0.10 -7.33
HCD3 G48 A 4 -14.17 1.35 -6.10
P A44 A 5 -7.14 -0.28 -8.88
OP2 A44 A 5 -5.77 -0.75 -8.52
OP1 A44 A 5 -7.42 0.10 -10.28
O5' A44 A 5 -7.55 0.95 -7.94
C5' A44 A 5 -6.65 1.53 -7.01
C4' A44 A 5 -7.43 2.34 -5.98
O4' A44 A 5 -7.94 1.49 -4.96
C3' A44 A 5 -6.57 3.38 -5.26
O3' A44 A 5 -6.38 4.55 -6.03
C2' A44 A 5 -7.40 3.57 -3.99
O2' A44 A 5 -8.58 4.35 -4.22
C1' A44 A 5 -7.80 2.12 -3.71
N9 A44 A 5 -6.81 1.40 -2.87
C8 A44 A 5 -5.98 0.37 -3.24
N7 A44 A 5 -5.22 -0.08 -2.27
C5 A44 A 5 -5.62 0.71 -1.18
C6 A44 A 5 -5.30 0.75 0.20
N6 A44 A 5 -4.46 -0.03 0.81
N1 A44 A 5 -5.87 1.62 1.04
C2 A44 A 5 -6.77 2.45 0.53
N3 A44 A 5 -7.18 2.55 -0.72
C4 A44 A 5 -6.56 1.65 -1.55
CA' A44 A 5 -9.27 4.71 -3.04
CD' A44 A 5 -10.24 7.14 -1.51
OC' A44 A 5 -11.05 6.25 -2.25
CB' A44 A 5 -10.40 5.67 -3.39
H5' A44 A 5 -6.07 0.77 -6.50
H5'' A44 A 5 -5.95 2.19 -7.55
H4' A44 A 5 -8.25 2.87 -6.47
H3' A44 A 5 -5.61 2.92 -5.00
H2' A44 A 5 -6.78 3.99 -3.18
H1' A44 A 5 -8.72 2.11 -3.16
H8 A44 A 5 -5.95 -0.03 -4.25
H61 A44 A 5 -4.32 0.06 1.80
H62 A44 A 5 -3.95 -0.71 0.30
H2 A44 A 5 -7.22 3.09 1.27
HCA2 A44 A 5 -9.69 3.83 -2.55
HCA1 A44 A 5 -8.59 5.19 -2.34
HCD1 A44 A 5 -9.80 7.90 -2.17
HCD2 A44 A 5 -9.43 6.61 -1.00
HCD3 A44 A 5 -10.84 7.65 -0.75
HCB1 A44 A 5 -11.15 5.12 -3.97
HCB2 A44 A 5 -10.01 6.46 -4.02
P A44 A 6 -5.12 5.51 -5.76
OP2 A44 A 6 -3.90 4.68 -5.84
OP1 A44 A 6 -5.26 6.69 -6.63
O5' A44 A 6 -5.31 5.97 -4.23
C5' A44 A 6 -6.35 6.85 -3.84
C4' A44 A 6 -6.31 7.12 -2.34
O4' A44 A 6 -6.43 5.95 -1.51
C3' A44 A 6 -5.00 7.78 -1.94
O3' A44 A 6 -4.97 9.15 -2.32
C2' A44 A 6 -5.02 7.52 -0.43
O2' A44 A 6 -5.92 8.42 0.22
C1' A44 A 6 -5.58 6.09 -0.39
N9 A44 A 6 -4.58 5.00 -0.38
C8 A44 A 6 -4.09 4.26 -1.43
N7 A44 A 6 -3.35 3.24 -1.07
C5 A44 A 6 -3.24 3.38 0.31
C6 A44 A 6 -2.61 2.69 1.38
N6 A44 A 6 -1.88 1.59 1.29
N1 A44 A 6 -2.69 3.12 2.63
C2 A44 A 6 -3.39 4.22 2.85
N3 A44 A 6 -4.04 4.98 2.00
C4 A44 A 6 -3.94 4.50 0.73
CA' A44 A 6 -5.97 8.32 1.65
CD' A44 A 6 -5.56 9.83 4.23
OC' A44 A 6 -6.81 9.57 3.60
CB' A44 A 6 -6.76 9.52 2.19
H5' A44 A 6 -6.24 7.80 -4.37
H5'' A44 A 6 -7.33 6.44 -4.11
H4' A44 A 6 -7.12 7.81 -2.08
H3' A44 A 6 -4.17 7.23 -2.39
H2' A44 A 6 -4.02 7.55 -0.01
H1' A44 A 6 -6.11 5.98 0.55
H8 A44 A 6 -4.34 4.52 -2.44
H61 A44 A 6 -1.45 1.19 2.11
H62 A44 A 6 -1.76 1.16 0.40
H2 A44 A 6 -3.46 4.55 3.88
HCA2 A44 A 6 -6.47 7.40 1.96
HCA1 A44 A 6 -4.96 8.33 2.05
HCD1 A44 A 6 -5.12 10.74 3.82
HCD2 A44 A 6 -4.87 9.01 4.09
HCD3 A44 A 6 -5.72 9.97 5.29
HCB1 A44 A 6 -7.77 9.45 1.80
HCB2 A44 A 6 -6.32 10.44 1.79
P T39 A 7 -3.58 9.88 -2.59
OP1 T39 A 7 -3.86 11.32 -2.85
OP2 T39 A 7 -2.83 9.10 -3.62
O5' T39 A 7 -2.82 9.73 -1.20
C5' T39 A 7 -3.27 10.44 -0.05
C4' T39 A 7 -2.46 10.03 1.19
O4' T39 A 7 -2.65 8.66 1.61
C3' T39 A 7 -0.96 10.25 0.99
O3' T39 A 7 -0.68 11.63 1.12
C2' T39 A 7 -0.46 9.35 2.10
O2' T39 A 7 -0.58 10.07 3.35
C1' T39 A 7 -1.40 8.14 2.02
N1 T39 A 7 -0.99 6.98 1.17
C2 T39 A 7 -0.11 6.09 1.79
O2 T39 A 7 0.34 6.25 2.92
N3 T39 A 7 0.27 4.99 1.09
C4 T39 A 7 -0.16 4.63 -0.14
O4 T39 A 7 0.16 3.51 -0.52
C5 T39 A 7 -0.97 5.65 -0.80
C7 T39 A 7 -1.33 5.53 -2.27
C6 T39 A 7 -1.41 6.75 -0.14
CA' T39 A 7 -0.51 9.34 4.59
CD' T39 A 7 -2.60 10.46 6.50
CB' T39 A 7 -0.33 10.32 5.75
OC' T39 A 7 -1.46 11.15 6.01
H5' T39 A 7 -3.12 11.51 -0.21
H5'' T39 A 7 -4.32 10.25 0.13
H4' T39 A 7 -2.79 10.66 2.01
H3' T39 A 7 -0.64 9.85 0.02
H7 T39 A 7 0.56 9.04 1.89
H1' T39 A 7 -1.36 7.73 3.03
H3 T39 A 7 0.96 4.39 1.52
H71 T39 A 7 -0.46 5.87 -2.84
H72 T39 A 7 -2.21 6.15 -2.50
H73 T39 A 7 -1.55 4.50 -2.54
H6 T39 A 7 -2.08 7.40 -0.66
HCA2 T39 A 7 -1.42 8.76 4.74
HCA1 T39 A 7 0.33 8.65 4.57
HCD1 T39 A 7 -3.37 11.19 6.76
HCD2 T39 A 7 -2.34 9.89 7.39
HCD3 T39 A 7 -3.00 9.79 5.75
HCB1 T39 A 7 0.53 10.95 5.53
HCB2 T39 A 7 -0.09 9.75 6.65
P T39 A 8 0.73 12.29 0.77
OP1 T39 A 8 0.51 13.77 0.64
OP2 T39 A 8 1.30 11.56 -0.38
O5' T39 A 8 1.63 12.06 2.09
C5' T39 A 8 2.84 11.32 2.06
C4' T39 A 8 3.06 10.53 3.36
O4' T39 A 8 2.27 9.36 3.31
C3' T39 A 8 4.48 10.04 3.56
O3' T39 A 8 5.27 10.91 4.34
C2' T39 A 8 4.27 8.69 4.27
O2' T39 A 8 4.21 8.82 5.69
C1' T39 A 8 2.96 8.19 3.69
N1 T39 A 8 3.18 7.19 2.64
C2 T39 A 8 3.72 5.92 2.93
O2 T39 A 8 4.23 5.62 4.00
N3 T39 A 8 3.67 4.97 1.95
C4 T39 A 8 3.23 5.19 0.68
O4 T39 A 8 3.26 4.27 -0.11
C5 T39 A 8 2.77 6.55 0.43
C7 T39 A 8 2.23 6.92 -0.89
C6 T39 A 8 2.82 7.51 1.37
CA' T39 A 8 4.33 7.58 6.40
CD' T39 A 8 6.46 9.22 7.78
CB' T39 A 8 4.50 7.84 7.90
OC' T39 A 8 5.86 8.05 8.30
H5' T39 A 8 2.88 10.64 1.23
H5'' T39 A 8 3.64 12.05 1.94
H4' T39 A 8 2.77 11.13 4.22
H3' T39 A 8 4.93 9.85 2.58
H7 T39 A 8 5.06 8.01 3.95
H1' T39 A 8 2.31 7.65 4.37
H3 T39 A 8 3.97 4.02 2.16
H71 T39 A 8 1.63 6.07 -1.21
H72 T39 A 8 3.11 7.11 -1.52
H73 T39 A 8 1.60 7.81 -0.78
H6 T39 A 8 2.57 8.52 1.12
HCA2 T39 A 8 3.43 6.99 6.24
HCA1 T39 A 8 5.19 7.01 6.04
HCD1 T39 A 8 5.86 10.10 8.03
HCD2 T39 A 8 6.55 9.16 6.70
HCD3 T39 A 8 7.46 9.35 8.20
HCB1 T39 A 8 4.13 6.96 8.42
HCB2 T39 A 8 3.89 8.69 8.19
P C5L A 9 6.13 12.11 3.71
N1 C5L A 9 7.37 6.41 3.01
C2 C5L A 9 7.80 5.07 2.81
O2 C5L A 9 8.34 4.38 3.67
N3 C5L A 9 7.63 4.46 1.61
C4 C5L A 9 7.04 5.14 0.66
N4 C5L A 9 6.95 4.51 -0.47
C5 C5L A 9 6.53 6.47 0.82
C6 C5L A 9 6.66 7.03 2.02
C7 C5L A 9 5.69 7.24 -0.17
C1' C5L A 9 7.69 7.12 4.27
C2' C5L A 9 9.20 7.19 4.56
O2' C5L A 9 9.42 7.26 5.96
C3' C5L A 9 9.54 8.50 3.84
O3' C5L A 9 10.78 9.09 4.18
C4' C5L A 9 8.39 9.37 4.30
O4' C5L A 9 7.27 8.49 4.23
C5' C5L A 9 8.30 10.62 3.43
O5' C5L A 9 7.63 11.69 4.09
CA' C5L A 9 9.47 5.99 6.60
CB' C5L A 9 9.66 6.14 8.11
OC' C5L A 9 10.98 6.46 8.53
CD' C5L A 9 11.40 7.79 8.22
OP1 C5L A 9 5.80 13.35 4.46
OP2 C5L A 9 6.02 12.11 2.24
H6 C5L A 9 6.16 8.00 2.12
H5' C5L A 9 7.83 10.37 2.48
H1' C5L A 9 7.15 6.59 5.05
H2' C5L A 9 9.76 6.37 4.11
H3' C5L A 9 9.42 8.36 2.76
H4' C5L A 9 8.57 9.65 5.34
H41 C5L A 9 7.16 3.53 -0.50
H42 C5L A 9 6.66 4.98 -1.29
H5'' C5L A 9 9.31 10.97 3.22
H71 C5L A 9 6.33 7.81 -0.83
H72 C5L A 9 5.04 7.89 0.43
H73 C5L A 9 5.10 6.53 -0.74
HCA1 C5L A 9 10.28 5.40 6.19
HCA2 C5L A 9 8.54 5.46 6.42
HCB1 C5L A 9 9.40 5.17 8.56
HCB2 C5L A 9 8.95 6.88 8.50
HCD1 C5L A 9 12.37 7.97 8.69
HCD2 C5L A 9 10.68 8.50 8.62
HCD3 C5L A 9 11.50 7.93 7.15
P G48 A 10 12.03 8.94 3.20
OP1 G48 A 10 13.18 9.63 3.83
O5' G48 A 10 12.27 7.36 3.24
C5' G48 A 10 12.64 6.72 4.44
C4' G48 A 10 12.78 5.22 4.22
O4' G48 A 10 11.57 4.59 3.79
C3' G48 A 10 13.84 4.92 3.17
O3' G48 A 10 15.17 5.09 3.67
C2' G48 A 10 13.44 3.48 2.85
O2' G48 A 10 13.86 2.56 3.87
C1' G48 A 10 11.92 3.60 2.84
N9 G48 A 10 11.37 3.84 1.50
C8 G48 A 10 10.71 4.91 0.97
N7 G48 A 10 10.29 4.68 -0.26
C5 G48 A 10 10.69 3.35 -0.51
C6 G48 A 10 10.41 2.42 -1.57
O6 G48 A 10 9.76 2.61 -2.60
N1 G48 A 10 10.96 1.15 -1.37
C2 G48 A 10 11.77 0.85 -0.34
N2 G48 A 10 12.36 -0.31 -0.33
N3 G48 A 10 12.02 1.66 0.67
C4 G48 A 10 11.44 2.89 0.54
CA' G48 A 10 13.63 1.18 3.58
CB' G48 A 10 14.08 0.28 4.74
OC' G48 A 10 15.47 -0.02 4.76
CD' G48 A 10 16.30 1.09 5.08
OP2 G48 A 10 11.61 9.33 1.84
H5' G48 A 10 13.60 7.11 4.79
H5'' G48 A 10 11.90 6.90 5.21
H4' G48 A 10 13.10 4.75 5.17
H3' G48 A 10 13.67 5.53 2.29
H2' G48 A 10 13.79 3.21 1.86
H1' G48 A 10 11.47 2.63 2.99
H8 G48 A 10 10.55 5.83 1.53
H1 G48 A 10 10.75 0.39 -2.01
H21 G48 A 10 12.29 -0.94 -1.13
H22 G48 A 10 12.89 -0.57 0.49
HCA2 G48 A 10 12.57 1.00 3.42
HCA1 G48 A 10 14.17 0.88 2.67
HCB1 G48 A 10 13.55 -0.67 4.64
HCB2 G48 A 10 13.77 0.73 5.69
HCD1 G48 A 10 16.01 1.52 6.04
HCD2 G48 A 10 16.22 1.86 4.31
HCD3 G48 A 10 17.34 0.76 5.13
P C5L A 11 16.33 5.80 2.80
N1 C5L A 11 14.71 2.38 -0.89
C2 C5L A 11 14.23 1.79 -2.07
O2 C5L A 11 14.47 0.63 -2.38
N3 C5L A 11 13.48 2.49 -2.95
C4 C5L A 11 13.24 3.76 -2.69
N4 C5L A 11 12.48 4.31 -3.59
C5 C5L A 11 13.77 4.45 -1.54
C6 C5L A 11 14.50 3.72 -0.68
C7 C5L A 11 13.45 5.90 -1.20
C1' C5L A 11 15.40 1.54 0.12
C2' C5L A 11 16.75 1.08 -0.49
O2' C5L A 11 17.08 -0.23 -0.02
C3' C5L A 11 17.70 2.16 0.03
O3' C5L A 11 19.06 1.79 -0.12
C4' C5L A 11 17.18 2.27 1.45
O4' C5L A 11 15.76 2.19 1.32
C5' C5L A 11 17.55 3.54 2.24
O5' C5L A 11 16.82 4.67 1.78
CA' C5L A 11 16.45 -1.26 -0.77
CB' C5L A 11 16.91 -2.64 -0.28
OC' C5L A 11 18.31 -2.87 -0.38
CD' C5L A 11 18.81 -2.89 -1.72
OP1 C5L A 11 17.46 6.12 3.72
OP2 C5L A 11 15.73 6.90 2.00
H6 C5L A 11 14.95 4.15 0.19
H5' C5L A 11 18.61 3.72 2.18
H1' C5L A 11 14.71 0.74 0.41
H2' C5L A 11 16.73 1.14 -1.56
H3' C5L A 11 17.49 3.10 -0.50
H4' C5L A 11 17.54 1.41 2.00
H41 C5L A 11 12.08 3.76 -4.33
H42 C5L A 11 12.28 5.30 -3.53
H5'' C5L A 11 17.30 3.36 3.29
H71 C5L A 11 13.72 6.10 -0.16
H72 C5L A 11 12.38 6.07 -1.32
H73 C5L A 11 14.00 6.56 -1.87
HCA1 C5L A 11 16.69 -1.16 -1.83
HCA2 C5L A 11 15.38 -1.19 -0.65
HCB1 C5L A 11 16.38 -3.40 -0.83
HCB2 C5L A 11 16.62 -2.74 0.78
HCD1 C5L A 11 18.72 -1.89 -2.16
HCD2 C5L A 11 18.24 -3.61 -2.32
HCD3 C5L A 11 19.85 -3.18 -1.72
N1 C5L B 1 11.43 2.47 -12.32
C2 C5L B 1 12.46 2.44 -11.38
O2 C5L B 1 13.47 1.76 -11.52
N3 C5L B 1 12.39 3.19 -10.24
C4 C5L B 1 11.29 3.87 -10.03
N4 C5L B 1 11.34 4.58 -8.93
C5 C5L B 1 10.13 3.84 -10.90
C6 C5L B 1 10.25 3.12 -12.04
C7 C5L B 1 8.84 4.58 -10.57
C1' C5L B 1 11.65 1.79 -13.64
C2' C5L B 1 11.16 0.33 -13.68
O2' C5L B 1 12.09 -0.46 -14.44
C3' C5L B 1 9.82 0.46 -14.42
O3' C5L B 1 9.39 -0.71 -15.10
C4' C5L B 1 10.17 1.59 -15.41
O4' C5L B 1 10.98 2.50 -14.67
C5' C5L B 1 8.92 2.26 -15.99
O5' C5L B 1 9.27 3.20 -17.00
CA' C5L B 1 13.25 -0.85 -13.72
CB' C5L B 1 14.18 -1.69 -14.60
OC' C5L B 1 13.88 -3.09 -14.62
CD' C5L B 1 12.62 -3.40 -15.21
H6 C5L B 1 9.42 3.07 -12.74
H5' C5L B 1 8.37 2.76 -15.18
H1' C5L B 1 12.72 1.80 -13.85
H2' C5L B 1 11.00 -0.07 -12.68
H3' C5L B 1 9.06 0.82 -13.74
H4' C5L B 1 10.76 1.15 -16.22
H41 C5L B 1 12.20 4.56 -8.39
H42 C5L B 1 10.54 5.14 -8.66
H5'' C5L B 1 8.27 1.49 -16.42
H71 C5L B 1 8.10 4.43 -11.35
H72 C5L B 1 9.04 5.65 -10.47
H73 C5L B 1 8.43 4.22 -9.62
HCA1 C5L B 1 12.98 -1.43 -12.84
HCA2 C5L B 1 13.80 0.03 -13.41
HCB1 C5L B 1 15.19 -1.59 -14.21
HCB2 C5L B 1 14.18 -1.29 -15.61
HCD1 C5L B 1 12.56 -2.99 -16.22
HCD2 C5L B 1 11.81 -3.02 -14.60
HCD3 C5L B 1 12.52 -4.50 -15.28
HO5' C5L B 1 9.85 3.89 -16.61
P G48 B 2 8.64 -1.91 -14.35
OP1 G48 B 2 8.39 -2.96 -15.36
O5' G48 B 2 9.69 -2.50 -13.28
C5' G48 B 2 9.42 -2.51 -11.89
C4' G48 B 2 10.71 -2.77 -11.09
O4' G48 B 2 11.42 -1.55 -10.90
C3' G48 B 2 10.43 -3.35 -9.70
O3' G48 B 2 10.29 -4.76 -9.77
C2' G48 B 2 11.64 -2.83 -8.89
O2' G48 B 2 12.81 -3.63 -9.06
C1' G48 B 2 11.92 -1.49 -9.57
N9 G48 B 2 11.35 -0.33 -8.85
C8 G48 B 2 10.33 0.50 -9.21
N7 G48 B 2 10.10 1.47 -8.35
C5 G48 B 2 11.05 1.26 -7.35
C6 G48 B 2 11.39 1.99 -6.15
O6 G48 B 2 10.92 3.05 -5.72
N1 G48 B 2 12.41 1.42 -5.42
C2 G48 B 2 13.02 0.26 -5.77
N2 G48 B 2 13.93 -0.24 -4.97
N3 G48 B 2 12.78 -0.42 -6.88
C4 G48 B 2 11.79 0.13 -7.63
CA' G48 B 2 13.92 -3.21 -8.25
CB' G48 B 2 15.08 -4.15 -8.51
OC' G48 B 2 14.77 -5.44 -8.02
CD' G48 B 2 15.77 -6.36 -8.43
OP2 G48 B 2 7.48 -1.33 -13.63
H5' G48 B 2 8.99 -1.56 -11.56
H5'' G48 B 2 8.70 -3.31 -11.68
H4' G48 B 2 11.34 -3.47 -11.62
H3' G48 B 2 9.53 -2.87 -9.30
H2' G48 B 2 11.39 -2.72 -7.84
H1' G48 B 2 13.00 -1.37 -9.61
H8 G48 B 2 9.77 0.38 -10.14
H1 G48 B 2 12.69 1.89 -4.57
H21 G48 B 2 14.11 0.19 -4.06
H22 G48 B 2 14.42 -1.05 -5.27
HCA2 G48 B 2 14.26 -2.21 -8.50
HCA1 G48 B 2 13.67 -3.21 -7.19
HCB1 G48 B 2 15.97 -3.76 -7.99
HCB2 G48 B 2 15.27 -4.18 -9.58
HCD1 G48 B 2 15.52 -7.34 -8.06
HCD2 G48 B 2 16.73 -6.03 -8.04
HCD3 G48 B 2 15.79 -6.36 -9.51
P C5L B 3 9.38 -5.58 -8.75
N1 C5L B 3 11.34 -2.93 -4.43
C2 C5L B 3 11.51 -1.98 -3.41
O2 C5L B 3 12.35 -2.12 -2.51
N3 C5L B 3 10.75 -0.87 -3.37
C4 C5L B 3 9.82 -0.73 -4.28
N4 C5L B 3 9.17 0.38 -4.16
C5 C5L B 3 9.54 -1.70 -5.32
C6 C5L B 3 10.34 -2.79 -5.35
C7 C5L B 3 8.45 -1.51 -6.35
C1' C5L B 3 12.29 -4.08 -4.46
C2' C5L B 3 11.88 -5.26 -3.58
O2' C5L B 3 13.03 -5.90 -3.06
C3' C5L B 3 11.14 -6.16 -4.59
O3' C5L B 3 11.07 -7.51 -4.17
C4' C5L B 3 12.04 -5.95 -5.82
O4' C5L B 3 12.46 -4.58 -5.77
C5' C5L B 3 11.37 -6.27 -7.16
O5' C5L B 3 10.17 -5.54 -7.35
CA' C5L B 3 13.53 -5.31 -1.87
CB' C5L B 3 14.69 -6.16 -1.34
OC' C5L B 3 15.29 -5.63 -0.16
CD' C5L B 3 14.45 -5.59 0.98
OP1 C5L B 3 9.32 -6.98 -9.21
OP2 C5L B 3 8.11 -4.83 -8.56
H6 C5L B 3 10.20 -3.54 -6.11
H5' C5L B 3 11.15 -7.34 -7.19
H1' C5L B 3 13.22 -3.70 -4.07
H2' C5L B 3 11.20 -4.93 -2.81
H3' C5L B 3 10.15 -5.75 -4.79
H4' C5L B 3 12.92 -6.57 -5.71
H41 C5L B 3 9.47 1.06 -3.48
H42 C5L B 3 8.38 0.56 -4.73
H5'' C5L B 3 12.07 -6.05 -7.96
H71 C5L B 3 8.44 -2.33 -7.07
H72 C5L B 3 8.61 -0.57 -6.89
H73 C5L B 3 7.48 -1.45 -5.86
HCA1 C5L B 3 12.75 -5.28 -1.12
HCA2 C5L B 3 13.90 -4.30 -2.07
HCB1 C5L B 3 15.46 -6.24 -2.11
HCB2 C5L B 3 14.32 -7.18 -1.13
HCD1 C5L B 3 15.03 -5.29 1.85
HCD2 C5L B 3 14.02 -6.58 1.17
HCD3 C5L B 3 13.64 -4.87 0.85
P G48 B 4 10.02 -7.98 -3.05
OP1 G48 B 4 10.31 -9.39 -2.73
O5' G48 B 4 10.39 -7.08 -1.76
C5' G48 B 4 9.50 -6.10 -1.24
C4' G48 B 4 10.16 -5.22 -0.16
O4' G48 B 4 10.67 -3.97 -0.65
C3' G48 B 4 9.12 -4.88 0.88
O3' G48 B 4 8.88 -5.97 1.76
C2' G48 B 4 9.76 -3.63 1.51
O2' G48 B 4 10.74 -3.95 2.49
C1' G48 B 4 10.38 -2.93 0.30
N9 G48 B 4 9.37 -1.99 -0.15
C8 G48 B 4 8.59 -2.14 -1.24
N7 G48 B 4 7.82 -1.12 -1.49
C5 G48 B 4 8.13 -0.22 -0.46
C6 G48 B 4 7.71 1.13 -0.21
O6 G48 B 4 6.90 1.78 -0.85
N1 G48 B 4 8.32 1.71 0.90
C2 G48 B 4 9.04 1.01 1.80
N2 G48 B 4 9.30 1.61 2.93
N3 G48 B 4 9.47 -0.24 1.59
C4 G48 B 4 9.03 -0.78 0.42
CA' G48 B 4 11.36 -2.83 3.12
CB' G48 B 4 12.32 -3.32 4.21
OC' G48 B 4 13.56 -3.70 3.64
CD' G48 B 4 14.49 -4.11 4.62
OP2 G48 B 4 8.66 -7.61 -3.53
H5' G48 B 4 9.13 -5.46 -2.05
H5'' G48 B 4 8.64 -6.63 -0.82
H4' G48 B 4 10.97 -5.78 0.33
H3' G48 B 4 8.21 -4.58 0.37
H2' G48 B 4 8.93 -3.02 1.83
H1' G48 B 4 11.22 -2.28 0.52
H8 G48 B 4 8.69 -3.07 -1.76
H1 G48 B 4 8.26 2.72 1.07
H21 G48 B 4 8.94 2.55 3.13
H22 G48 B 4 9.86 1.13 3.60
HCA2 G48 B 4 11.94 -2.24 2.40
HCA1 G48 B 4 10.62 -2.18 3.57
HCB1 G48 B 4 11.86 -4.16 4.73
HCB2 G48 B 4 12.47 -2.52 4.93
HCD1 G48 B 4 14.11 -4.98 5.16
HCD2 G48 B 4 14.69 -3.30 5.32
HCD3 G48 B 4 15.43 -4.39 4.12
P A44 B 5 7.44 -6.19 2.44
OP2 A44 B 5 6.41 -6.04 1.38
OP1 A44 B 5 7.49 -7.46 3.20
O5' A44 B 5 7.30 -4.97 3.46
C5' A44 B 5 8.17 -4.87 4.58
C4' A44 B 5 8.13 -3.47 5.17
O4' A44 B 5 8.37 -2.50 4.16
C3' A44 B 5 6.79 -3.06 5.79
O3' A44 B 5 6.56 -3.69 7.04
C2' A44 B 5 7.01 -1.54 5.84
O2' A44 B 5 7.89 -1.14 6.89
C1' A44 B 5 7.66 -1.31 4.48
N9 A44 B 5 6.70 -0.96 3.43
C8 A44 B 5 6.19 -1.72 2.41
N7 A44 B 5 5.40 -1.06 1.61
C5 A44 B 5 5.39 0.23 2.16
C6 A44 B 5 4.81 1.47 1.80
N6 A44 B 5 4.07 1.73 0.76
N1 A44 B 5 5.01 2.57 2.54
C2 A44 B 5 5.76 2.46 3.62
N3 A44 B 5 6.36 1.38 4.09
C4 A44 B 5 6.13 0.28 3.30
CA' A44 B 5 8.11 0.27 6.97
CD' A44 B 5 7.56 2.70 8.68
OC' A44 B 5 8.81 2.03 8.56
CB' A44 B 5 8.69 0.62 8.35
H5' A44 B 5 7.87 -5.60 5.34
H5'' A44 B 5 9.19 -5.08 4.28
H4' A44 B 5 8.90 -3.39 5.94
H3' A44 B 5 6.00 -3.30 5.07
H2' A44 B 5 6.04 -1.02 5.92
H1' A44 B 5 8.35 -0.48 4.54
H8 A44 B 5 6.44 -2.77 2.29
H61 A44 B 5 3.78 2.67 0.57
H62 A44 B 5 3.81 1.00 0.15
H2 A44 B 5 5.89 3.40 4.16
HCA2 A44 B 5 8.82 0.59 6.21
HCA1 A44 B 5 7.17 0.79 6.82
HCD1 A44 B 5 7.74 3.74 8.97
HCD2 A44 B 5 6.93 2.24 9.43
HCD3 A44 B 5 7.03 2.71 7.73
HCB1 A44 B 5 9.68 0.17 8.42
HCB2 A44 B 5 8.06 0.18 9.13
P A44 B 6 5.07 -3.78 7.63
OP2 A44 B 6 4.20 -4.38 6.59
OP1 A44 B 6 5.15 -4.43 8.96
O5' A44 B 6 4.64 -2.25 7.81
C5' A44 B 6 5.25 -1.44 8.81
C4' A44 B 6 4.72 -0.01 8.77
O4' A44 B 6 4.90 0.69 7.53
C3' A44 B 6 3.22 0.03 9.03
O3' A44 B 6 2.93 -0.25 10.40
C2' A44 B 6 2.92 1.45 8.56
O2' A44 B 6 3.42 2.41 9.51
C1' A44 B 6 3.78 1.53 7.30
N9 A44 B 6 3.16 1.18 6.01
C8 A44 B 6 3.11 -0.02 5.37
N7 A44 B 6 2.60 0.02 4.15
C5 A44 B 6 2.21 1.36 4.02
C6 A44 B 6 1.58 2.16 3.02
N6 A44 B 6 1.17 1.78 1.82
N1 A44 B 6 1.35 3.45 3.22
C2 A44 B 6 1.69 3.96 4.39
N3 A44 B 6 2.25 3.35 5.43
C4 A44 B 6 2.49 2.05 5.17
CA' A44 B 6 3.06 3.76 9.29
CD' A44 B 6 5.97 5.60 10.68
OC' A44 B 6 5.19 4.77 9.81
CB' A44 B 6 3.84 4.66 10.25
H5' A44 B 6 5.04 -1.86 9.79
H5'' A44 B 6 6.33 -1.43 8.68
H4' A44 B 6 5.21 0.56 9.56
H3' A44 B 6 2.72 -0.69 8.37
H2' A44 B 6 1.87 1.60 8.34
H1' A44 B 6 4.06 2.56 7.18
H8 A44 B 6 3.48 -0.92 5.85
H61 A44 B 6 0.73 2.44 1.19
H62 A44 B 6 1.32 0.83 1.54
H2 A44 B 6 1.51 5.01 4.52
HCA2 A44 B 6 3.25 4.08 8.26
HCA1 A44 B 6 2.00 3.90 9.51
HCD1 A44 B 6 6.00 5.17 11.67
HCD2 A44 B 6 5.53 6.60 10.72
HCD3 A44 B 6 6.98 5.68 10.29
HCB1 A44 B 6 3.80 4.24 11.25
HCB2 A44 B 6 3.38 5.65 10.27
P T39 B 7 1.54 -0.89 10.81
OP1 T39 B 7 1.48 -0.95 12.29
OP2 T39 B 7 1.32 -2.13 10.03
O5' T39 B 7 0.52 0.22 10.29
C5' T39 B 7 0.44 1.49 10.92
C4' T39 B 7 -0.52 2.42 10.18
O4' T39 B 7 -0.08 2.89 8.90
C3' T39 B 7 -1.89 1.77 9.95
O3' T39 B 7 -2.69 1.63 11.12
C2' T39 B 7 -2.38 2.78 8.95
O2' T39 B 7 -2.72 4.00 9.67
C1' T39 B 7 -1.19 2.94 8.02
N1 T39 B 7 -1.08 1.96 6.91
C2 T39 B 7 -1.79 2.28 5.75
O2 T39 B 7 -2.47 3.29 5.63
N3 T39 B 7 -1.71 1.43 4.69
C4 T39 B 7 -0.95 0.32 4.63
O4 T39 B 7 -0.87 -0.22 3.52
C5 T39 B 7 -0.34 -0.06 5.89
C7 T39 B 7 0.33 -1.40 6.08
C6 T39 B 7 -0.36 0.78 6.96
CA' T39 B 7 -2.65 5.26 9.00
CD' T39 B 7 -2.93 7.64 11.83
CB' T39 B 7 -3.26 6.35 9.89
OC' T39 B 7 -2.39 6.65 10.98
H5' T39 B 7 0.08 1.35 11.95
H5'' T39 B 7 1.42 1.95 10.97
H4' T39 B 7 -0.67 3.29 10.83
H3' T39 B 7 -1.76 0.79 9.46
H7 T39 B 7 -3.22 2.35 8.41
H1' T39 B 7 -1.40 3.90 7.51
H3 T39 B 7 -2.27 1.64 3.89
H71 T39 B 7 -0.49 -2.10 6.27
H72 T39 B 7 1.03 -1.36 6.92
H73 T39 B 7 0.85 -1.70 5.18
H6 T39 B 7 0.22 0.49 7.82
HCA2 T39 B 7 -1.61 5.53 8.79
HCA1 T39 B 7 -3.20 5.23 8.06
HCD1 T39 B 7 -3.07 8.58 11.27
HCD2 T39 B 7 -2.24 7.84 12.65
HCD3 T39 B 7 -3.88 7.33 12.24
HCB1 T39 B 7 -4.23 6.02 10.25
HCB2 T39 B 7 -3.39 7.25 9.28
P T39 B 8 -4.04 0.76 11.09
OP1 T39 B 8 -4.64 0.79 12.45
OP2 T39 B 8 -3.74 -0.56 10.47
O5' T39 B 8 -5.03 1.55 10.09
C5' T39 B 8 -5.53 2.84 10.43
C4' T39 B 8 -5.98 3.64 9.20
O4' T39 B 8 -5.02 3.63 8.14
C3' T39 B 8 -7.24 3.14 8.54
O3' T39 B 8 -8.38 3.45 9.33
C2' T39 B 8 -7.11 3.89 7.20
O2' T39 B 8 -7.43 5.28 7.32
C1' T39 B 8 -5.63 3.69 6.87
N1 T39 B 8 -5.39 2.53 5.99
C2 T39 B 8 -5.59 2.63 4.60
O2 T39 B 8 -6.17 3.58 4.06
N3 T39 B 8 -5.11 1.61 3.82
C4 T39 B 8 -4.51 0.50 4.30
O4 T39 B 8 -4.08 -0.34 3.53
C5 T39 B 8 -4.43 0.42 5.75
C7 T39 B 8 -3.77 -0.75 6.39
C6 T39 B 8 -4.93 1.38 6.55
CA' T39 B 8 -7.29 6.06 6.15
CD' T39 B 8 -9.92 8.64 6.56
CB' T39 B 8 -7.90 7.45 6.36
OC' T39 B 8 -9.32 7.36 6.38
H5' T39 B 8 -6.36 2.74 11.12
H5'' T39 B 8 -4.75 3.41 10.93
H4' T39 B 8 -6.15 4.66 9.51
H3' T39 B 8 -7.17 2.06 8.37
H7 T39 B 8 -7.70 3.37 6.47
H1' T39 B 8 -5.13 4.46 6.31
H3 T39 B 8 -5.20 1.66 2.80
H71 T39 B 8 -2.83 -0.88 5.85
H72 T39 B 8 -4.47 -1.57 6.25
H73 T39 B 8 -3.61 -0.53 7.44
H6 T39 B 8 -4.98 1.25 7.61
HCA2 T39 B 8 -6.23 6.19 5.92
HCA1 T39 B 8 -7.77 5.59 5.29
HCD1 T39 B 8 -11.01 8.52 6.57
HCD2 T39 B 8 -9.64 9.30 5.74
HCD3 T39 B 8 -9.62 9.08 7.50
HCB1 T39 B 8 -7.60 8.09 5.54
HCB2 T39 B 8 -7.53 7.86 7.30
P C5L B 9 -9.73 2.61 9.21
N1 C5L B 9 -9.02 1.87 3.68
C2 C5L B 9 -9.11 1.32 2.39
O2 C5L B 9 -9.66 1.89 1.46
N3 C5L B 9 -8.57 0.12 2.11
C4 C5L B 9 -8.00 -0.55 3.09
N4 C5L B 9 -7.49 -1.67 2.70
C5 C5L B 9 -7.96 -0.08 4.44
C6 C5L B 9 -8.41 1.16 4.69
C7 C5L B 9 -7.26 -0.77 5.58
C1' C5L B 9 -9.61 3.22 3.89
C2' C5L B 9 -11.13 3.34 3.67
O2' C5L B 9 -11.32 4.56 2.95
C3' C5L B 9 -11.62 3.35 5.13
O3' C5L B 9 -12.90 3.91 5.37
C4' C5L B 9 -10.57 4.24 5.73
O4' C5L B 9 -9.36 3.77 5.16
C5' C5L B 9 -10.55 4.17 7.27
O5' C5L B 9 -10.19 2.87 7.70
CA' C5L B 9 -12.55 4.62 2.23
CB' C5L B 9 -12.61 5.93 1.43
OC' C5L B 9 -12.86 7.02 2.30
CD' C5L B 9 -12.91 8.26 1.60
OP1 C5L B 9 -10.74 3.21 10.12
OP2 C5L B 9 -9.40 1.17 9.36
H6 C5L B 9 -8.23 1.52 5.71
H5' C5L B 9 -11.53 4.42 7.65
H1' C5L B 9 -9.06 3.82 3.18
H2' C5L B 9 -11.51 2.48 3.12
H3' C5L B 9 -11.49 2.34 5.54
H4' C5L B 9 -10.74 5.26 5.43
H41 C5L B 9 -7.45 -1.88 1.71
H42 C5L B 9 -7.15 -2.32 3.36
H5'' C5L B 9 -9.85 4.90 7.64
H71 C5L B 9 -6.98 0.01 6.32
H72 C5L B 9 -6.37 -1.25 5.18
H73 C5L B 9 -7.92 -1.51 6.03
HCA1 C5L B 9 -13.40 4.58 2.91
HCA2 C5L B 9 -12.59 3.79 1.53
HCB1 C5L B 9 -13.44 5.85 0.72
HCB2 C5L B 9 -11.69 6.06 0.89
HCD1 C5L B 9 -13.71 8.24 0.86
HCD2 C5L B 9 -11.96 8.47 1.12
HCD3 C5L B 9 -13.12 9.07 2.30
P G48 B 10 -14.22 3.01 5.51
OP1 G48 B 10 -15.34 3.91 5.85
O5' G48 B 10 -14.42 2.50 4.00
C5' G48 B 10 -14.01 1.21 3.60
C4' G48 B 10 -13.97 1.17 2.06
O4' G48 B 10 -12.63 1.10 1.56
C3' G48 B 10 -14.76 -0.02 1.54
O3' G48 B 10 -16.14 0.28 1.43
C2' G48 B 10 -14.02 -0.21 0.20
O2' G48 B 10 -14.43 0.74 -0.78
C1' G48 B 10 -12.59 0.08 0.56
N9 G48 B 10 -11.81 -1.08 1.00
C8 G48 B 10 -11.26 -1.33 2.21
N7 G48 B 10 -10.60 -2.47 2.25
C5 G48 B 10 -10.67 -2.93 0.92
C6 G48 B 10 -9.98 -3.99 0.22
O6 G48 B 10 -9.21 -4.82 0.68
N1 G48 B 10 -10.28 -4.04 -1.14
C2 G48 B 10 -11.22 -3.27 -1.73
N2 G48 B 10 -11.55 -3.55 -2.95
N3 G48 B 10 -11.83 -2.25 -1.14
C4 G48 B 10 -11.50 -2.13 0.19
CA' G48 B 10 -13.94 0.47 -2.11
CB' G48 B 10 -13.85 1.76 -2.93
OC' G48 B 10 -12.65 2.50 -2.70
CD' G48 B 10 -12.62 3.22 -1.46
OP2 G48 B 10 -13.92 1.85 6.39
H5' G48 B 10 -13.03 0.98 3.99
H5'' G48 B 10 -14.72 0.48 3.98
H4' G48 B 10 -14.43 2.07 1.66
H3' G48 B 10 -14.57 -0.88 2.17
H2' G48 B 10 -14.09 -1.25 -0.10
H1' G48 B 10 -12.02 0.31 -0.33
H8 G48 B 10 -11.39 -0.64 3.03
H1 G48 B 10 -9.78 -4.67 -1.76
H21 G48 B 10 -11.18 -4.38 -3.42
H22 G48 B 10 -12.17 -2.93 -3.44
HCA2 G48 B 10 -12.96 0.00 -2.10
HCA1 G48 B 10 -14.63 -0.20 -2.61
HCB1 G48 B 10 -14.74 2.38 -2.74
HCB2 G48 B 10 -13.86 1.48 -3.97
HCD1 G48 B 10 -11.71 3.79 -1.39
HCD2 G48 B 10 -12.67 2.54 -0.62
HCD3 G48 B 10 -13.47 3.90 -1.41
P C5L B 11 -17.28 -0.82 1.74
N1 C5L B 11 -14.21 -4.28 -0.80
C2 C5L B 11 -13.46 -5.42 -1.08
O2 C5L B 11 -13.43 -5.95 -2.18
N3 C5L B 11 -12.71 -6.03 -0.12
C4 C5L B 11 -12.80 -5.58 1.11
N4 C5L B 11 -12.03 -6.22 1.94
C5 C5L B 11 -13.68 -4.50 1.50
C6 C5L B 11 -14.36 -3.88 0.50
C7 C5L B 11 -13.79 -3.98 2.92
C1' C5L B 11 -14.80 -3.47 -1.91
C2' C5L B 11 -15.90 -4.24 -2.65
O2' C5L B 11 -15.78 -3.93 -4.04
C3' C5L B 11 -17.18 -3.69 -2.00
O3' C5L B 11 -18.36 -3.85 -2.77
C4' C5L B 11 -16.79 -2.22 -1.86
O4' C5L B 11 -15.42 -2.27 -1.51
C5' C5L B 11 -17.54 -1.40 -0.82
O5' C5L B 11 -17.21 -1.83 0.49
CA' C5L B 11 -14.80 -4.71 -4.70
CB' C5L B 11 -14.49 -4.17 -6.10
OC' C5L B 11 -13.50 -3.14 -6.01
CD' C5L B 11 -13.07 -2.72 -7.29
OP1 C5L B 11 -18.59 -0.13 1.71
OP2 C5L B 11 -16.89 -1.57 2.96
H6 C5L B 11 -15.03 -3.07 0.72
H5' C5L B 11 -18.61 -1.47 -0.99
H1' C5L B 11 -13.98 -3.13 -2.55
H2' C5L B 11 -15.84 -5.30 -2.42
H3' C5L B 11 -17.30 -4.10 -1.00
H4' C5L B 11 -16.89 -1.75 -2.84
H41 C5L B 11 -11.38 -6.92 1.58
H42 C5L B 11 -12.05 -6.00 2.91
H5'' C5L B 11 -17.24 -0.36 -0.96
H71 C5L B 11 -14.30 -4.72 3.54
H72 C5L B 11 -14.35 -3.04 2.93
H73 C5L B 11 -12.79 -3.79 3.31
HCA1 C5L B 11 -15.14 -5.74 -4.78
HCA2 C5L B 11 -13.85 -4.70 -4.15
HCB1 C5L B 11 -15.41 -3.79 -6.56
HCB2 C5L B 11 -14.11 -4.99 -6.70
HCD1 C5L B 11 -13.91 -2.30 -7.85
HCD2 C5L B 11 -12.63 -3.54 -7.84
HCD3 C5L B 11 -12.31 -1.94 -7.18
N1 C5L A 1 -8.02 -13.54 2.52
C2 C5L A 1 -9.21 -13.05 1.97
O2 C5L A 1 -9.79 -13.63 1.05
N3 C5L A 1 -9.79 -11.92 2.45
C4 C5L A 1 -9.16 -11.26 3.40
N4 C5L A 1 -9.80 -10.18 3.79
C5 C5L A 1 -7.89 -11.66 3.96
C6 C5L A 1 -7.37 -12.82 3.49
C7 C5L A 1 -7.18 -10.85 5.05
C1' C5L A 1 -7.48 -14.84 2.00
C2' C5L A 1 -6.65 -14.63 0.73
O2' C5L A 1 -6.69 -15.77 -0.13
C3' C5L A 1 -5.25 -14.46 1.35
O3' C5L A 1 -4.16 -14.62 0.43
C4' C5L A 1 -5.32 -15.56 2.41
O4' C5L A 1 -6.63 -15.47 2.96
C5' C5L A 1 -4.22 -15.49 3.49
O5' C5L A 1 -4.16 -14.24 4.16
CA' C5L A 1 -7.96 -16.04 -0.71
CB' C5L A 1 -7.78 -17.02 -1.87
OC' C5L A 1 -9.00 -17.35 -2.55
CD' C5L A 1 -9.56 -16.26 -3.26
H6 C5L A 1 -6.42 -13.18 3.89
H5' C5L A 1 -3.25 -15.68 3.00
H1' C5L A 1 -8.33 -15.48 1.78
H2' C5L A 1 -6.94 -13.73 0.20
H3' C5L A 1 -5.19 -13.48 1.85
H4' C5L A 1 -5.23 -16.52 1.90
H41 C5L A 1 -10.69 -9.97 3.36
H42 C5L A 1 -9.40 -9.60 4.50
H5'' C5L A 1 -4.39 -16.29 4.21
H71 C5L A 1 -6.96 -9.85 4.67
H72 C5L A 1 -6.25 -11.34 5.33
H73 C5L A 1 -7.82 -10.77 5.92
HCA1 C5L A 1 -8.41 -15.12 -1.07
HCA2 C5L A 1 -8.63 -16.49 0.02
HCB1 C5L A 1 -7.34 -17.94 -1.48
HCB2 C5L A 1 -7.06 -16.60 -2.59
HCD1 C5L A 1 -9.91 -15.48 -2.59
HCD2 C5L A 1 -10.42 -16.62 -3.83
HCD3 C5L A 1 -8.84 -15.84 -3.96
HO5' C5L A 1 -3.44 -14.26 4.83
P G48 A 2 -3.59 -13.37 -0.40
OP1 G48 A 2 -2.46 -13.86 -1.23
O5' G48 A 2 -4.79 -12.95 -1.39
C5' G48 A 2 -5.16 -13.76 -2.49
C4' G48 A 2 -6.45 -13.27 -3.15
O4' G48 A 2 -7.54 -13.22 -2.23
C3' G48 A 2 -6.37 -11.91 -3.83
O3' G48 A 2 -5.68 -11.99 -5.08
C2' G48 A 2 -7.89 -11.64 -3.96
O2' G48 A 2 -8.38 -12.43 -5.06
C1' G48 A 2 -8.37 -12.12 -2.58
N9 G48 A 2 -8.33 -11.09 -1.49
C8 G48 A 2 -7.44 -10.97 -0.46
N7 G48 A 2 -7.75 -10.03 0.41
C5 G48 A 2 -8.91 -9.45 -0.13
C6 G48 A 2 -9.77 -8.40 0.35
O6 G48 A 2 -9.70 -7.76 1.40
N1 G48 A 2 -10.78 -8.07 -0.52
C2 G48 A 2 -10.98 -8.69 -1.70
N2 G48 A 2 -11.95 -8.27 -2.46
N3 G48 A 2 -10.26 -9.72 -2.15
C4 G48 A 2 -9.22 -10.06 -1.33
CA' G48 A 2 -9.74 -12.86 -5.09
CB' G48 A 2 -10.76 -11.72 -5.13
OC' G48 A 2 -12.05 -12.27 -4.90
CD' G48 A 2 -13.06 -11.28 -4.91
OP2 G48 A 2 -3.36 -12.25 0.53
H5' G48 A 2 -4.36 -13.78 -3.23
H5'' G48 A 2 -5.33 -14.79 -2.14
H4' G48 A 2 -6.71 -14.01 -3.93
H3' G48 A 2 -5.91 -11.19 -3.15
H2' G48 A 2 -8.11 -10.59 -4.12
H1' G48 A 2 -9.41 -12.43 -2.62
H8 G48 A 2 -6.56 -11.58 -0.37
H1 G48 A 2 -11.41 -7.31 -0.26
H21 G48 A 2 -12.51 -7.45 -2.21
H22 G48 A 2 -12.13 -8.78 -3.31
HCA2 G48 A 2 -9.89 -13.46 -5.99
HCA1 G48 A 2 -9.96 -13.50 -4.25
HCB1 G48 A 2 -10.72 -11.23 -6.11
HCB2 G48 A 2 -10.53 -10.99 -4.36
HCD1 G48 A 2 -14.03 -11.76 -4.73
HCD2 G48 A 2 -13.09 -10.77 -5.88
HCD3 G48 A 2 -12.88 -10.56 -4.11
P C5L A 3 -5.01 -10.71 -5.76
N1 C5L A 3 -8.93 -7.29 -4.27
C2 C5L A 3 -9.59 -6.28 -3.58
O2 C5L A 3 -10.61 -5.74 -3.99
N3 C5L A 3 -9.11 -5.84 -2.40
C4 C5L A 3 -7.99 -6.36 -1.95
N4 C5L A 3 -7.65 -5.84 -0.81
C5 C5L A 3 -7.23 -7.38 -2.62
C6 C5L A 3 -7.76 -7.83 -3.79
C7 C5L A 3 -5.97 -8.00 -2.06
C1' C5L A 3 -9.54 -7.79 -5.53
C2' C5L A 3 -9.23 -6.87 -6.71
O2' C5L A 3 -10.30 -7.01 -7.65
C3' C5L A 3 -7.93 -7.51 -7.21
O3' C5L A 3 -7.56 -7.03 -8.50
C4' C5L A 3 -8.33 -8.97 -7.11
O4' C5L A 3 -9.10 -9.09 -5.91
C5' C5L A 3 -7.15 -9.97 -7.14
O5' C5L A 3 -6.22 -9.72 -6.09
CA' C5L A 3 -11.48 -6.24 -7.35
CB' C5L A 3 -12.70 -6.99 -7.88
OC' C5L A 3 -13.06 -8.09 -7.06
CD' C5L A 3 -13.68 -7.74 -5.83
OP1 C5L A 3 -4.40 -11.15 -7.05
OP2 C5L A 3 -4.15 -10.05 -4.75
H6 C5L A 3 -7.24 -8.59 -4.34
H5' C5L A 3 -6.64 -9.89 -8.10
H1' C5L A 3 -10.63 -7.76 -5.38
H2' C5L A 3 -9.09 -5.85 -6.39
H3' C5L A 3 -7.13 -7.30 -6.48
H4' C5L A 3 -8.97 -9.20 -7.96
H41 C5L A 3 -8.29 -5.23 -0.33
H42 C5L A 3 -6.76 -6.04 -0.42
H5'' C5L A 3 -7.55 -10.98 -7.04
H71 C5L A 3 -5.16 -7.27 -2.07
H72 C5L A 3 -5.69 -8.88 -2.63
H73 C5L A 3 -6.15 -8.30 -1.02
HCA1 C5L A 3 -11.41 -5.28 -7.85
HCA2 C5L A 3 -11.58 -6.05 -6.28
HCB1 C5L A 3 -12.48 -7.35 -8.89
HCB2 C5L A 3 -13.54 -6.29 -7.96
HCD1 C5L A 3 -14.62 -7.22 -6.02
HCD2 C5L A 3 -13.03 -7.12 -5.22
HCD3 C5L A 3 -13.92 -8.65 -5.27
P G48 A 4 -6.70 -5.69 -8.64
OP1 G48 A 4 -6.67 -5.33 -10.08
O5' G48 A 4 -7.51 -4.55 -7.83
C5' G48 A 4 -8.72 -4.03 -8.34
C4' G48 A 4 -9.40 -3.06 -7.35
O4' G48 A 4 -9.65 -3.56 -6.04
C3' G48 A 4 -8.55 -1.81 -7.13
O3' G48 A 4 -8.47 -0.98 -8.29
C2' G48 A 4 -9.33 -1.22 -5.95
O2' G48 A 4 -10.51 -0.52 -6.36
C1' G48 A 4 -9.69 -2.45 -5.13
N9 G48 A 4 -8.70 -2.51 -4.05
C8 G48 A 4 -7.62 -3.30 -3.96
N7 G48 A 4 -7.00 -3.22 -2.81
C5 G48 A 4 -7.75 -2.27 -2.11
C6 G48 A 4 -7.69 -1.79 -0.75
O6 G48 A 4 -6.90 -2.12 0.13
N1 G48 A 4 -8.66 -0.84 -0.44
C2 G48 A 4 -9.45 -0.26 -1.37
N2 G48 A 4 -10.12 0.81 -0.99
N3 G48 A 4 -9.58 -0.71 -2.61
C4 G48 A 4 -8.73 -1.74 -2.91
CA' G48 A 4 -11.34 0.00 -5.33
CB' G48 A 4 -12.43 0.85 -5.95
OC' G48 A 4 -13.48 0.02 -6.38
CD' G48 A 4 -14.54 0.74 -7.00
OP2 G48 A 4 -5.40 -5.91 -7.94
H5' G48 A 4 -8.53 -3.49 -9.27
H5'' G48 A 4 -9.41 -4.84 -8.57
H4' G48 A 4 -10.35 -2.74 -7.80
H3' G48 A 4 -7.57 -2.12 -6.80
H2' G48 A 4 -8.61 -0.63 -5.38
H1' G48 A 4 -10.61 -2.38 -4.56
H8 G48 A 4 -7.37 -3.91 -4.82
H1 G48 A 4 -8.82 -0.53 0.52
H21 G48 A 4 -10.00 1.20 -0.06
H22 G48 A 4 -10.74 1.22 -1.67
HCA2 G48 A 4 -11.80 -0.79 -4.75
HCA1 G48 A 4 -10.75 0.63 -4.65
HCB1 G48 A 4 -12.02 1.43 -6.79
HCB2 G48 A 4 -12.80 1.56 -5.19
HCD1 G48 A 4 -14.95 1.47 -6.31
HCD2 G48 A 4 -15.32 0.04 -7.30
HCD3 G48 A 4 -14.16 1.25 -7.89
P A44 A 5 -7.26 0.06 -8.48
OP2 A44 A 5 -5.99 -0.64 -8.17
OP1 A44 A 5 -7.43 0.71 -9.80
O5' A44 A 5 -7.50 1.17 -7.33
C5' A44 A 5 -8.64 2.00 -7.36
C4' A44 A 5 -8.86 2.68 -6.01
O4' A44 A 5 -8.74 1.77 -4.94
C3' A44 A 5 -7.87 3.78 -5.71
O3' A44 A 5 -8.17 4.92 -6.50
C2' A44 A 5 -8.09 3.92 -4.18
O2' A44 A 5 -9.23 4.76 -3.91
C1' A44 A 5 -8.37 2.47 -3.78
N9 A44 A 5 -7.26 1.77 -3.10
C8 A44 A 5 -6.37 0.85 -3.61
N7 A44 A 5 -5.54 0.35 -2.71
C5 A44 A 5 -5.92 1.01 -1.54
C6 A44 A 5 -5.56 0.94 -0.17
N6 A44 A 5 -4.66 0.14 0.36
N1 A44 A 5 -6.13 1.71 0.75
C2 A44 A 5 -7.09 2.54 0.37
N3 A44 A 5 -7.54 2.73 -0.87
C4 A44 A 5 -6.92 1.93 -1.78
CA' A44 A 5 -9.58 4.91 -2.52
CD' A44 A 5 -9.41 7.65 -1.10
OC' A44 A 5 -10.08 7.33 -2.31
CB' A44 A 5 -10.62 6.01 -2.35
H5' A44 A 5 -8.54 2.75 -8.14
H5'' A44 A 5 -9.53 1.40 -7.59
H4' A44 A 5 -9.86 3.12 -6.00
H3' A44 A 5 -6.85 3.42 -5.90
H2' A44 A 5 -7.21 4.30 -3.69
H1' A44 A 5 -9.16 2.44 -3.06
H8 A44 A 5 -6.39 0.54 -4.65
H61 A44 A 5 -4.53 0.12 1.35
H62 A44 A 5 -4.11 -0.44 -0.23
H2 A44 A 5 -7.52 3.11 1.17
HCA2 A44 A 5 -10.01 3.99 -2.15
HCA1 A44 A 5 -8.69 5.12 -1.92
HCD1 A44 A 5 -9.03 8.67 -1.16
HCD2 A44 A 5 -8.56 6.98 -0.92
HCD3 A44 A 5 -10.09 7.58 -0.25
HCB1 A44 A 5 -11.17 5.83 -1.42
HCB2 A44 A 5 -11.34 5.94 -3.17
P A44 A 6 -7.15 6.14 -6.65
OP2 A44 A 6 -5.83 5.60 -7.01
OP1 A44 A 6 -7.79 7.15 -7.52
O5' A44 A 6 -7.09 6.74 -5.16
C5' A44 A 6 -5.94 6.60 -4.35
C4' A44 A 6 -6.27 6.98 -2.90
O4' A44 A 6 -6.39 5.85 -2.03
C3' A44 A 6 -5.22 7.93 -2.35
O3' A44 A 6 -5.70 9.25 -2.57
C2' A44 A 6 -5.12 7.49 -0.88
O2' A44 A 6 -6.09 8.20 -0.10
C1' A44 A 6 -5.59 6.04 -0.86
N9 A44 A 6 -4.59 4.94 -0.80
C8 A44 A 6 -4.16 4.15 -1.82
N7 A44 A 6 -3.40 3.14 -1.45
C5 A44 A 6 -3.28 3.34 -0.07
C6 A44 A 6 -2.65 2.66 1.00
N6 A44 A 6 -1.94 1.53 0.93
N1 A44 A 6 -2.72 3.12 2.25
C2 A44 A 6 -3.40 4.24 2.45
N3 A44 A 6 -4.04 4.99 1.57
C4 A44 A 6 -3.95 4.48 0.32
CA' A44 A 6 -5.74 8.42 1.26
CD' A44 A 6 -8.51 10.74 2.11
OC' A44 A 6 -7.33 10.25 1.51
CB' A44 A 6 -6.95 8.97 2.01
H5' A44 A 6 -5.56 5.58 -4.38
H5'' A44 A 6 -5.17 7.27 -4.74
H4' A44 A 6 -7.23 7.50 -2.88
H3' A44 A 6 -4.26 7.73 -2.84
H2' A44 A 6 -4.09 7.58 -0.52
H1' A44 A 6 -6.16 5.92 0.05
H8 A44 A 6 -4.45 4.37 -2.84
H61 A44 A 6 -1.53 1.12 1.76
H62 A44 A 6 -1.82 1.10 0.04
H2 A44 A 6 -3.46 4.58 3.47
HCA2 A44 A 6 -5.41 7.48 1.73
HCA1 A44 A 6 -4.93 9.16 1.33
HCD1 A44 A 6 -8.76 11.71 1.68
HCD2 A44 A 6 -8.36 10.86 3.19
HCD3 A44 A 6 -9.34 10.05 1.94
HCB1 A44 A 6 -6.69 9.05 3.07
HCB2 A44 A 6 -7.78 8.26 1.90
P T39 A 7 -4.74 10.51 -2.56
OP1 T39 A 7 -5.60 11.72 -2.62
OP2 T39 A 7 -3.73 10.32 -3.62
O5' T39 A 7 -4.05 10.45 -1.12
C5' T39 A 7 -2.69 10.06 -1.00
C4' T39 A 7 -2.28 9.87 0.46
O4' T39 A 7 -2.58 8.59 1.03
C3' T39 A 7 -0.77 10.09 0.52
O3' T39 A 7 -0.54 11.48 0.69
C2' T39 A 7 -0.42 9.21 1.70
O2' T39 A 7 -0.73 9.90 2.92
C1' T39 A 7 -1.39 8.02 1.56
N1 T39 A 7 -0.98 6.82 0.77
C2 T39 A 7 -0.12 5.93 1.43
O2 T39 A 7 0.29 6.11 2.57
N3 T39 A 7 0.28 4.82 0.75
C4 T39 A 7 -0.14 4.44 -0.48
O4 T39 A 7 0.20 3.32 -0.86
C5 T39 A 7 -0.95 5.45 -1.17
C7 T39 A 7 -1.31 5.34 -2.63
C6 T39 A 7 -1.40 6.55 -0.52
CA' T39 A 7 -0.42 9.26 4.16
CD' T39 A 7 -3.64 7.87 5.40
CB' T39 A 7 -1.66 9.13 5.04
OC' T39 A 7 -2.44 7.99 4.66
H5' T39 A 7 -2.51 9.15 -1.56
H5'' T39 A 7 -2.08 10.85 -1.44
H4' T39 A 7 -2.76 10.63 1.08
H3' T39 A 7 -0.30 9.70 -0.38
H7 T39 A 7 0.59 8.86 1.61
H1' T39 A 7 -1.44 7.63 2.58
H3 T39 A 7 0.94 4.22 1.19
H71 T39 A 7 -1.50 4.31 -2.90
H72 T39 A 7 -0.42 5.68 -3.17
H73 T39 A 7 -2.19 5.96 -2.85
H6 T39 A 7 -2.09 7.18 -1.06
HCA2 T39 A 7 0.03 8.28 4.01
HCA1 T39 A 7 0.31 9.87 4.69
HCD1 T39 A 7 -4.19 6.99 5.08
HCD2 T39 A 7 -4.26 8.76 5.24
HCD3 T39 A 7 -3.41 7.79 6.46
HCB1 T39 A 7 -2.26 10.04 4.95
HCB2 T39 A 7 -1.35 9.00 6.07
P T39 A 8 0.90 12.18 0.53
OP1 T39 A 8 0.66 13.65 0.51
OP2 T39 A 8 1.58 11.56 -0.63
O5' T39 A 8 1.69 11.84 1.90
C5' T39 A 8 2.92 11.13 1.90
C4' T39 A 8 3.07 10.28 3.17
O4' T39 A 8 2.26 9.13 3.01
C3' T39 A 8 4.47 9.75 3.40
O3' T39 A 8 5.26 10.59 4.22
C2' T39 A 8 4.20 8.40 4.09
O2' T39 A 8 4.00 8.53 5.50
C1' T39 A 8 2.91 7.94 3.42
N1 T39 A 8 3.16 6.95 2.37
C2 T39 A 8 3.69 5.68 2.66
O2 T39 A 8 4.19 5.37 3.74
N3 T39 A 8 3.65 4.74 1.67
C4 T39 A 8 3.25 4.97 0.40
O4 T39 A 8 3.29 4.04 -0.40
C5 T39 A 8 2.82 6.32 0.15
C7 T39 A 8 2.32 6.71 -1.19
C6 T39 A 8 2.84 7.29 1.09
CA' T39 A 8 4.01 7.31 6.22
CD' T39 A 8 4.52 8.58 9.68
CB' T39 A 8 3.70 7.61 7.69
OC' T39 A 8 4.81 8.22 8.34
H5' T39 A 8 3.00 10.47 1.04
H5'' T39 A 8 3.71 11.86 1.85
H4' T39 A 8 2.74 10.84 4.05
H3' T39 A 8 4.93 9.56 2.44
H7 T39 A 8 4.98 7.71 3.80
H1' T39 A 8 2.19 7.41 4.05
H3 T39 A 8 3.94 3.78 1.89
H71 T39 A 8 1.77 7.65 -1.11
H72 T39 A 8 1.65 5.91 -1.51
H73 T39 A 8 3.21 6.82 -1.81
H6 T39 A 8 2.62 8.31 0.85
HCA2 T39 A 8 3.24 6.64 5.84
HCA1 T39 A 8 4.98 6.83 6.14
HCD1 T39 A 8 5.40 9.02 10.13
HCD2 T39 A 8 4.22 7.70 10.26
HCD3 T39 A 8 3.71 9.31 9.71
HCB1 T39 A 8 3.47 6.66 8.19
HCB2 T39 A 8 2.82 8.24 7.75
P C5L A 9 6.15 11.77 3.64
N1 C5L A 9 7.30 6.06 2.88
C2 C5L A 9 7.72 4.73 2.66
O2 C5L A 9 8.21 4.01 3.53
N3 C5L A 9 7.61 4.16 1.44
C4 C5L A 9 7.08 4.88 0.48
N4 C5L A 9 7.04 4.28 -0.66
C5 C5L A 9 6.57 6.21 0.66
C6 C5L A 9 6.64 6.73 1.89
C7 C5L A 9 5.78 7.00 -0.33
C1' C5L A 9 7.58 6.75 4.17
C2' C5L A 9 9.08 6.76 4.51
O2' C5L A 9 9.29 6.75 5.92
C3' C5L A 9 9.47 8.10 3.86
O3' C5L A 9 10.71 8.65 4.25
C4' C5L A 9 8.33 8.98 4.32
O4' C5L A 9 7.19 8.14 4.15
C5' C5L A 9 8.31 10.26 3.46
O5' C5L A 9 7.64 11.33 4.09
CA' C5L A 9 9.15 5.45 6.48
CB' C5L A 9 9.52 5.47 7.97
OC' C5L A 9 10.93 5.60 8.12
CD' C5L A 9 11.31 5.62 9.49
OP1 C5L A 9 5.81 13.01 4.38
OP2 C5L A 9 6.11 11.78 2.17
H6 C5L A 9 6.14 7.69 2.00
H5' C5L A 9 7.90 10.04 2.48
H1' C5L A 9 6.99 6.22 4.92
H2' C5L A 9 9.64 5.96 4.03
H3' C5L A 9 9.38 8.00 2.77
H4' C5L A 9 8.47 9.23 5.36
H41 C5L A 9 7.25 3.30 -0.72
H42 C5L A 9 6.81 4.78 -1.49
H5'' C5L A 9 9.34 10.59 3.32
H71 C5L A 9 5.11 7.66 0.26
H72 C5L A 9 5.20 6.32 -0.94
H73 C5L A 9 6.44 7.59 -0.95
HCA1 C5L A 9 9.81 4.74 5.97
HCA2 C5L A 9 8.12 5.11 6.39
HCB1 C5L A 9 9.20 4.54 8.42
HCB2 C5L A 9 9.00 6.30 8.45
HCD1 C5L A 9 11.02 4.70 9.97
HCD2 C5L A 9 10.85 6.47 10.00
HCD3 C5L A 9 12.40 5.73 9.56
P G48 A 10 12.01 8.46 3.35
OP1 G48 A 10 13.15 9.12 4.04
O5' G48 A 10 12.20 6.87 3.41
C5' G48 A 10 12.49 6.22 4.64
C4' G48 A 10 12.58 4.72 4.43
O4' G48 A 10 11.38 4.14 3.90
C3' G48 A 10 13.72 4.38 3.46
O3' G48 A 10 15.00 4.49 4.08
C2' G48 A 10 13.28 2.97 3.07
O2' G48 A 10 13.54 2.01 4.10
C1' G48 A 10 11.77 3.16 2.94
N9 G48 A 10 11.33 3.48 1.58
C8 G48 A 10 10.76 4.60 1.05
N7 G48 A 10 10.40 4.45 -0.20
C5 G48 A 10 10.73 3.10 -0.48
C6 G48 A 10 10.45 2.23 -1.60
O6 G48 A 10 9.85 2.49 -2.63
N1 G48 A 10 10.93 0.93 -1.42
C2 G48 A 10 11.68 0.56 -0.36
N2 G48 A 10 12.22 -0.63 -0.39
N3 G48 A 10 11.92 1.31 0.69
C4 G48 A 10 11.41 2.56 0.57
CA' G48 A 10 13.31 0.65 3.74
CB' G48 A 10 13.51 -0.25 4.95
OC' G48 A 10 12.35 -0.27 5.77
CD' G48 A 10 12.50 -1.10 6.90
OP2 G48 A 10 11.68 8.84 1.96
H5' G48 A 10 13.44 6.59 5.03
H5'' G48 A 10 11.72 6.43 5.38
H4' G48 A 10 12.81 4.24 5.39
H3' G48 A 10 13.65 5.02 2.58
H2' G48 A 10 13.69 2.71 2.11
H1' G48 A 10 11.27 2.21 3.02
H8 G48 A 10 10.64 5.51 1.64
H1 G48 A 10 10.73 0.20 -2.09
H21 G48 A 10 12.16 -1.22 -1.22
H22 G48 A 10 12.69 -0.94 0.44
HCA2 G48 A 10 12.29 0.50 3.38
HCA1 G48 A 10 14.01 0.34 2.97
HCB1 G48 A 10 14.39 0.10 5.52
HCB2 G48 A 10 13.72 -1.26 4.60
HCD1 G48 A 10 11.59 -1.08 7.50
HCD2 G48 A 10 13.33 -0.74 7.53
HCD3 G48 A 10 12.70 -2.13 6.60
P C5L A 11 16.27 5.12 3.30
N1 C5L A 11 14.77 1.82 -0.61
C2 C5L A 11 14.38 1.30 -1.85
O2 C5L A 11 14.61 0.14 -2.19
N3 C5L A 11 13.70 2.05 -2.75
C4 C5L A 11 13.49 3.31 -2.46
N4 C5L A 11 12.78 3.93 -3.37
C5 C5L A 11 13.99 3.96 -1.26
C6 C5L A 11 14.62 3.16 -0.38
C7 C5L A 11 13.74 5.42 -0.92
C1' C5L A 11 15.33 0.92 0.44
C2' C5L A 11 16.69 0.39 0.00
O2' C5L A 11 16.86 -0.92 0.56
C3' C5L A 11 17.65 1.44 0.58
O3' C5L A 11 19.01 1.00 0.53
C4' C5L A 11 17.00 1.56 1.96
O4' C5L A 11 15.61 1.55 1.69
C5' C5L A 11 17.30 2.76 2.86
O5' C5L A 11 16.75 3.95 2.33
CA' C5L A 11 17.67 -1.81 -0.19
CB' C5L A 11 16.98 -2.37 -1.44
OC' C5L A 11 16.04 -3.41 -1.18
CD' C5L A 11 14.88 -2.97 -0.49
OP1 C5L A 11 17.33 5.36 4.31
OP2 C5L A 11 15.82 6.26 2.47
H6 C5L A 11 15.02 3.56 0.54
H5' C5L A 11 18.37 2.86 3.00
H1' C5L A 11 14.57 0.15 0.66
H2' C5L A 11 16.75 0.41 -1.08
H3' C5L A 11 17.53 2.38 0.03
H4' C5L A 11 17.26 0.65 2.51
H41 C5L A 11 12.38 3.41 -4.13
H42 C5L A 11 12.62 4.91 -3.28
H5'' C5L A 11 16.85 2.55 3.82
H71 C5L A 11 13.99 5.61 0.12
H72 C5L A 11 12.67 5.65 -1.06
H73 C5L A 11 14.33 6.06 -1.57
HCA1 C5L A 11 17.95 -2.66 0.45
HCA2 C5L A 11 18.60 -1.31 -0.49
HCB1 C5L A 11 17.76 -2.80 -2.09
HCB2 C5L A 11 16.51 -1.57 -2.01
HCD1 C5L A 11 14.18 -3.81 -0.38
HCD2 C5L A 11 14.38 -2.18 -1.05
HCD3 C5L A 11 15.12 -2.62 0.51
N1 C5L B 1 11.52 2.95 -11.88
C2 C5L B 1 12.54 2.91 -10.94
O2 C5L B 1 13.59 2.29 -11.13
N3 C5L B 1 12.44 3.58 -9.76
C4 C5L B 1 11.29 4.17 -9.49
N4 C5L B 1 11.31 4.82 -8.35
C5 C5L B 1 10.13 4.11 -10.35
C6 C5L B 1 10.29 3.49 -11.55
C7 C5L B 1 8.79 4.73 -9.97
C1' C5L B 1 11.78 2.40 -13.25
C2' C5L B 1 11.31 0.94 -13.45
O2' C5L B 1 12.26 0.26 -14.29
C3' C5L B 1 9.97 1.13 -14.18
O3' C5L B 1 9.57 0.03 -14.98
C4' C5L B 1 10.31 2.35 -15.04
O4' C5L B 1 11.11 3.20 -14.21
C5' C5L B 1 9.05 3.06 -15.55
O5' C5L B 1 9.37 4.07 -16.51
CA' C5L B 1 13.42 -0.20 -13.61
CB' C5L B 1 14.37 -0.92 -14.60
OC' C5L B 1 14.05 -2.30 -14.81
CD' C5L B 1 12.81 -2.54 -15.46
H6 C5L B 1 9.45 3.42 -12.23
H5' C5L B 1 8.52 3.51 -14.71
H1' C5L B 1 12.85 2.45 -13.44
H2' C5L B 1 11.16 0.42 -12.50
H3' C5L B 1 9.20 1.41 -13.46
H4' C5L B 1 10.90 2.01 -15.89
H41 C5L B 1 12.18 4.83 -7.83
H42 C5L B 1 10.48 5.27 -8.03
H5'' C5L B 1 8.38 2.32 -16.01
H71 C5L B 1 8.92 5.80 -9.79
H72 C5L B 1 8.43 4.26 -9.04
H73 C5L B 1 8.05 4.57 -10.75
HCA1 C5L B 1 13.15 -0.89 -12.82
HCA2 C5L B 1 13.95 0.64 -13.19
HCB1 C5L B 1 15.37 -0.87 -14.17
HCB2 C5L B 1 14.38 -0.39 -15.54
HCD1 C5L B 1 12.76 -1.97 -16.39
HCD2 C5L B 1 11.98 -2.24 -14.81
HCD3 C5L B 1 12.71 -3.59 -15.67
HO5' C5L B 1 8.54 4.50 -16.81
P G48 B 2 8.78 -1.23 -14.37
OP1 G48 B 2 8.52 -2.17 -15.50
O5' G48 B 2 9.81 -1.94 -13.37
C5' G48 B 2 9.54 -2.10 -11.99
C4' G48 B 2 10.80 -2.56 -11.24
O4' G48 B 2 11.63 -1.44 -10.95
C3' G48 B 2 10.47 -3.22 -9.90
O3' G48 B 2 10.17 -4.60 -10.09
C2' G48 B 2 11.78 -2.96 -9.12
O2' G48 B 2 12.80 -3.89 -9.51
C1' G48 B 2 12.12 -1.55 -9.62
N9 G48 B 2 11.58 -0.44 -8.80
C8 G48 B 2 10.56 0.44 -9.10
N7 G48 B 2 10.38 1.37 -8.20
C5 G48 B 2 11.34 1.08 -7.22
C6 G48 B 2 11.71 1.76 -6.01
O6 G48 B 2 11.29 2.82 -5.54
N1 G48 B 2 12.67 1.09 -5.27
C2 G48 B 2 13.24 -0.07 -5.66
N2 G48 B 2 14.10 -0.64 -4.86
N3 G48 B 2 12.98 -0.70 -6.82
C4 G48 B 2 12.01 -0.07 -7.55
CA' G48 B 2 14.04 -3.77 -8.81
CB' G48 B 2 15.00 -4.87 -9.28
OC' G48 B 2 14.77 -6.14 -8.66
CD' G48 B 2 15.21 -6.22 -7.31
OP2 G48 B 2 7.63 -0.71 -13.60
H5' G48 B 2 9.18 -1.17 -11.55
H5'' G48 B 2 8.77 -2.86 -11.87
H4' G48 B 2 11.35 -3.27 -11.85
H3' G48 B 2 9.65 -2.70 -9.42
H2' G48 B 2 11.62 -2.99 -8.05
H1' G48 B 2 13.20 -1.42 -9.62
H8 G48 B 2 9.98 0.37 -10.01
H1 G48 B 2 12.96 1.53 -4.41
H21 G48 B 2 14.29 -0.26 -3.94
H22 G48 B 2 14.56 -1.47 -5.18
HCA2 G48 B 2 14.51 -2.81 -9.05
HCA1 G48 B 2 13.89 -3.81 -7.74
HCB1 G48 B 2 16.02 -4.56 -9.06
HCB2 G48 B 2 14.91 -4.98 -10.36
HCD1 G48 B 2 14.98 -7.22 -6.92
HCD2 G48 B 2 14.72 -5.48 -6.68
HCD3 G48 B 2 16.29 -6.07 -7.27
P C5L B 3 9.22 -5.41 -9.10
N1 C5L B 3 11.22 -3.06 -4.61
C2 C5L B 3 11.38 -2.17 -3.55
O2 C5L B 3 12.18 -2.37 -2.64
N3 C5L B 3 10.67 -1.02 -3.48
C4 C5L B 3 9.77 -0.81 -4.42
N4 C5L B 3 9.16 0.33 -4.25
C5 C5L B 3 9.50 -1.71 -5.50
C6 C5L B 3 10.25 -2.83 -5.56
C7 C5L B 3 8.46 -1.42 -6.58
C1' C5L B 3 12.13 -4.23 -4.67
C2' C5L B 3 11.62 -5.44 -3.88
O2' C5L B 3 12.70 -6.21 -3.34
C3' C5L B 3 10.87 -6.23 -4.96
O3' C5L B 3 10.68 -7.59 -4.64
C4' C5L B 3 11.82 -6.00 -6.15
O4' C5L B 3 12.33 -4.67 -6.01
C5' C5L B 3 11.18 -6.24 -7.52
O5' C5L B 3 10.02 -5.44 -7.70
CA' C5L B 3 13.42 -5.58 -2.29
CB' C5L B 3 14.36 -6.58 -1.60
OC' C5L B 3 13.73 -7.36 -0.59
CD' C5L B 3 13.46 -6.64 0.61
OP1 C5L B 3 9.09 -6.79 -9.61
OP2 C5L B 3 7.99 -4.61 -8.89
H6 C5L B 3 10.10 -3.54 -6.36
H5' C5L B 3 10.91 -7.29 -7.60
H1' C5L B 3 13.05 -3.90 -4.22
H2' C5L B 3 10.94 -5.12 -3.10
H3' C5L B 3 9.91 -5.74 -5.16
H4' C5L B 3 12.65 -6.70 -6.04
H41 C5L B 3 9.48 0.97 -3.53
H42 C5L B 3 8.40 0.57 -4.84
H5'' C5L B 3 11.91 -6.02 -8.29
H71 C5L B 3 8.50 -2.18 -7.36
H72 C5L B 3 8.67 -0.45 -7.03
H73 C5L B 3 7.46 -1.40 -6.14
HCA1 C5L B 3 12.73 -5.15 -1.56
HCA2 C5L B 3 14.04 -4.78 -2.70
HCB1 C5L B 3 15.20 -6.03 -1.16
HCB2 C5L B 3 14.77 -7.25 -2.37
HCD1 C5L B 3 12.99 -7.31 1.34
HCD2 C5L B 3 12.80 -5.79 0.44
HCD3 C5L B 3 14.40 -6.27 1.03
P G48 B 4 9.55 -8.05 -3.59
OP1 G48 B 4 9.71 -9.51 -3.38
O5' G48 B 4 9.96 -7.30 -2.22
C5' G48 B 4 9.14 -6.29 -1.64
C4' G48 B 4 9.88 -5.53 -0.53
O4' G48 B 4 10.46 -4.27 -0.95
C3' G48 B 4 8.90 -5.18 0.58
O3' G48 B 4 8.63 -6.28 1.43
C2' G48 B 4 9.61 -4.00 1.22
O2' G48 B 4 10.65 -4.39 2.11
C1' G48 B 4 10.20 -3.26 0.03
N9 G48 B 4 9.20 -2.28 -0.39
C8 G48 B 4 8.41 -2.41 -1.46
N7 G48 B 4 7.67 -1.36 -1.72
C5 G48 B 4 8.02 -0.48 -0.68
C6 G48 B 4 7.63 0.87 -0.41
O6 G48 B 4 6.85 1.57 -1.06
N1 G48 B 4 8.24 1.42 0.73
C2 G48 B 4 8.91 0.67 1.63
N2 G48 B 4 9.16 1.24 2.77
N3 G48 B 4 9.33 -0.58 1.40
C4 G48 B 4 8.88 -1.09 0.21
CA' G48 B 4 11.23 -3.34 2.89
CB' G48 B 4 12.53 -3.83 3.53
OC' G48 B 4 13.59 -3.76 2.58
CD' G48 B 4 14.82 -4.18 3.13
OP2 G48 B 4 8.25 -7.53 -4.07
H5' G48 B 4 8.82 -5.59 -2.41
H5'' G48 B 4 8.25 -6.79 -1.23
H4' G48 B 4 10.66 -6.17 -0.10
H3' G48 B 4 7.97 -4.82 0.11
H2' G48 B 4 8.82 -3.36 1.61
H1' G48 B 4 11.06 -2.63 0.25
H8 G48 B 4 8.47 -3.35 -1.99
H1 G48 B 4 8.19 2.42 0.93
H21 G48 B 4 8.80 2.18 2.99
H22 G48 B 4 9.70 0.72 3.44
HCA2 G48 B 4 11.44 -2.45 2.29
HCA1 G48 B 4 10.55 -3.06 3.69
HCB1 G48 B 4 12.39 -4.87 3.87
HCB2 G48 B 4 12.75 -3.21 4.38
HCD1 G48 B 4 15.10 -3.54 3.98
HCD2 G48 B 4 15.60 -4.10 2.37
HCD3 G48 B 4 14.76 -5.21 3.47
P A44 B 5 7.20 -6.48 2.11
OP2 A44 B 5 6.16 -6.30 1.06
OP1 A44 B 5 7.22 -7.74 2.88
O5' A44 B 5 7.08 -5.25 3.14
C5' A44 B 5 7.94 -5.18 4.27
C4' A44 B 5 7.92 -3.79 4.89
O4' A44 B 5 8.22 -2.80 3.91
C3' A44 B 5 6.59 -3.35 5.50
O3' A44 B 5 6.30 -3.99 6.73
C2' A44 B 5 6.86 -1.84 5.60
O2' A44 B 5 7.77 -1.51 6.66
C1' A44 B 5 7.54 -1.62 4.24
N9 A44 B 5 6.57 -1.25 3.19
C8 A44 B 5 6.05 -2.00 2.16
N7 A44 B 5 5.28 -1.33 1.35
C5 A44 B 5 5.27 -0.04 1.91
C6 A44 B 5 4.74 1.21 1.55
N6 A44 B 5 4.01 1.48 0.50
N1 A44 B 5 4.92 2.30 2.30
C2 A44 B 5 5.65 2.18 3.40
N3 A44 B 5 6.22 1.08 3.87
C4 A44 B 5 6.00 0.00 3.06
CA' A44 B 5 8.15 -0.14 6.76
CD' A44 B 5 7.44 1.73 9.13
OC' A44 B 5 7.99 0.41 9.17
CB' A44 B 5 8.87 0.11 8.09
H5' A44 B 5 7.63 -5.92 5.01
H5'' A44 B 5 8.96 -5.42 3.97
H4' A44 B 5 8.69 -3.75 5.67
H3' A44 B 5 5.80 -3.53 4.77
H2' A44 B 5 5.94 -1.28 5.68
H1' A44 B 5 8.23 -0.79 4.29
H8 A44 B 5 6.28 -3.05 2.04
H61 A44 B 5 3.73 2.43 0.30
H62 A44 B 5 3.74 0.75 -0.13
H2 A44 B 5 5.78 3.11 3.94
HCA2 A44 B 5 8.84 0.09 5.96
HCA1 A44 B 5 7.28 0.51 6.66
HCD1 A44 B 5 8.25 2.47 9.16
HCD2 A44 B 5 6.81 1.89 10.00
HCD3 A44 B 5 6.84 1.88 8.23
HCB1 A44 B 5 9.57 0.94 7.96
HCB2 A44 B 5 9.45 -0.77 8.35
P A44 B 6 4.81 -4.04 7.28
OP2 A44 B 6 3.93 -4.60 6.21
OP1 A44 B 6 4.83 -4.71 8.60
O5' A44 B 6 4.42 -2.50 7.48
C5' A44 B 6 5.05 -1.72 8.49
C4' A44 B 6 4.60 -0.26 8.43
O4' A44 B 6 4.84 0.40 7.20
C3' A44 B 6 3.11 -0.12 8.69
O3' A44 B 6 2.79 -0.36 10.07
C2' A44 B 6 2.91 1.31 8.22
O2' A44 B 6 3.49 2.23 9.16
C1' A44 B 6 3.77 1.32 6.96
N9 A44 B 6 3.11 0.99 5.68
C8 A44 B 6 3.02 -0.22 5.05
N7 A44 B 6 2.50 -0.16 3.84
C5 A44 B 6 2.13 1.18 3.71
C6 A44 B 6 1.51 1.98 2.71
N6 A44 B 6 1.10 1.61 1.51
N1 A44 B 6 1.28 3.28 2.92
C2 A44 B 6 1.64 3.79 4.08
N3 A44 B 6 2.20 3.19 5.12
C4 A44 B 6 2.44 1.87 4.86
CA' A44 B 6 3.22 3.60 8.96
CD' A44 B 6 6.31 5.13 10.33
OC' A44 B 6 5.45 4.43 9.45
CB' A44 B 6 4.10 4.41 9.93
H5' A44 B 6 4.79 -2.12 9.47
H5'' A44 B 6 6.13 -1.76 8.39
H4' A44 B 6 5.12 0.27 9.23
H3' A44 B 6 2.57 -0.81 8.04
H2' A44 B 6 1.87 1.54 8.00
H1' A44 B 6 4.13 2.34 6.82
H8 A44 B 6 3.35 -1.11 5.54
H61 A44 B 6 0.66 2.26 0.87
H62 A44 B 6 1.24 0.65 1.23
H2 A44 B 6 1.46 4.84 4.21
HCA2 A44 B 6 3.43 3.92 7.94
HCA1 A44 B 6 2.18 3.82 9.19
HCD1 A44 B 6 7.33 5.10 9.94
HCD2 A44 B 6 6.30 4.66 11.32
HCD3 A44 B 6 6.00 6.17 10.43
HCB1 A44 B 6 4.05 3.95 10.92
HCB2 A44 B 6 3.72 5.42 10.00
P T39 B 7 1.34 -0.85 10.47
OP1 T39 B 7 1.25 -0.88 11.96
OP2 T39 B 7 1.02 -2.09 9.72
O5' T39 B 7 0.41 0.32 9.93
C5' T39 B 7 0.42 1.60 10.54
C4' T39 B 7 -0.47 2.59 9.77
O4' T39 B 7 0.01 2.98 8.47
C3' T39 B 7 -1.88 2.03 9.57
O3' T39 B 7 -2.70 2.03 10.72
C2' T39 B 7 -2.30 3.03 8.50
O2' T39 B 7 -2.55 4.31 9.14
C1' T39 B 7 -1.10 3.06 7.58
N1 T39 B 7 -1.05 2.02 6.51
C2 T39 B 7 -1.76 2.35 5.35
O2 T39 B 7 -2.39 3.39 5.21
N3 T39 B 7 -1.74 1.46 4.33
C4 T39 B 7 -1.04 0.30 4.28
O4 T39 B 7 -1.01 -0.28 3.21
C5 T39 B 7 -0.42 -0.07 5.57
C7 T39 B 7 0.18 -1.43 5.79
C6 T39 B 7 -0.39 0.81 6.60
CA' T39 B 7 -2.60 5.51 8.35
CD' T39 B 7 -0.82 6.49 10.61
CB' T39 B 7 -1.27 6.28 8.27
OC' T39 B 7 -1.05 7.15 9.39
H5' T39 B 7 0.03 1.52 11.56
H5'' T39 B 7 1.43 2.00 10.60
H4' T39 B 7 -0.55 3.49 10.38
H3' T39 B 7 -1.83 1.03 9.12
H7 T39 B 7 -3.15 2.63 7.97
H1' T39 B 7 -1.23 4.01 7.03
H3 T39 B 7 -2.30 1.66 3.52
H71 T39 B 7 0.70 -1.78 4.89
H72 T39 B 7 -0.65 -2.11 6.00
H73 T39 B 7 0.89 -1.40 6.62
H6 T39 B 7 0.17 0.52 7.48
HCA2 T39 B 7 -2.93 5.27 7.33
HCA1 T39 B 7 -3.36 6.17 8.77
HCD1 T39 B 7 0.01 5.80 10.52
HCD2 T39 B 7 -1.71 5.95 10.93
HCD3 T39 B 7 -0.59 7.22 11.39
HCB1 T39 B 7 -1.30 6.89 7.37
HCB2 T39 B 7 -0.43 5.59 8.17
P T39 B 8 -4.11 1.26 10.77
OP1 T39 B 8 -4.68 1.43 12.12
OP2 T39 B 8 -3.90 -0.10 10.24
O5' T39 B 8 -5.07 2.04 9.72
C5' T39 B 8 -5.48 3.38 9.97
C4' T39 B 8 -5.94 4.08 8.67
O4' T39 B 8 -4.96 3.89 7.66
C3' T39 B 8 -7.23 3.63 8.01
O3' T39 B 8 -8.41 4.15 8.61
C2' T39 B 8 -6.99 4.19 6.60
O2' T39 B 8 -7.29 5.59 6.55
C1' T39 B 8 -5.52 3.91 6.36
N1 T39 B 8 -5.35 2.71 5.55
C2 T39 B 8 -5.63 2.74 4.18
O2 T39 B 8 -6.24 3.65 3.62
N3 T39 B 8 -5.19 1.70 3.42
C4 T39 B 8 -4.59 0.59 3.91
O4 T39 B 8 -4.22 -0.27 3.11
C5 T39 B 8 -4.45 0.56 5.36
C7 T39 B 8 -3.80 -0.60 6.05
C6 T39 B 8 -4.88 1.57 6.14
CA' T39 B 8 -7.43 6.13 5.24
CD' T39 B 8 -7.20 9.74 6.06
CB' T39 B 8 -7.88 7.59 5.38
OC' T39 B 8 -6.81 8.39 5.86
H5' T39 B 8 -6.28 3.40 10.70
H5'' T39 B 8 -4.65 3.94 10.37
H4' T39 B 8 -6.02 5.15 8.87
H3' T39 B 8 -7.24 2.53 7.95
H7 T39 B 8 -7.55 3.60 5.88
H1' T39 B 8 -4.94 4.63 5.81
H3 T39 B 8 -5.31 1.73 2.41
H71 T39 B 8 -3.44 -0.27 7.03
H72 T39 B 8 -2.96 -0.89 5.43
H73 T39 B 8 -4.57 -1.35 6.15
H6 T39 B 8 -4.89 1.49 7.21
HCA2 T39 B 8 -6.48 6.09 4.71
HCA1 T39 B 8 -8.18 5.58 4.70
HCD1 T39 B 8 -7.54 10.18 5.13
HCD2 T39 B 8 -6.34 10.32 6.43
HCD3 T39 B 8 -8.00 9.80 6.80
HCB1 T39 B 8 -8.73 7.63 6.06
HCB2 T39 B 8 -8.20 7.95 4.40
P C5L B 9 -9.38 3.22 9.47
N1 C5L B 9 -9.32 1.91 3.95
C2 C5L B 9 -9.41 1.46 2.61
O2 C5L B 9 -10.01 2.08 1.73
N3 C5L B 9 -8.82 0.30 2.24
C4 C5L B 9 -8.19 -0.39 3.16
N4 C5L B 9 -7.65 -1.49 2.71
C5 C5L B 9 -8.09 0.01 4.54
C6 C5L B 9 -8.62 1.18 4.88
C7 C5L B 9 -7.24 -0.62 5.59
C1' C5L B 9 -9.97 3.18 4.36
C2' C5L B 9 -11.49 3.26 4.21
O2' C5L B 9 -11.88 4.61 3.97
C3' C5L B 9 -11.92 2.74 5.59
O3' C5L B 9 -13.14 3.29 6.08
C4' C5L B 9 -10.83 3.13 6.56
O4' C5L B 9 -9.73 3.47 5.74
C5' C5L B 9 -10.66 1.93 7.52
O5' C5L B 9 -9.59 1.99 8.46
CA' C5L B 9 -11.81 4.97 2.59
CB' C5L B 9 -12.29 6.41 2.37
OC' C5L B 9 -13.70 6.52 2.23
CD' C5L B 9 -14.45 6.17 3.39
OP1 C5L B 9 -10.66 3.93 9.68
OP2 C5L B 9 -8.64 2.72 10.65
H6 C5L B 9 -8.44 1.49 5.90
H5' C5L B 9 -10.52 1.02 6.95
H1' C5L B 9 -9.47 3.93 3.76
H2' C5L B 9 -11.86 2.60 3.44
H3' C5L B 9 -11.88 1.65 5.53
H4' C5L B 9 -11.13 4.03 7.12
H41 C5L B 9 -7.63 -1.67 1.72
H42 C5L B 9 -7.24 -2.14 3.34
H5'' C5L B 9 -11.59 1.81 8.08
H71 C5L B 9 -6.88 0.20 6.24
H72 C5L B 9 -6.41 -1.11 5.11
H73 C5L B 9 -7.82 -1.35 6.16
HCA1 C5L B 9 -12.40 4.28 1.98
HCA2 C5L B 9 -10.76 4.90 2.26
HCB1 C5L B 9 -11.84 6.77 1.45
HCB2 C5L B 9 -11.94 7.04 3.19
HCD1 C5L B 9 -14.37 5.10 3.59
HCD2 C5L B 9 -15.51 6.41 3.23
HCD3 C5L B 9 -14.09 6.73 4.25
P G48 B 10 -14.54 2.56 5.88
OP1 G48 B 10 -15.60 3.50 6.29
O5' G48 B 10 -14.61 2.39 4.29
C5' G48 B 10 -14.45 1.11 3.71
C4' G48 B 10 -14.38 1.22 2.19
O4' G48 B 10 -13.04 1.25 1.68
C3' G48 B 10 -15.09 0.00 1.61
O3' G48 B 10 -16.50 0.24 1.47
C2' G48 B 10 -14.33 -0.17 0.30
O2' G48 B 10 -14.77 0.74 -0.72
C1' G48 B 10 -12.91 0.21 0.71
N9 G48 B 10 -12.12 -0.90 1.19
C8 G48 B 10 -11.60 -1.15 2.43
N7 G48 B 10 -10.86 -2.23 2.48
C5 G48 B 10 -10.87 -2.69 1.16
C6 G48 B 10 -10.11 -3.71 0.48
O6 G48 B 10 -9.30 -4.49 0.96
N1 G48 B 10 -10.38 -3.78 -0.90
C2 G48 B 10 -11.37 -3.10 -1.49
N2 G48 B 10 -11.67 -3.42 -2.71
N3 G48 B 10 -12.05 -2.11 -0.92
C4 G48 B 10 -11.73 -1.95 0.40
CA' G48 B 10 -14.28 0.47 -2.03
CB' G48 B 10 -14.67 1.61 -2.96
OC' G48 B 10 -13.76 2.70 -2.80
CD' G48 B 10 -14.10 3.80 -3.63
OP2 G48 B 10 -14.46 1.24 6.53
H5' G48 B 10 -13.55 0.62 4.08
H5'' G48 B 10 -15.32 0.52 4.00
H4' G48 B 10 -14.92 2.11 1.85
H3' G48 B 10 -14.89 -0.87 2.24
H2' G48 B 10 -14.32 -1.21 0.01
H1' G48 B 10 -12.32 0.44 -0.18
H8 G48 B 10 -11.79 -0.46 3.26
H1 G48 B 10 -9.81 -4.36 -1.51
H21 G48 B 10 -11.25 -4.24 -3.16
H22 G48 B 10 -12.35 -2.87 -3.20
HCA2 G48 B 10 -13.19 0.36 -2.04
HCA1 G48 B 10 -14.71 -0.44 -2.42
HCB1 G48 B 10 -15.69 1.93 -2.74
HCB2 G48 B 10 -14.63 1.26 -3.99
HCD1 G48 B 10 -14.09 3.51 -4.68
HCD2 G48 B 10 -13.38 4.60 -3.48
HCD3 G48 B 10 -15.09 4.17 -3.38
P C5L B 11 -17.59 -0.88 1.84
N1 C5L B 11 -14.35 -4.27 -0.70
C2 C5L B 11 -13.55 -5.38 -1.01
O2 C5L B 11 -13.52 -5.89 -2.13
N3 C5L B 11 -12.76 -5.97 -0.08
C4 C5L B 11 -12.86 -5.55 1.16
N4 C5L B 11 -12.04 -6.14 1.98
C5 C5L B 11 -13.78 -4.52 1.58
C6 C5L B 11 -14.50 -3.91 0.61
C7 C5L B 11 -13.88 -4.01 3.01
C1' C5L B 11 -15.01 -3.48 -1.78
C2' C5L B 11 -16.09 -4.24 -2.54
O2' C5L B 11 -15.96 -3.88 -3.90
C3' C5L B 11 -17.41 -3.72 -1.94
O3' C5L B 11 -18.53 -3.80 -2.80
C4' C5L B 11 -17.01 -2.28 -1.72
O4' C5L B 11 -15.68 -2.33 -1.29
C5' C5L B 11 -17.84 -1.48 -0.70
O5' C5L B 11 -17.53 -1.91 0.62
CA' C5L B 11 -15.39 -4.89 -4.73
CB' C5L B 11 -15.08 -4.30 -6.11
OC' C5L B 11 -13.85 -3.61 -6.06
CD' C5L B 11 -13.50 -3.04 -7.31
OP1 C5L B 11 -18.92 -0.22 1.83
OP2 C5L B 11 -17.15 -1.58 3.07
H6 C5L B 11 -15.21 -3.14 0.85
H5' C5L B 11 -18.90 -1.61 -0.90
H1' C5L B 11 -14.21 -3.06 -2.41
H2' C5L B 11 -16.00 -5.31 -2.34
H3' C5L B 11 -17.60 -4.20 -0.97
H4' C5L B 11 -17.06 -1.76 -2.68
H41 C5L B 11 -11.35 -6.79 1.64
H42 C5L B 11 -12.08 -5.92 2.96
H5'' C5L B 11 -17.58 -0.43 -0.82
H71 C5L B 11 -14.40 -4.73 3.62
H72 C5L B 11 -14.43 -3.05 3.02
H73 C5L B 11 -12.89 -3.83 3.41
HCA1 C5L B 11 -16.11 -5.70 -4.84
HCA2 C5L B 11 -14.47 -5.27 -4.29
HCB1 C5L B 11 -15.90 -3.63 -6.40
HCB2 C5L B 11 -15.03 -5.12 -6.83
HCD1 C5L B 11 -12.57 -2.50 -7.22
HCD2 C5L B 11 -14.28 -2.34 -7.64
HCD3 C5L B 11 -13.38 -3.82 -8.07
N1 C5L A 1 -8.62 -14.10 1.85
C2 C5L A 1 -9.85 -13.53 1.47
O2 C5L A 1 -10.59 -14.07 0.66
N3 C5L A 1 -10.26 -12.35 2.00
C4 C5L A 1 -9.47 -11.73 2.85
N4 C5L A 1 -9.96 -10.61 3.30
C5 C5L A 1 -8.18 -12.24 3.26
C6 C5L A 1 -7.80 -13.43 2.73
C7 C5L A 1 -7.26 -11.49 4.23
C1' C5L A 1 -8.25 -15.43 1.27
C2' C5L A 1 -7.51 -15.24 -0.05
O2' C5L A 1 -8.02 -16.11 -1.07
C3' C5L A 1 -6.04 -15.41 0.38
O3' C5L A 1 -5.16 -15.81 -0.67
C4' C5L A 1 -6.16 -16.44 1.51
O4' C5L A 1 -7.40 -16.16 2.15
C5' C5L A 1 -4.98 -16.34 2.49
O5' C5L A 1 -5.04 -17.39 3.46
CA' C5L A 1 -7.95 -17.53 -0.90
CB' C5L A 1 -8.65 -18.22 -2.08
OC' C5L A 1 -10.07 -18.28 -1.97
CD' C5L A 1 -10.72 -17.01 -2.06
H6 C5L A 1 -6.84 -13.87 3.01
H5' C5L A 1 -5.00 -15.38 2.99
H1' C5L A 1 -9.17 -16.00 1.08
H2' C5L A 1 -7.63 -14.23 -0.41
H3' C5L A 1 -5.70 -14.47 0.82
H4' C5L A 1 -6.18 -17.44 1.08
H41 C5L A 1 -10.88 -10.33 2.98
H42 C5L A 1 -9.43 -10.06 3.95
H5'' C5L A 1 -4.05 -16.43 1.94
H71 C5L A 1 -7.79 -11.35 5.17
H72 C5L A 1 -7.02 -10.51 3.81
H73 C5L A 1 -6.35 -12.05 4.40
HCA1 C5L A 1 -8.42 -17.84 0.03
HCA2 C5L A 1 -6.90 -17.84 -0.90
HCB1 C5L A 1 -8.29 -19.26 -2.11
HCB2 C5L A 1 -8.35 -17.74 -3.02
HCD1 C5L A 1 -10.51 -16.41 -1.18
HCD2 C5L A 1 -11.80 -17.17 -2.13
HCD3 C5L A 1 -10.39 -16.47 -2.96
HO5' C5L A 1 -5.88 -17.32 3.97
P G48 A 2 -4.46 -14.71 -1.61
OP1 G48 A 2 -3.62 -15.43 -2.60
O5' G48 A 2 -5.65 -13.97 -2.38
C5' G48 A 2 -6.35 -14.61 -3.44
C4' G48 A 2 -7.62 -13.84 -3.85
O4' G48 A 2 -8.47 -13.61 -2.74
C3' G48 A 2 -7.35 -12.48 -4.47
O3' G48 A 2 -6.89 -12.59 -5.82
C2' G48 A 2 -8.75 -11.84 -4.33
O2' G48 A 2 -9.66 -12.31 -5.33
C1' G48 A 2 -9.16 -12.39 -2.96
N9 G48 A 2 -8.93 -11.42 -1.85
C8 G48 A 2 -7.96 -11.41 -0.88
N7 G48 A 2 -8.12 -10.46 0.00
C5 G48 A 2 -9.24 -9.76 -0.45
C6 G48 A 2 -9.95 -8.61 0.08
O6 G48 A 2 -9.76 -7.98 1.11
N1 G48 A 2 -10.98 -8.18 -0.74
C2 G48 A 2 -11.32 -8.77 -1.91
N2 G48 A 2 -12.27 -8.24 -2.63
N3 G48 A 2 -10.73 -9.87 -2.40
C4 G48 A 2 -9.70 -10.31 -1.63
CA' G48 A 2 -10.99 -11.78 -5.21
CB' G48 A 2 -11.82 -12.17 -6.41
OC' G48 A 2 -13.17 -11.81 -6.14
CD' G48 A 2 -14.05 -12.26 -7.14
OP2 G48 A 2 -3.81 -13.71 -0.72
H5' G48 A 2 -5.70 -14.71 -4.31
H5'' G48 A 2 -6.65 -15.62 -3.13
H4' G48 A 2 -8.16 -14.44 -4.58
H3' G48 A 2 -6.64 -11.94 -3.86
H2' G48 A 2 -8.68 -10.76 -4.34
H1' G48 A 2 -10.23 -12.59 -2.96
H8 G48 A 2 -7.16 -12.13 -0.85
H1 G48 A 2 -11.51 -7.37 -0.44
H21 G48 A 2 -12.72 -7.37 -2.35
H22 G48 A 2 -12.55 -8.72 -3.46
HCA2 G48 A 2 -11.48 -12.19 -4.33
HCA1 G48 A 2 -10.96 -10.69 -5.11
HCB1 G48 A 2 -11.75 -13.25 -6.56
HCB2 G48 A 2 -11.46 -11.65 -7.30
HCD1 G48 A 2 -15.06 -11.96 -6.89
HCD2 G48 A 2 -14.01 -13.36 -7.18
HCD3 G48 A 2 -13.77 -11.84 -8.10
P C5L A 3 -6.07 -11.40 -6.53
N1 C5L A 3 -9.36 -7.34 -4.81
C2 C5L A 3 -9.90 -6.31 -4.04
O2 C5L A 3 -10.87 -5.65 -4.39
N3 C5L A 3 -9.36 -5.98 -2.84
C4 C5L A 3 -8.29 -6.65 -2.45
N4 C5L A 3 -7.88 -6.27 -1.28
C5 C5L A 3 -7.65 -7.68 -3.22
C6 C5L A 3 -8.23 -8.00 -4.40
C7 C5L A 3 -6.43 -8.45 -2.72
C1' C5L A 3 -10.06 -7.70 -6.07
C2' C5L A 3 -9.65 -6.89 -7.29
O2' C5L A 3 -10.76 -6.85 -8.18
C3' C5L A 3 -8.52 -7.76 -7.87
O3' C5L A 3 -8.24 -7.46 -9.23
C4' C5L A 3 -9.15 -9.14 -7.65
O4' C5L A 3 -9.86 -9.07 -6.42
C5' C5L A 3 -8.18 -10.33 -7.71
O5' C5L A 3 -7.15 -10.23 -6.75
CA' C5L A 3 -11.70 -5.83 -7.92
CB' C5L A 3 -13.01 -6.19 -8.66
OC' C5L A 3 -13.67 -7.33 -8.11
CD' C5L A 3 -14.23 -7.11 -6.82
OP1 C5L A 3 -5.64 -11.90 -7.87
OP2 C5L A 3 -5.05 -10.92 -5.59
H6 C5L A 3 -7.79 -8.77 -5.01
H5' C5L A 3 -7.74 -10.37 -8.71
H1' C5L A 3 -11.10 -7.48 -5.89
H2' C5L A 3 -9.29 -5.91 -7.01
H3' C5L A 3 -7.63 -7.68 -7.25
H4' C5L A 3 -9.89 -9.29 -8.44
H41 C5L A 3 -8.43 -5.60 -0.75
H42 C5L A 3 -7.03 -6.61 -0.91
H5'' C5L A 3 -8.74 -11.25 -7.55
H71 C5L A 3 -6.20 -9.28 -3.41
H72 C5L A 3 -6.63 -8.86 -1.73
H73 C5L A 3 -5.57 -7.78 -2.65
HCA1 C5L A 3 -11.32 -4.88 -8.31
HCA2 C5L A 3 -11.89 -5.70 -6.85
HCB1 C5L A 3 -12.76 -6.38 -9.70
HCB2 C5L A 3 -13.68 -5.33 -8.64
HCD1 C5L A 3 -13.46 -6.88 -6.08
HCD2 C5L A 3 -14.74 -8.01 -6.50
HCD3 C5L A 3 -14.95 -6.29 -6.85
P G48 A 4 -7.37 -6.18 -9.62
OP1 G48 A 4 -7.34 -6.09 -11.09
O5' G48 A 4 -8.25 -4.94 -9.07
C5' G48 A 4 -7.79 -4.09 -8.03
C4' G48 A 4 -8.92 -3.21 -7.46
O4' G48 A 4 -9.40 -3.65 -6.18
C3' G48 A 4 -8.44 -1.78 -7.31
O3' G48 A 4 -8.69 -1.08 -8.52
C2' G48 A 4 -9.19 -1.28 -6.07
O2' G48 A 4 -10.37 -0.54 -6.42
C1' G48 A 4 -9.52 -2.55 -5.28
N9 G48 A 4 -8.60 -2.63 -4.15
C8 G48 A 4 -7.56 -3.49 -4.04
N7 G48 A 4 -6.96 -3.46 -2.89
C5 G48 A 4 -7.66 -2.46 -2.19
C6 G48 A 4 -7.58 -1.98 -0.82
O6 G48 A 4 -6.81 -2.33 0.06
N1 G48 A 4 -8.52 -0.99 -0.52
C2 G48 A 4 -9.28 -0.39 -1.46
N2 G48 A 4 -9.91 0.69 -1.10
N3 G48 A 4 -9.41 -0.82 -2.71
C4 G48 A 4 -8.60 -1.88 -3.00
CA' G48 A 4 -11.01 0.12 -5.33
CB' G48 A 4 -12.15 0.99 -5.85
OC' G48 A 4 -13.31 0.21 -6.08
CD' G48 A 4 -14.38 0.97 -6.64
OP2 G48 A 4 -6.09 -6.24 -8.87
H5' G48 A 4 -7.35 -4.67 -7.22
H5'' G48 A 4 -7.00 -3.46 -8.44
H4' G48 A 4 -9.76 -3.20 -8.16
H3' G48 A 4 -7.36 -1.79 -7.08
H2' G48 A 4 -8.46 -0.75 -5.47
H1' G48 A 4 -10.49 -2.51 -4.79
H8 G48 A 4 -7.37 -4.11 -4.90
H1 G48 A 4 -8.65 -0.70 0.45
H21 G48 A 4 -9.80 1.09 -0.18
H22 G48 A 4 -10.53 1.11 -1.79
HCA2 G48 A 4 -11.41 -0.60 -4.61
HCA1 G48 A 4 -10.30 0.77 -4.82
HCB1 G48 A 4 -11.83 1.49 -6.77
HCB2 G48 A 4 -12.38 1.75 -5.10
HCD1 G48 A 4 -15.26 0.35 -6.75
HCD2 G48 A 4 -14.09 1.36 -7.61
HCD3 G48 A 4 -14.63 1.81 -5.98
P A44 A 5 -7.80 0.16 -9.00
OP2 A44 A 5 -6.37 -0.25 -8.93
OP1 A44 A 5 -8.33 0.62 -10.31
O5' A44 A 5 -8.10 1.29 -7.92
C5' A44 A 5 -7.09 1.86 -7.11
C4' A44 A 5 -7.74 2.55 -5.92
O4' A44 A 5 -8.07 1.61 -4.90
C3' A44 A 5 -6.80 3.55 -5.23
O3' A44 A 5 -6.66 4.75 -5.96
C2' A44 A 5 -7.52 3.69 -3.88
O2' A44 A 5 -8.70 4.49 -3.97
C1' A44 A 5 -7.91 2.23 -3.63
N9 A44 A 5 -6.92 1.50 -2.84
C8 A44 A 5 -6.08 0.48 -3.24
N7 A44 A 5 -5.31 0.02 -2.29
C5 A44 A 5 -5.69 0.79 -1.18
C6 A44 A 5 -5.35 0.81 0.19
N6 A44 A 5 -4.48 0.02 0.77
N1 A44 A 5 -5.90 1.66 1.05
C2 A44 A 5 -6.82 2.48 0.59
N3 A44 A 5 -7.25 2.60 -0.66
C4 A44 A 5 -6.64 1.72 -1.51
CA' A44 A 5 -9.30 4.76 -2.70
CD' A44 A 5 -9.90 7.08 -0.85
OC' A44 A 5 -10.85 6.35 -1.62
CB' A44 A 5 -10.35 5.86 -2.86
H5' A44 A 5 -6.40 1.09 -6.74
H5'' A44 A 5 -6.52 2.58 -7.70
H4' A44 A 5 -8.63 3.09 -6.24
H3' A44 A 5 -5.84 3.06 -5.07
H2' A44 A 5 -6.84 4.07 -3.12
H1' A44 A 5 -8.85 2.18 -3.09
H8 A44 A 5 -6.08 0.09 -4.25
H61 A44 A 5 -4.34 0.10 1.77
H62 A44 A 5 -3.98 -0.64 0.24
H2 A44 A 5 -7.25 3.11 1.35
HCA2 A44 A 5 -9.79 3.86 -2.30
HCA1 A44 A 5 -8.55 5.07 -1.99
HCD1 A44 A 5 -9.46 7.88 -1.45
HCD2 A44 A 5 -9.11 6.43 -0.48
HCD3 A44 A 5 -10.39 7.54 0.01
HCB1 A44 A 5 -11.19 5.47 -3.45
HCB2 A44 A 5 -9.91 6.69 -3.42
P A44 A 6 -5.37 5.67 -5.76
OP2 A44 A 6 -4.17 4.83 -5.94
OP1 A44 A 6 -5.54 6.88 -6.61
O5' A44 A 6 -5.46 6.10 -4.22
C5' A44 A 6 -6.46 6.99 -3.76
C4' A44 A 6 -6.34 7.26 -2.26
O4' A44 A 6 -6.46 6.11 -1.43
C3' A44 A 6 -4.98 7.86 -1.93
O3' A44 A 6 -4.89 9.21 -2.38
C2' A44 A 6 -4.96 7.65 -0.41
O2' A44 A 6 -5.84 8.63 0.17
C1' A44 A 6 -5.56 6.24 -0.33
N9 A44 A 6 -4.61 5.11 -0.34
C8 A44 A 6 -4.18 4.35 -1.39
N7 A44 A 6 -3.44 3.32 -1.06
C5 A44 A 6 -3.31 3.45 0.33
C6 A44 A 6 -2.66 2.73 1.37
N6 A44 A 6 -1.92 1.64 1.25
N1 A44 A 6 -2.72 3.14 2.63
C2 A44 A 6 -3.41 4.25 2.89
N3 A44 A 6 -4.05 5.03 2.04
C4 A44 A 6 -3.97 4.57 0.76
CA' A44 A 6 -5.83 8.86 1.59
CD' A44 A 6 -8.43 6.44 2.69
OC' A44 A 6 -7.77 7.44 1.93
CB' A44 A 6 -6.48 7.77 2.45
H5' A44 A 6 -6.38 7.93 -4.29
H5'' A44 A 6 -7.46 6.58 -3.96
H4' A44 A 6 -7.10 7.98 -1.97
H3' A44 A 6 -4.19 7.25 -2.39
H2' A44 A 6 -3.96 7.68 -0.02
H1' A44 A 6 -6.07 6.17 0.62
H8 A44 A 6 -4.46 4.60 -2.40
H61 A44 A 6 -1.48 1.22 2.06
H62 A44 A 6 -1.82 1.22 0.35
H2 A44 A 6 -3.46 4.55 3.92
HCA2 A44 A 6 -4.82 9.01 1.94
HCA1 A44 A 6 -6.38 9.78 1.78
HCD1 A44 A 6 -7.80 5.55 2.76
HCD2 A44 A 6 -9.37 6.17 2.21
HCD3 A44 A 6 -8.65 6.81 3.70
HCB1 A44 A 6 -6.59 8.14 3.47
HCB2 A44 A 6 -5.85 6.88 2.48
P T39 A 7 -3.49 9.86 -2.76
OP1 T39 A 7 -3.70 11.30 -3.06
OP2 T39 A 7 -2.84 9.00 -3.79
O5' T39 A 7 -2.67 9.71 -1.40
C5' T39 A 7 -2.99 10.49 -0.26
C4' T39 A 7 -2.16 10.08 0.95
O4' T39 A 7 -2.46 8.78 1.49
C3' T39 A 7 -0.66 10.08 0.63
O3' T39 A 7 -0.06 11.37 0.53
C2' T39 A 7 -0.23 9.29 1.86
O2' T39 A 7 -0.31 10.15 3.01
C1' T39 A 7 -1.25 8.15 1.89
N1 T39 A 7 -0.93 6.95 1.07
C2 T39 A 7 -0.09 6.01 1.68
O2 T39 A 7 0.34 6.15 2.82
N3 T39 A 7 0.24 4.90 0.98
C4 T39 A 7 -0.22 4.55 -0.23
O4 T39 A 7 0.06 3.41 -0.62
C5 T39 A 7 -1.01 5.60 -0.90
C7 T39 A 7 -1.41 5.51 -2.35
C6 T39 A 7 -1.38 6.72 -0.22
CA' T39 A 7 -0.45 9.57 4.31
CD' T39 A 7 -1.22 12.55 6.39
CB' T39 A 7 -0.25 10.65 5.38
OC' T39 A 7 -1.37 11.53 5.42
H5' T39 A 7 -2.78 11.54 -0.49
H5'' T39 A 7 -4.05 10.40 -0.02
H4' T39 A 7 -2.33 10.82 1.73
H3' T39 A 7 -0.47 9.50 -0.27
H7 T39 A 7 0.75 8.88 1.69
H1' T39 A 7 -1.19 7.79 2.92
H3 T39 A 7 0.91 4.27 1.40
H71 T39 A 7 -0.54 5.81 -2.93
H72 T39 A 7 -2.27 6.15 -2.54
H73 T39 A 7 -1.67 4.48 -2.61
H6 T39 A 7 -2.05 7.41 -0.73
HCA2 T39 A 7 -1.44 9.15 4.43
HCA1 T39 A 7 0.30 8.79 4.47
HCD1 T39 A 7 -2.10 13.19 6.38
HCD2 T39 A 7 -0.35 13.15 6.18
HCD3 T39 A 7 -1.12 12.11 7.39
HCB1 T39 A 7 0.66 11.21 5.16
HCB2 T39 A 7 -0.14 10.16 6.35
P T39 A 8 1.44 11.56 -0.02
OP1 T39 A 8 1.72 13.02 -0.04
OP2 T39 A 8 1.55 10.80 -1.29
O5' T39 A 8 2.41 10.87 1.05
C5' T39 A 8 2.56 11.41 2.36
C4' T39 A 8 3.08 10.35 3.37
O4' T39 A 8 2.34 9.16 3.22
C3' T39 A 8 4.54 9.92 3.28
O3' T39 A 8 5.41 10.84 3.93
C2' T39 A 8 4.45 8.57 4.02
O2' T39 A 8 4.50 8.71 5.44
C1' T39 A 8 3.10 8.02 3.55
N1 T39 A 8 3.26 7.03 2.47
C2 T39 A 8 3.82 5.77 2.76
O2 T39 A 8 4.38 5.47 3.82
N3 T39 A 8 3.72 4.80 1.80
C4 T39 A 8 3.23 4.99 0.56
O4 T39 A 8 3.19 4.04 -0.21
C5 T39 A 8 2.80 6.36 0.29
C7 T39 A 8 2.25 6.72 -1.05
C6 T39 A 8 2.87 7.34 1.21
CA' T39 A 8 4.73 7.48 6.11
CD' T39 A 8 6.05 6.77 9.50
CB' T39 A 8 5.07 7.74 7.59
OC' T39 A 8 5.65 6.57 8.15
H5' T39 A 8 3.22 12.27 2.35
H5'' T39 A 8 1.58 11.74 2.72
H4' T39 A 8 2.92 10.73 4.37
H3' T39 A 8 4.81 9.74 2.24
H7 T39 A 8 5.24 7.93 3.64
H1' T39 A 8 2.51 7.48 4.27
H3 T39 A 8 4.04 3.86 2.02
H71 T39 A 8 1.69 7.65 -0.97
H72 T39 A 8 1.59 5.89 -1.34
H73 T39 A 8 3.11 6.82 -1.70
H6 T39 A 8 2.61 8.35 0.96
HCA2 T39 A 8 3.85 6.83 6.06
HCA1 T39 A 8 5.58 6.97 5.66
HCD1 T39 A 8 6.81 7.53 9.56
HCD2 T39 A 8 6.45 5.84 9.89
HCD3 T39 A 8 5.19 7.05 10.11
HCB1 T39 A 8 4.16 8.02 8.12
HCB2 T39 A 8 5.79 8.56 7.63
P C5L A 9 6.06 12.09 3.17
N1 C5L A 9 7.53 6.48 2.72
C2 C5L A 9 7.96 5.13 2.62
O2 C5L A 9 8.53 4.53 3.52
N3 C5L A 9 7.74 4.41 1.49
C4 C5L A 9 7.09 5.01 0.51
N4 C5L A 9 6.95 4.27 -0.54
C5 C5L A 9 6.58 6.35 0.59
C6 C5L A 9 6.76 7.02 1.73
C7 C5L A 9 5.68 7.01 -0.42
C1' C5L A 9 7.92 7.30 3.90
C2' C5L A 9 9.44 7.45 4.02
O2' C5L A 9 9.80 7.65 5.39
C3' C5L A 9 9.67 8.71 3.18
O3' C5L A 9 10.91 9.38 3.36
C4' C5L A 9 8.52 9.57 3.66
O4' C5L A 9 7.44 8.65 3.78
C5' C5L A 9 8.27 10.73 2.67
O5' C5L A 9 7.63 11.82 3.31
CA' C5L A 9 9.86 6.43 6.12
CB' C5L A 9 10.39 6.68 7.54
OC' C5L A 9 11.79 6.96 7.49
CD' C5L A 9 12.34 7.18 8.77
OP1 C5L A 9 5.73 13.31 3.95
OP2 C5L A 9 5.72 12.05 1.72
H6 C5L A 9 6.24 7.98 1.78
H5' C5L A 9 7.71 10.37 1.82
H1' C5L A 9 7.47 6.84 4.76
H2' C5L A 9 9.98 6.61 3.59
H3' C5L A 9 9.49 8.47 2.12
H4' C5L A 9 8.78 9.97 4.64
H41 C5L A 9 7.16 3.29 -0.51
H42 C5L A 9 6.61 4.67 -1.39
H5'' C5L A 9 9.24 11.08 2.32
H71 C5L A 9 6.27 7.55 -1.16
H72 C5L A 9 5.03 7.70 0.15
H73 C5L A 9 5.09 6.25 -0.90
HCA1 C5L A 9 10.51 5.71 5.63
HCA2 C5L A 9 8.85 6.00 6.21
HCB1 C5L A 9 10.21 5.79 8.13
HCB2 C5L A 9 9.85 7.52 7.99
HCD1 C5L A 9 13.40 7.39 8.68
HCD2 C5L A 9 12.20 6.31 9.41
HCD3 C5L A 9 11.85 8.05 9.24
P G48 A 10 12.13 9.14 2.35
OP1 G48 A 10 13.27 9.96 2.81
O5' G48 A 10 12.44 7.60 2.59
C5' G48 A 10 12.86 7.15 3.87
C4' G48 A 10 12.96 5.62 3.88
O4' G48 A 10 11.76 4.95 3.47
C3' G48 A 10 14.11 5.15 2.99
O3' G48 A 10 15.38 5.28 3.61
C2' G48 A 10 13.65 3.73 2.67
O2' G48 A 10 14.15 2.67 3.51
C1' G48 A 10 12.12 3.85 2.64
N9 G48 A 10 11.54 3.98 1.30
C8 G48 A 10 10.87 5.00 0.69
N7 G48 A 10 10.41 4.68 -0.49
C5 G48 A 10 10.81 3.34 -0.65
C6 G48 A 10 10.51 2.33 -1.64
O6 G48 A 10 9.82 2.45 -2.65
N1 G48 A 10 11.08 1.10 -1.39
C2 G48 A 10 11.93 0.88 -0.36
N2 G48 A 10 12.54 -0.28 -0.32
N3 G48 A 10 12.19 1.75 0.60
C4 G48 A 10 11.60 2.96 0.40
CA' G48 A 10 14.02 2.67 4.94
CB' G48 A 10 12.67 2.16 5.47
OC' G48 A 10 11.77 3.23 5.72
CD' G48 A 10 10.55 2.79 6.28
OP2 G48 A 10 11.62 9.30 0.96
H5' G48 A 10 13.83 7.57 4.11
H5'' G48 A 10 12.15 7.46 4.63
H4' G48 A 10 13.17 5.32 4.92
H3' G48 A 10 14.07 5.73 2.06
H2' G48 A 10 13.96 3.51 1.66
H1' G48 A 10 11.67 2.89 2.88
H8 G48 A 10 10.74 5.97 1.17
H1 G48 A 10 10.87 0.29 -1.97
H21 G48 A 10 12.49 -0.93 -1.10
H22 G48 A 10 13.07 -0.49 0.51
HCA2 G48 A 10 14.77 1.97 5.31
HCA1 G48 A 10 14.26 3.63 5.37
HCB1 G48 A 10 12.86 1.62 6.40
HCB2 G48 A 10 12.25 1.46 4.74
HCD1 G48 A 10 10.74 2.34 7.26
HCD2 G48 A 10 10.07 2.07 5.63
HCD3 G48 A 10 9.88 3.63 6.42
P C5L A 11 16.68 5.73 2.79
N1 C5L A 11 14.82 2.30 -1.05
C2 C5L A 11 14.36 1.67 -2.22
O2 C5L A 11 14.64 0.51 -2.50
N3 C5L A 11 13.58 2.33 -3.09
C4 C5L A 11 13.34 3.60 -2.88
N4 C5L A 11 12.53 4.10 -3.78
C5 C5L A 11 13.93 4.34 -1.79
C6 C5L A 11 14.66 3.64 -0.90
C7 C5L A 11 13.66 5.82 -1.54
C1' C5L A 11 15.46 1.46 0.02
C2' C5L A 11 16.82 0.91 -0.44
O2' C5L A 11 16.96 -0.43 0.06
C3' C5L A 11 17.80 1.89 0.21
O3' C5L A 11 19.13 1.41 0.32
C4' C5L A 11 17.11 2.05 1.56
O4' C5L A 11 15.74 2.16 1.21
C5' C5L A 11 17.51 3.25 2.42
O5' C5L A 11 17.04 4.47 1.85
CA' C5L A 11 16.24 -1.40 -0.69
CB' C5L A 11 16.30 -2.77 -0.01
OC' C5L A 11 15.38 -2.78 1.08
CD' C5L A 11 15.31 -4.05 1.71
OP1 C5L A 11 17.79 5.91 3.76
OP2 C5L A 11 16.33 6.86 1.91
H6 C5L A 11 15.13 4.12 -0.07
H5' C5L A 11 18.59 3.28 2.54
H1' C5L A 11 14.73 0.71 0.34
H2' C5L A 11 16.92 0.96 -1.52
H3' C5L A 11 17.76 2.85 -0.32
H4' C5L A 11 17.26 1.14 2.13
H41 C5L A 11 12.11 3.50 -4.47
H42 C5L A 11 12.34 5.08 -3.76
H5'' C5L A 11 17.05 3.11 3.40
H71 C5L A 11 14.15 6.42 -2.30
H72 C5L A 11 14.00 6.10 -0.55
H73 C5L A 11 12.58 6.01 -1.59
HCA1 C5L A 11 16.67 -1.49 -1.69
HCA2 C5L A 11 15.19 -1.12 -0.78
HCB1 C5L A 11 17.32 -2.96 0.34
HCB2 C5L A 11 16.01 -3.52 -0.74
HCD1 C5L A 11 16.29 -4.35 2.08
HCD2 C5L A 11 14.93 -4.80 1.01
HCD3 C5L A 11 14.62 -4.00 2.55
N1 C5L B 1 10.68 2.61 -11.75
C2 C5L B 1 11.84 2.53 -10.96
O2 C5L B 1 12.80 1.83 -11.29
N3 C5L B 1 11.95 3.22 -9.80
C4 C5L B 1 10.91 3.92 -9.41
N4 C5L B 1 11.11 4.56 -8.29
C5 C5L B 1 9.66 3.99 -10.12
C6 C5L B 1 9.59 3.32 -11.30
C7 C5L B 1 8.45 4.78 -9.61
C1' C5L B 1 10.68 1.92 -13.08
C2' C5L B 1 10.30 0.44 -12.95
O2' C5L B 1 10.95 -0.36 -13.94
C3' C5L B 1 8.79 0.49 -13.18
O3' C5L B 1 8.19 -0.75 -13.54
C4' C5L B 1 8.76 1.52 -14.32
O4' C5L B 1 9.74 2.50 -13.99
C5' C5L B 1 7.39 2.13 -14.61
O5' C5L B 1 6.78 2.73 -13.46
CA' C5L B 1 12.36 -0.49 -13.78
CB' C5L B 1 12.87 -1.61 -14.71
OC' C5L B 1 14.28 -1.83 -14.61
CD' C5L B 1 14.68 -2.39 -13.36
H6 C5L B 1 8.68 3.34 -11.89
H5' C5L B 1 6.73 1.34 -14.97
H1' C5L B 1 11.68 2.00 -13.50
H2' C5L B 1 10.52 0.06 -11.95
H3' C5L B 1 8.29 0.92 -12.31
H4' C5L B 1 9.10 1.01 -15.23
H41 C5L B 1 12.03 4.48 -7.85
H42 C5L B 1 10.38 5.13 -7.89
H5'' C5L B 1 7.49 2.87 -15.40
H71 C5L B 1 8.73 5.83 -9.51
H72 C5L B 1 8.15 4.39 -8.64
H73 C5L B 1 7.62 4.70 -10.31
HCA1 C5L B 1 12.60 -0.74 -12.75
HCA2 C5L B 1 12.87 0.43 -14.04
HCB1 C5L B 1 12.64 -1.32 -15.74
HCB2 C5L B 1 12.34 -2.53 -14.49
HCD1 C5L B 1 15.75 -2.62 -13.41
HCD2 C5L B 1 14.14 -3.30 -13.16
HCD3 C5L B 1 14.53 -1.68 -12.54
HO5' C5L B 1 5.91 3.10 -13.71
P G48 B 2 7.63 -1.75 -12.43
OP1 G48 B 2 7.06 -2.94 -13.12
O5' G48 B 2 8.90 -2.23 -11.57
C5' G48 B 2 9.90 -3.06 -12.14
C4' G48 B 2 11.14 -3.14 -11.24
O4' G48 B 2 11.58 -1.85 -10.89
C3' G48 B 2 10.93 -3.94 -9.95
O3' G48 B 2 11.18 -5.30 -10.26
C2' G48 B 2 11.96 -3.28 -9.01
O2' G48 B 2 13.24 -3.92 -9.11
C1' G48 B 2 12.05 -1.85 -9.57
N9 G48 B 2 11.36 -0.80 -8.79
C8 G48 B 2 10.20 -0.10 -9.05
N7 G48 B 2 9.96 0.88 -8.22
C5 G48 B 2 11.02 0.80 -7.30
C6 G48 B 2 11.37 1.59 -6.14
O6 G48 B 2 10.85 2.62 -5.71
N1 G48 B 2 12.46 1.12 -5.45
C2 G48 B 2 13.14 0.00 -5.81
N2 G48 B 2 14.12 -0.42 -5.06
N3 G48 B 2 12.90 -0.72 -6.90
C4 G48 B 2 11.81 -0.28 -7.60
CA' G48 B 2 14.21 -3.43 -8.19
CB' G48 B 2 15.45 -4.34 -8.21
OC' G48 B 2 16.37 -4.03 -7.16
CD' G48 B 2 17.00 -2.76 -7.26
OP2 G48 B 2 6.74 -0.98 -11.51
H5' G48 B 2 9.50 -4.07 -12.31
H5'' G48 B 2 10.21 -2.66 -13.11
H4' G48 B 2 11.93 -3.63 -11.80
H3' G48 B 2 9.92 -3.77 -9.56
H2' G48 B 2 11.60 -3.29 -7.98
H1' G48 B 2 13.09 -1.55 -9.58
H8 G48 B 2 9.55 -0.36 -9.88
H1 G48 B 2 12.76 1.63 -4.63
H21 G48 B 2 14.32 0.04 -4.17
H22 G48 B 2 14.66 -1.20 -5.37
HCA2 G48 B 2 14.52 -2.42 -8.47
HCA1 G48 B 2 13.81 -3.40 -7.18
HCB1 G48 B 2 15.94 -4.26 -9.18
HCB2 G48 B 2 15.11 -5.36 -8.08
HCD1 G48 B 2 17.49 -2.66 -8.22
HCD2 G48 B 2 17.73 -2.67 -6.47
HCD3 G48 B 2 16.27 -1.96 -7.14
P C5L B 3 10.70 -6.54 -9.36
N1 C5L B 3 11.50 -3.06 -4.35
C2 C5L B 3 11.66 -2.10 -3.35
O2 C5L B 3 12.55 -2.17 -2.50
N3 C5L B 3 10.84 -1.03 -3.28
C4 C5L B 3 9.87 -0.95 -4.17
N4 C5L B 3 9.15 0.13 -4.01
C5 C5L B 3 9.62 -1.92 -5.21
C6 C5L B 3 10.48 -2.96 -5.26
C7 C5L B 3 8.53 -1.78 -6.25
C1' C5L B 3 12.48 -4.18 -4.40
C2' C5L B 3 12.21 -5.32 -3.42
O2' C5L B 3 13.42 -5.99 -3.05
C3' C5L B 3 11.31 -6.23 -4.26
O3' C5L B 3 11.27 -7.59 -3.83
C4' C5L B 3 11.98 -6.10 -5.63
O4' C5L B 3 12.53 -4.78 -5.69
C5' C5L B 3 10.96 -6.36 -6.74
O5' C5L B 3 11.57 -6.51 -8.01
CA' C5L B 3 14.29 -5.26 -2.19
CB' C5L B 3 15.48 -6.16 -1.79
OC' C5L B 3 15.31 -6.83 -0.54
CD' C5L B 3 14.19 -7.70 -0.50
OP1 C5L B 3 11.05 -7.78 -10.09
OP2 C5L B 3 9.26 -6.31 -9.03
H6 C5L B 3 10.36 -3.70 -6.03
H5' C5L B 3 10.21 -5.58 -6.76
H1' C5L B 3 13.41 -3.73 -4.12
H2' C5L B 3 11.69 -4.95 -2.53
H3' C5L B 3 10.31 -5.80 -4.31
H4' C5L B 3 12.79 -6.82 -5.69
H41 C5L B 3 9.44 0.83 -3.34
H42 C5L B 3 8.33 0.25 -4.54
H5'' C5L B 3 10.43 -7.31 -6.52
H71 C5L B 3 7.55 -2.00 -5.81
H72 C5L B 3 8.71 -2.45 -7.10
H73 C5L B 3 8.51 -0.76 -6.63
HCA1 C5L B 3 13.77 -4.92 -1.30
HCA2 C5L B 3 14.70 -4.40 -2.72
HCB1 C5L B 3 16.37 -5.53 -1.71
HCB2 C5L B 3 15.67 -6.88 -2.59
HCD1 C5L B 3 13.26 -7.13 -0.56
HCD2 C5L B 3 14.19 -8.25 0.45
HCD3 C5L B 3 14.23 -8.41 -1.32
P G48 B 4 10.33 -8.03 -2.61
OP1 G48 B 4 10.65 -9.46 -2.31
O5' G48 B 4 10.85 -7.14 -1.38
C5' G48 B 4 10.09 -6.08 -0.86
C4' G48 B 4 10.93 -5.21 0.09
O4' G48 B 4 11.21 -3.90 -0.41
C3' G48 B 4 10.22 -5.07 1.43
O3' G48 B 4 10.72 -6.05 2.34
C2' G48 B 4 10.51 -3.62 1.82
O2' G48 B 4 11.64 -3.48 2.69
C1' G48 B 4 10.86 -2.91 0.54
N9 G48 B 4 9.75 -2.07 0.10
C8 G48 B 4 8.95 -2.35 -0.95
N7 G48 B 4 8.10 -1.39 -1.24
C5 G48 B 4 8.39 -0.40 -0.29
C6 G48 B 4 7.93 0.95 -0.13
O6 G48 B 4 7.09 1.53 -0.81
N1 G48 B 4 8.53 1.64 0.91
C2 G48 B 4 9.29 1.04 1.84
N2 G48 B 4 9.56 1.74 2.92
N3 G48 B 4 9.77 -0.20 1.73
C4 G48 B 4 9.32 -0.87 0.61
CA' G48 B 4 11.49 -2.51 3.71
CB' G48 B 4 12.86 -2.00 4.15
OC' G48 B 4 13.38 -1.12 3.15
CD' G48 B 4 14.68 -0.65 3.46
OP2 G48 B 4 8.94 -7.66 -2.94
H5' G48 B 4 9.71 -5.45 -1.66
H5'' G48 B 4 9.23 -6.51 -0.33
H4' G48 B 4 11.88 -5.71 0.28
H3' G48 B 4 9.14 -5.18 1.29
H2' G48 B 4 9.57 -3.18 2.14
H1' G48 B 4 11.65 -2.17 0.67
H8 G48 B 4 9.07 -3.30 -1.43
H1 G48 B 4 8.44 2.66 1.02
H21 G48 B 4 9.17 2.67 3.06
H22 G48 B 4 10.16 1.32 3.60
HCA2 G48 B 4 10.90 -1.66 3.38
HCA1 G48 B 4 10.99 -2.97 4.56
HCB1 G48 B 4 13.53 -2.85 4.30
HCB2 G48 B 4 12.75 -1.45 5.08
HCD1 G48 B 4 14.66 -0.14 4.42
HCD2 G48 B 4 15.01 0.04 2.69
HCD3 G48 B 4 15.38 -1.49 3.51
P A44 B 5 9.77 -6.73 3.43
OP2 A44 B 5 8.57 -7.26 2.75
OP1 A44 B 5 10.61 -7.67 4.23
O5' A44 B 5 9.37 -5.51 4.38
C5' A44 B 5 8.05 -5.01 4.44
C4' A44 B 5 8.09 -3.62 5.10
O4' A44 B 5 8.46 -2.63 4.15
C3' A44 B 5 6.75 -3.16 5.64
O3' A44 B 5 6.41 -3.82 6.85
C2' A44 B 5 7.06 -1.65 5.78
O2' A44 B 5 7.92 -1.42 6.89
C1' A44 B 5 7.79 -1.42 4.46
N9 A44 B 5 6.89 -1.04 3.36
C8 A44 B 5 6.44 -1.80 2.30
N7 A44 B 5 5.62 -1.17 1.50
C5 A44 B 5 5.55 0.12 2.07
C6 A44 B 5 4.95 1.34 1.72
N6 A44 B 5 4.17 1.56 0.68
N1 A44 B 5 5.13 2.44 2.44
C2 A44 B 5 5.91 2.37 3.51
N3 A44 B 5 6.52 1.30 3.98
C4 A44 B 5 6.32 0.19 3.21
CA' A44 B 5 8.35 -0.07 7.08
CD' A44 B 5 7.66 1.83 9.40
OC' A44 B 5 8.05 0.46 9.49
CB' A44 B 5 8.98 0.07 8.47
H5' A44 B 5 7.61 -4.92 3.45
H5'' A44 B 5 7.45 -5.68 5.05
H4' A44 B 5 8.81 -3.64 5.92
H3' A44 B 5 5.98 -3.31 4.88
H2' A44 B 5 6.14 -1.07 5.84
H1' A44 B 5 8.49 -0.60 4.56
H8 A44 B 5 6.76 -2.82 2.14
H61 A44 B 5 3.84 2.49 0.49
H62 A44 B 5 3.93 0.80 0.08
H2 A44 B 5 6.03 3.32 4.03
HCA2 A44 B 5 9.13 0.15 6.34
HCA1 A44 B 5 7.53 0.62 6.94
HCD1 A44 B 5 8.53 2.48 9.47
HCD2 A44 B 5 6.99 2.07 10.23
HCD3 A44 B 5 7.13 2.04 8.47
HCB1 A44 B 5 9.78 0.80 8.43
HCB2 A44 B 5 9.42 -0.89 8.76
P A44 B 6 4.90 -3.83 7.36
OP2 A44 B 6 4.04 -4.34 6.27
OP1 A44 B 6 4.87 -4.54 8.68
O5' A44 B 6 4.57 -2.28 7.60
C5' A44 B 6 5.20 -1.55 8.63
C4' A44 B 6 4.77 -0.07 8.59
O4' A44 B 6 5.00 0.60 7.36
C3' A44 B 6 3.28 0.02 8.87
O3' A44 B 6 3.03 -0.21 10.25
C2' A44 B 6 3.00 1.44 8.34
O2' A44 B 6 3.40 2.45 9.27
C1' A44 B 6 3.89 1.46 7.10
N9 A44 B 6 3.24 1.09 5.82
C8 A44 B 6 3.18 -0.12 5.19
N7 A44 B 6 2.66 -0.09 3.98
C5 A44 B 6 2.27 1.26 3.84
C6 A44 B 6 1.62 2.05 2.85
N6 A44 B 6 1.20 1.67 1.66
N1 A44 B 6 1.37 3.33 3.06
C2 A44 B 6 1.76 3.87 4.22
N3 A44 B 6 2.33 3.26 5.25
C4 A44 B 6 2.57 1.95 4.99
CA' A44 B 6 3.15 3.78 8.84
CD' A44 B 6 1.34 6.18 9.25
OC' A44 B 6 2.67 6.04 9.74
CB' A44 B 6 3.05 4.70 10.06
H5' A44 B 6 4.92 -1.96 9.60
H5'' A44 B 6 6.28 -1.61 8.55
H4' A44 B 6 5.29 0.46 9.39
H3' A44 B 6 2.75 -0.69 8.24
H2' A44 B 6 1.96 1.55 8.07
H1' A44 B 6 4.18 2.49 6.94
H8 A44 B 6 3.55 -1.00 5.69
H61 A44 B 6 0.74 2.32 1.03
H62 A44 B 6 1.33 0.72 1.38
H2 A44 B 6 1.57 4.91 4.35
HCA2 A44 B 6 3.96 4.14 8.20
HCA1 A44 B 6 2.22 3.83 8.26
HCD1 A44 B 6 1.10 7.23 9.15
HCD2 A44 B 6 0.63 5.72 9.95
HCD3 A44 B 6 1.24 5.71 8.27
HCB1 A44 B 6 4.03 4.73 10.55
HCB2 A44 B 6 2.33 4.29 10.76
P T39 B 7 1.65 -0.86 10.72
OP1 T39 B 7 1.64 -0.92 12.20
OP2 T39 B 7 1.41 -2.09 9.93
O5' T39 B 7 0.63 0.27 10.23
C5' T39 B 7 0.63 1.55 10.84
C4' T39 B 7 -0.32 2.49 10.10
O4' T39 B 7 0.07 2.87 8.78
C3' T39 B 7 -1.73 1.90 10.02
O3' T39 B 7 -2.33 1.97 11.31
C2' T39 B 7 -2.27 2.82 8.94
O2' T39 B 7 -2.61 4.09 9.55
C1' T39 B 7 -1.09 2.91 7.96
N1 T39 B 7 -1.02 1.91 6.85
C2 T39 B 7 -1.77 2.25 5.72
O2 T39 B 7 -2.48 3.25 5.64
N3 T39 B 7 -1.71 1.42 4.65
C4 T39 B 7 -0.94 0.30 4.54
O4 T39 B 7 -0.89 -0.22 3.44
C5 T39 B 7 -0.30 -0.09 5.80
C7 T39 B 7 0.38 -1.44 5.94
C6 T39 B 7 -0.29 0.73 6.87
CA' T39 B 7 -2.68 5.26 8.73
CD' T39 B 7 -5.35 7.39 10.18
CB' T39 B 7 -3.31 6.42 9.49
OC' T39 B 7 -4.73 6.32 9.50
H5' T39 B 7 0.30 1.45 11.87
H5'' T39 B 7 1.63 1.97 10.84
H4' T39 B 7 -0.39 3.41 10.69
H3' T39 B 7 -1.72 0.87 9.62
H7 T39 B 7 -3.10 2.33 8.46
H1' T39 B 7 -1.27 3.86 7.44
H3 T39 B 7 -2.29 1.63 3.86
H71 T39 B 7 0.87 -1.71 5.00
H72 T39 B 7 -0.44 -2.15 6.13
H73 T39 B 7 1.10 -1.43 6.75
H6 T39 B 7 0.31 0.42 7.72
HCA2 T39 B 7 -1.67 5.56 8.45
HCA1 T39 B 7 -3.25 5.06 7.82
HCD1 T39 B 7 -5.02 7.41 11.23
HCD2 T39 B 7 -6.43 7.26 10.16
HCD3 T39 B 7 -5.10 8.34 9.70
HCB1 T39 B 7 -3.02 7.35 8.98
HCB2 T39 B 7 -2.91 6.45 10.51
P T39 B 8 -3.70 1.25 11.68
OP1 T39 B 8 -3.77 1.16 13.16
OP2 T39 B 8 -3.81 0.00 10.88
O5' T39 B 8 -4.79 2.32 11.20
C5' T39 B 8 -5.77 2.02 10.21
C4' T39 B 8 -6.03 3.23 9.30
O4' T39 B 8 -5.04 3.35 8.27
C3' T39 B 8 -7.33 3.04 8.56
O3' T39 B 8 -8.40 3.50 9.38
C2' T39 B 8 -7.07 3.82 7.27
O2' T39 B 8 -7.35 5.21 7.40
C1' T39 B 8 -5.59 3.55 6.98
N1 T39 B 8 -5.34 2.44 6.04
C2 T39 B 8 -5.58 2.59 4.65
O2 T39 B 8 -6.16 3.54 4.16
N3 T39 B 8 -5.11 1.59 3.83
C4 T39 B 8 -4.49 0.47 4.27
O4 T39 B 8 -4.09 -0.35 3.47
C5 T39 B 8 -4.37 0.35 5.71
C7 T39 B 8 -3.68 -0.80 6.32
C6 T39 B 8 -4.87 1.28 6.55
CA' T39 B 8 -7.15 5.99 6.23
CD' T39 B 8 -9.71 8.66 6.56
CB' T39 B 8 -7.72 7.39 6.45
OC' T39 B 8 -9.14 7.37 6.39
H5' T39 B 8 -5.50 1.17 9.61
H5'' T39 B 8 -6.70 1.78 10.74
H4' T39 B 8 -6.08 4.15 9.87
H3' T39 B 8 -7.45 1.98 8.31
H7 T39 B 8 -7.62 3.33 6.49
H1' T39 B 8 -5.06 4.35 6.48
H3 T39 B 8 -5.21 1.67 2.82
H71 T39 B 8 -3.37 -0.54 7.33
H72 T39 B 8 -2.80 -1.00 5.70
H73 T39 B 8 -4.43 -1.59 6.31
H6 T39 B 8 -4.86 1.11 7.61
HCA2 T39 B 8 -6.09 6.08 6.01
HCA1 T39 B 8 -7.65 5.53 5.37
HCD1 T39 B 8 -10.79 8.58 6.52
HCD2 T39 B 8 -9.37 9.33 5.79
HCD3 T39 B 8 -9.43 9.06 7.54
HCB1 T39 B 8 -7.34 8.05 5.66
HCB2 T39 B 8 -7.38 7.77 7.42
P C5L B 9 -9.82 2.76 9.39
N1 C5L B 9 -9.00 1.85 3.79
C2 C5L B 9 -9.11 1.33 2.48
O2 C5L B 9 -9.69 1.92 1.57
N3 C5L B 9 -8.57 0.14 2.16
C4 C5L B 9 -7.98 -0.55 3.11
N4 C5L B 9 -7.46 -1.66 2.68
C5 C5L B 9 -7.92 -0.12 4.49
C6 C5L B 9 -8.38 1.11 4.77
C7 C5L B 9 -7.20 -0.83 5.59
C1' C5L B 9 -9.59 3.20 4.02
C2' C5L B 9 -11.11 3.31 3.80
O2' C5L B 9 -11.32 4.51 3.07
C3' C5L B 9 -11.60 3.34 5.26
O3' C5L B 9 -12.89 3.89 5.51
C4' C5L B 9 -10.55 4.25 5.84
O4' C5L B 9 -9.36 3.71 5.31
C5' C5L B 9 -10.55 4.26 7.38
O5' C5L B 9 -10.30 2.96 7.88
CA' C5L B 9 -12.56 4.56 2.38
CB' C5L B 9 -12.68 5.88 1.60
OC' C5L B 9 -12.90 6.96 2.49
CD' C5L B 9 -13.02 8.20 1.79
OP1 C5L B 9 -10.73 3.51 10.30
OP2 C5L B 9 -9.58 1.31 9.62
H6 C5L B 9 -8.19 1.45 5.79
H5' C5L B 9 -11.52 4.62 7.73
H1' C5L B 9 -9.03 3.81 3.34
H2' C5L B 9 -11.50 2.44 3.28
H3' C5L B 9 -11.44 2.35 5.70
H4' C5L B 9 -10.70 5.27 5.48
H41 C5L B 9 -7.42 -1.83 1.70
H42 C5L B 9 -7.13 -2.33 3.32
H5'' C5L B 9 -9.79 4.96 7.71
H71 C5L B 9 -7.86 -1.57 6.03
H72 C5L B 9 -6.93 -0.08 6.34
H73 C5L B 9 -6.33 -1.30 5.18
HCA1 C5L B 9 -13.40 4.49 3.08
HCA2 C5L B 9 -12.61 3.74 1.67
HCB1 C5L B 9 -13.52 5.78 0.91
HCB2 C5L B 9 -11.76 6.02 1.02
HCD1 C5L B 9 -13.20 9.00 2.51
HCD2 C5L B 9 -13.85 8.16 1.09
HCD3 C5L B 9 -12.10 8.42 1.25
P G48 B 10 -14.18 2.99 5.73
OP1 G48 B 10 -15.30 3.88 6.11
O5' G48 B 10 -14.45 2.45 4.25
C5' G48 B 10 -14.02 1.17 3.84
C4' G48 B 10 -14.02 1.12 2.30
O4' G48 B 10 -12.71 1.11 1.75
C3' G48 B 10 -14.76 -0.11 1.80
O3' G48 B 10 -16.17 0.12 1.80
C2' G48 B 10 -14.11 -0.23 0.43
O2' G48 B 10 -14.67 0.69 -0.52
C1' G48 B 10 -12.66 0.11 0.74
N9 G48 B 10 -11.86 -1.04 1.13
C8 G48 B 10 -11.26 -1.31 2.32
N7 G48 B 10 -10.58 -2.43 2.30
C5 G48 B 10 -10.68 -2.87 0.96
C6 G48 B 10 -10.02 -3.91 0.21
O6 G48 B 10 -9.23 -4.74 0.63
N1 G48 B 10 -10.36 -3.93 -1.13
C2 G48 B 10 -11.32 -3.14 -1.67
N2 G48 B 10 -11.67 -3.36 -2.90
N3 G48 B 10 -11.92 -2.15 -1.03
C4 G48 B 10 -11.55 -2.05 0.28
CA' G48 B 10 -14.16 0.60 -1.85
CB' G48 B 10 -14.82 1.68 -2.72
OC' G48 B 10 -14.57 3.02 -2.27
CD' G48 B 10 -13.20 3.42 -2.29
OP2 G48 B 10 -13.85 1.85 6.63
H5' G48 B 10 -13.01 0.96 4.20
H5'' G48 B 10 -14.69 0.43 4.24
H4' G48 B 10 -14.55 2.00 1.92
H3' G48 B 10 -14.49 -0.97 2.42
H2' G48 B 10 -14.14 -1.26 0.11
H1' G48 B 10 -12.12 0.38 -0.16
H8 G48 B 10 -11.37 -0.63 3.16
H1 G48 B 10 -9.89 -4.56 -1.77
H21 G48 B 10 -11.34 -4.18 -3.41
H22 G48 B 10 -12.30 -2.70 -3.34
HCA2 G48 B 10 -13.08 0.72 -1.87
HCA1 G48 B 10 -14.40 -0.37 -2.27
HCB1 G48 B 10 -15.89 1.51 -2.73
HCB2 G48 B 10 -14.45 1.56 -3.74
HCD1 G48 B 10 -12.62 2.87 -1.55
HCD2 G48 B 10 -13.14 4.48 -2.04
HCD3 G48 B 10 -12.77 3.26 -3.28
P C5L B 11 -17.24 -1.00 2.23
N1 C5L B 11 -14.30 -4.20 -0.67
C2 C5L B 11 -13.52 -5.30 -1.07
O2 C5L B 11 -13.52 -5.73 -2.22
N3 C5L B 11 -12.74 -5.94 -0.18
C4 C5L B 11 -12.78 -5.58 1.08
N4 C5L B 11 -11.96 -6.23 1.86
C5 C5L B 11 -13.65 -4.53 1.57
C6 C5L B 11 -14.38 -3.87 0.64
C7 C5L B 11 -13.69 -4.07 3.02
C1' C5L B 11 -14.99 -3.37 -1.71
C2' C5L B 11 -16.10 -4.17 -2.40
O2' C5L B 11 -16.18 -3.75 -3.77
C3' C5L B 11 -17.34 -3.77 -1.59
O3' C5L B 11 -18.58 -4.01 -2.25
C4' C5L B 11 -17.05 -2.28 -1.43
O4' C5L B 11 -15.65 -2.21 -1.21
C5' C5L B 11 -17.77 -1.56 -0.29
O5' C5L B 11 -17.29 -2.01 0.97
CA' C5L B 11 -15.12 -4.22 -4.60
CB' C5L B 11 -15.18 -3.48 -5.94
OC' C5L B 11 -13.92 -3.57 -6.59
CD' C5L B 11 -13.90 -2.81 -7.79
OP1 C5L B 11 -18.57 -0.36 2.36
OP2 C5L B 11 -16.69 -1.75 3.39
H6 C5L B 11 -15.06 -3.09 0.93
H5' C5L B 11 -18.85 -1.73 -0.36
H1' C5L B 11 -14.22 -2.96 -2.38
H2' C5L B 11 -15.93 -5.23 -2.27
H3' C5L B 11 -17.31 -4.24 -0.60
H4' C5L B 11 -17.29 -1.78 -2.38
H41 C5L B 11 -11.32 -6.91 1.47
H42 C5L B 11 -11.97 -6.06 2.84
H5'' C5L B 11 -17.57 -0.50 -0.40
H71 C5L B 11 -12.67 -3.91 3.37
H72 C5L B 11 -14.17 -4.83 3.62
H73 C5L B 11 -14.23 -3.13 3.08
HCA1 C5L B 11 -15.21 -5.30 -4.76
HCA2 C5L B 11 -14.16 -4.02 -4.14
HCB1 C5L B 11 -15.42 -2.44 -5.74
HCB2 C5L B 11 -15.97 -3.92 -6.55
HCD1 C5L B 11 -14.64 -3.19 -8.49
HCD2 C5L B 11 -12.91 -2.88 -8.24
HCD3 C5L B 11 -14.11 -1.76 -7.57
N1 C5L A 1 -9.18 -14.32 1.88
C2 C5L A 1 -10.30 -13.61 1.41
O2 C5L A 1 -11.00 -14.04 0.49
N3 C5L A 1 -10.67 -12.43 1.95
C4 C5L A 1 -9.90 -11.92 2.90
N4 C5L A 1 -10.35 -10.78 3.37
C5 C5L A 1 -8.70 -12.56 3.39
C6 C5L A 1 -8.39 -13.76 2.85
C7 C5L A 1 -7.83 -11.93 4.48
C1' C5L A 1 -8.89 -15.66 1.30
C2' C5L A 1 -8.09 -15.53 -0.01
O2' C5L A 1 -8.39 -16.58 -0.93
C3' C5L A 1 -6.66 -15.65 0.52
O3' C5L A 1 -5.67 -15.96 -0.45
C4' C5L A 1 -6.86 -16.77 1.55
O4' C5L A 1 -8.10 -16.46 2.18
C5' C5L A 1 -5.70 -16.86 2.55
O5' C5L A 1 -5.82 -18.02 3.37
CA' C5L A 1 -9.72 -16.53 -1.46
CB' C5L A 1 -9.77 -17.41 -2.73
OC' C5L A 1 -11.03 -17.34 -3.41
CD' C5L A 1 -11.29 -16.08 -4.02
H6 C5L A 1 -7.50 -14.29 3.20
H5' C5L A 1 -5.69 -15.96 3.18
H1' C5L A 1 -9.84 -16.17 1.10
H2' C5L A 1 -8.24 -14.56 -0.47
H3' C5L A 1 -6.40 -14.73 1.07
H4' C5L A 1 -6.95 -17.72 1.01
H41 C5L A 1 -11.21 -10.41 2.98
H42 C5L A 1 -9.83 -10.30 4.08
H5'' C5L A 1 -4.76 -16.90 2.00
H71 C5L A 1 -6.98 -12.57 4.71
H72 C5L A 1 -8.42 -11.78 5.39
H73 C5L A 1 -7.46 -10.97 4.14
HCA1 C5L A 1 -9.99 -15.52 -1.71
HCA2 C5L A 1 -10.43 -16.92 -0.74
HCB1 C5L A 1 -9.60 -18.44 -2.43
HCB2 C5L A 1 -8.98 -17.11 -3.41
HCD1 C5L A 1 -10.47 -15.80 -4.69
HCD2 C5L A 1 -11.42 -15.30 -3.27
HCD3 C5L A 1 -12.21 -16.14 -4.61
HO5' C5L A 1 -5.07 -18.05 4.00
P G48 A 2 -4.89 -14.79 -1.23
OP1 G48 A 2 -3.89 -15.43 -2.13
O5' G48 A 2 -6.01 -14.08 -2.15
C5' G48 A 2 -6.58 -14.75 -3.27
C4' G48 A 2 -7.79 -14.00 -3.82
O4' G48 A 2 -8.76 -13.78 -2.80
C3' G48 A 2 -7.49 -12.63 -4.43
O3' G48 A 2 -6.93 -12.75 -5.73
C2' G48 A 2 -8.90 -12.02 -4.39
O2' G48 A 2 -9.71 -12.55 -5.44
C1' G48 A 2 -9.38 -12.53 -3.02
N9 G48 A 2 -9.12 -11.61 -1.89
C8 G48 A 2 -8.20 -11.68 -0.88
N7 G48 A 2 -8.32 -10.74 0.03
C5 G48 A 2 -9.39 -9.97 -0.43
C6 G48 A 2 -10.06 -8.80 0.11
O6 G48 A 2 -9.88 -8.21 1.17
N1 G48 A 2 -11.04 -8.29 -0.73
C2 G48 A 2 -11.36 -8.84 -1.93
N2 G48 A 2 -12.25 -8.25 -2.67
N3 G48 A 2 -10.81 -9.94 -2.44
C4 G48 A 2 -9.83 -10.46 -1.64
CA' G48 A 2 -11.07 -12.09 -5.49
CB' G48 A 2 -11.76 -12.67 -6.73
OC' G48 A 2 -11.52 -11.93 -7.93
CD' G48 A 2 -12.27 -10.72 -8.01
OP2 G48 A 2 -4.42 -13.80 -0.24
H5' G48 A 2 -5.83 -14.85 -4.05
H5'' G48 A 2 -6.90 -15.75 -2.97
H4' G48 A 2 -8.24 -14.61 -4.60
H3' G48 A 2 -6.82 -12.08 -3.75
H2' G48 A 2 -8.87 -10.93 -4.43
H1' G48 A 2 -10.46 -12.66 -3.03
H8 G48 A 2 -7.43 -12.45 -0.84
H1 G48 A 2 -11.55 -7.48 -0.40
H21 G48 A 2 -12.67 -7.37 -2.39
H22 G48 A 2 -12.52 -8.70 -3.53
HCA2 G48 A 2 -11.61 -12.45 -4.62
HCA1 G48 A 2 -11.11 -11.01 -5.49
HCB1 G48 A 2 -12.84 -12.71 -6.54
HCB2 G48 A 2 -11.42 -13.70 -6.87
HCD1 G48 A 2 -13.33 -10.92 -8.00
HCD2 G48 A 2 -12.02 -10.21 -8.94
HCD3 G48 A 2 -12.02 -10.05 -7.18
P C5L A 3 -6.09 -11.57 -6.40
N1 C5L A 3 -9.24 -7.43 -4.69
C2 C5L A 3 -9.76 -6.38 -3.94
O2 C5L A 3 -10.68 -5.68 -4.34
N3 C5L A 3 -9.26 -6.08 -2.72
C4 C5L A 3 -8.25 -6.79 -2.28
N4 C5L A 3 -7.89 -6.44 -1.09
C5 C5L A 3 -7.63 -7.86 -3.03
C6 C5L A 3 -8.15 -8.14 -4.24
C7 C5L A 3 -6.48 -8.70 -2.48
C1' C5L A 3 -9.91 -7.75 -5.98
C2' C5L A 3 -9.40 -6.92 -7.16
O2' C5L A 3 -10.46 -6.68 -8.09
C3' C5L A 3 -8.34 -7.86 -7.74
O3' C5L A 3 -7.99 -7.57 -9.08
C4' C5L A 3 -9.05 -9.20 -7.57
O4' C5L A 3 -9.77 -9.11 -6.33
C5' C5L A 3 -8.14 -10.43 -7.62
O5' C5L A 3 -7.13 -10.36 -6.62
CA' C5L A 3 -11.43 -5.72 -7.69
CB' C5L A 3 -12.46 -5.49 -8.80
OC' C5L A 3 -12.16 -4.40 -9.67
CD' C5L A 3 -10.97 -4.55 -10.41
OP1 C5L A 3 -5.61 -12.04 -7.72
OP2 C5L A 3 -5.08 -11.11 -5.41
H6 C5L A 3 -7.74 -8.93 -4.84
H5' C5L A 3 -7.67 -10.48 -8.60
H1' C5L A 3 -10.94 -7.46 -5.82
H2' C5L A 3 -8.95 -5.99 -6.82
H3' C5L A 3 -7.45 -7.84 -7.09
H4' C5L A 3 -9.78 -9.29 -8.37
H41 C5L A 3 -8.42 -5.74 -0.59
H42 C5L A 3 -7.08 -6.84 -0.67
H5'' C5L A 3 -8.74 -11.33 -7.48
H71 C5L A 3 -6.29 -9.56 -3.13
H72 C5L A 3 -6.74 -9.09 -1.49
H73 C5L A 3 -5.57 -8.09 -2.40
HCA1 C5L A 3 -10.95 -4.77 -7.44
HCA2 C5L A 3 -11.96 -6.06 -6.81
HCB1 C5L A 3 -13.43 -5.28 -8.33
HCB2 C5L A 3 -12.58 -6.41 -9.38
HCD1 C5L A 3 -10.98 -5.48 -10.96
HCD2 C5L A 3 -10.11 -4.53 -9.74
HCD3 C5L A 3 -10.87 -3.72 -11.11
P G48 A 4 -7.01 -6.33 -9.43
OP1 G48 A 4 -6.95 -6.23 -10.91
O5' G48 A 4 -7.82 -5.05 -8.87
C5' G48 A 4 -7.32 -4.24 -7.83
C4' G48 A 4 -8.40 -3.30 -7.28
O4' G48 A 4 -9.03 -3.77 -6.07
C3' G48 A 4 -7.78 -1.96 -6.92
O3' G48 A 4 -7.59 -1.15 -8.08
C2' G48 A 4 -8.80 -1.44 -5.90
O2' G48 A 4 -9.94 -0.83 -6.51
C1' G48 A 4 -9.20 -2.69 -5.15
N9 G48 A 4 -8.36 -2.77 -3.98
C8 G48 A 4 -7.34 -3.62 -3.80
N7 G48 A 4 -6.78 -3.57 -2.62
C5 G48 A 4 -7.51 -2.55 -1.98
C6 G48 A 4 -7.48 -2.03 -0.63
O6 G48 A 4 -6.73 -2.37 0.28
N1 G48 A 4 -8.43 -1.04 -0.39
C2 G48 A 4 -9.15 -0.47 -1.37
N2 G48 A 4 -9.82 0.61 -1.06
N3 G48 A 4 -9.24 -0.94 -2.61
C4 G48 A 4 -8.42 -2.00 -2.84
CA' G48 A 4 -10.93 -0.30 -5.62
CB' G48 A 4 -12.12 0.25 -6.42
OC' G48 A 4 -13.10 -0.73 -6.73
CD' G48 A 4 -12.66 -1.77 -7.61
OP2 G48 A 4 -5.76 -6.50 -8.66
H5' G48 A 4 -6.94 -4.86 -7.01
H5'' G48 A 4 -6.48 -3.65 -8.22
H4' G48 A 4 -9.17 -3.13 -8.04
H3' G48 A 4 -6.84 -2.14 -6.41
H2' G48 A 4 -8.23 -0.85 -5.20
H1' G48 A 4 -10.19 -2.65 -4.71
H8 G48 A 4 -7.11 -4.25 -4.65
H1 G48 A 4 -8.59 -0.72 0.57
H21 G48 A 4 -9.73 1.04 -0.14
H22 G48 A 4 -10.41 1.01 -1.77
HCA2 G48 A 4 -11.31 -1.04 -4.93
HCA1 G48 A 4 -10.51 0.51 -5.04
HCB1 G48 A 4 -11.75 0.73 -7.33
HCB2 G48 A 4 -12.60 1.03 -5.81
HCD1 G48 A 4 -12.23 -1.33 -8.51
HCD2 G48 A 4 -13.51 -2.39 -7.88
HCD3 G48 A 4 -11.91 -2.39 -7.12
P A44 A 5 -6.42 -0.05 -8.13
OP2 A44 A 5 -5.16 -0.67 -7.66
OP1 A44 A 5 -6.44 0.56 -9.48
O5' A44 A 5 -6.87 1.06 -7.08
C5' A44 A 5 -8.07 1.79 -7.25
C4' A44 A 5 -8.50 2.45 -5.94
O4' A44 A 5 -8.40 1.55 -4.85
C3' A44 A 5 -7.67 3.67 -5.56
O3' A44 A 5 -8.11 4.79 -6.34
C2' A44 A 5 -7.96 3.75 -4.06
O2' A44 A 5 -9.22 4.41 -3.83
C1' A44 A 5 -8.12 2.28 -3.67
N9 A44 A 5 -7.02 1.63 -2.94
C8 A44 A 5 -6.11 0.71 -3.42
N7 A44 A 5 -5.32 0.23 -2.49
C5 A44 A 5 -5.73 0.90 -1.33
C6 A44 A 5 -5.40 0.84 0.04
N6 A44 A 5 -4.54 0.02 0.59
N1 A44 A 5 -5.97 1.63 0.94
C2 A44 A 5 -6.89 2.48 0.52
N3 A44 A 5 -7.32 2.66 -0.72
C4 A44 A 5 -6.70 1.83 -1.62
CA' A44 A 5 -9.41 4.84 -2.49
CD' A44 A 5 -10.05 7.74 -2.86
OC' A44 A 5 -10.95 6.69 -3.15
CB' A44 A 5 -10.77 5.53 -2.33
H5' A44 A 5 -7.94 2.55 -8.02
H5'' A44 A 5 -8.87 1.12 -7.57
H4' A44 A 5 -9.54 2.78 -6.03
H3' A44 A 5 -6.61 3.46 -5.73
H2' A44 A 5 -7.15 4.23 -3.52
H1' A44 A 5 -8.97 2.19 -3.00
H8 A44 A 5 -6.08 0.42 -4.46
H61 A44 A 5 -4.42 0.02 1.60
H62 A44 A 5 -4.00 -0.59 0.04
H2 A44 A 5 -7.33 3.07 1.32
HCA2 A44 A 5 -9.38 3.99 -1.81
HCA1 A44 A 5 -8.63 5.54 -2.21
HCD1 A44 A 5 -10.06 7.99 -1.80
HCD2 A44 A 5 -10.35 8.64 -3.42
HCD3 A44 A 5 -9.05 7.47 -3.16
HCB1 A44 A 5 -10.90 5.80 -1.29
HCB2 A44 A 5 -11.55 4.80 -2.58
P A44 A 6 -7.27 6.13 -6.45
OP2 A44 A 6 -5.94 5.79 -6.99
OP1 A44 A 6 -8.10 7.12 -7.16
O5' A44 A 6 -7.12 6.63 -4.92
C5' A44 A 6 -5.88 6.57 -4.26
C4' A44 A 6 -6.00 7.00 -2.79
O4' A44 A 6 -6.26 5.92 -1.89
C3' A44 A 6 -4.67 7.60 -2.35
O3' A44 A 6 -4.54 8.93 -2.84
C2' A44 A 6 -4.78 7.44 -0.84
O2' A44 A 6 -5.62 8.45 -0.28
C1' A44 A 6 -5.43 6.06 -0.73
N9 A44 A 6 -4.50 4.91 -0.65
C8 A44 A 6 -4.07 4.09 -1.66
N7 A44 A 6 -3.34 3.08 -1.27
C5 A44 A 6 -3.23 3.29 0.12
C6 A44 A 6 -2.59 2.61 1.19
N6 A44 A 6 -1.88 1.51 1.12
N1 A44 A 6 -2.68 3.07 2.43
C2 A44 A 6 -3.36 4.19 2.63
N3 A44 A 6 -3.99 4.95 1.74
C4 A44 A 6 -3.89 4.42 0.48
CA' A44 A 6 -5.77 8.43 1.14
CD' A44 A 6 -8.61 10.76 1.50
OC' A44 A 6 -7.87 9.64 1.09
CB' A44 A 6 -6.54 9.67 1.58
H5' A44 A 6 -5.46 5.56 -4.32
H5'' A44 A 6 -5.19 7.25 -4.78
H4' A44 A 6 -6.76 7.76 -2.69
H3' A44 A 6 -3.87 6.96 -2.73
H2' A44 A 6 -3.79 7.44 -0.37
H1' A44 A 6 -6.00 6.03 0.18
H8 A44 A 6 -4.35 4.30 -2.68
H61 A44 A 6 -1.46 1.09 1.95
H62 A44 A 6 -1.76 1.06 0.23
H2 A44 A 6 -3.43 4.54 3.65
HCA2 A44 A 6 -6.32 7.55 1.46
HCA1 A44 A 6 -4.79 8.44 1.61
HCD1 A44 A 6 -9.62 10.71 1.09
HCD2 A44 A 6 -8.14 11.68 1.14
HCD3 A44 A 6 -8.68 10.79 2.59
HCB1 A44 A 6 -6.02 10.56 1.21
HCB2 A44 A 6 -6.54 9.71 2.67
P T39 A 7 -3.12 9.53 -3.21
OP1 T39 A 7 -3.28 10.95 -3.59
OP2 T39 A 7 -2.45 8.59 -4.14
O5' T39 A 7 -2.37 9.43 -1.79
C5' T39 A 7 -2.77 10.27 -0.71
C4' T39 A 7 -2.03 9.89 0.56
O4' T39 A 7 -2.40 8.62 1.13
C3' T39 A 7 -0.52 9.86 0.35
O3' T39 A 7 0.10 11.15 0.25
C2' T39 A 7 -0.18 9.10 1.63
O2' T39 A 7 -0.31 10.00 2.74
C1' T39 A 7 -1.22 7.98 1.63
N1 T39 A 7 -0.87 6.75 0.86
C2 T39 A 7 -0.07 5.83 1.54
O2 T39 A 7 0.32 6.00 2.70
N3 T39 A 7 0.31 4.70 0.90
C4 T39 A 7 -0.10 4.31 -0.33
O4 T39 A 7 0.22 3.18 -0.69
C5 T39 A 7 -0.85 5.34 -1.06
C7 T39 A 7 -1.18 5.18 -2.52
C6 T39 A 7 -1.27 6.47 -0.43
CA' T39 A 7 -0.53 9.47 4.06
CD' T39 A 7 -1.88 12.17 4.24
CB' T39 A 7 -0.36 10.55 5.12
OC' T39 A 7 -1.52 11.36 5.34
H5' T39 A 7 -2.54 11.30 -0.96
H5'' T39 A 7 -3.85 10.20 -0.54
H4' T39 A 7 -2.24 10.67 1.30
H3' T39 A 7 -0.27 9.24 -0.52
H7 T39 A 7 0.80 8.67 1.53
H1' T39 A 7 -1.23 7.65 2.68
H3 T39 A 7 0.95 4.09 1.36
H71 T39 A 7 -1.44 4.15 -2.74
H72 T39 A 7 -0.27 5.45 -3.06
H73 T39 A 7 -2.03 5.82 -2.78
H6 T39 A 7 -1.91 7.12 -1.01
HCA2 T39 A 7 -1.54 9.06 4.14
HCA1 T39 A 7 0.18 8.67 4.25
HCD1 T39 A 7 -2.26 11.56 3.41
HCD2 T39 A 7 -1.03 12.77 3.90
HCD3 T39 A 7 -2.69 12.84 4.54
HCB1 T39 A 7 0.50 11.18 4.86
HCB2 T39 A 7 -0.12 10.05 6.06
P T39 A 8 1.63 11.30 -0.22
OP1 T39 A 8 1.93 12.76 -0.27
OP2 T39 A 8 1.82 10.50 -1.45
O5' T39 A 8 2.54 10.64 0.94
C5' T39 A 8 2.60 11.22 2.24
C4' T39 A 8 3.03 10.20 3.31
O4' T39 A 8 2.31 9.01 3.13
C3' T39 A 8 4.49 9.76 3.35
O3' T39 A 8 5.29 10.68 4.08
C2' T39 A 8 4.33 8.42 4.10
O2' T39 A 8 4.26 8.59 5.52
C1' T39 A 8 3.02 7.87 3.54
N1 T39 A 8 3.26 6.84 2.51
C2 T39 A 8 3.80 5.60 2.87
O2 T39 A 8 4.30 5.35 3.96
N3 T39 A 8 3.75 4.61 1.94
C4 T39 A 8 3.33 4.75 0.66
O4 T39 A 8 3.32 3.77 -0.07
C5 T39 A 8 2.91 6.11 0.32
C7 T39 A 8 2.43 6.44 -1.05
C6 T39 A 8 2.94 7.11 1.21
CA' T39 A 8 4.37 7.38 6.26
CD' T39 A 8 5.91 8.41 9.47
CB' T39 A 8 4.47 7.67 7.75
OC' T39 A 8 5.76 8.16 8.08
H5' T39 A 8 3.27 12.08 2.25
H5'' T39 A 8 1.62 11.59 2.52
H4' T39 A 8 2.79 10.61 4.29
H3' T39 A 8 4.87 9.57 2.35
H7 T39 A 8 5.14 7.76 3.80
H1' T39 A 8 2.38 7.36 4.23
H3 T39 A 8 4.06 3.68 2.21
H71 T39 A 8 1.87 7.37 -1.02
H72 T39 A 8 1.78 5.62 -1.37
H73 T39 A 8 3.34 6.55 -1.66
H6 T39 A 8 2.71 8.12 0.92
HCA2 T39 A 8 3.49 6.77 6.08
HCA1 T39 A 8 5.25 6.81 5.95
HCD1 T39 A 8 5.19 9.17 9.79
HCD2 T39 A 8 6.92 8.78 9.67
HCD3 T39 A 8 5.76 7.50 10.04
HCB1 T39 A 8 4.28 6.76 8.29
HCB2 T39 A 8 3.71 8.41 8.03
P C5L A 9 6.02 11.92 3.39
N1 C5L A 9 7.52 6.25 2.99
C2 C5L A 9 7.97 4.92 2.88
O2 C5L A 9 8.55 4.32 3.79
N3 C5L A 9 7.81 4.22 1.73
C4 C5L A 9 7.20 4.81 0.74
N4 C5L A 9 7.11 4.08 -0.33
C5 C5L A 9 6.68 6.14 0.80
C6 C5L A 9 6.79 6.80 1.95
C7 C5L A 9 5.83 6.81 -0.24
C1' C5L A 9 7.79 7.07 4.21
C2' C5L A 9 9.30 7.20 4.48
O2' C5L A 9 9.54 7.32 5.89
C3' C5L A 9 9.58 8.51 3.73
O3' C5L A 9 10.78 9.18 4.07
C4' C5L A 9 8.39 9.34 4.11
O4' C5L A 9 7.32 8.41 4.07
C5' C5L A 9 8.25 10.53 3.14
O5' C5L A 9 7.56 11.63 3.72
CA' C5L A 9 9.54 6.04 6.54
CB' C5L A 9 9.85 6.20 8.02
OC' C5L A 9 11.22 6.52 8.21
CD' C5L A 9 11.55 6.66 9.59
OP1 C5L A 9 5.62 13.15 4.13
OP2 C5L A 9 5.84 11.88 1.92
H6 C5L A 9 6.28 7.76 1.99
H5' C5L A 9 7.79 10.20 2.22
H1' C5L A 9 7.26 6.59 5.02
H2' C5L A 9 9.89 6.40 4.05
H3' C5L A 9 9.51 8.32 2.65
H4' C5L A 9 8.52 9.70 5.13
H41 C5L A 9 7.35 3.10 -0.28
H42 C5L A 9 6.83 4.47 -1.19
H5'' C5L A 9 9.26 10.88 2.90
H71 C5L A 9 6.46 7.36 -0.95
H72 C5L A 9 5.16 7.50 0.31
H73 C5L A 9 5.27 6.05 -0.76
HCA1 C5L A 9 10.29 5.39 6.08
HCA2 C5L A 9 8.56 5.57 6.44
HCB1 C5L A 9 9.63 5.24 8.52
HCB2 C5L A 9 9.20 6.97 8.45
HCD1 C5L A 9 12.61 6.91 9.68
HCD2 C5L A 9 11.36 5.72 10.12
HCD3 C5L A 9 10.96 7.46 10.04
P G48 A 10 12.06 9.08 3.14
OP1 G48 A 10 13.17 9.83 3.77
O5' G48 A 10 12.36 7.52 3.23
C5' G48 A 10 12.75 6.92 4.45
C4' G48 A 10 13.00 5.43 4.27
O4' G48 A 10 11.83 4.69 3.89
C3' G48 A 10 14.06 5.20 3.19
O3' G48 A 10 15.38 5.46 3.67
C2' G48 A 10 13.76 3.73 2.90
O2' G48 A 10 14.29 2.91 3.94
C1' G48 A 10 12.23 3.73 2.92
N9 G48 A 10 11.62 3.95 1.62
C8 G48 A 10 10.92 4.99 1.09
N7 G48 A 10 10.43 4.74 -0.10
C5 G48 A 10 10.83 3.40 -0.34
C6 G48 A 10 10.50 2.44 -1.35
O6 G48 A 10 9.77 2.60 -2.34
N1 G48 A 10 11.08 1.18 -1.16
C2 G48 A 10 12.00 0.95 -0.21
N2 G48 A 10 12.65 -0.19 -0.26
N3 G48 A 10 12.30 1.77 0.77
C4 G48 A 10 11.67 2.99 0.65
CA' G48 A 10 14.08 1.51 3.84
CB' G48 A 10 14.70 0.83 5.07
OC' G48 A 10 13.83 0.75 6.19
CD' G48 A 10 13.47 2.01 6.76
OP2 G48 A 10 11.66 9.41 1.75
H5' G48 A 10 13.68 7.39 4.81
H5'' G48 A 10 11.99 7.07 5.22
H4' G48 A 10 13.37 5.02 5.20
H3' G48 A 10 13.83 5.79 2.30
H2' G48 A 10 14.11 3.46 1.92
H1' G48 A 10 11.85 2.72 3.05
H8 G48 A 10 10.78 5.93 1.62
H1 G48 A 10 10.84 0.38 -1.73
H21 G48 A 10 12.54 -0.81 -1.07
H22 G48 A 10 13.25 -0.40 0.50
HCA2 G48 A 10 13.02 1.25 3.80
HCA1 G48 A 10 14.57 1.12 2.95
HCB1 G48 A 10 15.63 1.35 5.34
HCB2 G48 A 10 14.97 -0.18 4.78
HCD1 G48 A 10 14.37 2.57 7.02
HCD2 G48 A 10 12.90 1.84 7.67
HCD3 G48 A 10 12.86 2.58 6.07
P C5L A 11 16.56 5.95 2.69
N1 C5L A 11 14.84 2.44 -0.99
C2 C5L A 11 14.35 1.84 -2.16
O2 C5L A 11 14.66 0.70 -2.50
N3 C5L A 11 13.51 2.50 -2.98
C4 C5L A 11 13.26 3.76 -2.72
N4 C5L A 11 12.41 4.29 -3.55
C5 C5L A 11 13.84 4.48 -1.61
C6 C5L A 11 14.64 3.77 -0.78
C7 C5L A 11 13.54 5.94 -1.29
C1' C5L A 11 15.58 1.59 0.00
C2' C5L A 11 16.95 1.17 -0.55
O2' C5L A 11 17.26 -0.16 -0.14
C3' C5L A 11 17.87 2.22 0.10
O3' C5L A 11 19.24 1.87 0.15
C4' C5L A 11 17.23 2.27 1.49
O4' C5L A 11 15.84 2.23 1.23
C5' C5L A 11 17.51 3.52 2.35
O5' C5L A 11 16.92 4.67 1.78
CA' C5L A 11 16.59 -1.14 -0.92
CB' C5L A 11 17.03 -2.56 -0.53
OC' C5L A 11 16.61 -2.98 0.77
CD' C5L A 11 15.20 -3.05 0.94
OP1 C5L A 11 17.75 6.27 3.53
OP2 C5L A 11 16.03 7.00 1.79
H6 C5L A 11 15.11 4.24 0.07
H5' C5L A 11 18.60 3.65 2.44
H1' C5L A 11 14.91 0.77 0.28
H2' C5L A 11 17.00 1.29 -1.63
H3' C5L A 11 17.73 3.19 -0.38
H4' C5L A 11 17.52 1.39 2.03
H41 C5L A 11 11.96 3.72 -4.26
H42 C5L A 11 12.18 5.26 -3.49
H5'' C5L A 11 17.10 3.34 3.34
H71 C5L A 11 13.89 6.18 -0.29
H72 C5L A 11 12.46 6.10 -1.32
H73 C5L A 11 14.02 6.58 -2.03
HCA1 C5L A 11 16.84 -0.99 -1.97
HCA2 C5L A 11 15.51 -1.07 -0.82
HCB1 C5L A 11 18.12 -2.60 -0.59
HCB2 C5L A 11 16.64 -3.26 -1.28
HCD1 C5L A 11 14.73 -3.55 0.09
HCD2 C5L A 11 14.79 -2.05 1.06
HCD3 C5L A 11 14.98 -3.64 1.84
N1 C5L B 1 10.28 2.80 -11.51
C2 C5L B 1 11.45 2.70 -10.73
O2 C5L B 1 12.38 1.97 -11.04
N3 C5L B 1 11.60 3.41 -9.59
C4 C5L B 1 10.59 4.18 -9.21
N4 C5L B 1 10.83 4.84 -8.11
C5 C5L B 1 9.34 4.30 -9.93
C6 C5L B 1 9.24 3.59 -11.08
C7 C5L B 1 8.20 5.18 -9.45
C1' C5L B 1 10.22 2.04 -12.79
C2' C5L B 1 9.65 0.63 -12.55
O2' C5L B 1 10.42 -0.37 -13.23
C3' C5L B 1 8.18 0.79 -12.94
O3' C5L B 1 7.53 -0.42 -13.29
C4' C5L B 1 8.27 1.82 -14.06
O4' C5L B 1 9.36 2.68 -13.73
C5' C5L B 1 6.96 2.62 -14.23
O5' C5L B 1 7.01 3.47 -15.37
CA' C5L B 1 10.53 -0.35 -14.65
CB' C5L B 1 11.48 -1.45 -15.12
OC' C5L B 1 12.87 -1.14 -15.00
CD' C5L B 1 13.33 -1.02 -13.66
H6 C5L B 1 8.33 3.65 -11.66
H5' C5L B 1 6.77 3.21 -13.33
H1' C5L B 1 11.22 1.95 -13.20
H2' C5L B 1 9.70 0.39 -11.49
H3' C5L B 1 7.66 1.27 -12.10
H4' C5L B 1 8.47 1.31 -15.01
H41 C5L B 1 11.74 4.72 -7.66
H42 C5L B 1 10.13 5.45 -7.73
H5'' C5L B 1 6.14 1.91 -14.35
H71 C5L B 1 8.53 6.21 -9.37
H72 C5L B 1 7.86 4.85 -8.46
H73 C5L B 1 7.36 5.13 -10.14
HCA1 C5L B 1 10.90 0.62 -15.01
HCA2 C5L B 1 9.55 -0.54 -15.09
HCB1 C5L B 1 11.27 -1.63 -16.19
HCB2 C5L B 1 11.25 -2.38 -14.59
HCD1 C5L B 1 12.93 -0.12 -13.19
HCD2 C5L B 1 14.42 -0.93 -13.66
HCD3 C5L B 1 13.06 -1.90 -13.08
HO5' C5L B 1 7.75 4.10 -15.25
P G48 B 2 6.85 -1.35 -12.18
OP1 G48 B 2 6.25 -2.52 -12.86
O5' G48 B 2 8.06 -1.86 -11.25
C5' G48 B 2 8.96 -2.86 -11.71
C4' G48 B 2 10.19 -2.99 -10.79
O4' G48 B 2 10.85 -1.73 -10.63
C3' G48 B 2 9.90 -3.51 -9.38
O3' G48 B 2 9.68 -4.92 -9.38
C2' G48 B 2 11.19 -3.06 -8.68
O2' G48 B 2 12.28 -3.94 -8.95
C1' G48 B 2 11.40 -1.68 -9.32
N9 G48 B 2 10.83 -0.56 -8.53
C8 G48 B 2 9.68 0.16 -8.72
N7 G48 B 2 9.53 1.16 -7.89
C5 G48 B 2 10.65 1.06 -7.05
C6 G48 B 2 11.10 1.85 -5.93
O6 G48 B 2 10.63 2.89 -5.45
N1 G48 B 2 12.23 1.35 -5.32
C2 G48 B 2 12.89 0.24 -5.74
N2 G48 B 2 13.92 -0.17 -5.06
N3 G48 B 2 12.55 -0.49 -6.80
C4 G48 B 2 11.41 -0.03 -7.41
CA' G48 B 2 13.53 -3.54 -8.37
CB' G48 B 2 14.50 -4.71 -8.40
OC' G48 B 2 15.67 -4.49 -7.61
CD' G48 B 2 16.50 -3.44 -8.07
OP2 G48 B 2 5.97 -0.48 -11.34
H5' G48 B 2 8.46 -3.82 -11.76
H5'' G48 B 2 9.31 -2.60 -12.71
H4' G48 B 2 10.89 -3.68 -11.26
H3' G48 B 2 9.03 -2.97 -8.98
H2' G48 B 2 11.02 -2.97 -7.60
H1' G48 B 2 12.47 -1.47 -9.39
H8 G48 B 2 8.95 -0.09 -9.49
H1 G48 B 2 12.59 1.86 -4.51
H21 G48 B 2 14.19 0.28 -4.19
H22 G48 B 2 14.44 -0.94 -5.43
HCA2 G48 B 2 13.96 -2.71 -8.94
HCA1 G48 B 2 13.39 -3.22 -7.35
HCB1 G48 B 2 14.78 -4.93 -9.44
HCB2 G48 B 2 13.99 -5.59 -8.01
HCD1 G48 B 2 15.99 -2.48 -7.99
HCD2 G48 B 2 16.79 -3.60 -9.11
HCD3 G48 B 2 17.41 -3.40 -7.46
P C5L B 3 8.85 -5.65 -8.22
N1 C5L B 3 11.34 -2.86 -4.26
C2 C5L B 3 11.59 -1.90 -3.28
O2 C5L B 3 12.55 -1.97 -2.52
N3 C5L B 3 10.78 -0.83 -3.14
C4 C5L B 3 9.71 -0.77 -3.91
N4 C5L B 3 9.00 0.29 -3.68
C5 C5L B 3 9.36 -1.75 -4.90
C6 C5L B 3 10.21 -2.78 -5.04
C7 C5L B 3 8.15 -1.62 -5.82
C1' C5L B 3 12.32 -3.96 -4.43
C2' C5L B 3 12.13 -5.08 -3.42
O2' C5L B 3 13.36 -5.78 -3.21
C3' C5L B 3 11.11 -5.95 -4.17
O3' C5L B 3 10.96 -7.23 -3.57
C4' C5L B 3 11.78 -5.92 -5.55
O4' C5L B 3 12.26 -4.58 -5.71
C5' C5L B 3 10.93 -6.36 -6.75
O5' C5L B 3 9.76 -5.56 -6.90
CA' C5L B 3 14.34 -5.09 -2.42
CB' C5L B 3 15.58 -5.97 -2.29
OC' C5L B 3 15.43 -7.07 -1.39
CD' C5L B 3 15.42 -6.71 -0.01
OP1 C5L B 3 8.71 -7.08 -8.60
OP2 C5L B 3 7.62 -4.86 -7.97
H6 C5L B 3 10.00 -3.55 -5.78
H5' C5L B 3 10.64 -7.40 -6.61
H1' C5L B 3 13.30 -3.51 -4.25
H2' C5L B 3 11.71 -4.69 -2.50
H3' C5L B 3 10.15 -5.44 -4.23
H4' C5L B 3 12.65 -6.58 -5.51
H41 C5L B 3 9.36 1.01 -3.06
H42 C5L B 3 8.11 0.40 -4.12
H5'' C5L B 3 11.54 -6.29 -7.65
H71 C5L B 3 8.15 -0.64 -6.29
H72 C5L B 3 7.23 -1.72 -5.22
H73 C5L B 3 8.16 -2.39 -6.59
HCA1 C5L B 3 13.92 -4.84 -1.44
HCA2 C5L B 3 14.63 -4.16 -2.91
HCB1 C5L B 3 16.42 -5.36 -1.96
HCB2 C5L B 3 15.83 -6.36 -3.28
HCD1 C5L B 3 14.56 -6.07 0.21
HCD2 C5L B 3 16.33 -6.18 0.24
HCD3 C5L B 3 15.34 -7.61 0.59
P G48 B 4 9.92 -7.43 -2.36
OP1 G48 B 4 10.17 -8.78 -1.77
O5' G48 B 4 10.29 -6.31 -1.25
C5' G48 B 4 11.49 -6.40 -0.48
C4' G48 B 4 11.69 -5.17 0.42
O4' G48 B 4 11.61 -3.89 -0.22
C3' G48 B 4 10.66 -5.14 1.54
O3' G48 B 4 11.00 -6.16 2.48
C2' G48 B 4 10.81 -3.69 2.00
O2' G48 B 4 11.85 -3.60 2.98
C1' G48 B 4 11.17 -2.92 0.73
N9 G48 B 4 9.99 -2.18 0.32
C8 G48 B 4 9.13 -2.51 -0.68
N7 G48 B 4 8.25 -1.58 -0.95
C5 G48 B 4 8.56 -0.57 -0.02
C6 G48 B 4 8.05 0.76 0.16
O6 G48 B 4 7.16 1.32 -0.48
N1 G48 B 4 8.67 1.47 1.19
C2 G48 B 4 9.48 0.89 2.10
N2 G48 B 4 9.72 1.59 3.18
N3 G48 B 4 10.01 -0.33 1.95
C4 G48 B 4 9.54 -1.00 0.85
CA' G48 B 4 12.08 -2.32 3.56
CB' G48 B 4 13.10 -2.49 4.68
OC' G48 B 4 14.40 -2.67 4.13
CD' G48 B 4 15.36 -2.96 5.12
OP2 G48 B 4 8.56 -7.12 -2.87
H5' G48 B 4 11.44 -7.29 0.15
H5'' G48 B 4 12.35 -6.51 -1.13
H4' G48 B 4 12.67 -5.24 0.89
H3' G48 B 4 9.67 -5.31 1.12
H2' G48 B 4 9.83 -3.36 2.33
H1' G48 B 4 11.87 -2.11 0.86
H8 G48 B 4 9.25 -3.47 -1.16
H1 G48 B 4 8.55 2.47 1.30
H21 G48 B 4 9.30 2.50 3.33
H22 G48 B 4 10.35 1.19 3.85
HCA2 G48 B 4 12.46 -1.61 2.82
HCA1 G48 B 4 11.16 -1.91 3.99
HCB1 G48 B 4 12.82 -3.34 5.29
HCB2 G48 B 4 13.09 -1.59 5.30
HCD1 G48 B 4 16.34 -3.05 4.63
HCD2 G48 B 4 15.12 -3.90 5.61
HCD3 G48 B 4 15.41 -2.15 5.85
P A44 B 5 10.00 -6.67 3.62
OP2 A44 B 5 8.69 -6.94 2.98
OP1 A44 B 5 10.68 -7.77 4.35
O5' A44 B 5 9.87 -5.42 4.63
C5' A44 B 5 8.63 -4.80 4.90
C4' A44 B 5 8.86 -3.40 5.44
O4' A44 B 5 8.91 -2.45 4.38
C3' A44 B 5 7.74 -2.96 6.37
O3' A44 B 5 8.00 -3.42 7.69
C2' A44 B 5 7.76 -1.43 6.19
O2' A44 B 5 8.83 -0.76 6.87
C1' A44 B 5 8.17 -1.30 4.73
N9 A44 B 5 7.14 -1.04 3.71
C8 A44 B 5 6.69 -1.87 2.71
N7 A44 B 5 5.80 -1.32 1.92
C5 A44 B 5 5.70 -0.01 2.43
C6 A44 B 5 5.04 1.18 2.03
N6 A44 B 5 4.27 1.33 0.98
N1 A44 B 5 5.17 2.30 2.72
C2 A44 B 5 5.95 2.31 3.79
N3 A44 B 5 6.62 1.27 4.29
C4 A44 B 5 6.46 0.14 3.56
CA' A44 B 5 8.51 -0.22 8.14
CD' A44 B 5 9.67 2.15 6.70
OC' A44 B 5 9.55 2.04 8.11
CB' A44 B 5 9.64 0.70 8.61
H5' A44 B 5 8.02 -4.73 4.00
H5'' A44 B 5 8.09 -5.40 5.64
H4' A44 B 5 9.79 -3.35 6.00
H3' A44 B 5 6.79 -3.35 5.99
H2' A44 B 5 6.80 -0.96 6.37
H1' A44 B 5 8.77 -0.41 4.68
H8 A44 B 5 7.07 -2.89 2.60
H61 A44 B 5 3.91 2.23 0.74
H62 A44 B 5 4.06 0.54 0.42
H2 A44 B 5 6.04 3.26 4.29
HCA2 A44 B 5 7.58 0.35 8.10
HCA1 A44 B 5 8.40 -1.03 8.86
HCD1 A44 B 5 10.55 1.62 6.35
HCD2 A44 B 5 9.74 3.20 6.43
HCD3 A44 B 5 8.78 1.74 6.22
HCB1 A44 B 5 10.60 0.27 8.35
HCB2 A44 B 5 9.59 0.76 9.70
P A44 B 6 6.82 -3.68 8.74
OP2 A44 B 6 5.82 -4.57 8.11
OP1 A44 B 6 7.45 -4.08 10.02
O5' A44 B 6 6.20 -2.21 8.92
C5' A44 B 6 5.02 -1.83 8.25
C4' A44 B 6 4.78 -0.33 8.42
O4' A44 B 6 5.10 0.47 7.27
C3' A44 B 6 3.32 -0.09 8.72
O3' A44 B 6 3.05 -0.35 10.10
C2' A44 B 6 3.17 1.36 8.28
O2' A44 B 6 3.78 2.25 9.23
C1' A44 B 6 4.02 1.37 7.02
N9 A44 B 6 3.34 1.01 5.76
C8 A44 B 6 3.33 -0.19 5.12
N7 A44 B 6 2.76 -0.20 3.95
C5 A44 B 6 2.29 1.12 3.83
C6 A44 B 6 1.61 1.89 2.84
N6 A44 B 6 1.20 1.48 1.66
N1 A44 B 6 1.30 3.16 3.06
C2 A44 B 6 1.66 3.70 4.22
N3 A44 B 6 2.29 3.13 5.23
C4 A44 B 6 2.60 1.84 4.97
CA' A44 B 6 3.53 3.64 9.03
CD' A44 B 6 6.55 3.57 9.26
OC' A44 B 6 5.73 4.72 9.45
CB' A44 B 6 4.43 4.45 9.98
H5' A44 B 6 5.08 -2.07 7.19
H5'' A44 B 6 4.19 -2.39 8.68
H4' A44 B 6 5.36 0.04 9.27
H3' A44 B 6 2.71 -0.73 8.08
H2' A44 B 6 2.13 1.60 8.07
H1' A44 B 6 4.34 2.39 6.87
H8 A44 B 6 3.77 -1.05 5.61
H61 A44 B 6 0.72 2.12 1.03
H62 A44 B 6 1.39 0.54 1.37
H2 A44 B 6 1.41 4.73 4.36
HCA2 A44 B 6 3.72 3.95 8.00
HCA1 A44 B 6 2.49 3.85 9.28
HCD1 A44 B 6 6.62 3.00 10.18
HCD2 A44 B 6 7.56 3.89 8.97
HCD3 A44 B 6 6.16 2.94 8.47
HCB1 A44 B 6 4.51 3.93 10.93
HCB2 A44 B 6 3.94 5.41 10.16
P T39 B 7 1.60 -0.85 10.55
OP1 T39 B 7 1.56 -0.88 12.02
OP2 T39 B 7 1.27 -2.07 9.77
O5' T39 B 7 0.70 0.36 10.02
C5' T39 B 7 0.78 1.64 10.61
C4' T39 B 7 -0.11 2.64 9.87
O4' T39 B 7 0.27 2.99 8.53
C3' T39 B 7 -1.55 2.12 9.83
O3' T39 B 7 -2.11 2.28 11.13
C2' T39 B 7 -2.07 3.00 8.71
O2' T39 B 7 -2.38 4.30 9.26
C1' T39 B 7 -0.90 3.04 7.72
N1 T39 B 7 -0.87 2.00 6.64
C2 T39 B 7 -1.65 2.30 5.52
O2 T39 B 7 -2.33 3.31 5.42
N3 T39 B 7 -1.64 1.41 4.49
C4 T39 B 7 -0.92 0.27 4.43
O4 T39 B 7 -0.93 -0.33 3.36
C5 T39 B 7 -0.23 -0.07 5.67
C7 T39 B 7 0.42 -1.41 5.87
C6 T39 B 7 -0.14 0.82 6.70
CA' T39 B 7 -2.51 5.41 8.37
CD' T39 B 7 -4.17 8.69 8.68
CB' T39 B 7 -3.26 6.55 9.05
OC' T39 B 7 -3.44 7.61 8.12
H5' T39 B 7 0.45 1.58 11.64
H5'' T39 B 7 1.81 2.01 10.62
H4' T39 B 7 -0.12 3.56 10.45
H3' T39 B 7 -1.58 1.07 9.50
H7 T39 B 7 -2.91 2.52 8.25
H1' T39 B 7 -1.07 3.97 7.16
H3 T39 B 7 -2.24 1.61 3.72
H71 T39 B 7 0.91 -1.74 4.96
H72 T39 B 7 -0.41 -2.10 6.11
H73 T39 B 7 1.14 -1.36 6.68
H6 T39 B 7 0.50 0.54 7.51
HCA2 T39 B 7 -1.53 5.76 8.09
HCA1 T39 B 7 -3.05 5.12 7.46
HCD1 T39 B 7 -5.16 8.36 8.98
HCD2 T39 B 7 -4.28 9.47 7.93
HCD3 T39 B 7 -3.64 9.10 9.54
HCB1 T39 B 7 -2.68 6.90 9.91
HCB2 T39 B 7 -4.23 6.19 9.39
P T39 B 8 -3.52 1.64 11.56
OP1 T39 B 8 -3.59 1.69 13.04
OP2 T39 B 8 -3.67 0.33 10.87
O5' T39 B 8 -4.57 2.71 10.98
C5' T39 B 8 -5.56 2.37 10.03
C4' T39 B 8 -5.81 3.53 9.05
O4' T39 B 8 -4.85 3.57 8.02
C3' T39 B 8 -7.14 3.34 8.37
O3' T39 B 8 -8.16 3.90 9.20
C2' T39 B 8 -6.88 4.03 7.02
O2' T39 B 8 -7.15 5.44 7.05
C1' T39 B 8 -5.42 3.72 6.73
N1 T39 B 8 -5.23 2.55 5.83
C2 T39 B 8 -5.51 2.64 4.46
O2 T39 B 8 -6.10 3.57 3.94
N3 T39 B 8 -5.08 1.60 3.66
C4 T39 B 8 -4.47 0.48 4.13
O4 T39 B 8 -4.13 -0.38 3.33
C5 T39 B 8 -4.29 0.43 5.57
C7 T39 B 8 -3.61 -0.70 6.24
C6 T39 B 8 -4.73 1.41 6.37
CA' T39 B 8 -7.06 6.06 5.77
CD' T39 B 8 -8.85 7.51 3.79
CB' T39 B 8 -7.64 7.48 5.87
OC' T39 B 8 -7.82 8.10 4.59
H5' T39 B 8 -5.29 1.49 9.46
H5'' T39 B 8 -6.48 2.15 10.58
H4' T39 B 8 -5.82 4.48 9.59
H3' T39 B 8 -7.31 2.28 8.19
H7 T39 B 8 -7.45 3.50 6.28
H1' T39 B 8 -4.87 4.47 6.19
H3 T39 B 8 -5.22 1.64 2.65
H71 T39 B 8 -4.38 -1.45 6.37
H72 T39 B 8 -3.19 -0.35 7.19
H73 T39 B 8 -2.79 -1.00 5.57
H6 T39 B 8 -4.70 1.30 7.44
HCA2 T39 B 8 -6.02 6.12 5.43
HCA1 T39 B 8 -7.63 5.48 5.04
HCD1 T39 B 8 -8.55 6.53 3.45
HCD2 T39 B 8 -9.02 8.13 2.92
HCD3 T39 B 8 -9.77 7.45 4.36
HCB1 T39 B 8 -6.95 8.09 6.46
HCB2 T39 B 8 -8.60 7.44 6.39
P C5L B 9 -9.53 3.14 9.44
N1 C5L B 9 -9.00 1.90 3.83
C2 C5L B 9 -9.11 1.34 2.55
O2 C5L B 9 -9.70 1.89 1.62
N3 C5L B 9 -8.58 0.13 2.26
C4 C5L B 9 -8.00 -0.53 3.23
N4 C5L B 9 -7.52 -1.66 2.85
C5 C5L B 9 -7.89 -0.03 4.58
C6 C5L B 9 -8.33 1.21 4.83
C7 C5L B 9 -7.15 -0.70 5.69
C1' C5L B 9 -9.60 3.24 4.04
C2' C5L B 9 -11.14 3.31 3.88
O2' C5L B 9 -11.53 4.52 3.23
C3' C5L B 9 -11.57 3.35 5.36
O3' C5L B 9 -12.86 3.88 5.64
C4' C5L B 9 -10.53 4.32 5.86
O4' C5L B 9 -9.34 3.79 5.32
C5' C5L B 9 -10.46 4.44 7.38
O5' C5L B 9 -10.16 3.19 7.97
CA' C5L B 9 -11.59 4.43 1.81
CB' C5L B 9 -12.11 5.75 1.26
OC' C5L B 9 -11.07 6.72 1.26
CD' C5L B 9 -11.52 7.98 0.78
OP1 C5L B 9 -10.38 3.94 10.36
OP2 C5L B 9 -9.24 1.72 9.77
H6 C5L B 9 -8.12 1.58 5.83
H5' C5L B 9 -11.42 4.81 7.76
H1' C5L B 9 -9.07 3.86 3.33
H2' C5L B 9 -11.55 2.42 3.40
H3' C5L B 9 -11.38 2.38 5.83
H4' C5L B 9 -10.72 5.30 5.44
H41 C5L B 9 -7.51 -1.89 1.87
H42 C5L B 9 -7.14 -2.31 3.51
H5'' C5L B 9 -9.70 5.18 7.63
H71 C5L B 9 -7.80 -1.41 6.20
H72 C5L B 9 -6.82 0.09 6.39
H73 C5L B 9 -6.29 -1.21 5.28
HCA1 C5L B 9 -12.29 3.64 1.54
HCA2 C5L B 9 -10.61 4.21 1.39
HCB1 C5L B 9 -12.95 6.10 1.87
HCB2 C5L B 9 -12.46 5.59 0.24
HCD1 C5L B 9 -10.68 8.67 0.76
HCD2 C5L B 9 -12.29 8.38 1.44
HCD3 C5L B 9 -11.92 7.89 -0.23
P G48 B 10 -14.17 2.98 5.57
OP1 G48 B 10 -15.34 3.85 5.87
O5' G48 B 10 -14.22 2.59 4.01
C5' G48 B 10 -14.18 1.24 3.60
C4' G48 B 10 -14.06 1.17 2.08
O4' G48 B 10 -12.71 1.11 1.63
C3' G48 B 10 -14.78 -0.08 1.58
O3' G48 B 10 -16.18 0.14 1.46
C2' G48 B 10 -14.04 -0.28 0.25
O2' G48 B 10 -14.49 0.58 -0.80
C1' G48 B 10 -12.62 0.09 0.65
N9 G48 B 10 -11.82 -1.05 1.09
C8 G48 B 10 -11.26 -1.29 2.31
N7 G48 B 10 -10.58 -2.42 2.34
C5 G48 B 10 -10.66 -2.90 1.02
C6 G48 B 10 -9.99 -3.96 0.31
O6 G48 B 10 -9.20 -4.79 0.74
N1 G48 B 10 -10.29 -4.01 -1.05
C2 G48 B 10 -11.22 -3.21 -1.64
N2 G48 B 10 -11.54 -3.44 -2.87
N3 G48 B 10 -11.83 -2.21 -1.03
C4 G48 B 10 -11.49 -2.09 0.28
CA' G48 B 10 -13.96 0.28 -2.09
CB' G48 B 10 -14.42 1.30 -3.12
OC' G48 B 10 -13.66 2.50 -3.00
CD' G48 B 10 -14.05 3.48 -3.94
OP2 G48 B 10 -13.95 1.77 6.39
H5' G48 B 10 -13.32 0.72 4.05
H5'' G48 B 10 -15.09 0.75 3.93
H4' G48 B 10 -14.56 2.04 1.64
H3' G48 B 10 -14.55 -0.90 2.24
H2' G48 B 10 -14.06 -1.34 0.00
H1' G48 B 10 -12.05 0.33 -0.24
H8 G48 B 10 -11.38 -0.59 3.12
H1 G48 B 10 -9.81 -4.66 -1.67
H21 G48 B 10 -11.19 -4.26 -3.36
H22 G48 B 10 -12.16 -2.78 -3.32
HCA2 G48 B 10 -12.87 0.26 -2.09
HCA1 G48 B 10 -14.31 -0.70 -2.40
HCB1 G48 B 10 -15.49 1.50 -2.97
HCB2 G48 B 10 -14.29 0.89 -4.11
HCD1 G48 B 10 -13.91 3.10 -4.96
HCD2 G48 B 10 -13.45 4.38 -3.82
HCD3 G48 B 10 -15.10 3.74 -3.80
P C5L B 11 -17.26 -0.91 2.03
N1 C5L B 11 -14.24 -4.25 -0.65
C2 C5L B 11 -13.45 -5.35 -1.02
O2 C5L B 11 -13.42 -5.77 -2.16
N3 C5L B 11 -12.69 -6.01 -0.11
C4 C5L B 11 -12.76 -5.62 1.14
N4 C5L B 11 -11.96 -6.31 1.91
C5 C5L B 11 -13.61 -4.54 1.61
C6 C5L B 11 -14.34 -3.90 0.67
C7 C5L B 11 -13.62 -4.04 3.03
C1' C5L B 11 -14.95 -3.46 -1.71
C2' C5L B 11 -16.02 -4.35 -2.37
O2' C5L B 11 -16.12 -4.06 -3.77
C3' C5L B 11 -17.29 -3.98 -1.59
O3' C5L B 11 -18.46 -4.39 -2.29
C4' C5L B 11 -17.06 -2.47 -1.49
O4' C5L B 11 -15.68 -2.34 -1.24
C5' C5L B 11 -17.83 -1.71 -0.41
O5' C5L B 11 -17.34 -2.03 0.89
CA' C5L B 11 -15.05 -4.62 -4.54
CB' C5L B 11 -15.25 -4.31 -6.03
OC' C5L B 11 -16.06 -5.28 -6.72
CD' C5L B 11 -17.40 -5.34 -6.27
OP1 C5L B 11 -18.57 -0.22 2.09
OP2 C5L B 11 -16.73 -1.53 3.26
H6 C5L B 11 -15.01 -3.11 0.94
H5' C5L B 11 -18.89 -1.91 -0.48
H1' C5L B 11 -14.18 -3.05 -2.37
H2' C5L B 11 -15.81 -5.38 -2.17
H3' C5L B 11 -17.24 -4.43 -0.60
H4' C5L B 11 -17.30 -2.03 -2.47
H41 C5L B 11 -11.34 -6.99 1.52
H42 C5L B 11 -11.96 -6.14 2.90
H5'' C5L B 11 -17.67 -0.64 -0.60
H71 C5L B 11 -12.60 -3.93 3.40
H72 C5L B 11 -14.16 -4.74 3.68
H73 C5L B 11 -14.10 -3.06 3.07
HCA1 C5L B 11 -15.01 -5.70 -4.40
HCA2 C5L B 11 -14.11 -4.19 -4.23
HCB1 C5L B 11 -14.27 -4.31 -6.50
HCB2 C5L B 11 -15.68 -3.31 -6.14
HCD1 C5L B 11 -17.86 -4.35 -6.30
HCD2 C5L B 11 -17.45 -5.73 -5.25
HCD3 C5L B 11 -17.96 -6.01 -6.92
#